data_6EF1
#
_entry.id   6EF1
#
_cell.length_a   1
_cell.length_b   1
_cell.length_c   1
_cell.angle_alpha   90
_cell.angle_beta   90
_cell.angle_gamma   90
#
_symmetry.space_group_name_H-M   'P 1'
#
loop_
_entity.id
_entity.type
_entity.pdbx_description
1 polymer 'Proteasome subunit alpha type-1'
2 polymer 'Proteasome subunit alpha type-2'
3 polymer 'Proteasome subunit alpha type-3'
4 polymer 'Proteasome subunit alpha type-4'
5 polymer 'Proteasome subunit alpha type-5'
6 polymer 'Proteasome subunit alpha type-6'
7 polymer 'Probable proteasome subunit alpha type-7'
8 polymer '26S proteasome regulatory subunit 7 homolog'
9 polymer '26S proteasome regulatory subunit 4 homolog'
10 polymer '26S proteasome regulatory subunit 8 homolog'
11 polymer '26S proteasome regulatory subunit 6B homolog'
12 polymer '26S proteasome subunit RPT4'
13 polymer '26S proteasome regulatory subunit 6A'
14 polymer 'model substrate polypeptide'
15 non-polymer "ADENOSINE-5'-TRIPHOSPHATE"
16 non-polymer "ADENOSINE-5'-DIPHOSPHATE"
#
loop_
_entity_poly.entity_id
_entity_poly.type
_entity_poly.pdbx_seq_one_letter_code
_entity_poly.pdbx_strand_id
1 'polypeptide(L)'
;DRHITIFSPEGRLYQVEYAFKATNQTNINSLAVRGKDCTVVISQKKVPDKLLDPTTVSYIFCISRTIGMVVNGPIPDARN
AALRAKAEAAEFRYKYGYDMPCDVLAKRMANLSQIYTQRAYMRPLGVILTFVSVDEELGPSIYKTDPAGYYVGYKATATG
PKQQEITTNLENHFKKSKIDHINEESWEKVVEFAITHMIDALGTEFSKNDLEVGVATKDKFFTLSAENIEERLVAIAEQ
;
A
2 'polypeptide(L)'
;MTDRYSFSLTTFSPSGKLGQIDYALTAVKQGVTSLGIKATNGVVIATEKKSSSPLAMSETLSKVSLLTPDIGAVYSGMGP
DYRVLVDKSRKVAHTSYKRIYGEYPPTKLLVSEVAKIMQEATQSGGVRPFGVSLLIAGHDEFNGFSLYQVDPSGSYFPWK
ATAIGKGSVAAKTFLEKRWNDELELEDAIHIALLTLKESVEGEFNGDTIELAIIGDENPDLLGYTGIPTDKGPRFRKLTS
QEINDRLEAL
;
B
3 'polypeptide(L)'
;SRTTIFSPEGRLYQVEYALESISHAGTAIGIMASDGIVLAAERKVTSTLLEQDTSTEKLYKLNDKIAVAVAGLTADAEIL
INTARIHAQNYLKTYNEDIPVEILVRRLSDIKQGYTQHGGLRPFGVSFIYAGYDDRYGYQLYTSNPSGNYTGWKAISVGA
NTSAAQTLLQMDYKDDMKVDDAIELALKTLSKTTDSSALTYDRLEFATIRKGANDGEVYQKIFKPQEIKDILVKTGIT
;
C
4 'polypeptide(L)'
;SIFSPDGHIFQVEYALEAVKRGTCAVGVKGKNCVVLGCERRSTLKLQDTRITPSKVSKIDSHVVLSFSGLNADSRILIEK
ARVEAQSHRLTLEDPVTVEYLTRYVAGVQQRYTQSGGVRPFGVSTLIAGFDPRDDEPKLYQTEPSGIYSSWSAQTIGRNS
KTVREFLEKNYDRKEPPATVEECVKLTVRSLLEVVQTGAKNIEITVVKPDSDIVALSSEEINQYVTQIEQEKQE
;
D
5 'polypeptide(L)'
;DRGVSTFSPEGRLFQVEYSLEAIKLGSTAIGIATKEGVVLGVEKRATSPLLESDSIEKIVEIDRHIGCAMSGLTADARSM
IEHARTAAVTHNLYYDEDINVESLTQSVCDLALRFGEGASGEERLMSRPFGVALLIAGHDADDGYQLFHAEPSGTFYRYN
AKAIGSGSEGAQAELLNEWHSSLTLKEAELLVLKILKQVMEEKLDENNAQLSCITKQDGFKIYDNEKTAELIKELKEKEA
AE
;
E
6 'polypeptide(L)'
;FRNNYDGDTVTFSPTGRLFQVEYALEAIKQGSVTVGLRSNTHAVLVALKRNADELSSYQKKIIKCDEHMGLSLAGLAPDA
RVLSNYLRQQCNYSSLVFNRKLAVERAGHLLCDKAQKNTQSYGGRPYGVGLLIIGYDKSGAHLLEFQPSGNVTELYGTAI
GARSQGAKTYLERTLDTFIKIDGNPDELIKAGVEAISQSLRDESLTVDNLSIAIVGKDTPFTIYDGEAVAKYI
;
F
7 'polypeptide(L)'
;TGYDLSNSVFSPDGRNFQVEYAVKAVENGTTSIGIKCNDGVVFAVEKLITSKLLVPQKNVKIQVVDRHIGCVYSGLIPDG
RHLVNRGREEAASFKKLYKTPIPIPAFADRLGQYVQAHTLYNSVRPFGVSTIFGGVDKNGAHLYMLEPSGSYWGYKGAAT
GKGRQSAKAELEKLVDHHPEGLSAREAVKQAAKIIYLAHEDNKEKDFELEISWCSLSETNGLHKFVKGDLLQEAIDFAQK
EIN
;
G
8 'polypeptide(L)'
;SVTMMTVEEKPDVTYSDVGGCKDQIEKLREVVELPLLSPERFATLGIDPPKGILLYGPPGTGKTLCARAVANRTDATFIR
VIGSELVQKYVGEGARMVRELFEMARTKKACIIFFDEIDAVGGARFDDGAGGDNEVQRTMLELITQLDGFDPRGNIKVMF
ATNRPNTLDPALLRPGRIDRKVEFSLPDLEGRANIFRIHSKSMSVERGIRWELISRLCPNSTGAELRSVCTEAGMFAIRA
RRKVATEKDFLKAVDKVISGYK
;
H
9 'polypeptide(L)'
;MVSVMKMDKSPTESYSDIGGLESQIQEIKESVELPLTHPELYEEMGIKPPKGVILYGAPGTGKTLLAKAVANQTSATFLR
IVGSELIQKYLGDGPRLCRQIFKVAGENAPSIVFIDEIDAIGTKRYDSNSGGEREIQRTMLELLNQLDGFDDRGDVKVIM
ATNKIETLDPALIRPGRIDRKILFENPDLSTKKKILGIHTSKMNLSEDVNLETLVTTKDDLSGADIQAMCTEAGLLALRE
RRMQVTAEDFKQAKERVMKNKVEENLEGLYL
;
I
10 'polypeptide(L)'
;LVSLMMVEKVPDSTYDMVGGLTKQIKEIKEVIELPVKHPELFESLGIAQPKGVILYGPPGTGKTLLARAVAHHTDCKFIR
VSGAELVQKYIGEGSRMVRELFVMAREHAPSIIFMDEIDSIGSTRVEGSGGGDSEVQRTMLELLNQLDGFETSKNIKIIM
ATNRLDILDPALLRPGRIDRKIEFPPPSVAARAEILRIHSRKMNLTRGINLRKVAEKMNGCSGADVKGVCTEAGMYALRE
RRIHVTQEDFELAVGKVMNKNQETAISVAKLFK
;
J
11 'polypeptide(L)'
;DSDSSISVMGENEKPDVTYADVGGLDMQKQEIREAVELPLVQADLYEQIGIDPPRGVLLYGPPGTGKTMLVKAVANSTKA
AFIRVNGSEFVHKYLGEGPRMVRDVFRLARENAPSIIFIDEVDSIATKRFDAQTGSDREVQRILIELLTQMDGFDQSTNV
KVIMATNRADTLDPALLRPGRLDRKIEFPSLRDRRERRLIFGTIASKMSLAPEADLDSLIIRNDSLSGAVIAAIMQEAGL
RAVRKNRYVILQSDLEEAYATQVKTDNTVDKFDFYK
;
K
12 'polypeptide(L)'
;LVYNMTSFEQGEITFDGIGGLTEQIRELREVIELPLKNPEIFQRVGIKPPKGVLLYGPPGTGKTLLAKAVAATIGANFIF
SPASGIVDKYIGESARIIREMFAYAKEHEPCIIFMDEVDAIGGRRFSEGTSADREIQRTLMELLTQMDGFDNLGQTKIIM
ATNRPDTLDPALLRPGRLDRKVEIPLPNEAGRLEIFKIHTAKVKKTGEFDFEAAVKMSDGFNGADIRNCATEAGFFAIRD
DRDHINPDDLMKAVRKVAEVKKLEGTIEYQK
;
L
13 'polypeptide(L)'
;DEKPTETYSDVGGLDKQIEELVEAIVLPMKRADKFKDMGIRAPKGALMYGPPGTGKTLLARACAAQTNATFLKLAAPQLV
QMYIGEGAKLVRDAFALAKEKAPTIIFIDELDAIGTKRFDSEKSGDREVQRTMLELLNQLDGFSSDDRVKVLAATNRVDV
LDPALLRSGRLDRKIEFPLPSEDSRAQILQIHSRKMTTDDDINWQELARSTDEFNGAQLKAVTVEAGMIALRNGQSSVKH
EDFVEGISEVQARKSKSVSFYA
;
M
14 'polypeptide(L)' NENVSARLGGASIAV s
#
loop_
_chem_comp.id
_chem_comp.type
_chem_comp.name
_chem_comp.formula
ADP non-polymer ADENOSINE-5'-DIPHOSPHATE 'C10 H15 N5 O10 P2'
ATP non-polymer ADENOSINE-5'-TRIPHOSPHATE 'C10 H16 N5 O13 P3'
#
# COMPACT_ATOMS: atom_id res chain seq x y z
N ASP A 1 0.83 -7.25 6.63
CA ASP A 1 1.05 -8.01 7.85
C ASP A 1 -0.05 -9.03 8.10
N ARG A 2 -1.27 -8.70 7.67
CA ARG A 2 -2.44 -9.50 7.96
C ARG A 2 -2.73 -10.51 6.86
N HIS A 3 -1.71 -10.95 6.14
CA HIS A 3 -1.87 -11.98 5.13
C HIS A 3 -0.77 -13.03 5.14
N ILE A 4 0.29 -12.87 5.93
CA ILE A 4 1.44 -13.76 5.89
C ILE A 4 2.07 -13.92 7.28
N THR A 5 3.11 -14.75 7.37
CA THR A 5 3.68 -15.19 8.64
C THR A 5 4.91 -14.40 9.04
N ILE A 6 4.96 -13.12 8.73
CA ILE A 6 5.97 -12.22 9.29
C ILE A 6 5.60 -11.90 10.73
N PHE A 7 6.52 -11.29 11.46
CA PHE A 7 6.20 -10.86 12.82
C PHE A 7 5.42 -9.57 12.77
N SER A 8 4.34 -9.53 13.55
CA SER A 8 3.41 -8.42 13.59
C SER A 8 4.11 -7.11 13.95
N PRO A 9 3.45 -5.97 13.79
CA PRO A 9 3.99 -4.74 14.35
C PRO A 9 4.30 -4.85 15.83
N GLU A 10 3.36 -5.35 16.61
CA GLU A 10 3.60 -5.50 18.03
C GLU A 10 4.37 -6.78 18.33
N GLY A 11 4.05 -7.87 17.62
CA GLY A 11 4.78 -9.12 17.74
C GLY A 11 3.98 -10.38 18.02
N ARG A 12 2.73 -10.43 17.64
CA ARG A 12 1.99 -11.69 17.49
C ARG A 12 1.93 -12.05 16.01
N LEU A 13 1.09 -13.03 15.68
CA LEU A 13 0.98 -13.56 14.32
C LEU A 13 -0.49 -13.70 13.97
N TYR A 14 -1.02 -12.71 13.28
CA TYR A 14 -2.46 -12.66 13.02
C TYR A 14 -2.91 -13.82 12.18
N GLN A 15 -2.02 -14.34 11.33
CA GLN A 15 -2.37 -15.46 10.48
C GLN A 15 -2.44 -16.77 11.24
N VAL A 16 -2.07 -16.77 12.53
CA VAL A 16 -2.03 -17.98 13.32
C VAL A 16 -3.13 -18.01 14.36
N GLU A 17 -3.43 -16.87 15.00
CA GLU A 17 -4.57 -16.82 15.90
C GLU A 17 -5.85 -17.15 15.16
N TYR A 18 -5.90 -16.83 13.87
CA TYR A 18 -7.03 -17.25 13.04
C TYR A 18 -7.13 -18.77 13.03
N ALA A 19 -6.00 -19.44 12.87
CA ALA A 19 -6.01 -20.85 12.56
C ALA A 19 -6.58 -21.68 13.70
N PHE A 20 -6.34 -21.27 14.94
CA PHE A 20 -7.03 -21.88 16.07
C PHE A 20 -8.53 -21.81 15.87
N LYS A 21 -9.01 -20.66 15.43
CA LYS A 21 -10.44 -20.46 15.22
C LYS A 21 -10.93 -21.10 13.95
N ALA A 22 -10.02 -21.46 13.03
CA ALA A 22 -10.41 -22.22 11.87
C ALA A 22 -10.83 -23.64 12.23
N THR A 23 -10.48 -24.10 13.43
CA THR A 23 -10.95 -25.39 13.89
C THR A 23 -12.44 -25.38 14.12
N ASN A 24 -12.93 -24.38 14.84
CA ASN A 24 -14.30 -24.37 15.33
C ASN A 24 -15.29 -24.09 14.21
N GLN A 25 -15.39 -25.01 13.26
CA GLN A 25 -16.32 -24.90 12.16
C GLN A 25 -17.49 -25.86 12.30
N THR A 26 -17.53 -26.64 13.38
CA THR A 26 -18.30 -27.87 13.44
C THR A 26 -19.16 -28.04 14.67
N ASN A 27 -18.87 -27.32 15.76
CA ASN A 27 -19.59 -27.48 17.03
C ASN A 27 -19.48 -28.92 17.54
N ILE A 28 -18.25 -29.28 17.87
CA ILE A 28 -17.86 -30.65 18.17
C ILE A 28 -16.92 -30.65 19.36
N ASN A 29 -17.13 -31.58 20.29
CA ASN A 29 -16.30 -31.69 21.47
C ASN A 29 -15.86 -33.13 21.69
N SER A 30 -14.60 -33.28 22.09
CA SER A 30 -13.94 -34.56 22.26
C SER A 30 -13.26 -34.61 23.62
N LEU A 31 -12.78 -35.79 24.00
CA LEU A 31 -12.30 -35.98 25.35
C LEU A 31 -11.22 -37.06 25.40
N ALA A 32 -10.32 -36.91 26.39
CA ALA A 32 -9.17 -37.76 26.55
C ALA A 32 -8.91 -38.01 28.03
N VAL A 33 -8.61 -39.27 28.38
CA VAL A 33 -8.26 -39.65 29.74
C VAL A 33 -7.21 -40.75 29.71
N ARG A 34 -6.81 -41.18 30.90
CA ARG A 34 -5.89 -42.29 31.11
C ARG A 34 -6.60 -43.32 31.96
N GLY A 35 -6.50 -44.58 31.57
CA GLY A 35 -7.07 -45.65 32.34
C GLY A 35 -6.20 -46.03 33.52
N LYS A 36 -6.18 -47.31 33.82
CA LYS A 36 -5.23 -47.93 34.73
C LYS A 36 -4.08 -48.57 33.97
N ASP A 37 -4.41 -49.36 32.95
CA ASP A 37 -3.46 -49.88 31.98
C ASP A 37 -4.04 -49.76 30.58
N CYS A 38 -4.72 -48.66 30.33
CA CYS A 38 -5.48 -48.47 29.10
C CYS A 38 -5.83 -46.99 29.00
N THR A 39 -6.55 -46.65 27.93
CA THR A 39 -6.95 -45.26 27.70
C THR A 39 -8.24 -45.24 26.91
N VAL A 40 -8.73 -44.03 26.66
CA VAL A 40 -10.06 -43.81 26.11
C VAL A 40 -10.04 -42.49 25.38
N VAL A 41 -10.88 -42.38 24.36
CA VAL A 41 -10.98 -41.16 23.58
C VAL A 41 -12.30 -41.20 22.83
N ILE A 42 -12.97 -40.04 22.76
CA ILE A 42 -14.32 -39.96 22.23
C ILE A 42 -14.59 -38.59 21.65
N SER A 43 -15.66 -38.49 20.87
CA SER A 43 -16.09 -37.21 20.32
C SER A 43 -17.49 -37.37 19.75
N GLN A 44 -18.18 -36.25 19.62
CA GLN A 44 -19.45 -36.21 18.92
C GLN A 44 -19.31 -36.71 17.49
N LYS A 45 -20.44 -37.13 16.93
CA LYS A 45 -20.50 -37.62 15.56
C LYS A 45 -21.83 -37.12 15.02
N LYS A 46 -21.82 -35.95 14.42
CA LYS A 46 -23.03 -35.33 13.94
C LYS A 46 -23.37 -35.83 12.54
N VAL A 47 -24.67 -35.83 12.24
CA VAL A 47 -25.20 -36.43 11.03
C VAL A 47 -26.48 -35.71 10.64
N PRO A 48 -26.40 -34.45 10.23
CA PRO A 48 -27.61 -33.66 10.04
C PRO A 48 -28.36 -33.95 8.74
N ASP A 49 -28.04 -35.05 8.06
CA ASP A 49 -28.77 -35.46 6.88
C ASP A 49 -28.93 -36.97 6.88
N LYS A 50 -29.86 -37.43 6.05
CA LYS A 50 -30.41 -38.77 6.13
C LYS A 50 -29.65 -39.80 5.30
N LEU A 51 -28.83 -39.38 4.35
CA LEU A 51 -28.39 -40.24 3.26
C LEU A 51 -26.95 -40.72 3.41
N LEU A 52 -26.28 -40.37 4.50
CA LEU A 52 -24.88 -40.72 4.65
C LEU A 52 -24.74 -42.24 4.83
N ASP A 53 -23.49 -42.66 4.94
CA ASP A 53 -23.14 -44.01 5.37
C ASP A 53 -22.21 -43.83 6.56
N PRO A 54 -22.75 -43.73 7.78
CA PRO A 54 -21.88 -43.43 8.93
C PRO A 54 -20.91 -44.57 9.27
N THR A 55 -21.03 -45.69 8.54
CA THR A 55 -19.90 -46.60 8.41
C THR A 55 -18.64 -45.87 7.97
N THR A 56 -18.80 -44.84 7.15
CA THR A 56 -17.70 -44.16 6.50
C THR A 56 -17.15 -43.01 7.33
N VAL A 57 -18.07 -42.21 7.89
CA VAL A 57 -17.66 -41.05 8.67
C VAL A 57 -16.79 -41.47 9.83
N SER A 58 -15.74 -40.70 10.08
CA SER A 58 -14.83 -40.95 11.18
C SER A 58 -13.81 -39.83 11.28
N TYR A 59 -13.37 -39.54 12.50
CA TYR A 59 -12.20 -38.72 12.75
C TYR A 59 -11.08 -39.49 13.42
N ILE A 60 -11.35 -40.68 13.93
CA ILE A 60 -10.43 -41.41 14.80
C ILE A 60 -9.79 -42.49 13.96
N PHE A 61 -8.48 -42.44 13.88
CA PHE A 61 -7.71 -43.12 12.87
C PHE A 61 -6.98 -44.30 13.49
N CYS A 62 -6.15 -44.96 12.69
CA CYS A 62 -5.40 -46.12 13.12
C CYS A 62 -4.07 -46.10 12.40
N ILE A 63 -2.99 -45.96 13.17
CA ILE A 63 -1.68 -45.68 12.65
C ILE A 63 -0.72 -46.85 12.84
N SER A 64 -0.83 -47.53 13.97
CA SER A 64 -0.16 -48.80 14.21
C SER A 64 -1.17 -49.83 14.64
N ARG A 65 -0.67 -50.96 15.13
CA ARG A 65 -1.44 -51.82 16.01
C ARG A 65 -1.31 -51.38 17.46
N THR A 66 -0.83 -50.16 17.69
CA THR A 66 -0.41 -49.67 18.98
C THR A 66 -1.15 -48.41 19.37
N ILE A 67 -1.23 -47.43 18.48
CA ILE A 67 -1.59 -46.07 18.83
C ILE A 67 -2.81 -45.59 18.05
N GLY A 68 -3.16 -44.32 18.25
CA GLY A 68 -4.29 -43.71 17.59
C GLY A 68 -4.23 -42.22 17.78
N MET A 69 -5.26 -41.55 17.27
CA MET A 69 -5.31 -40.10 17.36
C MET A 69 -6.73 -39.66 17.06
N VAL A 70 -6.95 -38.36 17.17
CA VAL A 70 -8.26 -37.76 16.93
C VAL A 70 -8.05 -36.37 16.34
N VAL A 71 -9.16 -35.78 15.89
CA VAL A 71 -9.13 -34.46 15.26
C VAL A 71 -10.42 -33.74 15.59
N ASN A 72 -10.31 -32.43 15.79
CA ASN A 72 -11.43 -31.51 15.77
C ASN A 72 -11.06 -30.39 14.81
N GLY A 73 -11.29 -30.65 13.52
CA GLY A 73 -10.99 -29.70 12.49
C GLY A 73 -11.47 -30.17 11.15
N PRO A 74 -11.18 -29.39 10.12
CA PRO A 74 -11.47 -29.83 8.76
C PRO A 74 -10.67 -31.08 8.43
N ILE A 75 -11.38 -32.10 7.96
CA ILE A 75 -10.81 -33.42 7.77
C ILE A 75 -9.83 -33.40 6.59
N PRO A 76 -10.08 -32.67 5.51
CA PRO A 76 -9.04 -32.55 4.48
C PRO A 76 -7.71 -32.07 5.01
N ASP A 77 -7.73 -31.06 5.87
CA ASP A 77 -6.50 -30.68 6.56
C ASP A 77 -5.99 -31.80 7.45
N ALA A 78 -6.89 -32.63 7.97
CA ALA A 78 -6.48 -33.70 8.85
C ALA A 78 -5.74 -34.79 8.09
N ARG A 79 -6.28 -35.17 6.93
CA ARG A 79 -5.75 -36.33 6.22
C ARG A 79 -4.31 -36.16 5.82
N ASN A 80 -3.90 -34.94 5.49
CA ASN A 80 -2.51 -34.71 5.18
C ASN A 80 -1.65 -34.94 6.40
N ALA A 81 -2.18 -34.61 7.58
CA ALA A 81 -1.48 -34.97 8.81
C ALA A 81 -1.61 -36.45 9.09
N ALA A 82 -2.76 -37.02 8.76
CA ALA A 82 -2.98 -38.44 8.99
C ALA A 82 -1.99 -39.27 8.21
N LEU A 83 -1.82 -38.97 6.93
CA LEU A 83 -0.92 -39.75 6.09
C LEU A 83 0.51 -39.63 6.56
N ARG A 84 0.94 -38.39 6.81
CA ARG A 84 2.32 -38.13 7.22
C ARG A 84 2.66 -38.83 8.52
N ALA A 85 1.66 -39.23 9.31
CA ALA A 85 1.92 -40.04 10.50
C ALA A 85 2.38 -41.44 10.11
N LYS A 86 1.55 -42.15 9.33
CA LYS A 86 1.85 -43.53 8.93
C LYS A 86 3.25 -43.64 8.36
N ALA A 87 3.66 -42.65 7.59
CA ALA A 87 5.01 -42.62 7.05
C ALA A 87 6.02 -42.56 8.17
N GLU A 88 5.84 -41.61 9.07
CA GLU A 88 6.87 -41.26 10.03
C GLU A 88 6.93 -42.24 11.19
N ALA A 89 6.05 -43.23 11.22
CA ALA A 89 6.25 -44.40 12.07
C ALA A 89 7.21 -45.38 11.43
N ALA A 90 6.95 -45.70 10.16
CA ALA A 90 7.73 -46.72 9.47
C ALA A 90 9.19 -46.36 9.45
N GLU A 91 9.51 -45.17 8.93
CA GLU A 91 10.89 -44.77 8.77
C GLU A 91 11.64 -44.75 10.09
N PHE A 92 10.92 -44.66 11.21
CA PHE A 92 11.57 -44.79 12.50
C PHE A 92 12.00 -46.23 12.75
N ARG A 93 11.06 -47.18 12.69
CA ARG A 93 11.41 -48.53 13.07
C ARG A 93 12.30 -49.18 12.02
N TYR A 94 12.11 -48.83 10.75
CA TYR A 94 12.99 -49.32 9.71
C TYR A 94 14.43 -48.91 9.95
N LYS A 95 14.65 -47.82 10.67
CA LYS A 95 15.98 -47.35 11.00
C LYS A 95 16.45 -47.77 12.38
N TYR A 96 15.55 -48.26 13.23
CA TYR A 96 15.93 -48.64 14.59
C TYR A 96 15.35 -49.95 15.09
N GLY A 97 14.32 -50.51 14.47
CA GLY A 97 13.86 -51.84 14.82
C GLY A 97 12.87 -51.92 15.95
N TYR A 98 12.04 -50.90 16.13
CA TYR A 98 10.98 -50.98 17.11
C TYR A 98 9.97 -49.88 16.86
N ASP A 99 8.78 -50.08 17.43
CA ASP A 99 7.62 -49.29 17.05
C ASP A 99 7.81 -47.83 17.42
N MET A 100 6.88 -47.00 16.95
CA MET A 100 6.99 -45.55 17.11
C MET A 100 6.34 -45.12 18.41
N PRO A 101 7.06 -44.52 19.35
CA PRO A 101 6.37 -43.97 20.52
C PRO A 101 5.51 -42.78 20.17
N CYS A 102 4.83 -42.22 21.17
CA CYS A 102 4.09 -40.97 21.00
C CYS A 102 4.94 -39.76 21.32
N ASP A 103 5.63 -39.78 22.46
CA ASP A 103 6.42 -38.64 22.89
C ASP A 103 7.42 -38.20 21.84
N VAL A 104 8.03 -39.14 21.14
CA VAL A 104 8.89 -38.79 20.02
C VAL A 104 8.06 -38.23 18.89
N LEU A 105 7.05 -38.97 18.48
CA LEU A 105 6.43 -38.70 17.19
C LEU A 105 5.69 -37.38 17.19
N ALA A 106 5.21 -36.95 18.37
CA ALA A 106 4.76 -35.58 18.50
C ALA A 106 5.93 -34.62 18.40
N LYS A 107 7.06 -34.98 19.01
CA LYS A 107 8.24 -34.13 18.94
C LYS A 107 8.78 -34.03 17.52
N ARG A 108 8.40 -34.95 16.64
CA ARG A 108 8.66 -34.77 15.23
C ARG A 108 7.67 -33.79 14.64
N MET A 109 6.39 -34.13 14.70
CA MET A 109 5.38 -33.33 14.04
C MET A 109 5.22 -31.97 14.70
N ALA A 110 5.72 -31.81 15.91
CA ALA A 110 5.81 -30.48 16.49
C ALA A 110 6.99 -29.71 15.89
N ASN A 111 8.10 -30.38 15.62
CA ASN A 111 9.15 -29.72 14.84
C ASN A 111 8.64 -29.35 13.47
N LEU A 112 7.71 -30.14 12.93
CA LEU A 112 7.28 -29.93 11.56
C LEU A 112 6.45 -28.67 11.43
N SER A 113 5.59 -28.42 12.41
CA SER A 113 4.72 -27.25 12.34
C SER A 113 5.51 -25.96 12.33
N GLN A 114 6.70 -25.97 12.94
CA GLN A 114 7.47 -24.74 13.06
C GLN A 114 7.90 -24.24 11.71
N ILE A 115 8.35 -25.14 10.84
CA ILE A 115 8.82 -24.76 9.51
C ILE A 115 7.64 -24.61 8.54
N TYR A 116 6.42 -24.62 9.07
CA TYR A 116 5.30 -24.01 8.38
C TYR A 116 5.00 -22.61 8.89
N THR A 117 5.54 -22.24 10.05
CA THR A 117 5.49 -20.87 10.53
C THR A 117 6.73 -20.07 10.17
N GLN A 118 7.77 -20.72 9.68
CA GLN A 118 9.03 -20.08 9.38
C GLN A 118 9.25 -19.86 7.90
N ARG A 119 8.32 -20.29 7.07
CA ARG A 119 8.34 -20.01 5.64
C ARG A 119 6.96 -19.55 5.22
N ALA A 120 6.83 -19.25 3.92
CA ALA A 120 5.62 -18.61 3.40
C ALA A 120 5.10 -19.22 2.12
N TYR A 121 5.72 -20.27 1.60
CA TYR A 121 5.09 -21.01 0.51
C TYR A 121 3.88 -21.79 0.99
N MET A 122 3.79 -22.04 2.30
CA MET A 122 2.93 -23.05 2.86
C MET A 122 1.72 -22.44 3.53
N ARG A 123 0.62 -23.10 3.42
CA ARG A 123 -0.53 -22.87 4.27
C ARG A 123 -0.42 -23.74 5.51
N PRO A 124 -0.56 -23.20 6.72
CA PRO A 124 -0.64 -24.10 7.88
C PRO A 124 -1.97 -24.82 7.92
N LEU A 125 -2.19 -25.58 8.98
CA LEU A 125 -3.35 -26.46 9.10
C LEU A 125 -4.19 -26.04 10.28
N GLY A 126 -5.49 -25.91 10.06
CA GLY A 126 -6.39 -25.46 11.08
C GLY A 126 -6.97 -26.62 11.86
N VAL A 127 -6.10 -27.40 12.48
CA VAL A 127 -6.47 -28.54 13.28
C VAL A 127 -5.67 -28.53 14.57
N ILE A 128 -6.06 -29.39 15.48
CA ILE A 128 -5.24 -29.81 16.60
C ILE A 128 -5.47 -31.30 16.81
N LEU A 129 -4.68 -31.88 17.70
CA LEU A 129 -4.57 -33.32 17.78
C LEU A 129 -4.40 -33.74 19.22
N THR A 130 -4.73 -34.99 19.48
CA THR A 130 -4.54 -35.59 20.79
C THR A 130 -4.13 -37.04 20.53
N PHE A 131 -2.83 -37.28 20.48
CA PHE A 131 -2.34 -38.63 20.27
C PHE A 131 -2.48 -39.44 21.55
N VAL A 132 -2.65 -40.75 21.37
CA VAL A 132 -2.92 -41.66 22.47
C VAL A 132 -2.10 -42.93 22.27
N SER A 133 -1.50 -43.41 23.35
CA SER A 133 -0.85 -44.71 23.28
C SER A 133 -0.48 -45.20 24.67
N VAL A 134 -0.27 -46.49 24.74
CA VAL A 134 0.50 -47.11 25.80
C VAL A 134 1.97 -46.95 25.43
N ASP A 135 2.84 -47.16 26.41
CA ASP A 135 4.27 -47.19 26.17
C ASP A 135 4.91 -48.21 27.12
N GLU A 136 5.71 -49.10 26.56
CA GLU A 136 6.36 -50.12 27.37
C GLU A 136 7.37 -49.52 28.34
N GLU A 137 7.81 -48.28 28.11
CA GLU A 137 8.73 -47.58 28.99
C GLU A 137 8.07 -46.48 29.80
N LEU A 138 6.91 -45.97 29.35
CA LEU A 138 6.27 -44.83 29.98
C LEU A 138 4.82 -45.07 30.39
N GLY A 139 4.15 -46.07 29.84
CA GLY A 139 2.81 -46.40 30.25
C GLY A 139 1.75 -45.65 29.47
N PRO A 140 0.51 -45.67 29.95
CA PRO A 140 -0.55 -44.91 29.29
C PRO A 140 -0.22 -43.43 29.26
N SER A 141 -0.35 -42.82 28.09
CA SER A 141 0.01 -41.43 27.94
C SER A 141 -0.68 -40.86 26.72
N ILE A 142 -0.79 -39.54 26.69
CA ILE A 142 -1.28 -38.80 25.54
C ILE A 142 -0.41 -37.58 25.34
N TYR A 143 -0.59 -36.95 24.18
CA TYR A 143 0.08 -35.71 23.86
C TYR A 143 -0.81 -34.93 22.91
N LYS A 144 -0.80 -33.62 23.08
CA LYS A 144 -1.64 -32.71 22.32
C LYS A 144 -0.72 -31.83 21.49
N THR A 145 -1.26 -31.28 20.41
CA THR A 145 -0.52 -30.33 19.59
C THR A 145 -1.39 -29.13 19.25
N ASP A 146 -0.72 -28.01 19.03
CA ASP A 146 -1.31 -26.86 18.37
C ASP A 146 -0.72 -26.76 16.98
N PRO A 147 -1.18 -25.82 16.15
CA PRO A 147 -0.54 -25.63 14.84
C PRO A 147 0.79 -24.91 14.90
N ALA A 148 1.18 -24.39 16.05
CA ALA A 148 2.45 -23.69 16.19
C ALA A 148 3.58 -24.62 16.57
N GLY A 149 3.32 -25.53 17.51
CA GLY A 149 4.34 -26.41 18.02
C GLY A 149 4.21 -26.69 19.50
N TYR A 150 3.41 -25.90 20.22
CA TYR A 150 3.19 -26.19 21.62
C TYR A 150 2.54 -27.54 21.75
N TYR A 151 3.30 -28.50 22.27
CA TYR A 151 2.80 -29.83 22.54
C TYR A 151 3.12 -30.19 23.99
N VAL A 152 2.14 -30.76 24.66
CA VAL A 152 2.27 -31.12 26.07
C VAL A 152 1.38 -32.31 26.34
N GLY A 153 1.79 -33.11 27.30
CA GLY A 153 0.94 -34.17 27.77
C GLY A 153 -0.24 -33.62 28.55
N TYR A 154 -1.14 -34.53 28.90
CA TYR A 154 -2.24 -34.21 29.79
C TYR A 154 -2.61 -35.49 30.51
N LYS A 155 -2.79 -35.38 31.82
CA LYS A 155 -3.30 -36.53 32.56
C LYS A 155 -4.69 -36.90 32.08
N ALA A 156 -5.45 -35.90 31.64
CA ALA A 156 -6.74 -36.10 31.01
C ALA A 156 -7.18 -34.75 30.48
N THR A 157 -7.81 -34.74 29.31
CA THR A 157 -8.18 -33.47 28.71
C THR A 157 -9.22 -33.69 27.63
N ALA A 158 -9.59 -32.58 27.00
CA ALA A 158 -10.71 -32.53 26.07
C ALA A 158 -10.52 -31.31 25.20
N THR A 159 -11.41 -31.16 24.23
CA THR A 159 -11.28 -30.05 23.30
C THR A 159 -12.54 -29.93 22.46
N GLY A 160 -12.66 -28.79 21.80
CA GLY A 160 -13.88 -28.37 21.14
C GLY A 160 -14.18 -26.93 21.47
N PRO A 161 -15.35 -26.45 21.05
CA PRO A 161 -15.76 -25.09 21.43
C PRO A 161 -16.07 -24.94 22.90
N LYS A 162 -16.25 -26.05 23.61
CA LYS A 162 -16.89 -26.04 24.92
C LYS A 162 -15.99 -26.67 25.96
N GLN A 163 -14.73 -26.23 25.97
CA GLN A 163 -13.80 -26.70 26.97
C GLN A 163 -14.19 -26.22 28.35
N GLN A 164 -14.67 -24.99 28.45
CA GLN A 164 -15.02 -24.42 29.73
C GLN A 164 -16.16 -25.18 30.40
N GLU A 165 -17.03 -25.79 29.60
CA GLU A 165 -18.18 -26.46 30.16
C GLU A 165 -17.78 -27.70 30.96
N ILE A 166 -16.67 -28.35 30.58
CA ILE A 166 -16.27 -29.63 31.14
C ILE A 166 -14.91 -29.56 31.82
N THR A 167 -13.97 -28.81 31.25
CA THR A 167 -12.61 -28.78 31.76
C THR A 167 -12.57 -28.33 33.21
N THR A 168 -13.51 -27.47 33.59
CA THR A 168 -13.71 -27.21 35.01
C THR A 168 -14.29 -28.44 35.69
N ASN A 169 -15.24 -29.10 35.02
CA ASN A 169 -15.91 -30.26 35.61
C ASN A 169 -14.94 -31.38 35.93
N LEU A 170 -13.85 -31.50 35.18
CA LEU A 170 -12.86 -32.53 35.47
C LEU A 170 -11.96 -32.15 36.62
N GLU A 171 -11.48 -30.90 36.61
CA GLU A 171 -10.62 -30.45 37.71
C GLU A 171 -11.37 -30.51 39.03
N ASN A 172 -12.69 -30.37 39.01
CA ASN A 172 -13.46 -30.56 40.22
C ASN A 172 -13.42 -32.00 40.69
N HIS A 173 -13.23 -32.94 39.76
CA HIS A 173 -13.26 -34.35 40.14
C HIS A 173 -11.98 -34.73 40.88
N PHE A 174 -10.83 -34.40 40.30
CA PHE A 174 -9.56 -34.76 40.93
C PHE A 174 -9.36 -34.05 42.24
N LYS A 175 -10.03 -32.93 42.45
CA LYS A 175 -10.12 -32.35 43.79
C LYS A 175 -11.20 -33.02 44.64
N LYS A 176 -11.71 -34.19 44.20
CA LYS A 176 -12.62 -35.00 44.99
C LYS A 176 -12.08 -36.39 45.30
N SER A 177 -11.10 -36.88 44.54
CA SER A 177 -10.47 -38.17 44.82
C SER A 177 -8.95 -38.09 44.77
N LYS A 178 -8.42 -37.12 44.04
CA LYS A 178 -7.01 -36.76 44.11
C LYS A 178 -6.03 -37.87 43.75
N ILE A 179 -6.11 -38.34 42.51
CA ILE A 179 -5.02 -39.06 41.86
C ILE A 179 -5.00 -38.68 40.38
N ASP A 180 -3.92 -39.06 39.72
CA ASP A 180 -3.70 -38.67 38.34
C ASP A 180 -4.78 -39.26 37.44
N HIS A 181 -4.85 -40.58 37.38
CA HIS A 181 -5.81 -41.29 36.56
C HIS A 181 -6.67 -42.16 37.45
N ILE A 182 -7.61 -42.85 36.81
CA ILE A 182 -8.67 -43.51 37.54
C ILE A 182 -8.15 -44.77 38.23
N ASN A 183 -8.79 -45.12 39.34
CA ASN A 183 -8.54 -46.37 40.05
C ASN A 183 -9.52 -47.44 39.60
N GLU A 184 -9.51 -47.72 38.30
CA GLU A 184 -10.34 -48.78 37.74
C GLU A 184 -9.62 -49.41 36.57
N GLU A 185 -9.67 -50.74 36.49
CA GLU A 185 -8.78 -51.48 35.64
C GLU A 185 -9.26 -51.55 34.20
N SER A 186 -10.41 -52.16 33.98
CA SER A 186 -10.83 -52.49 32.62
C SER A 186 -11.29 -51.25 31.87
N TRP A 187 -10.84 -51.15 30.61
CA TRP A 187 -11.28 -50.05 29.77
C TRP A 187 -12.79 -50.05 29.58
N GLU A 188 -13.39 -51.23 29.55
CA GLU A 188 -14.83 -51.34 29.38
C GLU A 188 -15.57 -50.66 30.51
N LYS A 189 -14.99 -50.64 31.71
CA LYS A 189 -15.66 -50.17 32.92
C LYS A 189 -15.15 -48.80 33.36
N VAL A 190 -14.53 -48.04 32.46
CA VAL A 190 -14.16 -46.66 32.72
C VAL A 190 -14.67 -45.70 31.68
N VAL A 191 -14.97 -46.17 30.47
CA VAL A 191 -15.60 -45.32 29.47
C VAL A 191 -16.92 -44.78 30.00
N GLU A 192 -17.56 -45.52 30.91
CA GLU A 192 -18.76 -45.04 31.56
C GLU A 192 -18.52 -43.72 32.26
N PHE A 193 -17.35 -43.57 32.90
CA PHE A 193 -17.04 -42.33 33.60
C PHE A 193 -17.00 -41.17 32.62
N ALA A 194 -16.47 -41.40 31.43
CA ALA A 194 -16.42 -40.35 30.42
C ALA A 194 -17.83 -39.92 30.03
N ILE A 195 -18.62 -40.87 29.57
CA ILE A 195 -19.95 -40.54 29.09
C ILE A 195 -20.87 -40.17 30.24
N THR A 196 -20.55 -40.61 31.46
CA THR A 196 -21.28 -40.11 32.62
C THR A 196 -21.00 -38.63 32.83
N HIS A 197 -19.82 -38.16 32.43
CA HIS A 197 -19.40 -36.81 32.79
C HIS A 197 -19.82 -35.79 31.75
N MET A 198 -19.83 -36.18 30.48
CA MET A 198 -20.19 -35.26 29.40
C MET A 198 -21.60 -34.72 29.57
N ILE A 199 -22.59 -35.62 29.54
CA ILE A 199 -23.99 -35.19 29.52
C ILE A 199 -24.32 -34.45 30.80
N ASP A 200 -23.63 -34.78 31.90
CA ASP A 200 -23.97 -34.22 33.20
C ASP A 200 -23.38 -32.84 33.39
N ALA A 201 -22.09 -32.67 33.06
CA ALA A 201 -21.41 -31.42 33.36
C ALA A 201 -22.07 -30.24 32.65
N LEU A 202 -21.96 -30.21 31.32
CA LEU A 202 -22.74 -29.28 30.51
C LEU A 202 -23.22 -29.89 29.20
N GLY A 203 -22.97 -31.17 28.96
CA GLY A 203 -23.26 -31.76 27.67
C GLY A 203 -24.70 -32.18 27.52
N THR A 204 -25.06 -32.55 26.30
CA THR A 204 -26.39 -33.01 25.95
C THR A 204 -26.41 -34.53 25.81
N GLU A 205 -27.56 -35.12 26.13
CA GLU A 205 -27.78 -36.55 26.03
C GLU A 205 -27.41 -37.07 24.64
N PHE A 206 -27.02 -38.34 24.58
CA PHE A 206 -26.55 -38.98 23.36
C PHE A 206 -27.35 -40.25 23.09
N SER A 207 -27.18 -40.75 21.87
CA SER A 207 -27.79 -41.98 21.40
C SER A 207 -26.67 -42.94 20.98
N LYS A 208 -27.08 -44.04 20.34
CA LYS A 208 -26.13 -45.02 19.85
C LYS A 208 -25.12 -44.38 18.91
N ASN A 209 -25.58 -43.85 17.79
CA ASN A 209 -24.68 -43.39 16.76
C ASN A 209 -23.93 -42.14 17.14
N ASP A 210 -24.48 -41.33 18.05
CA ASP A 210 -24.01 -39.96 18.26
C ASP A 210 -22.54 -39.86 18.65
N LEU A 211 -21.91 -40.96 19.04
CA LEU A 211 -20.56 -40.94 19.60
C LEU A 211 -19.70 -42.01 18.95
N GLU A 212 -18.40 -41.86 19.13
CA GLU A 212 -17.41 -42.77 18.59
C GLU A 212 -16.28 -42.89 19.59
N VAL A 213 -15.56 -44.00 19.54
CA VAL A 213 -14.68 -44.41 20.63
C VAL A 213 -13.39 -45.00 20.09
N GLY A 214 -12.31 -44.77 20.83
CA GLY A 214 -11.05 -45.43 20.58
C GLY A 214 -10.40 -45.86 21.88
N VAL A 215 -9.63 -46.93 21.80
CA VAL A 215 -8.96 -47.51 22.96
C VAL A 215 -7.57 -48.00 22.56
N ALA A 216 -6.57 -47.57 23.30
CA ALA A 216 -5.20 -47.99 23.06
C ALA A 216 -4.87 -49.16 23.98
N THR A 217 -5.43 -50.30 23.61
CA THR A 217 -5.21 -51.52 24.37
C THR A 217 -3.73 -51.89 24.33
N LYS A 218 -3.31 -52.65 25.32
CA LYS A 218 -1.96 -53.21 25.34
C LYS A 218 -1.69 -53.95 24.05
N ASP A 219 -0.78 -53.42 23.25
CA ASP A 219 -0.42 -54.00 21.96
C ASP A 219 -1.60 -54.04 21.00
N LYS A 220 -2.61 -53.20 21.20
CA LYS A 220 -3.76 -53.17 20.31
C LYS A 220 -4.41 -51.79 20.35
N PHE A 221 -4.71 -51.24 19.18
CA PHE A 221 -5.61 -50.10 19.06
C PHE A 221 -6.71 -50.45 18.08
N PHE A 222 -7.90 -49.90 18.30
CA PHE A 222 -9.06 -50.25 17.49
C PHE A 222 -10.25 -49.39 17.90
N THR A 223 -11.19 -49.28 16.98
CA THR A 223 -12.41 -48.50 17.15
C THR A 223 -13.49 -49.39 17.76
N LEU A 224 -14.73 -48.91 17.78
CA LEU A 224 -15.87 -49.67 18.25
C LEU A 224 -17.05 -49.47 17.31
N SER A 225 -17.93 -50.48 17.28
CA SER A 225 -19.09 -50.52 16.41
C SER A 225 -20.36 -50.38 17.24
N ALA A 226 -21.50 -50.51 16.56
CA ALA A 226 -22.79 -50.14 17.13
C ALA A 226 -23.13 -50.84 18.43
N GLU A 227 -23.34 -52.16 18.39
CA GLU A 227 -23.77 -52.84 19.60
C GLU A 227 -22.65 -52.87 20.63
N ASN A 228 -21.40 -52.83 20.18
CA ASN A 228 -20.27 -52.71 21.10
C ASN A 228 -20.37 -51.44 21.92
N ILE A 229 -21.02 -50.42 21.38
CA ILE A 229 -21.25 -49.17 22.07
C ILE A 229 -22.56 -49.21 22.84
N GLU A 230 -23.59 -49.78 22.22
CA GLU A 230 -24.92 -49.82 22.83
C GLU A 230 -24.88 -50.63 24.13
N GLU A 231 -24.22 -51.78 24.09
CA GLU A 231 -23.97 -52.55 25.31
C GLU A 231 -23.28 -51.69 26.35
N ARG A 232 -22.13 -51.11 25.98
CA ARG A 232 -21.40 -50.26 26.91
C ARG A 232 -22.20 -49.05 27.35
N LEU A 233 -23.18 -48.63 26.55
CA LEU A 233 -24.08 -47.58 26.99
C LEU A 233 -25.04 -48.09 28.05
N VAL A 234 -25.46 -49.35 27.94
CA VAL A 234 -26.45 -49.92 28.86
C VAL A 234 -25.84 -50.25 30.21
N ALA A 235 -24.56 -49.96 30.42
CA ALA A 235 -24.02 -49.88 31.77
C ALA A 235 -24.82 -48.91 32.62
N ILE A 236 -25.43 -47.90 32.00
CA ILE A 236 -26.30 -46.96 32.67
C ILE A 236 -27.58 -47.61 33.18
N ALA A 237 -27.85 -48.87 32.80
CA ALA A 237 -28.97 -49.62 33.38
C ALA A 237 -28.89 -49.63 34.90
N GLU A 238 -27.69 -49.71 35.44
CA GLU A 238 -27.48 -49.70 36.88
C GLU A 238 -27.29 -48.30 37.45
N GLN A 239 -26.98 -47.31 36.62
CA GLN A 239 -26.71 -45.97 37.10
C GLN A 239 -26.91 -44.95 36.00
N MET B 1 3.25 -27.19 -6.02
CA MET B 1 4.73 -27.39 -5.92
C MET B 1 5.49 -26.36 -6.74
N THR B 2 5.64 -25.15 -6.21
CA THR B 2 6.35 -24.09 -6.92
C THR B 2 6.74 -23.03 -5.91
N ASP B 3 8.02 -22.62 -5.95
CA ASP B 3 8.56 -21.60 -5.07
C ASP B 3 8.75 -20.31 -5.84
N ARG B 4 8.14 -19.24 -5.36
CA ARG B 4 8.30 -17.91 -5.92
C ARG B 4 8.65 -16.85 -4.89
N TYR B 5 8.27 -17.05 -3.63
CA TYR B 5 8.75 -16.19 -2.54
C TYR B 5 10.19 -16.60 -2.22
N SER B 6 11.12 -15.98 -2.97
CA SER B 6 12.54 -16.06 -2.69
C SER B 6 13.15 -14.70 -2.42
N PHE B 7 12.37 -13.63 -2.49
CA PHE B 7 12.81 -12.33 -2.04
C PHE B 7 13.15 -12.38 -0.56
N SER B 8 13.80 -11.32 -0.09
CA SER B 8 13.99 -11.12 1.34
C SER B 8 12.68 -10.68 1.97
N LEU B 9 12.44 -11.16 3.18
CA LEU B 9 11.35 -10.64 4.01
C LEU B 9 11.79 -9.44 4.83
N THR B 10 12.98 -8.89 4.56
CA THR B 10 13.63 -7.90 5.39
C THR B 10 13.67 -6.57 4.65
N THR B 11 13.68 -5.49 5.43
CA THR B 11 13.41 -4.16 4.93
C THR B 11 14.29 -3.17 5.68
N PHE B 12 15.03 -2.36 4.94
CA PHE B 12 15.71 -1.22 5.52
C PHE B 12 14.75 -0.11 5.88
N SER B 13 15.12 0.63 6.91
CA SER B 13 14.50 1.89 7.26
C SER B 13 15.28 3.05 6.64
N PRO B 14 14.74 4.26 6.64
CA PRO B 14 15.58 5.42 6.33
C PRO B 14 16.84 5.52 7.17
N SER B 15 16.75 5.28 8.47
CA SER B 15 17.86 5.50 9.38
C SER B 15 18.38 4.21 9.99
N GLY B 16 18.56 3.18 9.17
CA GLY B 16 18.98 1.88 9.64
C GLY B 16 17.81 1.00 9.95
N LYS B 17 17.53 0.83 11.24
CA LYS B 17 16.25 0.39 11.79
C LYS B 17 15.61 -0.74 10.99
N LEU B 18 16.36 -1.83 10.85
CA LEU B 18 15.83 -3.02 10.21
C LEU B 18 14.56 -3.47 10.92
N GLY B 19 13.49 -3.57 10.16
CA GLY B 19 12.16 -3.59 10.73
C GLY B 19 11.80 -4.85 11.50
N GLN B 20 11.69 -5.95 10.79
CA GLN B 20 11.00 -7.11 11.31
C GLN B 20 11.84 -7.96 12.25
N ILE B 21 12.95 -7.43 12.75
CA ILE B 21 13.56 -7.95 13.97
C ILE B 21 13.26 -7.03 15.15
N ASP B 22 13.25 -5.72 14.90
CA ASP B 22 12.94 -4.77 15.96
C ASP B 22 11.53 -4.98 16.51
N TYR B 23 10.63 -5.55 15.70
CA TYR B 23 9.34 -6.01 16.21
C TYR B 23 9.47 -7.33 16.95
N ALA B 24 10.44 -8.15 16.56
CA ALA B 24 10.60 -9.47 17.15
C ALA B 24 10.86 -9.38 18.63
N LEU B 25 11.68 -8.43 19.04
CA LEU B 25 12.15 -8.35 20.41
C LEU B 25 11.12 -7.75 21.36
N THR B 26 9.87 -7.66 20.93
CA THR B 26 8.77 -7.53 21.87
C THR B 26 8.45 -8.87 22.50
N ALA B 27 8.23 -9.89 21.67
CA ALA B 27 7.76 -11.17 22.16
C ALA B 27 8.76 -11.80 23.11
N VAL B 28 10.06 -11.55 22.87
CA VAL B 28 11.08 -12.01 23.79
C VAL B 28 10.84 -11.42 25.18
N LYS B 29 10.26 -10.23 25.26
CA LYS B 29 9.93 -9.62 26.54
C LYS B 29 8.58 -10.08 27.05
N GLN B 30 7.63 -10.27 26.13
CA GLN B 30 6.31 -10.75 26.51
C GLN B 30 6.41 -12.13 27.15
N GLY B 31 7.38 -12.92 26.73
CA GLY B 31 7.64 -14.21 27.34
C GLY B 31 8.04 -14.12 28.80
N VAL B 32 8.32 -15.28 29.40
CA VAL B 32 8.60 -15.39 30.83
C VAL B 32 9.94 -14.80 31.19
N THR B 33 10.18 -14.67 32.48
CA THR B 33 11.49 -14.30 33.00
C THR B 33 12.39 -15.51 33.08
N SER B 34 13.68 -15.28 32.85
CA SER B 34 14.68 -16.32 33.00
C SER B 34 16.05 -15.64 33.02
N LEU B 35 17.02 -16.32 33.62
CA LEU B 35 18.24 -15.66 34.06
C LEU B 35 19.41 -16.63 33.97
N GLY B 36 20.57 -16.16 34.46
CA GLY B 36 21.80 -16.92 34.47
C GLY B 36 22.93 -16.16 35.13
N ILE B 37 23.61 -16.84 36.05
CA ILE B 37 24.71 -16.26 36.81
C ILE B 37 25.80 -17.31 36.89
N LYS B 38 27.04 -16.84 37.03
CA LYS B 38 28.19 -17.70 37.16
C LYS B 38 28.83 -17.56 38.53
N ALA B 39 29.91 -18.29 38.70
CA ALA B 39 30.90 -18.11 39.76
C ALA B 39 31.99 -19.12 39.51
N THR B 40 33.14 -18.92 40.14
CA THR B 40 34.29 -19.77 39.87
C THR B 40 34.03 -21.21 40.28
N ASN B 41 33.21 -21.42 41.30
CA ASN B 41 32.86 -22.78 41.69
C ASN B 41 31.92 -23.44 40.69
N GLY B 42 31.13 -22.66 39.98
CA GLY B 42 30.08 -23.24 39.16
C GLY B 42 29.19 -22.16 38.59
N VAL B 43 28.22 -22.61 37.79
CA VAL B 43 27.33 -21.72 37.05
C VAL B 43 25.91 -22.23 37.18
N VAL B 44 24.96 -21.29 37.09
CA VAL B 44 23.56 -21.56 37.33
C VAL B 44 22.71 -20.84 36.30
N ILE B 45 21.52 -21.37 36.09
CA ILE B 45 20.47 -20.78 35.29
C ILE B 45 19.15 -21.07 35.98
N ALA B 46 18.06 -20.57 35.40
CA ALA B 46 16.73 -20.81 35.95
C ALA B 46 15.69 -20.15 35.07
N THR B 47 14.44 -20.56 35.27
CA THR B 47 13.31 -19.93 34.61
C THR B 47 12.08 -20.12 35.50
N GLU B 48 10.90 -19.92 34.92
CA GLU B 48 9.64 -20.15 35.62
C GLU B 48 8.68 -20.83 34.64
N LYS B 49 8.33 -22.08 34.93
CA LYS B 49 7.44 -22.86 34.07
C LYS B 49 6.01 -22.43 34.34
N LYS B 50 5.43 -21.66 33.42
CA LYS B 50 4.06 -21.16 33.57
C LYS B 50 3.09 -22.19 32.99
N SER B 51 2.81 -23.20 33.80
CA SER B 51 1.84 -24.21 33.42
C SER B 51 0.47 -23.57 33.25
N SER B 52 -0.04 -23.61 32.01
CA SER B 52 -1.27 -22.92 31.66
C SER B 52 -2.47 -23.44 32.43
N SER B 53 -2.83 -24.67 32.18
CA SER B 53 -3.99 -25.29 32.82
C SER B 53 -3.57 -25.85 34.16
N PRO B 54 -4.51 -26.41 34.94
CA PRO B 54 -4.14 -27.33 36.02
C PRO B 54 -3.95 -28.77 35.56
N LEU B 55 -3.90 -29.01 34.26
CA LEU B 55 -3.90 -30.34 33.69
C LEU B 55 -2.54 -30.77 33.17
N ALA B 56 -1.81 -29.85 32.55
CA ALA B 56 -0.59 -30.20 31.87
C ALA B 56 0.49 -30.62 32.84
N MET B 57 1.27 -31.59 32.43
CA MET B 57 2.52 -31.88 33.10
C MET B 57 3.46 -30.69 32.99
N SER B 58 4.56 -30.79 33.71
CA SER B 58 5.76 -30.02 33.42
C SER B 58 6.92 -30.92 33.06
N GLU B 59 6.77 -32.24 33.19
CA GLU B 59 7.82 -33.17 32.80
C GLU B 59 8.02 -33.14 31.30
N THR B 60 6.92 -33.09 30.55
CA THR B 60 7.00 -33.13 29.10
C THR B 60 7.70 -31.91 28.53
N LEU B 61 7.55 -30.77 29.17
CA LEU B 61 8.10 -29.52 28.65
C LEU B 61 9.49 -29.32 29.20
N SER B 62 10.44 -29.10 28.30
CA SER B 62 11.82 -28.78 28.64
C SER B 62 12.03 -27.29 28.46
N LYS B 63 11.64 -26.52 29.47
CA LYS B 63 12.06 -25.12 29.55
C LYS B 63 13.54 -24.97 29.86
N VAL B 64 14.24 -26.08 30.08
CA VAL B 64 15.69 -26.10 30.14
C VAL B 64 16.13 -27.31 29.32
N SER B 65 17.29 -27.18 28.68
CA SER B 65 17.73 -28.18 27.72
C SER B 65 19.22 -28.40 27.81
N LEU B 66 19.61 -29.62 27.51
CA LEU B 66 21.01 -30.03 27.47
C LEU B 66 21.51 -29.93 26.04
N LEU B 67 22.73 -29.42 25.91
CA LEU B 67 23.40 -29.28 24.62
C LEU B 67 24.50 -30.31 24.45
N THR B 68 25.35 -30.41 25.44
CA THR B 68 26.44 -31.37 25.53
C THR B 68 26.54 -31.78 26.99
N PRO B 69 27.43 -32.71 27.36
CA PRO B 69 27.55 -33.07 28.77
C PRO B 69 28.07 -31.95 29.65
N ASP B 70 28.54 -30.85 29.07
CA ASP B 70 29.11 -29.74 29.83
C ASP B 70 28.48 -28.40 29.47
N ILE B 71 27.26 -28.40 28.92
CA ILE B 71 26.56 -27.18 28.54
C ILE B 71 25.07 -27.33 28.85
N GLY B 72 24.45 -26.19 29.16
CA GLY B 72 23.00 -26.09 29.17
C GLY B 72 22.54 -24.86 28.41
N ALA B 73 21.23 -24.65 28.42
CA ALA B 73 20.67 -23.43 27.85
C ALA B 73 19.24 -23.24 28.30
N VAL B 74 18.72 -22.06 28.00
CA VAL B 74 17.40 -21.65 28.45
C VAL B 74 16.97 -20.46 27.60
N TYR B 75 15.66 -20.21 27.55
CA TYR B 75 15.11 -19.16 26.73
C TYR B 75 14.08 -18.33 27.49
N SER B 76 13.55 -17.37 26.75
CA SER B 76 12.27 -16.74 27.03
C SER B 76 11.76 -16.24 25.68
N GLY B 77 10.45 -16.06 25.61
CA GLY B 77 9.79 -15.73 24.37
C GLY B 77 8.88 -16.84 23.89
N MET B 78 9.30 -17.55 22.85
CA MET B 78 8.51 -18.61 22.23
C MET B 78 9.23 -19.94 22.34
N GLY B 79 8.42 -21.00 22.37
CA GLY B 79 8.93 -22.34 22.60
C GLY B 79 9.23 -23.12 21.34
N PRO B 80 8.27 -23.22 20.43
CA PRO B 80 8.53 -23.97 19.21
C PRO B 80 9.65 -23.40 18.38
N ASP B 81 9.94 -22.11 18.49
CA ASP B 81 11.13 -21.56 17.90
C ASP B 81 12.35 -21.72 18.80
N TYR B 82 12.27 -22.59 19.79
CA TYR B 82 13.38 -23.03 20.62
C TYR B 82 13.65 -24.51 20.50
N ARG B 83 12.59 -25.33 20.48
CA ARG B 83 12.78 -26.78 20.43
C ARG B 83 13.54 -27.19 19.20
N VAL B 84 13.21 -26.61 18.05
CA VAL B 84 13.87 -26.94 16.81
C VAL B 84 15.34 -26.59 16.88
N LEU B 85 15.67 -25.52 17.60
CA LEU B 85 17.00 -24.96 17.48
C LEU B 85 18.02 -25.82 18.18
N VAL B 86 17.61 -26.51 19.25
CA VAL B 86 18.47 -27.45 19.94
C VAL B 86 19.05 -28.46 18.98
N ASP B 87 18.17 -29.17 18.28
CA ASP B 87 18.61 -30.29 17.46
C ASP B 87 19.46 -29.81 16.30
N LYS B 88 19.15 -28.64 15.76
CA LYS B 88 19.98 -28.07 14.72
C LYS B 88 21.30 -27.53 15.25
N SER B 89 21.51 -27.54 16.57
CA SER B 89 22.81 -27.30 17.17
C SER B 89 23.50 -28.60 17.56
N ARG B 90 22.74 -29.53 18.13
CA ARG B 90 23.30 -30.83 18.46
C ARG B 90 23.88 -31.50 17.22
N LYS B 91 23.14 -31.47 16.12
CA LYS B 91 23.61 -32.06 14.87
C LYS B 91 24.79 -31.31 14.29
N VAL B 92 25.08 -30.10 14.77
CA VAL B 92 26.17 -29.30 14.24
C VAL B 92 27.45 -29.51 15.03
N ALA B 93 27.34 -29.65 16.35
CA ALA B 93 28.52 -29.87 17.16
C ALA B 93 29.29 -31.10 16.73
N HIS B 94 28.60 -32.09 16.18
CA HIS B 94 29.23 -33.28 15.63
C HIS B 94 29.62 -33.08 14.17
N THR B 95 28.68 -32.68 13.34
CA THR B 95 28.90 -32.65 11.89
C THR B 95 29.82 -31.54 11.45
N SER B 96 30.42 -30.78 12.36
CA SER B 96 31.47 -29.84 12.00
C SER B 96 32.70 -30.07 12.86
N TYR B 97 32.50 -30.37 14.14
CA TYR B 97 33.60 -30.41 15.10
C TYR B 97 33.79 -31.78 15.75
N LYS B 98 32.75 -32.34 16.38
CA LYS B 98 32.98 -33.36 17.39
C LYS B 98 33.42 -34.68 16.79
N ARG B 99 32.97 -34.99 15.59
CA ARG B 99 33.42 -36.18 14.87
C ARG B 99 34.69 -35.93 14.09
N ILE B 100 35.33 -34.79 14.32
CA ILE B 100 36.43 -34.31 13.49
C ILE B 100 37.64 -33.89 14.30
N TYR B 101 37.48 -33.54 15.57
CA TYR B 101 38.58 -33.40 16.51
C TYR B 101 38.42 -34.30 17.73
N GLY B 102 37.43 -35.17 17.75
CA GLY B 102 37.24 -36.06 18.87
C GLY B 102 36.58 -35.38 20.03
N GLU B 103 37.31 -34.46 20.66
CA GLU B 103 36.78 -33.78 21.84
C GLU B 103 35.57 -32.94 21.47
N TYR B 104 34.68 -32.74 22.43
CA TYR B 104 33.64 -31.77 22.27
C TYR B 104 34.26 -30.39 22.37
N PRO B 105 33.58 -29.36 21.87
CA PRO B 105 34.23 -28.08 21.70
C PRO B 105 34.19 -27.25 22.96
N PRO B 106 34.93 -26.16 22.98
CA PRO B 106 34.67 -25.12 23.97
C PRO B 106 33.30 -24.51 23.74
N THR B 107 32.92 -23.59 24.61
CA THR B 107 31.55 -23.10 24.58
C THR B 107 31.29 -22.12 23.44
N LYS B 108 32.25 -21.26 23.10
CA LYS B 108 31.93 -20.18 22.20
C LYS B 108 31.87 -20.65 20.76
N LEU B 109 32.74 -21.60 20.42
CA LEU B 109 32.78 -22.10 19.07
C LEU B 109 31.44 -22.68 18.67
N LEU B 110 30.75 -23.28 19.63
CA LEU B 110 29.36 -23.64 19.42
C LEU B 110 28.53 -22.42 19.08
N VAL B 111 28.73 -21.33 19.82
CA VAL B 111 27.91 -20.15 19.63
C VAL B 111 28.14 -19.54 18.26
N SER B 112 29.34 -19.69 17.71
CA SER B 112 29.54 -19.31 16.32
C SER B 112 28.69 -20.16 15.38
N GLU B 113 28.19 -21.30 15.83
CA GLU B 113 27.46 -22.23 15.00
C GLU B 113 25.97 -22.28 15.36
N VAL B 114 25.47 -21.26 16.04
CA VAL B 114 24.04 -21.00 16.14
C VAL B 114 23.69 -19.65 15.56
N ALA B 115 24.51 -18.63 15.80
CA ALA B 115 24.31 -17.37 15.12
C ALA B 115 24.50 -17.52 13.62
N LYS B 116 25.37 -18.44 13.22
CA LYS B 116 25.62 -18.69 11.80
C LYS B 116 24.47 -19.41 11.13
N ILE B 117 23.41 -19.75 11.85
CA ILE B 117 22.14 -20.12 11.25
C ILE B 117 21.05 -19.10 11.57
N MET B 118 21.10 -18.55 12.79
CA MET B 118 20.16 -17.50 13.16
C MET B 118 20.24 -16.34 12.18
N GLN B 119 21.46 -15.99 11.78
CA GLN B 119 21.63 -14.96 10.75
C GLN B 119 20.97 -15.38 9.47
N GLU B 120 21.17 -16.63 9.04
CA GLU B 120 20.63 -17.08 7.77
C GLU B 120 19.12 -17.05 7.76
N ALA B 121 18.49 -17.07 8.93
CA ALA B 121 17.04 -16.95 9.01
C ALA B 121 16.55 -15.58 8.57
N THR B 122 17.43 -14.59 8.44
CA THR B 122 17.03 -13.23 8.10
C THR B 122 17.52 -12.81 6.72
N GLN B 123 18.83 -12.85 6.49
CA GLN B 123 19.36 -12.38 5.23
C GLN B 123 18.98 -13.26 4.06
N SER B 124 18.50 -14.47 4.33
CA SER B 124 18.01 -15.33 3.27
C SER B 124 16.64 -14.84 2.83
N GLY B 125 15.96 -15.64 2.01
CA GLY B 125 14.66 -15.29 1.48
C GLY B 125 13.58 -16.23 1.96
N GLY B 126 12.35 -15.75 1.97
CA GLY B 126 11.21 -16.60 2.22
C GLY B 126 11.04 -17.02 3.66
N VAL B 127 11.59 -16.27 4.61
CA VAL B 127 11.71 -16.71 5.99
C VAL B 127 11.46 -15.56 6.95
N ARG B 128 11.38 -15.92 8.22
CA ARG B 128 11.27 -15.00 9.33
C ARG B 128 12.43 -15.29 10.29
N PRO B 129 12.56 -14.55 11.37
CA PRO B 129 13.51 -14.93 12.41
C PRO B 129 12.89 -15.79 13.50
N PHE B 130 13.74 -16.49 14.25
CA PHE B 130 13.30 -17.11 15.48
C PHE B 130 13.06 -16.03 16.52
N GLY B 131 11.85 -15.99 17.07
CA GLY B 131 11.55 -15.01 18.08
C GLY B 131 12.08 -15.40 19.44
N VAL B 132 13.39 -15.58 19.53
CA VAL B 132 14.01 -16.10 20.74
C VAL B 132 15.36 -15.44 20.92
N SER B 133 15.71 -15.22 22.19
CA SER B 133 17.07 -14.89 22.59
C SER B 133 17.38 -15.75 23.81
N LEU B 134 18.38 -16.60 23.69
CA LEU B 134 18.65 -17.64 24.67
C LEU B 134 20.04 -17.45 25.25
N LEU B 135 20.41 -18.38 26.12
CA LEU B 135 21.57 -18.25 26.97
C LEU B 135 22.34 -19.56 27.00
N ILE B 136 23.65 -19.45 27.09
CA ILE B 136 24.55 -20.59 27.12
C ILE B 136 25.44 -20.46 28.35
N ALA B 137 25.87 -21.59 28.88
CA ALA B 137 26.87 -21.69 29.93
C ALA B 137 28.16 -22.22 29.34
N GLY B 138 29.26 -22.00 30.06
CA GLY B 138 30.60 -22.21 29.54
C GLY B 138 31.41 -23.20 30.36
N HIS B 139 32.22 -24.00 29.67
CA HIS B 139 33.29 -24.74 30.31
C HIS B 139 34.28 -25.24 29.28
N ASP B 140 35.56 -25.23 29.66
CA ASP B 140 36.63 -25.83 28.89
C ASP B 140 37.90 -25.79 29.72
N GLU B 141 38.78 -26.77 29.49
CA GLU B 141 40.03 -26.85 30.24
C GLU B 141 41.07 -25.86 29.78
N PHE B 142 40.78 -25.04 28.76
CA PHE B 142 41.73 -24.09 28.22
C PHE B 142 41.26 -22.64 28.30
N ASN B 143 39.98 -22.39 28.58
CA ASN B 143 39.48 -21.02 28.72
C ASN B 143 38.55 -20.80 29.90
N GLY B 144 37.99 -21.85 30.50
CA GLY B 144 37.23 -21.70 31.72
C GLY B 144 35.75 -21.49 31.48
N PHE B 145 35.05 -21.20 32.58
CA PHE B 145 33.63 -20.89 32.53
C PHE B 145 33.36 -19.68 31.66
N SER B 146 32.10 -19.54 31.27
CA SER B 146 31.55 -18.29 30.77
C SER B 146 30.06 -18.47 30.53
N LEU B 147 29.36 -17.35 30.49
CA LEU B 147 28.06 -17.25 29.86
C LEU B 147 28.20 -16.58 28.51
N TYR B 148 27.18 -16.78 27.68
CA TYR B 148 27.11 -16.14 26.38
C TYR B 148 25.64 -16.03 26.01
N GLN B 149 25.13 -14.81 26.02
CA GLN B 149 23.79 -14.54 25.53
C GLN B 149 23.82 -14.37 24.01
N VAL B 150 22.74 -14.80 23.36
CA VAL B 150 22.56 -14.65 21.93
C VAL B 150 21.27 -13.88 21.67
N ASP B 151 20.93 -13.71 20.40
CA ASP B 151 19.79 -12.90 20.02
C ASP B 151 19.53 -13.06 18.54
N PRO B 152 18.29 -12.84 18.08
CA PRO B 152 17.94 -13.26 16.70
C PRO B 152 18.63 -12.48 15.62
N SER B 153 19.18 -11.31 15.92
CA SER B 153 19.90 -10.56 14.90
C SER B 153 21.14 -11.30 14.44
N GLY B 154 21.74 -12.09 15.31
CA GLY B 154 22.97 -12.80 15.05
C GLY B 154 24.10 -12.43 15.98
N SER B 155 23.90 -11.47 16.87
CA SER B 155 24.96 -11.08 17.79
C SER B 155 25.08 -12.13 18.88
N TYR B 156 26.06 -11.96 19.74
CA TYR B 156 26.07 -12.69 20.99
C TYR B 156 26.88 -11.92 22.02
N PHE B 157 26.19 -11.49 23.06
CA PHE B 157 26.86 -10.90 24.20
C PHE B 157 27.62 -11.97 24.97
N PRO B 158 28.74 -11.63 25.59
CA PRO B 158 29.17 -12.35 26.79
C PRO B 158 28.60 -11.70 28.02
N TRP B 159 28.85 -12.27 29.19
CA TRP B 159 28.30 -11.74 30.42
C TRP B 159 29.10 -12.25 31.62
N LYS B 160 28.83 -11.64 32.76
CA LYS B 160 29.03 -12.26 34.06
C LYS B 160 27.71 -12.60 34.74
N ALA B 161 26.62 -11.93 34.36
CA ALA B 161 25.30 -12.22 34.88
C ALA B 161 24.31 -11.35 34.13
N THR B 162 23.09 -11.86 33.95
CA THR B 162 22.04 -11.12 33.26
C THR B 162 20.74 -11.89 33.38
N ALA B 163 19.71 -11.38 32.72
CA ALA B 163 18.40 -12.01 32.68
C ALA B 163 17.55 -11.26 31.66
N ILE B 164 16.34 -11.78 31.42
CA ILE B 164 15.51 -11.37 30.29
C ILE B 164 14.03 -11.49 30.64
N GLY B 165 13.19 -11.00 29.74
CA GLY B 165 11.76 -11.27 29.77
C GLY B 165 10.91 -10.21 30.42
N LYS B 166 9.76 -10.64 30.94
CA LYS B 166 8.75 -9.72 31.48
C LYS B 166 9.16 -9.08 32.79
N GLY B 167 10.34 -9.39 33.34
CA GLY B 167 10.78 -8.81 34.58
C GLY B 167 12.27 -8.51 34.54
N SER B 168 12.77 -8.26 33.34
CA SER B 168 14.21 -8.24 33.12
C SER B 168 14.87 -7.07 33.84
N VAL B 169 14.47 -5.85 33.49
CA VAL B 169 15.19 -4.65 33.92
C VAL B 169 15.19 -4.54 35.45
N ALA B 170 14.09 -4.95 36.10
CA ALA B 170 14.07 -4.94 37.55
C ALA B 170 15.15 -5.84 38.12
N ALA B 171 15.34 -7.00 37.51
CA ALA B 171 16.44 -7.87 37.92
C ALA B 171 17.78 -7.21 37.65
N LYS B 172 17.96 -6.70 36.44
CA LYS B 172 19.19 -5.97 36.12
C LYS B 172 19.34 -4.75 37.03
N THR B 173 18.24 -4.20 37.51
CA THR B 173 18.33 -3.17 38.55
C THR B 173 18.69 -3.78 39.90
N PHE B 174 18.33 -5.04 40.13
CA PHE B 174 18.64 -5.70 41.38
C PHE B 174 20.06 -6.26 41.39
N LEU B 175 20.35 -7.17 40.47
CA LEU B 175 21.49 -8.07 40.62
C LEU B 175 22.82 -7.34 40.61
N GLU B 176 22.86 -6.16 40.02
CA GLU B 176 24.02 -5.29 40.15
C GLU B 176 24.31 -4.91 41.60
N LYS B 177 23.37 -5.16 42.52
CA LYS B 177 23.69 -5.20 43.94
C LYS B 177 24.26 -6.56 44.33
N ARG B 178 23.55 -7.63 43.99
CA ARG B 178 23.85 -8.93 44.60
C ARG B 178 25.17 -9.50 44.11
N TRP B 179 25.55 -9.25 42.87
CA TRP B 179 26.75 -9.85 42.32
C TRP B 179 28.01 -9.27 42.98
N ASN B 180 29.07 -10.06 42.94
CA ASN B 180 30.40 -9.70 43.41
C ASN B 180 31.36 -10.76 42.85
N ASP B 181 32.59 -10.78 43.35
CA ASP B 181 33.60 -11.71 42.87
C ASP B 181 33.83 -12.89 43.81
N GLU B 182 33.81 -12.65 45.11
CA GLU B 182 34.09 -13.70 46.07
C GLU B 182 32.90 -14.65 46.15
N LEU B 183 32.81 -15.58 45.22
CA LEU B 183 31.59 -16.36 45.02
C LEU B 183 31.90 -17.84 44.87
N GLU B 184 31.23 -18.64 45.69
CA GLU B 184 31.02 -20.05 45.43
C GLU B 184 29.68 -20.19 44.71
N LEU B 185 29.17 -21.41 44.65
CA LEU B 185 27.89 -21.69 44.01
C LEU B 185 26.75 -21.84 44.99
N GLU B 186 27.00 -22.50 46.13
CA GLU B 186 25.93 -22.80 47.07
C GLU B 186 25.21 -21.55 47.53
N ASP B 187 25.90 -20.40 47.52
CA ASP B 187 25.24 -19.14 47.78
C ASP B 187 24.36 -18.71 46.62
N ALA B 188 24.76 -19.03 45.40
CA ALA B 188 24.18 -18.39 44.22
C ALA B 188 22.72 -18.75 44.02
N ILE B 189 22.23 -19.78 44.69
CA ILE B 189 20.85 -20.18 44.51
C ILE B 189 19.92 -19.30 45.31
N HIS B 190 20.36 -18.87 46.49
CA HIS B 190 19.56 -17.98 47.31
C HIS B 190 19.21 -16.72 46.54
N ILE B 191 20.22 -16.00 46.08
CA ILE B 191 20.01 -14.78 45.30
C ILE B 191 19.22 -15.08 44.04
N ALA B 192 19.49 -16.21 43.41
CA ALA B 192 18.83 -16.53 42.15
C ALA B 192 17.34 -16.76 42.38
N LEU B 193 17.01 -17.53 43.41
CA LEU B 193 15.61 -17.69 43.80
C LEU B 193 15.06 -16.40 44.36
N LEU B 194 15.79 -15.80 45.30
CA LEU B 194 15.34 -14.57 45.95
C LEU B 194 15.06 -13.48 44.94
N THR B 195 15.88 -13.42 43.90
CA THR B 195 15.53 -12.62 42.72
C THR B 195 14.17 -13.04 42.18
N LEU B 196 14.06 -14.30 41.80
CA LEU B 196 12.94 -14.78 41.02
C LEU B 196 11.69 -15.02 41.84
N LYS B 197 11.72 -14.69 43.12
CA LYS B 197 10.52 -14.68 43.95
C LYS B 197 9.74 -13.39 43.77
N GLU B 198 10.46 -12.28 43.64
CA GLU B 198 9.82 -10.97 43.65
C GLU B 198 9.05 -10.71 42.35
N SER B 199 9.44 -11.37 41.26
CA SER B 199 8.90 -11.09 39.93
C SER B 199 7.83 -12.08 39.54
N VAL B 200 6.99 -12.51 40.48
CA VAL B 200 6.01 -13.55 40.23
C VAL B 200 4.72 -13.21 40.98
N GLU B 201 3.60 -13.67 40.44
CA GLU B 201 2.29 -13.55 41.05
C GLU B 201 1.64 -14.87 41.40
N GLY B 202 2.13 -15.99 40.87
CA GLY B 202 1.53 -17.29 41.08
C GLY B 202 2.25 -18.12 42.13
N GLU B 203 2.06 -19.43 42.04
CA GLU B 203 2.71 -20.36 42.95
C GLU B 203 4.22 -20.36 42.74
N PHE B 204 4.93 -20.82 43.77
CA PHE B 204 6.37 -20.66 43.87
C PHE B 204 7.00 -21.94 44.40
N ASN B 205 6.61 -23.08 43.85
CA ASN B 205 6.99 -24.38 44.37
C ASN B 205 8.01 -25.06 43.48
N GLY B 206 8.68 -26.05 44.07
CA GLY B 206 9.72 -26.76 43.36
C GLY B 206 9.21 -27.53 42.17
N ASP B 207 7.98 -28.03 42.26
CA ASP B 207 7.36 -28.75 41.15
C ASP B 207 6.69 -27.82 40.15
N THR B 208 7.02 -26.53 40.19
CA THR B 208 6.47 -25.54 39.28
C THR B 208 7.50 -24.98 38.31
N ILE B 209 8.75 -24.85 38.73
CA ILE B 209 9.77 -24.17 37.96
C ILE B 209 11.03 -25.05 37.96
N GLU B 210 11.63 -25.22 36.79
CA GLU B 210 12.83 -26.03 36.63
C GLU B 210 14.06 -25.13 36.51
N LEU B 211 15.17 -25.62 37.05
CA LEU B 211 16.45 -25.00 36.81
C LEU B 211 17.52 -26.08 36.80
N ALA B 212 18.76 -25.64 36.62
CA ALA B 212 19.89 -26.54 36.42
C ALA B 212 21.17 -25.74 36.61
N ILE B 213 22.29 -26.45 36.67
CA ILE B 213 23.55 -25.91 37.15
C ILE B 213 24.70 -26.49 36.34
N ILE B 214 25.91 -26.07 36.71
CA ILE B 214 27.16 -26.58 36.18
C ILE B 214 27.99 -26.95 37.40
N GLY B 215 27.98 -28.23 37.76
CA GLY B 215 28.70 -28.69 38.93
C GLY B 215 30.14 -29.00 38.61
N ASP B 216 30.61 -30.14 39.09
CA ASP B 216 31.92 -30.65 38.73
C ASP B 216 31.76 -32.11 38.34
N GLU B 217 32.87 -32.83 38.18
CA GLU B 217 32.83 -34.19 37.67
C GLU B 217 31.92 -35.07 38.53
N ASN B 218 31.11 -35.88 37.86
CA ASN B 218 30.07 -36.68 38.51
C ASN B 218 29.99 -38.03 37.82
N PRO B 219 30.98 -38.89 38.01
CA PRO B 219 31.04 -40.15 37.25
C PRO B 219 29.88 -41.08 37.51
N ASP B 220 29.10 -40.87 38.58
CA ASP B 220 27.91 -41.67 38.79
C ASP B 220 26.95 -41.56 37.60
N LEU B 221 26.94 -40.41 36.95
CA LEU B 221 26.12 -40.22 35.77
C LEU B 221 26.70 -40.94 34.56
N LEU B 222 28.03 -41.15 34.56
CA LEU B 222 28.72 -41.53 33.34
C LEU B 222 28.33 -42.92 32.86
N GLY B 223 27.82 -43.77 33.74
CA GLY B 223 27.32 -45.08 33.38
C GLY B 223 28.32 -46.18 33.51
N TYR B 224 29.56 -45.95 33.09
CA TYR B 224 30.59 -46.97 33.14
C TYR B 224 31.78 -46.44 33.94
N THR B 225 32.77 -47.31 34.11
CA THR B 225 33.82 -47.14 35.10
C THR B 225 35.14 -47.57 34.49
N GLY B 226 36.14 -47.78 35.33
CA GLY B 226 37.38 -48.40 34.93
C GLY B 226 38.41 -47.46 34.38
N ILE B 227 37.97 -46.45 33.62
CA ILE B 227 38.87 -45.42 33.13
C ILE B 227 38.88 -44.29 34.14
N PRO B 228 39.93 -44.14 34.98
CA PRO B 228 39.98 -42.97 35.85
C PRO B 228 40.19 -41.67 35.10
N THR B 229 40.55 -41.73 33.82
CA THR B 229 40.94 -40.53 33.09
C THR B 229 39.76 -39.63 32.80
N ASP B 230 38.65 -40.22 32.35
CA ASP B 230 37.59 -39.45 31.71
C ASP B 230 36.99 -38.43 32.67
N LYS B 231 36.55 -37.32 32.09
CA LYS B 231 35.89 -36.24 32.81
C LYS B 231 34.39 -36.37 32.57
N GLY B 232 33.64 -36.55 33.64
CA GLY B 232 32.25 -36.84 33.51
C GLY B 232 31.42 -35.62 33.18
N PRO B 233 30.12 -35.80 33.12
CA PRO B 233 29.25 -34.71 32.75
C PRO B 233 29.14 -33.66 33.83
N ARG B 234 29.79 -32.51 33.60
CA ARG B 234 29.73 -31.42 34.56
C ARG B 234 28.33 -30.83 34.62
N PHE B 235 27.62 -30.85 33.51
CA PHE B 235 26.24 -30.40 33.47
C PHE B 235 25.37 -31.30 34.34
N ARG B 236 24.26 -30.74 34.82
CA ARG B 236 23.33 -31.47 35.68
C ARG B 236 22.08 -30.65 35.89
N LYS B 237 20.96 -31.32 36.05
CA LYS B 237 19.70 -30.72 36.42
C LYS B 237 19.29 -31.25 37.78
N LEU B 238 18.45 -30.49 38.45
CA LEU B 238 17.96 -30.82 39.78
C LEU B 238 16.58 -31.46 39.71
N THR B 239 16.14 -31.93 40.87
CA THR B 239 14.91 -32.68 41.03
C THR B 239 13.81 -31.79 41.59
N SER B 240 12.69 -32.40 41.93
CA SER B 240 11.64 -31.73 42.67
C SER B 240 12.11 -31.39 44.07
N GLN B 241 12.69 -32.37 44.77
CA GLN B 241 12.92 -32.22 46.20
C GLN B 241 14.04 -31.23 46.48
N GLU B 242 15.16 -31.38 45.77
CA GLU B 242 16.35 -30.60 46.11
C GLU B 242 16.11 -29.11 45.96
N ILE B 243 15.14 -28.73 45.13
CA ILE B 243 14.70 -27.35 45.08
C ILE B 243 14.12 -26.96 46.43
N ASN B 244 13.15 -27.75 46.90
CA ASN B 244 12.42 -27.41 48.10
C ASN B 244 13.32 -27.45 49.33
N ASP B 245 14.32 -28.33 49.32
CA ASP B 245 15.25 -28.39 50.43
C ASP B 245 15.99 -27.08 50.60
N ARG B 246 16.24 -26.38 49.50
CA ARG B 246 16.74 -25.01 49.58
C ARG B 246 15.66 -24.08 50.14
N LEU B 247 14.42 -24.26 49.68
CA LEU B 247 13.36 -23.30 50.01
C LEU B 247 13.01 -23.33 51.49
N GLU B 248 12.86 -24.53 52.04
CA GLU B 248 12.70 -24.67 53.48
C GLU B 248 13.86 -24.04 54.23
N ALA B 249 15.06 -24.10 53.65
CA ALA B 249 16.28 -23.66 54.32
C ALA B 249 16.48 -22.16 54.29
N LEU B 250 15.55 -21.39 53.74
CA LEU B 250 15.68 -19.93 53.74
C LEU B 250 15.59 -19.37 55.16
N SER C 1 13.19 -2.66 -0.87
CA SER C 1 12.42 -1.89 -1.85
C SER C 1 12.99 -2.08 -3.25
N ARG C 2 13.06 -3.34 -3.69
CA ARG C 2 13.61 -3.68 -5.01
C ARG C 2 15.03 -3.12 -5.15
N THR C 3 15.92 -3.76 -4.40
CA THR C 3 17.33 -3.35 -4.29
C THR C 3 17.98 -3.03 -5.63
N THR C 4 17.56 -3.70 -6.70
CA THR C 4 18.21 -3.55 -8.00
C THR C 4 18.07 -2.14 -8.54
N ILE C 5 16.84 -1.68 -8.72
CA ILE C 5 16.54 -0.50 -9.54
C ILE C 5 17.05 0.79 -8.92
N PHE C 6 17.07 1.83 -9.73
CA PHE C 6 17.59 3.14 -9.36
C PHE C 6 16.45 4.08 -8.98
N SER C 7 16.81 5.32 -8.69
CA SER C 7 15.85 6.37 -8.43
C SER C 7 15.22 6.81 -9.74
N PRO C 8 14.24 7.72 -9.68
CA PRO C 8 13.78 8.38 -10.90
C PRO C 8 14.80 9.36 -11.46
N GLU C 9 15.86 9.68 -10.73
CA GLU C 9 16.89 10.61 -11.21
C GLU C 9 18.29 10.12 -10.86
N GLY C 10 18.52 8.82 -10.85
CA GLY C 10 19.87 8.31 -10.76
C GLY C 10 20.38 8.26 -9.34
N ARG C 11 19.68 7.50 -8.50
CA ARG C 11 20.11 7.26 -7.13
C ARG C 11 19.50 5.94 -6.71
N LEU C 12 19.79 5.54 -5.48
CA LEU C 12 19.26 4.31 -4.91
C LEU C 12 18.41 4.61 -3.69
N TYR C 13 17.43 3.73 -3.45
CA TYR C 13 16.51 3.89 -2.34
C TYR C 13 17.12 3.35 -1.04
N GLN C 14 17.69 2.14 -1.07
CA GLN C 14 18.22 1.54 0.15
C GLN C 14 19.58 2.11 0.54
N VAL C 15 20.58 1.87 -0.30
CA VAL C 15 21.96 1.81 0.19
C VAL C 15 22.42 3.12 0.79
N GLU C 16 21.83 4.24 0.33
CA GLU C 16 22.16 5.51 0.96
C GLU C 16 21.71 5.54 2.41
N TYR C 17 20.75 4.69 2.78
CA TYR C 17 20.40 4.53 4.19
C TYR C 17 21.47 3.76 4.94
N ALA C 18 22.17 2.85 4.26
CA ALA C 18 23.02 1.91 4.96
C ALA C 18 24.27 2.59 5.50
N LEU C 19 25.08 3.16 4.61
CA LEU C 19 26.24 3.91 5.07
C LEU C 19 25.86 5.16 5.86
N GLU C 20 24.59 5.56 5.84
CA GLU C 20 24.08 6.53 6.79
C GLU C 20 23.65 5.86 8.08
N SER C 21 23.18 4.63 7.99
CA SER C 21 22.79 3.89 9.19
C SER C 21 23.99 3.60 10.08
N ILE C 22 25.05 3.09 9.48
CA ILE C 22 26.28 2.72 10.18
C ILE C 22 26.84 3.87 11.00
N SER C 23 26.51 5.11 10.63
CA SER C 23 26.85 6.26 11.45
C SER C 23 26.34 6.11 12.88
N HIS C 24 25.21 5.41 13.06
CA HIS C 24 24.74 5.09 14.40
C HIS C 24 25.76 4.28 15.18
N ALA C 25 26.60 3.53 14.49
CA ALA C 25 27.46 2.55 15.15
C ALA C 25 28.57 3.25 15.90
N GLY C 26 29.51 2.46 16.42
CA GLY C 26 30.56 2.98 17.26
C GLY C 26 31.57 3.79 16.49
N THR C 27 32.78 3.83 17.01
CA THR C 27 33.91 4.45 16.35
C THR C 27 35.00 3.43 16.11
N ALA C 28 35.67 3.57 14.97
CA ALA C 28 36.87 2.81 14.67
C ALA C 28 37.73 3.66 13.76
N ILE C 29 38.93 3.98 14.25
CA ILE C 29 39.86 4.83 13.50
C ILE C 29 41.03 3.96 13.09
N GLY C 30 41.99 4.56 12.41
CA GLY C 30 43.17 3.86 12.03
C GLY C 30 44.09 4.74 11.23
N ILE C 31 45.36 4.74 11.61
CA ILE C 31 46.32 5.71 11.17
C ILE C 31 47.58 4.97 10.73
N MET C 32 48.61 5.75 10.39
CA MET C 32 49.90 5.14 10.11
C MET C 32 50.98 6.19 10.25
N ALA C 33 52.09 5.78 10.84
CA ALA C 33 53.34 6.50 10.74
C ALA C 33 54.14 5.90 9.59
N SER C 34 55.38 6.35 9.45
CA SER C 34 56.38 5.63 8.68
C SER C 34 57.13 4.63 9.55
N ASP C 35 56.62 4.34 10.74
CA ASP C 35 57.25 3.48 11.74
C ASP C 35 56.32 2.41 12.25
N GLY C 36 55.02 2.70 12.38
CA GLY C 36 54.12 1.75 12.98
C GLY C 36 52.69 2.21 12.85
N ILE C 37 51.79 1.41 13.42
CA ILE C 37 50.36 1.53 13.22
C ILE C 37 49.66 1.54 14.58
N VAL C 38 48.50 2.18 14.62
CA VAL C 38 47.67 2.26 15.81
C VAL C 38 46.23 2.04 15.36
N LEU C 39 45.42 1.52 16.28
CA LEU C 39 44.00 1.36 16.03
C LEU C 39 43.25 1.58 17.33
N ALA C 40 41.94 1.80 17.21
CA ALA C 40 41.13 2.10 18.37
C ALA C 40 39.67 1.86 18.04
N ALA C 41 38.90 1.62 19.08
CA ALA C 41 37.46 1.51 18.96
C ALA C 41 36.85 1.70 20.34
N GLU C 42 35.69 2.35 20.38
CA GLU C 42 34.93 2.56 21.59
C GLU C 42 33.75 1.61 21.56
N ARG C 43 33.69 0.70 22.53
CA ARG C 43 32.60 -0.25 22.57
C ARG C 43 31.29 0.48 22.78
N LYS C 44 30.23 -0.03 22.16
CA LYS C 44 28.93 0.63 22.25
C LYS C 44 28.44 0.70 23.70
N VAL C 45 28.89 -0.23 24.54
CA VAL C 45 28.48 -0.27 25.94
C VAL C 45 29.70 -0.60 26.79
N THR C 46 29.72 -0.03 28.00
CA THR C 46 30.79 -0.26 28.95
C THR C 46 30.21 -0.44 30.34
N SER C 47 29.05 -1.10 30.44
CA SER C 47 28.58 -1.52 31.75
C SER C 47 29.57 -2.49 32.37
N THR C 48 29.39 -2.73 33.67
CA THR C 48 30.50 -3.18 34.50
C THR C 48 30.53 -4.68 34.74
N LEU C 49 29.37 -5.32 34.86
CA LEU C 49 29.35 -6.72 35.27
C LEU C 49 29.90 -7.63 34.19
N LEU C 50 29.52 -7.38 32.94
CA LEU C 50 29.85 -8.25 31.84
C LEU C 50 31.35 -8.23 31.55
N GLU C 51 31.75 -9.08 30.60
CA GLU C 51 33.14 -9.49 30.45
C GLU C 51 33.86 -8.60 29.45
N GLN C 52 33.84 -7.30 29.74
CA GLN C 52 34.60 -6.33 28.96
C GLN C 52 36.09 -6.62 29.00
N ASP C 53 36.56 -7.40 29.97
CA ASP C 53 37.98 -7.75 30.05
C ASP C 53 38.47 -8.41 28.76
N THR C 54 37.91 -9.57 28.43
CA THR C 54 38.30 -10.32 27.24
C THR C 54 37.37 -10.07 26.07
N SER C 55 36.61 -8.98 26.10
CA SER C 55 35.66 -8.69 25.03
C SER C 55 36.44 -8.27 23.79
N THR C 56 36.76 -9.24 22.94
CA THR C 56 37.40 -8.99 21.65
C THR C 56 36.29 -8.95 20.61
N GLU C 57 35.78 -7.73 20.37
CA GLU C 57 34.66 -7.54 19.44
C GLU C 57 34.98 -6.64 18.26
N LYS C 58 35.47 -5.43 18.51
CA LYS C 58 35.67 -4.47 17.43
C LYS C 58 36.89 -4.79 16.60
N LEU C 59 37.82 -5.58 17.12
CA LEU C 59 39.13 -5.75 16.51
C LEU C 59 39.45 -7.23 16.41
N TYR C 60 39.46 -7.74 15.18
CA TYR C 60 39.83 -9.10 14.88
C TYR C 60 41.09 -9.08 14.02
N LYS C 61 41.67 -10.26 13.82
CA LYS C 61 42.79 -10.41 12.91
C LYS C 61 42.50 -11.53 11.93
N LEU C 62 43.32 -11.57 10.90
CA LEU C 62 43.16 -12.42 9.74
C LEU C 62 44.35 -13.34 9.51
N ASN C 63 45.55 -12.82 9.69
CA ASN C 63 46.75 -13.62 9.62
C ASN C 63 47.85 -12.88 10.36
N ASP C 64 49.09 -13.31 10.18
CA ASP C 64 50.19 -12.82 10.99
C ASP C 64 50.88 -11.60 10.37
N LYS C 65 50.15 -10.82 9.58
CA LYS C 65 50.65 -9.54 9.12
C LYS C 65 49.54 -8.48 9.02
N ILE C 66 48.32 -8.80 9.45
CA ILE C 66 47.14 -7.99 9.14
C ILE C 66 46.30 -7.84 10.40
N ALA C 67 45.64 -6.69 10.50
CA ALA C 67 44.61 -6.48 11.50
C ALA C 67 43.59 -5.53 10.91
N VAL C 68 42.39 -5.54 11.47
CA VAL C 68 41.27 -4.77 10.97
C VAL C 68 40.55 -4.12 12.14
N ALA C 69 39.47 -3.42 11.81
CA ALA C 69 38.45 -3.03 12.77
C ALA C 69 37.12 -3.13 12.07
N VAL C 70 36.06 -2.94 12.85
CA VAL C 70 34.73 -3.34 12.45
C VAL C 70 33.77 -2.20 12.75
N ALA C 71 32.70 -2.14 11.97
CA ALA C 71 31.65 -1.15 12.17
C ALA C 71 30.43 -1.68 11.43
N GLY C 72 29.38 -1.99 12.16
CA GLY C 72 28.19 -2.55 11.59
C GLY C 72 27.67 -3.67 12.44
N LEU C 73 26.91 -4.53 11.80
CA LEU C 73 26.28 -5.65 12.49
C LEU C 73 27.32 -6.54 13.15
N THR C 74 26.90 -7.17 14.24
CA THR C 74 27.78 -8.13 14.89
C THR C 74 28.01 -9.34 14.00
N ALA C 75 27.01 -9.70 13.19
CA ALA C 75 26.95 -10.98 12.52
C ALA C 75 27.27 -10.89 11.05
N ASP C 76 26.61 -9.98 10.35
CA ASP C 76 26.80 -9.87 8.92
C ASP C 76 28.22 -9.48 8.56
N ALA C 77 28.97 -8.93 9.52
CA ALA C 77 30.40 -8.80 9.40
C ALA C 77 31.12 -10.04 9.89
N GLU C 78 30.57 -10.71 10.89
CA GLU C 78 31.21 -11.88 11.48
C GLU C 78 31.42 -13.01 10.49
N ILE C 79 30.72 -13.01 9.36
CA ILE C 79 30.89 -14.06 8.37
C ILE C 79 31.96 -13.71 7.34
N LEU C 80 32.09 -12.42 7.01
CA LEU C 80 33.06 -12.01 6.00
C LEU C 80 34.47 -12.39 6.42
N ILE C 81 34.75 -12.30 7.71
CA ILE C 81 36.08 -12.61 8.18
C ILE C 81 36.37 -14.08 8.01
N ASN C 82 35.40 -14.94 8.34
CA ASN C 82 35.58 -16.36 8.09
C ASN C 82 35.69 -16.63 6.60
N THR C 83 34.97 -15.87 5.79
CA THR C 83 35.17 -15.94 4.36
C THR C 83 36.57 -15.52 3.97
N ALA C 84 36.91 -14.26 4.24
CA ALA C 84 38.14 -13.68 3.71
C ALA C 84 39.38 -14.37 4.30
N ARG C 85 39.27 -14.89 5.52
CA ARG C 85 40.37 -15.66 6.09
C ARG C 85 40.77 -16.79 5.16
N ILE C 86 39.79 -17.46 4.59
CA ILE C 86 40.09 -18.59 3.73
C ILE C 86 40.77 -18.11 2.46
N HIS C 87 40.30 -16.99 1.92
CA HIS C 87 40.90 -16.44 0.72
C HIS C 87 42.31 -15.95 0.97
N ALA C 88 42.72 -15.83 2.22
CA ALA C 88 44.13 -15.57 2.52
C ALA C 88 44.93 -16.86 2.46
N GLN C 89 44.60 -17.83 3.29
CA GLN C 89 45.44 -19.03 3.32
C GLN C 89 45.26 -19.87 2.07
N ASN C 90 44.13 -19.71 1.38
CA ASN C 90 43.96 -20.37 0.08
C ASN C 90 44.74 -19.65 -1.02
N TYR C 91 45.26 -18.46 -0.74
CA TYR C 91 46.28 -17.89 -1.60
C TYR C 91 47.60 -18.63 -1.45
N LEU C 92 47.80 -19.27 -0.31
CA LEU C 92 49.11 -19.72 0.09
C LEU C 92 49.40 -21.13 -0.36
N LYS C 93 48.39 -22.01 -0.32
CA LYS C 93 48.61 -23.36 -0.80
C LYS C 93 48.77 -23.44 -2.31
N THR C 94 48.48 -22.35 -3.03
CA THR C 94 48.82 -22.25 -4.43
C THR C 94 50.23 -21.75 -4.62
N TYR C 95 50.60 -20.73 -3.85
CA TYR C 95 51.77 -19.91 -4.12
C TYR C 95 52.81 -19.93 -3.03
N ASN C 96 52.43 -20.20 -1.78
CA ASN C 96 53.30 -20.34 -0.62
C ASN C 96 53.94 -19.04 -0.18
N GLU C 97 53.72 -17.93 -0.88
CA GLU C 97 54.20 -16.63 -0.44
C GLU C 97 53.16 -16.00 0.47
N ASP C 98 53.57 -14.90 1.12
CA ASP C 98 52.63 -14.16 1.94
C ASP C 98 51.64 -13.43 1.04
N ILE C 99 50.56 -12.98 1.65
CA ILE C 99 49.46 -12.34 0.93
C ILE C 99 49.65 -10.83 0.90
N PRO C 100 49.40 -10.16 -0.22
CA PRO C 100 49.23 -8.71 -0.20
C PRO C 100 47.78 -8.30 -0.05
N VAL C 101 47.60 -7.08 0.42
CA VAL C 101 46.26 -6.54 0.63
C VAL C 101 45.64 -6.13 -0.70
N GLU C 102 46.44 -5.50 -1.57
CA GLU C 102 45.91 -4.88 -2.78
C GLU C 102 45.23 -5.89 -3.70
N ILE C 103 45.50 -7.18 -3.52
CA ILE C 103 44.70 -8.21 -4.15
C ILE C 103 43.45 -8.50 -3.34
N LEU C 104 43.57 -8.44 -2.02
CA LEU C 104 42.51 -8.92 -1.15
C LEU C 104 41.24 -8.11 -1.33
N VAL C 105 41.31 -6.81 -1.02
CA VAL C 105 40.11 -5.98 -1.04
C VAL C 105 39.52 -5.93 -2.44
N ARG C 106 40.38 -5.75 -3.45
CA ARG C 106 39.91 -5.72 -4.83
C ARG C 106 39.30 -7.06 -5.22
N ARG C 107 39.72 -8.14 -4.58
CA ARG C 107 39.14 -9.46 -4.77
C ARG C 107 38.21 -9.87 -3.65
N LEU C 108 37.87 -8.93 -2.75
CA LEU C 108 36.88 -9.17 -1.71
C LEU C 108 35.60 -8.39 -1.94
N SER C 109 35.69 -7.06 -1.95
CA SER C 109 34.49 -6.23 -1.86
C SER C 109 33.59 -6.39 -3.06
N ASP C 110 34.10 -6.96 -4.15
CA ASP C 110 33.25 -7.26 -5.30
C ASP C 110 32.16 -8.26 -4.96
N ILE C 111 32.29 -8.97 -3.83
CA ILE C 111 31.18 -9.75 -3.31
C ILE C 111 30.02 -8.86 -2.91
N LYS C 112 30.31 -7.61 -2.53
CA LYS C 112 29.30 -6.76 -1.94
C LYS C 112 28.17 -6.48 -2.91
N GLN C 113 28.50 -5.81 -4.02
CA GLN C 113 27.46 -5.45 -4.97
C GLN C 113 26.80 -6.67 -5.58
N GLY C 114 27.46 -7.82 -5.55
CA GLY C 114 26.87 -9.08 -5.90
C GLY C 114 25.53 -9.36 -5.24
N TYR C 115 25.29 -8.75 -4.07
CA TYR C 115 23.97 -8.77 -3.44
C TYR C 115 23.20 -7.47 -3.63
N THR C 116 23.84 -6.40 -4.08
CA THR C 116 23.07 -5.27 -4.61
C THR C 116 22.60 -5.58 -6.01
N GLN C 117 23.32 -6.42 -6.72
CA GLN C 117 23.12 -6.60 -8.14
C GLN C 117 21.96 -7.51 -8.46
N HIS C 118 21.61 -8.42 -7.57
CA HIS C 118 20.61 -9.42 -7.90
C HIS C 118 20.19 -10.18 -6.65
N GLY C 119 19.27 -11.10 -6.85
CA GLY C 119 18.74 -11.93 -5.78
C GLY C 119 17.72 -11.25 -4.91
N GLY C 120 17.52 -9.94 -5.04
CA GLY C 120 16.64 -9.24 -4.14
C GLY C 120 17.10 -9.22 -2.70
N LEU C 121 18.34 -9.59 -2.43
CA LEU C 121 18.86 -9.67 -1.08
C LEU C 121 19.51 -8.37 -0.69
N ARG C 122 19.45 -8.07 0.60
CA ARG C 122 19.96 -6.81 1.09
C ARG C 122 21.48 -6.81 1.05
N PRO C 123 22.09 -5.64 1.01
CA PRO C 123 23.54 -5.57 1.11
C PRO C 123 23.98 -5.76 2.55
N PHE C 124 25.28 -5.58 2.79
CA PHE C 124 25.88 -5.89 4.08
C PHE C 124 26.01 -4.62 4.91
N GLY C 125 25.46 -4.66 6.12
CA GLY C 125 25.51 -3.51 7.01
C GLY C 125 26.85 -3.46 7.71
N VAL C 126 27.88 -3.04 6.99
CA VAL C 126 29.24 -3.18 7.49
C VAL C 126 30.15 -2.19 6.80
N SER C 127 31.15 -1.73 7.53
CA SER C 127 32.33 -1.10 6.95
C SER C 127 33.51 -1.52 7.80
N PHE C 128 34.71 -1.40 7.22
CA PHE C 128 35.91 -1.92 7.81
C PHE C 128 36.96 -0.84 7.98
N ILE C 129 37.93 -1.16 8.82
CA ILE C 129 39.26 -0.60 8.77
C ILE C 129 40.20 -1.72 8.37
N TYR C 130 41.29 -1.37 7.69
CA TYR C 130 42.30 -2.31 7.29
C TYR C 130 43.67 -1.87 7.79
N ALA C 131 44.61 -2.80 7.73
CA ALA C 131 45.98 -2.53 8.16
C ALA C 131 46.85 -3.73 7.83
N GLY C 132 48.09 -3.47 7.43
CA GLY C 132 49.03 -4.54 7.21
C GLY C 132 50.24 -4.07 6.45
N TYR C 133 50.89 -5.03 5.78
CA TYR C 133 52.19 -4.79 5.18
C TYR C 133 52.49 -5.82 4.11
N ASP C 134 53.05 -5.35 3.01
CA ASP C 134 53.73 -6.19 2.03
C ASP C 134 55.14 -5.67 1.82
N ASP C 135 55.98 -6.52 1.25
CA ASP C 135 57.35 -6.12 0.98
C ASP C 135 57.50 -5.28 -0.28
N ARG C 136 56.41 -4.99 -1.00
CA ARG C 136 56.50 -4.27 -2.26
C ARG C 136 55.99 -2.84 -2.20
N TYR C 137 55.05 -2.51 -1.30
CA TYR C 137 54.53 -1.15 -1.18
C TYR C 137 54.63 -0.63 0.25
N GLY C 138 55.41 -1.27 1.10
CA GLY C 138 55.59 -0.75 2.43
C GLY C 138 54.34 -0.95 3.29
N TYR C 139 54.30 -0.20 4.41
CA TYR C 139 53.12 -0.13 5.25
C TYR C 139 51.91 0.28 4.43
N GLN C 140 50.72 0.03 4.96
CA GLN C 140 49.51 0.26 4.21
C GLN C 140 48.38 0.59 5.14
N LEU C 141 47.26 0.97 4.55
CA LEU C 141 46.05 1.36 5.25
C LEU C 141 44.91 1.48 4.25
N TYR C 142 43.75 0.92 4.55
CA TYR C 142 42.64 0.92 3.60
C TYR C 142 41.33 0.92 4.38
N THR C 143 40.25 1.13 3.65
CA THR C 143 38.90 1.12 4.20
C THR C 143 37.93 0.60 3.16
N SER C 144 36.65 0.59 3.51
CA SER C 144 35.61 0.01 2.66
C SER C 144 34.26 0.61 3.04
N ASN C 145 33.19 0.01 2.53
CA ASN C 145 31.80 0.39 2.81
C ASN C 145 30.88 -0.62 2.14
N PRO C 146 29.57 -0.60 2.42
CA PRO C 146 28.68 -1.59 1.82
C PRO C 146 28.57 -1.52 0.32
N SER C 147 29.06 -0.46 -0.32
CA SER C 147 29.05 -0.41 -1.77
C SER C 147 30.12 -1.33 -2.32
N GLY C 148 31.37 -1.05 -1.99
CA GLY C 148 32.49 -1.83 -2.44
C GLY C 148 33.69 -0.97 -2.73
N ASN C 149 33.48 0.33 -2.94
CA ASN C 149 34.59 1.20 -3.28
C ASN C 149 35.51 1.39 -2.09
N TYR C 150 36.79 1.16 -2.32
CA TYR C 150 37.81 1.17 -1.29
C TYR C 150 38.81 2.28 -1.59
N THR C 151 39.34 2.87 -0.52
CA THR C 151 40.16 4.06 -0.63
C THR C 151 41.36 3.96 0.29
N GLY C 152 42.54 4.21 -0.27
CA GLY C 152 43.73 4.26 0.53
C GLY C 152 43.86 5.60 1.23
N TRP C 153 44.45 5.58 2.42
CA TRP C 153 44.54 6.77 3.23
C TRP C 153 45.75 6.67 4.14
N LYS C 154 46.00 7.76 4.88
CA LYS C 154 47.00 7.80 5.94
C LYS C 154 46.39 7.81 7.32
N ALA C 155 45.14 8.26 7.46
CA ALA C 155 44.44 8.24 8.73
C ALA C 155 42.97 8.54 8.52
N ILE C 156 42.11 7.76 9.18
CA ILE C 156 40.69 7.72 8.89
C ILE C 156 39.91 7.40 10.15
N SER C 157 38.65 7.84 10.18
CA SER C 157 37.67 7.44 11.17
C SER C 157 36.42 6.93 10.47
N VAL C 158 35.49 6.43 11.26
CA VAL C 158 34.15 6.07 10.83
C VAL C 158 33.17 6.46 11.92
N GLY C 159 31.89 6.17 11.68
CA GLY C 159 30.92 6.30 12.75
C GLY C 159 30.66 7.73 13.16
N ALA C 160 30.43 7.90 14.46
CA ALA C 160 29.87 9.12 15.01
C ALA C 160 30.74 10.33 14.76
N ASN C 161 30.25 11.22 13.90
CA ASN C 161 30.95 12.46 13.58
C ASN C 161 32.35 12.19 13.05
N THR C 162 32.51 11.07 12.34
CA THR C 162 33.79 10.78 11.69
C THR C 162 34.20 11.93 10.80
N SER C 163 33.23 12.53 10.09
CA SER C 163 33.49 13.76 9.38
C SER C 163 34.00 14.82 10.33
N ALA C 164 33.43 14.89 11.53
CA ALA C 164 33.95 15.80 12.53
C ALA C 164 35.30 15.33 13.04
N ALA C 165 35.43 14.04 13.30
CA ALA C 165 36.64 13.52 13.90
C ALA C 165 37.81 13.60 12.93
N GLN C 166 37.53 13.40 11.64
CA GLN C 166 38.57 13.46 10.63
C GLN C 166 39.19 14.84 10.57
N THR C 167 38.46 15.87 10.99
CA THR C 167 39.04 17.18 11.14
C THR C 167 40.15 17.15 12.18
N LEU C 168 39.90 16.46 13.30
CA LEU C 168 40.81 16.54 14.43
C LEU C 168 42.18 15.98 14.10
N LEU C 169 42.25 15.10 13.11
CA LEU C 169 43.51 14.61 12.62
C LEU C 169 44.12 15.54 11.58
N GLN C 170 43.37 16.53 11.13
CA GLN C 170 43.77 17.29 9.95
C GLN C 170 44.99 18.14 10.23
N MET C 171 44.97 18.85 11.35
CA MET C 171 46.02 19.80 11.66
C MET C 171 47.21 19.13 12.36
N ASP C 172 46.96 18.10 13.16
CA ASP C 172 47.97 17.57 14.06
C ASP C 172 48.85 16.52 13.43
N TYR C 173 48.38 15.81 12.42
CA TYR C 173 49.14 14.70 11.87
C TYR C 173 50.40 15.20 11.18
N LYS C 174 51.46 14.42 11.29
CA LYS C 174 52.77 14.74 10.73
C LYS C 174 53.22 13.60 9.82
N ASP C 175 54.01 13.96 8.81
CA ASP C 175 54.52 12.96 7.87
C ASP C 175 55.39 11.93 8.59
N ASP C 176 56.44 12.41 9.27
CA ASP C 176 57.30 11.56 10.07
C ASP C 176 56.79 11.37 11.49
N MET C 177 55.50 11.61 11.74
CA MET C 177 54.94 11.48 13.07
C MET C 177 55.08 10.06 13.57
N LYS C 178 55.93 9.86 14.58
CA LYS C 178 56.28 8.54 15.04
C LYS C 178 55.10 7.90 15.76
N VAL C 179 55.31 6.66 16.21
CA VAL C 179 54.22 5.88 16.79
C VAL C 179 53.79 6.47 18.11
N ASP C 180 54.70 6.49 19.08
CA ASP C 180 54.40 7.05 20.38
C ASP C 180 54.08 8.54 20.31
N ASP C 181 54.41 9.20 19.19
CA ASP C 181 53.98 10.56 18.91
C ASP C 181 52.63 10.61 18.22
N ALA C 182 52.14 9.48 17.69
CA ALA C 182 50.89 9.41 16.97
C ALA C 182 49.81 8.64 17.70
N ILE C 183 50.20 7.69 18.55
CA ILE C 183 49.24 6.91 19.32
C ILE C 183 48.33 7.83 20.13
N GLU C 184 48.91 8.85 20.77
CA GLU C 184 48.12 9.69 21.66
C GLU C 184 47.06 10.47 20.92
N LEU C 185 47.21 10.65 19.61
CA LEU C 185 46.21 11.35 18.83
C LEU C 185 44.92 10.56 18.80
N ALA C 186 45.03 9.24 18.79
CA ALA C 186 43.87 8.37 18.60
C ALA C 186 42.87 8.55 19.73
N LEU C 187 43.27 8.14 20.93
CA LEU C 187 42.39 8.30 22.09
C LEU C 187 42.11 9.76 22.37
N LYS C 188 43.00 10.66 21.97
CA LYS C 188 42.66 12.06 22.00
C LYS C 188 41.69 12.41 20.89
N THR C 189 41.79 11.70 19.77
CA THR C 189 40.77 11.84 18.73
C THR C 189 39.43 11.33 19.25
N LEU C 190 39.46 10.41 20.19
CA LEU C 190 38.25 9.91 20.84
C LEU C 190 37.94 10.62 22.13
N SER C 191 38.96 11.17 22.81
CA SER C 191 38.73 11.89 24.05
C SER C 191 37.84 13.11 23.85
N LYS C 192 37.65 13.56 22.62
CA LYS C 192 36.75 14.67 22.28
C LYS C 192 35.41 14.20 21.75
N THR C 193 35.42 13.27 20.79
CA THR C 193 34.19 12.81 20.15
C THR C 193 33.31 11.98 21.05
N THR C 194 33.78 11.62 22.24
CA THR C 194 33.00 10.76 23.11
C THR C 194 31.69 11.41 23.53
N ASP C 195 30.69 10.55 23.74
CA ASP C 195 29.50 10.97 24.45
C ASP C 195 29.79 11.08 25.93
N SER C 196 30.32 10.01 26.53
CA SER C 196 30.71 10.00 27.93
C SER C 196 32.14 10.49 28.04
N SER C 197 32.29 11.80 28.30
CA SER C 197 33.60 12.33 28.62
C SER C 197 34.17 11.65 29.86
N ALA C 198 33.30 11.23 30.77
CA ALA C 198 33.70 10.25 31.76
C ALA C 198 34.16 9.02 30.98
N LEU C 199 35.45 8.76 31.04
CA LEU C 199 36.10 7.80 30.16
C LEU C 199 36.67 6.65 30.97
N THR C 200 36.57 5.45 30.41
CA THR C 200 37.01 4.23 31.04
C THR C 200 37.88 3.45 30.08
N TYR C 201 38.98 2.92 30.60
CA TYR C 201 39.79 1.98 29.85
C TYR C 201 38.96 0.79 29.37
N ASP C 202 37.96 0.41 30.17
CA ASP C 202 37.07 -0.68 29.80
C ASP C 202 36.39 -0.41 28.47
N ARG C 203 35.95 0.83 28.25
CA ARG C 203 34.99 1.07 27.19
C ARG C 203 35.57 0.84 25.80
N LEU C 204 36.88 0.94 25.63
CA LEU C 204 37.48 0.91 24.31
C LEU C 204 38.20 -0.41 24.07
N GLU C 205 38.86 -0.48 22.92
CA GLU C 205 39.61 -1.66 22.51
C GLU C 205 40.68 -1.20 21.55
N PHE C 206 41.75 -1.97 21.47
CA PHE C 206 43.01 -1.45 20.97
C PHE C 206 43.75 -2.55 20.21
N ALA C 207 44.74 -2.13 19.42
CA ALA C 207 45.56 -3.05 18.66
C ALA C 207 46.77 -2.30 18.16
N THR C 208 47.74 -3.06 17.63
CA THR C 208 49.01 -2.50 17.20
C THR C 208 49.59 -3.31 16.07
N ILE C 209 50.49 -2.67 15.33
CA ILE C 209 51.44 -3.36 14.46
C ILE C 209 52.76 -2.64 14.55
N ARG C 210 53.83 -3.41 14.56
CA ARG C 210 55.17 -2.88 14.50
C ARG C 210 56.00 -3.82 13.64
N LYS C 211 57.30 -3.57 13.61
CA LYS C 211 58.27 -4.45 13.01
C LYS C 211 59.33 -4.77 14.05
N GLY C 212 58.85 -5.12 15.25
CA GLY C 212 59.68 -5.13 16.43
C GLY C 212 60.80 -6.15 16.40
N ALA C 213 60.52 -7.33 15.87
CA ALA C 213 61.53 -8.39 15.85
C ALA C 213 62.59 -8.10 14.81
N ASN C 214 63.86 -8.18 15.22
CA ASN C 214 64.96 -8.06 14.29
C ASN C 214 64.89 -9.19 13.26
N ASP C 215 65.75 -9.09 12.25
CA ASP C 215 65.65 -9.92 11.04
C ASP C 215 64.34 -9.63 10.30
N GLY C 216 63.83 -8.42 10.42
CA GLY C 216 62.70 -7.97 9.64
C GLY C 216 61.38 -8.62 9.95
N GLU C 217 61.27 -9.38 11.02
CA GLU C 217 59.98 -9.94 11.40
C GLU C 217 59.09 -8.82 11.93
N VAL C 218 57.84 -9.17 12.22
CA VAL C 218 56.84 -8.22 12.68
C VAL C 218 56.07 -8.83 13.84
N TYR C 219 55.09 -8.08 14.33
CA TYR C 219 54.35 -8.41 15.54
C TYR C 219 52.92 -7.97 15.32
N GLN C 220 52.00 -8.93 15.36
CA GLN C 220 50.56 -8.62 15.39
C GLN C 220 50.12 -8.40 16.82
N LYS C 221 50.79 -7.48 17.51
CA LYS C 221 50.60 -7.30 18.94
C LYS C 221 49.22 -6.73 19.21
N ILE C 222 48.54 -7.30 20.20
CA ILE C 222 47.25 -6.83 20.67
C ILE C 222 47.34 -6.65 22.17
N PHE C 223 46.71 -5.60 22.67
CA PHE C 223 47.01 -5.09 24.00
C PHE C 223 45.88 -5.36 24.97
N LYS C 224 46.27 -5.79 26.16
CA LYS C 224 45.36 -6.24 27.19
C LYS C 224 44.89 -5.07 28.01
N PRO C 225 43.92 -5.28 28.90
CA PRO C 225 43.34 -4.17 29.67
C PRO C 225 44.33 -3.37 30.50
N GLN C 226 45.06 -4.01 31.40
CA GLN C 226 45.85 -3.23 32.36
C GLN C 226 47.02 -2.53 31.68
N GLU C 227 47.45 -3.03 30.52
CA GLU C 227 48.48 -2.32 29.78
C GLU C 227 47.93 -0.97 29.33
N ILE C 228 46.94 -0.97 28.44
CA ILE C 228 46.45 0.28 27.87
C ILE C 228 45.88 1.17 28.96
N LYS C 229 45.38 0.54 30.03
CA LYS C 229 45.02 1.26 31.25
C LYS C 229 46.18 2.11 31.74
N ASP C 230 47.40 1.56 31.75
CA ASP C 230 48.54 2.35 32.21
C ASP C 230 49.06 3.26 31.10
N ILE C 231 48.91 2.82 29.85
CA ILE C 231 49.25 3.69 28.72
C ILE C 231 48.42 4.96 28.78
N LEU C 232 47.16 4.81 29.19
CA LEU C 232 46.24 5.92 29.24
C LEU C 232 46.77 7.05 30.12
N VAL C 233 47.44 6.70 31.23
CA VAL C 233 48.03 7.71 32.08
C VAL C 233 49.14 8.48 31.38
N LYS C 234 49.76 7.87 30.37
CA LYS C 234 51.00 8.43 29.81
C LYS C 234 50.75 9.78 29.18
N THR C 235 49.64 9.92 28.46
CA THR C 235 49.28 11.23 27.94
C THR C 235 48.73 12.14 29.03
N GLY C 236 48.41 11.59 30.20
CA GLY C 236 48.09 12.41 31.35
C GLY C 236 46.62 12.70 31.54
N ILE C 237 45.81 11.64 31.58
CA ILE C 237 44.37 11.83 31.76
C ILE C 237 44.04 12.16 33.21
N THR C 238 44.34 11.25 34.14
CA THR C 238 44.06 11.51 35.56
C THR C 238 45.03 12.52 36.14
N SER D 1 12.22 -4.55 -15.47
CA SER D 1 12.60 -3.59 -16.50
C SER D 1 11.80 -3.85 -17.77
N ILE D 2 10.84 -2.97 -18.03
CA ILE D 2 9.85 -3.16 -19.08
C ILE D 2 9.73 -1.94 -19.99
N PHE D 3 8.77 -1.99 -20.91
CA PHE D 3 8.52 -0.93 -21.86
C PHE D 3 7.41 -0.02 -21.36
N SER D 4 7.69 1.28 -21.34
CA SER D 4 6.68 2.30 -21.14
C SER D 4 5.80 2.39 -22.37
N PRO D 5 4.70 3.14 -22.30
CA PRO D 5 3.93 3.44 -23.52
C PRO D 5 4.51 4.56 -24.35
N ASP D 6 5.60 5.19 -23.91
CA ASP D 6 6.32 6.20 -24.68
C ASP D 6 7.58 5.64 -25.33
N GLY D 7 7.60 4.33 -25.60
CA GLY D 7 8.72 3.69 -26.24
C GLY D 7 9.99 3.64 -25.44
N HIS D 8 9.98 4.12 -24.20
CA HIS D 8 11.16 4.23 -23.37
C HIS D 8 11.18 3.09 -22.37
N ILE D 9 12.23 3.08 -21.55
CA ILE D 9 12.31 2.26 -20.35
C ILE D 9 12.46 3.18 -19.15
N PHE D 10 11.72 2.87 -18.08
CA PHE D 10 11.86 3.61 -16.83
C PHE D 10 13.31 3.57 -16.36
N GLN D 11 13.82 2.38 -16.09
CA GLN D 11 15.07 2.24 -15.34
C GLN D 11 16.28 2.70 -16.13
N VAL D 12 16.14 2.86 -17.44
CA VAL D 12 17.27 3.15 -18.30
C VAL D 12 17.15 4.51 -18.97
N GLU D 13 15.95 5.12 -18.95
CA GLU D 13 15.87 6.57 -19.03
C GLU D 13 16.43 7.24 -17.77
N TYR D 14 16.72 6.46 -16.73
CA TYR D 14 17.28 6.93 -15.47
C TYR D 14 18.79 6.73 -15.40
N ALA D 15 19.24 5.50 -15.67
CA ALA D 15 20.59 5.07 -15.32
C ALA D 15 21.65 5.96 -15.92
N LEU D 16 21.57 6.19 -17.22
CA LEU D 16 22.57 7.00 -17.92
C LEU D 16 22.61 8.45 -17.44
N GLU D 17 21.67 8.88 -16.59
CA GLU D 17 21.84 10.13 -15.90
C GLU D 17 22.82 10.02 -14.74
N ALA D 18 23.04 8.80 -14.24
CA ALA D 18 23.97 8.61 -13.12
C ALA D 18 25.38 8.99 -13.54
N VAL D 19 25.80 8.54 -14.72
CA VAL D 19 27.10 8.92 -15.25
C VAL D 19 27.19 10.43 -15.48
N LYS D 20 26.06 11.11 -15.64
CA LYS D 20 26.06 12.56 -15.78
C LYS D 20 26.28 13.29 -14.47
N ARG D 21 26.53 12.58 -13.36
CA ARG D 21 26.88 13.20 -12.10
C ARG D 21 28.39 13.20 -11.87
N GLY D 22 29.02 12.04 -11.96
CA GLY D 22 30.37 11.87 -11.48
C GLY D 22 31.44 12.55 -12.30
N THR D 23 32.63 11.98 -12.28
CA THR D 23 33.79 12.62 -12.87
C THR D 23 33.63 12.78 -14.37
N CYS D 24 34.56 13.54 -14.95
CA CYS D 24 34.57 13.88 -16.35
C CYS D 24 35.95 13.61 -16.93
N ALA D 25 35.98 13.02 -18.11
CA ALA D 25 37.20 12.54 -18.72
C ALA D 25 37.01 12.59 -20.22
N VAL D 26 38.10 12.43 -20.97
CA VAL D 26 38.02 12.41 -22.43
C VAL D 26 39.30 11.87 -23.02
N GLY D 27 39.21 11.39 -24.26
CA GLY D 27 40.37 11.13 -25.08
C GLY D 27 40.13 11.68 -26.49
N VAL D 28 41.14 11.48 -27.34
CA VAL D 28 41.06 11.91 -28.73
C VAL D 28 41.77 10.93 -29.64
N LYS D 29 41.79 11.23 -30.94
CA LYS D 29 42.41 10.39 -31.96
C LYS D 29 43.40 11.25 -32.74
N GLY D 30 44.63 11.33 -32.26
CA GLY D 30 45.65 12.16 -32.87
C GLY D 30 46.03 11.77 -34.27
N LYS D 31 46.95 12.52 -34.88
CA LYS D 31 47.46 12.19 -36.20
C LYS D 31 48.06 10.79 -36.22
N ASN D 32 48.96 10.50 -35.29
CA ASN D 32 49.52 9.17 -35.11
C ASN D 32 49.67 8.82 -33.63
N CYS D 33 48.76 9.32 -32.79
CA CYS D 33 48.84 9.06 -31.36
C CYS D 33 47.45 9.19 -30.75
N VAL D 34 47.28 8.56 -29.58
CA VAL D 34 46.01 8.49 -28.89
C VAL D 34 46.25 8.70 -27.39
N VAL D 35 45.31 9.38 -26.74
CA VAL D 35 45.51 9.86 -25.38
C VAL D 35 44.20 9.84 -24.62
N LEU D 36 44.30 9.88 -23.30
CA LEU D 36 43.17 10.01 -22.39
C LEU D 36 43.46 11.13 -21.40
N GLY D 37 42.50 11.36 -20.50
CA GLY D 37 42.64 12.40 -19.50
C GLY D 37 41.41 12.45 -18.63
N CYS D 38 41.59 12.54 -17.32
CA CYS D 38 40.50 12.35 -16.37
C CYS D 38 40.74 13.21 -15.14
N GLU D 39 40.04 12.88 -14.05
CA GLU D 39 39.76 13.81 -12.97
C GLU D 39 40.14 13.23 -11.62
N ARG D 40 40.43 14.12 -10.68
CA ARG D 40 40.80 13.73 -9.32
C ARG D 40 40.30 14.79 -8.35
N ARG D 41 40.11 14.36 -7.09
CA ARG D 41 39.72 15.27 -6.02
C ARG D 41 40.96 15.91 -5.42
N SER D 42 41.23 17.14 -5.82
CA SER D 42 42.10 17.96 -5.00
C SER D 42 41.37 18.32 -3.71
N THR D 43 42.15 18.71 -2.70
CA THR D 43 41.71 18.96 -1.33
C THR D 43 41.44 17.66 -0.55
N LEU D 44 41.54 16.49 -1.18
CA LEU D 44 41.43 15.23 -0.45
C LEU D 44 42.69 15.09 0.38
N LYS D 45 42.59 15.41 1.66
CA LYS D 45 43.74 15.53 2.52
C LYS D 45 44.00 14.24 3.28
N LEU D 46 45.20 14.13 3.83
CA LEU D 46 45.62 12.98 4.62
C LEU D 46 45.52 11.69 3.80
N GLN D 47 46.21 11.71 2.66
CA GLN D 47 46.06 10.64 1.69
C GLN D 47 47.28 10.58 0.80
N ASP D 48 47.54 9.41 0.24
CA ASP D 48 48.61 9.20 -0.72
C ASP D 48 48.01 8.55 -1.96
N THR D 49 48.07 9.25 -3.08
CA THR D 49 47.35 8.85 -4.29
C THR D 49 48.03 7.74 -5.08
N ARG D 50 49.15 7.20 -4.59
CA ARG D 50 49.89 6.19 -5.35
C ARG D 50 49.06 4.93 -5.55
N ILE D 51 48.16 4.65 -4.61
CA ILE D 51 47.53 3.34 -4.50
C ILE D 51 46.03 3.39 -4.68
N THR D 52 45.43 4.57 -4.77
CA THR D 52 44.00 4.65 -5.02
C THR D 52 43.69 4.08 -6.40
N PRO D 53 42.52 3.45 -6.60
CA PRO D 53 42.19 2.98 -7.94
C PRO D 53 42.06 4.12 -8.93
N SER D 54 43.00 4.18 -9.87
CA SER D 54 42.96 5.23 -10.87
C SER D 54 41.75 5.05 -11.78
N LYS D 55 41.19 6.18 -12.22
CA LYS D 55 40.12 6.12 -13.21
C LYS D 55 40.60 5.46 -14.49
N VAL D 56 41.90 5.58 -14.77
CA VAL D 56 42.51 4.78 -15.83
C VAL D 56 42.64 3.34 -15.34
N SER D 57 42.67 2.41 -16.29
CA SER D 57 43.00 1.03 -16.00
C SER D 57 43.49 0.42 -17.30
N LYS D 58 44.27 -0.65 -17.16
CA LYS D 58 44.81 -1.35 -18.30
C LYS D 58 44.30 -2.78 -18.32
N ILE D 59 44.21 -3.31 -19.53
CA ILE D 59 43.50 -4.53 -19.83
C ILE D 59 44.43 -5.53 -20.52
N ASP D 60 45.43 -5.00 -21.21
CA ASP D 60 46.37 -5.82 -21.93
C ASP D 60 47.67 -5.05 -21.94
N SER D 61 48.68 -5.59 -22.62
CA SER D 61 49.89 -4.83 -22.85
C SER D 61 49.59 -3.54 -23.61
N HIS D 62 48.57 -3.54 -24.47
CA HIS D 62 48.44 -2.53 -25.52
C HIS D 62 47.10 -1.83 -25.54
N VAL D 63 46.25 -2.00 -24.52
CA VAL D 63 44.95 -1.35 -24.47
C VAL D 63 44.68 -0.93 -23.03
N VAL D 64 43.84 0.10 -22.88
CA VAL D 64 43.48 0.65 -21.59
C VAL D 64 42.01 1.06 -21.60
N LEU D 65 41.57 1.55 -20.45
CA LEU D 65 40.18 1.94 -20.24
C LEU D 65 40.16 3.17 -19.35
N SER D 66 39.04 3.88 -19.42
CA SER D 66 38.77 4.97 -18.49
C SER D 66 37.27 5.00 -18.25
N PHE D 67 36.85 4.60 -17.05
CA PHE D 67 35.44 4.57 -16.72
C PHE D 67 34.99 5.95 -16.25
N SER D 68 33.73 6.02 -15.85
CA SER D 68 33.21 7.12 -15.09
C SER D 68 32.04 6.58 -14.27
N GLY D 69 31.21 7.47 -13.76
CA GLY D 69 30.06 7.03 -13.00
C GLY D 69 30.48 6.35 -11.72
N LEU D 70 30.00 5.14 -11.52
CA LEU D 70 30.31 4.40 -10.31
C LEU D 70 31.76 3.93 -10.36
N ASN D 71 32.15 3.20 -9.32
CA ASN D 71 33.49 2.66 -9.21
C ASN D 71 33.43 1.15 -8.98
N ALA D 72 32.43 0.70 -8.24
CA ALA D 72 32.28 -0.73 -8.00
C ALA D 72 31.94 -1.46 -9.29
N ASP D 73 30.89 -1.02 -9.96
CA ASP D 73 30.48 -1.63 -11.21
C ASP D 73 31.52 -1.48 -12.30
N SER D 74 32.54 -0.66 -12.10
CA SER D 74 33.66 -0.61 -13.03
C SER D 74 34.62 -1.77 -12.80
N ARG D 75 34.97 -2.03 -11.55
CA ARG D 75 36.00 -3.03 -11.25
C ARG D 75 35.64 -4.40 -11.80
N ILE D 76 34.35 -4.72 -11.85
CA ILE D 76 33.94 -6.05 -12.28
C ILE D 76 34.27 -6.28 -13.74
N LEU D 77 34.12 -5.24 -14.56
CA LEU D 77 34.23 -5.46 -16.00
C LEU D 77 35.66 -5.72 -16.40
N ILE D 78 36.58 -4.95 -15.84
CA ILE D 78 38.00 -5.13 -16.13
C ILE D 78 38.40 -6.59 -15.92
N GLU D 79 37.94 -7.20 -14.82
CA GLU D 79 38.27 -8.59 -14.55
C GLU D 79 37.82 -9.49 -15.69
N LYS D 80 36.51 -9.56 -15.92
CA LYS D 80 36.01 -10.46 -16.93
C LYS D 80 36.39 -10.00 -18.33
N ALA D 81 36.74 -8.72 -18.49
CA ALA D 81 37.38 -8.30 -19.72
C ALA D 81 38.79 -8.86 -19.82
N ARG D 82 39.58 -8.69 -18.75
CA ARG D 82 40.95 -9.22 -18.74
C ARG D 82 40.98 -10.69 -19.10
N VAL D 83 40.00 -11.45 -18.60
CA VAL D 83 39.86 -12.85 -18.95
C VAL D 83 39.83 -13.01 -20.46
N GLU D 84 38.91 -12.30 -21.09
CA GLU D 84 38.72 -12.46 -22.52
C GLU D 84 39.98 -12.03 -23.27
N ALA D 85 40.70 -11.07 -22.73
CA ALA D 85 41.97 -10.68 -23.32
C ALA D 85 42.97 -11.82 -23.27
N GLN D 86 43.36 -12.24 -22.06
CA GLN D 86 44.38 -13.27 -21.91
C GLN D 86 43.81 -14.67 -22.07
N SER D 87 42.61 -14.79 -22.64
CA SER D 87 42.11 -16.03 -23.21
C SER D 87 42.10 -15.99 -24.73
N HIS D 88 41.71 -14.84 -25.30
CA HIS D 88 41.72 -14.70 -26.75
C HIS D 88 43.13 -14.83 -27.31
N ARG D 89 44.15 -14.51 -26.51
CA ARG D 89 45.52 -14.72 -26.95
C ARG D 89 45.90 -16.19 -27.01
N LEU D 90 45.05 -17.08 -26.49
CA LEU D 90 45.39 -18.50 -26.36
C LEU D 90 44.78 -19.36 -27.45
N THR D 91 43.45 -19.38 -27.54
CA THR D 91 42.78 -20.31 -28.44
C THR D 91 43.12 -20.02 -29.89
N LEU D 92 43.20 -18.76 -30.24
CA LEU D 92 43.45 -18.32 -31.60
C LEU D 92 44.91 -17.95 -31.84
N GLU D 93 45.70 -17.80 -30.77
CA GLU D 93 47.13 -17.56 -30.85
C GLU D 93 47.48 -16.15 -31.30
N ASP D 94 46.49 -15.34 -31.67
CA ASP D 94 46.68 -13.96 -32.03
C ASP D 94 46.19 -13.07 -30.90
N PRO D 95 46.73 -11.88 -30.70
CA PRO D 95 46.17 -11.01 -29.68
C PRO D 95 44.83 -10.46 -30.12
N VAL D 96 44.29 -9.56 -29.31
CA VAL D 96 42.97 -9.02 -29.60
C VAL D 96 43.06 -7.99 -30.70
N THR D 97 41.90 -7.68 -31.25
CA THR D 97 41.66 -6.40 -31.87
C THR D 97 41.19 -5.45 -30.77
N VAL D 98 40.70 -4.29 -31.17
CA VAL D 98 40.00 -3.40 -30.25
C VAL D 98 38.51 -3.65 -30.26
N GLU D 99 37.93 -3.84 -31.44
CA GLU D 99 36.49 -3.96 -31.53
C GLU D 99 35.99 -5.24 -30.90
N TYR D 100 36.83 -6.27 -30.78
CA TYR D 100 36.36 -7.56 -30.31
C TYR D 100 35.84 -7.46 -28.88
N LEU D 101 36.71 -7.08 -27.95
CA LEU D 101 36.28 -6.95 -26.57
C LEU D 101 35.25 -5.84 -26.43
N THR D 102 35.34 -4.82 -27.26
CA THR D 102 34.31 -3.79 -27.25
C THR D 102 32.98 -4.40 -27.67
N ARG D 103 33.03 -5.24 -28.70
CA ARG D 103 31.84 -5.97 -29.13
C ARG D 103 31.37 -6.89 -28.02
N TYR D 104 32.31 -7.46 -27.27
CA TYR D 104 31.98 -8.32 -26.15
C TYR D 104 31.25 -7.54 -25.06
N VAL D 105 31.95 -6.60 -24.45
CA VAL D 105 31.39 -5.82 -23.36
C VAL D 105 30.22 -4.97 -23.81
N ALA D 106 30.11 -4.71 -25.10
CA ALA D 106 28.87 -4.13 -25.60
C ALA D 106 27.70 -5.08 -25.39
N GLY D 107 27.96 -6.38 -25.30
CA GLY D 107 26.93 -7.37 -25.13
C GLY D 107 26.61 -7.66 -23.69
N VAL D 108 27.59 -7.46 -22.80
CA VAL D 108 27.39 -7.85 -21.41
C VAL D 108 26.53 -6.83 -20.70
N GLN D 109 26.53 -5.58 -21.15
CA GLN D 109 25.67 -4.56 -20.56
C GLN D 109 24.24 -4.67 -21.01
N GLN D 110 23.86 -5.74 -21.71
CA GLN D 110 22.47 -6.11 -21.85
C GLN D 110 22.18 -7.52 -21.40
N ARG D 111 23.20 -8.38 -21.31
CA ARG D 111 23.04 -9.60 -20.53
C ARG D 111 22.73 -9.28 -19.08
N TYR D 112 23.18 -8.12 -18.58
CA TYR D 112 22.76 -7.58 -17.30
C TYR D 112 21.69 -6.52 -17.44
N THR D 113 20.85 -6.64 -18.46
CA THR D 113 19.64 -5.84 -18.58
C THR D 113 18.38 -6.70 -18.60
N GLN D 114 18.33 -7.69 -19.48
CA GLN D 114 17.11 -8.45 -19.71
C GLN D 114 17.16 -9.78 -18.95
N SER D 115 16.88 -9.68 -17.65
CA SER D 115 16.67 -10.86 -16.82
C SER D 115 16.00 -10.40 -15.54
N GLY D 116 15.77 -11.35 -14.64
CA GLY D 116 15.00 -11.10 -13.43
C GLY D 116 15.91 -10.68 -12.29
N GLY D 117 15.57 -9.56 -11.67
CA GLY D 117 16.33 -9.03 -10.56
C GLY D 117 17.77 -8.78 -10.92
N VAL D 118 18.01 -7.92 -11.90
CA VAL D 118 19.36 -7.52 -12.29
C VAL D 118 19.33 -6.06 -12.70
N ARG D 119 20.06 -5.23 -11.99
CA ARG D 119 20.14 -3.84 -12.38
C ARG D 119 21.17 -3.68 -13.50
N PRO D 120 20.99 -2.71 -14.38
CA PRO D 120 22.13 -2.32 -15.20
C PRO D 120 23.10 -1.48 -14.41
N PHE D 121 24.10 -0.98 -15.09
CA PHE D 121 25.20 -0.30 -14.44
C PHE D 121 24.94 1.17 -14.25
N GLY D 122 25.58 1.73 -13.23
CA GLY D 122 25.79 3.16 -13.14
C GLY D 122 27.13 3.49 -13.74
N VAL D 123 27.40 2.96 -14.93
CA VAL D 123 28.71 3.02 -15.54
C VAL D 123 28.58 3.39 -17.00
N SER D 124 29.52 4.20 -17.47
CA SER D 124 29.81 4.35 -18.88
C SER D 124 31.32 4.42 -19.01
N THR D 125 31.84 3.83 -20.08
CA THR D 125 33.27 3.69 -20.25
C THR D 125 33.62 3.96 -21.69
N LEU D 126 34.91 4.16 -21.93
CA LEU D 126 35.48 4.11 -23.26
C LEU D 126 36.86 3.49 -23.17
N ILE D 127 37.41 3.22 -24.34
CA ILE D 127 38.65 2.51 -24.49
C ILE D 127 39.52 3.23 -25.52
N ALA D 128 40.69 2.68 -25.77
CA ALA D 128 41.60 3.26 -26.74
C ALA D 128 42.79 2.35 -26.91
N GLY D 129 43.40 2.42 -28.07
CA GLY D 129 44.62 1.69 -28.34
C GLY D 129 44.71 1.31 -29.80
N PHE D 130 45.90 0.87 -30.17
CA PHE D 130 46.22 0.46 -31.52
C PHE D 130 46.09 -1.04 -31.63
N ASP D 131 45.51 -1.50 -32.74
CA ASP D 131 45.46 -2.91 -33.03
C ASP D 131 46.89 -3.45 -33.15
N PRO D 132 47.08 -4.76 -33.02
CA PRO D 132 48.42 -5.31 -33.21
C PRO D 132 48.74 -5.38 -34.69
N ARG D 133 49.98 -5.03 -35.01
CA ARG D 133 50.49 -5.16 -36.37
C ARG D 133 49.82 -4.18 -37.33
N ASP D 134 49.40 -3.03 -36.80
CA ASP D 134 48.74 -1.98 -37.56
C ASP D 134 49.22 -0.64 -37.01
N ASP D 135 48.63 0.45 -37.50
CA ASP D 135 48.98 1.79 -37.06
C ASP D 135 47.80 2.69 -36.79
N GLU D 136 46.64 2.43 -37.37
CA GLU D 136 45.57 3.41 -37.32
C GLU D 136 44.97 3.43 -35.91
N PRO D 137 44.72 4.60 -35.33
CA PRO D 137 44.13 4.62 -33.99
C PRO D 137 42.71 4.08 -33.98
N LYS D 138 42.33 3.58 -32.82
CA LYS D 138 40.99 3.06 -32.60
C LYS D 138 40.56 3.42 -31.20
N LEU D 139 39.40 4.05 -31.08
CA LEU D 139 38.77 4.27 -29.79
C LEU D 139 37.26 4.11 -29.93
N TYR D 140 36.68 3.56 -28.88
CA TYR D 140 35.26 3.23 -28.86
C TYR D 140 34.68 3.64 -27.53
N GLN D 141 33.42 4.03 -27.56
CA GLN D 141 32.71 4.55 -26.41
C GLN D 141 31.50 3.67 -26.13
N THR D 142 31.11 3.63 -24.86
CA THR D 142 30.12 2.68 -24.38
C THR D 142 29.15 3.37 -23.43
N GLU D 143 28.00 2.74 -23.28
CA GLU D 143 27.02 3.11 -22.28
C GLU D 143 26.09 1.93 -22.06
N PRO D 144 25.36 1.90 -20.94
CA PRO D 144 24.69 0.66 -20.51
C PRO D 144 23.77 0.03 -21.53
N SER D 145 23.21 0.79 -22.47
CA SER D 145 22.33 0.20 -23.46
C SER D 145 23.06 -0.72 -24.42
N GLY D 146 24.39 -0.69 -24.43
CA GLY D 146 25.19 -1.58 -25.24
C GLY D 146 25.66 -0.97 -26.55
N ILE D 147 25.05 0.12 -26.99
CA ILE D 147 25.36 0.68 -28.30
C ILE D 147 26.77 1.24 -28.23
N TYR D 148 27.69 0.57 -28.93
CA TYR D 148 29.08 0.95 -28.99
C TYR D 148 29.35 1.76 -30.23
N SER D 149 29.97 2.92 -30.05
CA SER D 149 30.22 3.87 -31.11
C SER D 149 31.73 4.13 -31.22
N SER D 150 32.10 4.98 -32.18
CA SER D 150 33.50 5.39 -32.39
C SER D 150 33.56 6.90 -32.50
N TRP D 151 33.66 7.57 -31.37
CA TRP D 151 33.82 9.01 -31.34
C TRP D 151 35.29 9.36 -31.38
N SER D 152 35.63 10.32 -32.24
CA SER D 152 36.96 10.92 -32.22
C SER D 152 37.24 11.70 -30.94
N ALA D 153 36.22 11.98 -30.14
CA ALA D 153 36.40 12.47 -28.80
C ALA D 153 35.08 12.30 -28.05
N GLN D 154 35.19 11.99 -26.76
CA GLN D 154 34.05 11.48 -26.01
C GLN D 154 34.26 11.80 -24.55
N THR D 155 33.33 12.54 -23.96
CA THR D 155 33.43 12.89 -22.55
C THR D 155 32.11 12.66 -21.83
N ILE D 156 32.22 12.19 -20.59
CA ILE D 156 31.08 11.80 -19.79
C ILE D 156 31.32 12.33 -18.38
N GLY D 157 30.56 13.33 -17.96
CA GLY D 157 30.72 13.81 -16.61
C GLY D 157 30.08 15.17 -16.40
N ARG D 158 30.62 15.92 -15.46
CA ARG D 158 29.99 17.11 -14.93
C ARG D 158 30.34 18.31 -15.79
N ASN D 159 29.36 19.21 -15.92
CA ASN D 159 29.48 20.41 -16.74
C ASN D 159 29.77 20.08 -18.21
N SER D 160 29.49 18.85 -18.63
CA SER D 160 30.01 18.32 -19.87
C SER D 160 29.30 18.83 -21.11
N LYS D 161 28.22 19.60 -20.97
CA LYS D 161 27.44 20.02 -22.13
C LYS D 161 28.29 20.85 -23.08
N THR D 162 28.75 22.01 -22.62
CA THR D 162 29.63 22.85 -23.44
C THR D 162 30.92 22.12 -23.78
N VAL D 163 31.36 21.25 -22.88
CA VAL D 163 32.54 20.44 -23.16
C VAL D 163 32.26 19.55 -24.36
N ARG D 164 31.04 19.04 -24.47
CA ARG D 164 30.68 18.22 -25.62
C ARG D 164 30.70 19.04 -26.90
N GLU D 165 30.53 20.36 -26.79
CA GLU D 165 30.57 21.28 -27.93
C GLU D 165 31.81 22.15 -27.93
N PHE D 166 32.60 22.15 -26.86
CA PHE D 166 33.82 22.93 -26.84
C PHE D 166 34.79 22.48 -27.91
N LEU D 167 34.88 21.16 -28.12
CA LEU D 167 35.82 20.63 -29.10
C LEU D 167 35.49 21.12 -30.49
N GLU D 168 34.21 21.30 -30.78
CA GLU D 168 33.77 21.60 -32.14
C GLU D 168 34.18 22.99 -32.57
N LYS D 169 34.57 23.84 -31.64
CA LYS D 169 35.25 25.09 -31.96
C LYS D 169 36.76 24.92 -32.00
N ASN D 170 37.27 23.71 -31.77
CA ASN D 170 38.69 23.45 -31.57
C ASN D 170 39.24 22.38 -32.50
N TYR D 171 38.49 21.32 -32.74
CA TYR D 171 38.94 20.20 -33.53
C TYR D 171 38.66 20.46 -35.00
N ASP D 172 39.49 19.91 -35.87
CA ASP D 172 39.25 19.93 -37.30
C ASP D 172 39.62 18.57 -37.89
N ARG D 173 38.71 18.01 -38.68
CA ARG D 173 38.97 16.74 -39.33
C ARG D 173 40.19 16.82 -40.23
N LYS D 174 40.17 17.73 -41.20
CA LYS D 174 41.28 17.95 -42.10
C LYS D 174 42.40 18.78 -41.47
N GLU D 175 42.31 19.07 -40.17
CA GLU D 175 43.39 19.72 -39.42
C GLU D 175 43.52 18.98 -38.10
N PRO D 176 43.95 17.72 -38.14
CA PRO D 176 43.97 16.91 -36.93
C PRO D 176 45.08 17.35 -35.99
N PRO D 177 45.20 16.72 -34.83
CA PRO D 177 46.29 17.07 -33.91
C PRO D 177 47.64 16.68 -34.49
N ALA D 178 48.53 17.66 -34.56
CA ALA D 178 49.87 17.41 -35.05
C ALA D 178 50.63 16.45 -34.16
N THR D 179 50.92 16.88 -32.92
CA THR D 179 51.86 16.21 -32.05
C THR D 179 51.30 16.19 -30.63
N VAL D 180 52.07 15.57 -29.74
CA VAL D 180 51.61 15.33 -28.39
C VAL D 180 51.45 16.64 -27.64
N GLU D 181 52.37 17.58 -27.86
CA GLU D 181 52.36 18.81 -27.09
C GLU D 181 51.10 19.61 -27.36
N GLU D 182 50.61 19.56 -28.60
CA GLU D 182 49.34 20.19 -28.94
C GLU D 182 48.17 19.25 -28.67
N CYS D 183 48.33 17.97 -29.01
CA CYS D 183 47.24 17.02 -28.82
C CYS D 183 46.95 16.81 -27.34
N VAL D 184 47.96 16.97 -26.49
CA VAL D 184 47.74 16.95 -25.05
C VAL D 184 47.27 18.32 -24.59
N LYS D 185 47.77 19.37 -25.22
CA LYS D 185 47.18 20.69 -25.03
C LYS D 185 45.69 20.63 -25.32
N LEU D 186 45.31 19.91 -26.37
CA LEU D 186 43.90 19.65 -26.62
C LEU D 186 43.30 18.85 -25.48
N THR D 187 44.02 17.83 -25.02
CA THR D 187 43.48 16.93 -24.00
C THR D 187 43.18 17.69 -22.71
N VAL D 188 43.92 18.76 -22.46
CA VAL D 188 43.76 19.53 -21.24
C VAL D 188 42.96 20.80 -21.48
N ARG D 189 43.10 21.39 -22.67
CA ARG D 189 42.37 22.62 -22.93
C ARG D 189 40.87 22.40 -22.96
N SER D 190 40.42 21.15 -23.04
CA SER D 190 39.03 20.81 -22.81
C SER D 190 38.74 20.70 -21.31
N LEU D 191 39.46 19.80 -20.62
CA LEU D 191 39.06 19.37 -19.29
C LEU D 191 39.15 20.49 -18.27
N LEU D 192 40.05 21.45 -18.50
CA LEU D 192 40.33 22.48 -17.50
C LEU D 192 39.14 23.38 -17.23
N GLU D 193 38.16 23.43 -18.11
CA GLU D 193 37.01 24.32 -17.89
C GLU D 193 36.20 23.87 -16.68
N VAL D 194 36.22 22.58 -16.37
CA VAL D 194 35.54 22.05 -15.19
C VAL D 194 36.51 21.79 -14.05
N VAL D 195 37.83 21.86 -14.30
CA VAL D 195 38.81 21.63 -13.23
C VAL D 195 38.64 22.68 -12.13
N GLN D 196 38.84 23.96 -12.48
CA GLN D 196 38.68 25.05 -11.53
C GLN D 196 39.65 24.94 -10.37
N THR D 197 40.83 24.43 -10.64
CA THR D 197 41.85 24.20 -9.62
C THR D 197 43.15 23.88 -10.35
N GLY D 198 44.17 23.51 -9.58
CA GLY D 198 45.46 23.20 -10.14
C GLY D 198 45.52 21.80 -10.75
N ALA D 199 46.75 21.39 -11.01
CA ALA D 199 47.00 20.12 -11.67
C ALA D 199 46.67 18.92 -10.80
N LYS D 200 46.56 19.11 -9.49
CA LYS D 200 46.42 17.97 -8.60
C LYS D 200 45.11 17.22 -8.79
N ASN D 201 44.11 17.86 -9.40
CA ASN D 201 42.77 17.30 -9.47
C ASN D 201 42.53 16.48 -10.73
N ILE D 202 43.59 16.00 -11.39
CA ILE D 202 43.45 15.24 -12.63
C ILE D 202 44.48 14.12 -12.69
N GLU D 203 44.30 13.27 -13.69
CA GLU D 203 45.21 12.19 -14.02
C GLU D 203 45.03 11.89 -15.50
N ILE D 204 46.13 11.68 -16.21
CA ILE D 204 46.11 11.44 -17.64
C ILE D 204 46.99 10.26 -17.97
N THR D 205 47.07 9.94 -19.27
CA THR D 205 47.76 8.77 -19.77
C THR D 205 47.66 8.80 -21.29
N VAL D 206 48.54 8.05 -21.94
CA VAL D 206 48.73 8.14 -23.38
C VAL D 206 49.15 6.78 -23.91
N VAL D 207 48.96 6.58 -25.22
CA VAL D 207 49.31 5.35 -25.90
C VAL D 207 50.06 5.69 -27.17
N LYS D 208 50.98 4.81 -27.53
CA LYS D 208 51.65 4.81 -28.82
C LYS D 208 51.85 3.34 -29.18
N PRO D 209 52.37 3.02 -30.37
CA PRO D 209 52.35 1.63 -30.81
C PRO D 209 53.27 0.72 -29.99
N ASP D 210 53.02 -0.57 -30.14
CA ASP D 210 53.81 -1.61 -29.50
C ASP D 210 53.82 -1.42 -27.99
N SER D 211 52.68 -1.00 -27.46
CA SER D 211 52.50 -0.80 -26.02
C SER D 211 53.51 0.20 -25.47
N ASP D 212 53.42 1.41 -26.00
CA ASP D 212 54.18 2.55 -25.47
C ASP D 212 53.26 3.41 -24.60
N ILE D 213 52.99 2.89 -23.42
CA ILE D 213 52.15 3.57 -22.44
C ILE D 213 53.03 4.46 -21.59
N VAL D 214 52.47 5.60 -21.20
CA VAL D 214 53.13 6.54 -20.29
C VAL D 214 52.06 7.09 -19.37
N ALA D 215 52.49 7.49 -18.18
CA ALA D 215 51.69 8.28 -17.27
C ALA D 215 52.55 9.43 -16.80
N LEU D 216 51.93 10.59 -16.65
CA LEU D 216 52.65 11.85 -16.51
C LEU D 216 52.41 12.42 -15.12
N SER D 217 53.44 13.03 -14.58
CA SER D 217 53.42 13.49 -13.20
C SER D 217 52.44 14.65 -13.03
N SER D 218 52.24 15.03 -11.78
CA SER D 218 51.62 16.32 -11.50
C SER D 218 52.51 17.45 -11.97
N GLU D 219 53.83 17.23 -12.04
CA GLU D 219 54.76 18.29 -12.37
C GLU D 219 54.85 18.52 -13.87
N GLU D 220 54.86 17.44 -14.65
CA GLU D 220 54.82 17.58 -16.10
C GLU D 220 53.60 18.36 -16.53
N ILE D 221 52.49 18.15 -15.84
CA ILE D 221 51.30 18.95 -16.08
C ILE D 221 51.58 20.41 -15.78
N ASN D 222 52.31 20.67 -14.69
CA ASN D 222 52.62 22.05 -14.32
C ASN D 222 53.66 22.68 -15.21
N GLN D 223 54.20 21.92 -16.16
CA GLN D 223 55.04 22.52 -17.20
C GLN D 223 54.18 23.20 -18.25
N TYR D 224 53.17 22.49 -18.76
CA TYR D 224 52.43 22.89 -19.94
C TYR D 224 51.23 23.74 -19.60
N VAL D 225 50.52 23.42 -18.51
CA VAL D 225 49.38 24.22 -18.08
C VAL D 225 49.80 25.66 -17.82
N THR D 226 51.04 25.87 -17.39
CA THR D 226 51.56 27.22 -17.27
C THR D 226 51.66 27.91 -18.61
N GLN D 227 51.99 27.15 -19.66
CA GLN D 227 52.20 27.76 -20.96
C GLN D 227 50.92 28.34 -21.53
N ILE D 228 49.78 27.79 -21.12
CA ILE D 228 48.49 28.40 -21.43
C ILE D 228 47.94 29.17 -20.23
N GLU D 229 48.38 28.86 -19.01
CA GLU D 229 48.21 29.81 -17.91
C GLU D 229 49.00 31.09 -18.17
N GLN D 230 50.02 31.02 -19.03
CA GLN D 230 50.68 32.18 -19.59
C GLN D 230 50.00 32.67 -20.85
N GLU D 231 49.38 31.78 -21.61
CA GLU D 231 48.67 32.12 -22.83
C GLU D 231 47.17 32.26 -22.64
N LYS D 232 46.69 32.17 -21.39
CA LYS D 232 45.35 32.63 -21.04
C LYS D 232 45.36 34.09 -20.59
N GLN D 233 46.35 34.86 -21.04
CA GLN D 233 46.64 36.20 -20.57
C GLN D 233 46.41 37.25 -21.65
N GLU D 234 47.04 37.09 -22.81
CA GLU D 234 46.91 38.05 -23.90
C GLU D 234 45.48 38.03 -24.43
N ASP E 1 1.09 0.60 -15.71
CA ASP E 1 1.28 -0.25 -14.56
C ASP E 1 0.85 -1.68 -14.84
N ARG E 2 1.10 -2.12 -16.07
CA ARG E 2 0.74 -3.46 -16.52
C ARG E 2 1.96 -4.37 -16.51
N GLY E 3 1.70 -5.66 -16.73
CA GLY E 3 2.73 -6.66 -16.81
C GLY E 3 2.84 -7.27 -18.18
N VAL E 4 3.33 -8.51 -18.26
CA VAL E 4 3.65 -9.15 -19.52
C VAL E 4 2.49 -10.00 -20.01
N SER E 5 2.16 -11.02 -19.25
CA SER E 5 1.35 -12.14 -19.72
C SER E 5 -0.09 -12.02 -19.26
N THR E 6 -0.60 -10.80 -19.21
CA THR E 6 -1.93 -10.52 -18.68
C THR E 6 -2.72 -9.75 -19.72
N PHE E 7 -3.87 -10.29 -20.09
CA PHE E 7 -4.76 -9.60 -21.01
C PHE E 7 -5.48 -8.45 -20.32
N SER E 8 -6.18 -7.69 -21.13
CA SER E 8 -7.04 -6.60 -20.69
C SER E 8 -8.49 -7.00 -20.88
N PRO E 9 -9.42 -6.18 -20.41
CA PRO E 9 -10.81 -6.40 -20.79
C PRO E 9 -11.07 -6.20 -22.27
N GLU E 10 -10.23 -5.41 -22.93
CA GLU E 10 -10.34 -5.20 -24.36
C GLU E 10 -9.58 -6.24 -25.16
N GLY E 11 -8.73 -7.03 -24.52
CA GLY E 11 -7.95 -8.05 -25.20
C GLY E 11 -6.63 -7.56 -25.73
N ARG E 12 -6.55 -6.29 -26.11
CA ARG E 12 -5.31 -5.72 -26.63
C ARG E 12 -4.29 -5.66 -25.49
N LEU E 13 -3.24 -6.44 -25.61
CA LEU E 13 -2.14 -6.39 -24.65
C LEU E 13 -1.58 -4.98 -24.56
N PHE E 14 -0.87 -4.73 -23.46
CA PHE E 14 -0.27 -3.43 -23.24
C PHE E 14 1.16 -3.39 -23.75
N GLN E 15 2.02 -4.26 -23.21
CA GLN E 15 3.45 -4.08 -23.38
C GLN E 15 3.88 -4.29 -24.82
N VAL E 16 3.40 -5.36 -25.46
CA VAL E 16 3.82 -5.61 -26.84
C VAL E 16 3.29 -4.51 -27.75
N GLU E 17 2.05 -4.08 -27.53
CA GLU E 17 1.55 -2.97 -28.32
C GLU E 17 2.28 -1.68 -27.96
N TYR E 18 2.81 -1.58 -26.74
CA TYR E 18 3.74 -0.51 -26.43
C TYR E 18 5.08 -0.75 -27.09
N SER E 19 5.46 -2.02 -27.25
CA SER E 19 6.65 -2.33 -28.02
C SER E 19 6.46 -2.06 -29.51
N LEU E 20 5.24 -1.79 -29.96
CA LEU E 20 4.97 -1.43 -31.34
C LEU E 20 4.89 0.07 -31.55
N GLU E 21 5.48 0.86 -30.66
CA GLU E 21 5.74 2.27 -30.95
C GLU E 21 7.12 2.72 -30.55
N ALA E 22 7.90 1.89 -29.86
CA ALA E 22 9.30 2.24 -29.63
C ALA E 22 10.04 2.35 -30.96
N ILE E 23 9.66 1.51 -31.92
CA ILE E 23 10.22 1.63 -33.27
C ILE E 23 9.95 3.01 -33.83
N LYS E 24 8.79 3.59 -33.51
CA LYS E 24 8.46 4.89 -34.06
C LYS E 24 9.28 6.01 -33.43
N LEU E 25 10.10 5.72 -32.42
CA LEU E 25 11.08 6.69 -31.96
C LEU E 25 12.34 6.67 -32.79
N GLY E 26 12.71 5.51 -33.31
CA GLY E 26 14.01 5.32 -33.90
C GLY E 26 14.21 5.97 -35.24
N SER E 27 15.16 5.42 -35.99
CA SER E 27 15.59 5.97 -37.27
C SER E 27 14.62 5.54 -38.37
N THR E 28 15.03 5.74 -39.61
CA THR E 28 14.32 5.26 -40.78
C THR E 28 15.14 4.17 -41.45
N ALA E 29 14.44 3.23 -42.09
CA ALA E 29 15.12 2.09 -42.70
C ALA E 29 14.20 1.47 -43.73
N ILE E 30 14.56 1.58 -45.01
CA ILE E 30 13.68 1.20 -46.10
C ILE E 30 14.44 0.27 -47.05
N GLY E 31 13.69 -0.67 -47.63
CA GLY E 31 14.17 -1.52 -48.69
C GLY E 31 13.03 -1.74 -49.66
N ILE E 32 13.32 -1.75 -50.95
CA ILE E 32 12.31 -1.84 -51.99
C ILE E 32 12.70 -2.88 -53.01
N ALA E 33 11.72 -3.66 -53.45
CA ALA E 33 11.94 -4.80 -54.32
C ALA E 33 11.84 -4.41 -55.78
N THR E 34 12.84 -4.81 -56.55
CA THR E 34 12.73 -4.87 -58.00
C THR E 34 12.97 -6.32 -58.43
N LYS E 35 12.27 -6.74 -59.46
CA LYS E 35 12.40 -8.11 -59.94
C LYS E 35 13.78 -8.44 -60.50
N GLU E 36 14.70 -7.47 -60.55
CA GLU E 36 16.10 -7.72 -60.86
C GLU E 36 17.01 -7.26 -59.73
N GLY E 37 16.48 -7.03 -58.54
CA GLY E 37 17.29 -6.61 -57.40
C GLY E 37 16.49 -5.79 -56.41
N VAL E 38 17.04 -5.69 -55.19
CA VAL E 38 16.38 -5.04 -54.08
C VAL E 38 17.39 -4.11 -53.41
N VAL E 39 16.87 -3.04 -52.79
CA VAL E 39 17.70 -2.01 -52.19
C VAL E 39 17.49 -1.99 -50.69
N LEU E 40 18.32 -1.20 -50.02
CA LEU E 40 18.22 -0.97 -48.58
C LEU E 40 18.74 0.42 -48.30
N GLY E 41 18.13 1.07 -47.30
CA GLY E 41 18.44 2.46 -47.02
C GLY E 41 18.30 2.74 -45.54
N VAL E 42 18.90 3.85 -45.12
CA VAL E 42 19.06 4.17 -43.70
C VAL E 42 19.14 5.67 -43.51
N GLU E 43 18.95 6.09 -42.26
CA GLU E 43 19.15 7.46 -41.80
C GLU E 43 20.00 7.38 -40.54
N LYS E 44 21.26 7.79 -40.63
CA LYS E 44 22.24 7.50 -39.60
C LYS E 44 21.90 8.12 -38.25
N ARG E 45 21.11 9.19 -38.24
CA ARG E 45 20.88 9.97 -37.01
C ARG E 45 22.22 10.43 -36.42
N ALA E 46 23.14 10.78 -37.31
CA ALA E 46 24.42 11.31 -36.89
C ALA E 46 24.24 12.61 -36.11
N THR E 47 24.73 12.63 -34.88
CA THR E 47 24.49 13.73 -33.96
C THR E 47 25.63 14.75 -33.89
N SER E 48 26.82 14.43 -34.40
CA SER E 48 27.95 15.33 -34.26
C SER E 48 28.95 15.02 -35.37
N PRO E 49 29.78 16.00 -35.74
CA PRO E 49 30.64 15.82 -36.93
C PRO E 49 31.90 15.01 -36.68
N LEU E 50 32.48 15.18 -35.50
CA LEU E 50 33.72 14.48 -35.16
C LEU E 50 33.59 12.97 -35.30
N LEU E 51 32.40 12.45 -35.04
CA LEU E 51 32.09 11.03 -35.16
C LEU E 51 32.55 10.48 -36.50
N GLU E 52 32.90 9.20 -36.50
CA GLU E 52 33.32 8.45 -37.68
C GLU E 52 32.26 7.40 -37.96
N SER E 53 31.39 7.68 -38.93
CA SER E 53 30.19 6.88 -39.12
C SER E 53 30.46 5.57 -39.82
N ASP E 54 31.71 5.21 -40.05
CA ASP E 54 32.00 3.84 -40.45
C ASP E 54 31.68 2.87 -39.32
N SER E 55 31.72 3.34 -38.07
CA SER E 55 31.54 2.46 -36.94
C SER E 55 30.07 2.15 -36.70
N ILE E 56 29.21 3.17 -36.82
CA ILE E 56 27.78 2.91 -36.76
C ILE E 56 27.40 2.04 -37.94
N GLU E 57 26.79 0.88 -37.64
CA GLU E 57 26.47 -0.13 -38.63
C GLU E 57 25.02 -0.50 -38.45
N LYS E 58 24.14 0.23 -39.13
CA LYS E 58 22.74 -0.17 -39.22
C LYS E 58 22.51 -1.24 -40.27
N ILE E 59 23.54 -1.63 -41.01
CA ILE E 59 23.43 -2.63 -42.07
C ILE E 59 24.46 -3.71 -41.84
N VAL E 60 24.10 -4.92 -42.21
CA VAL E 60 24.87 -6.12 -41.90
C VAL E 60 25.02 -6.97 -43.14
N GLU E 61 25.63 -8.15 -42.97
CA GLU E 61 25.73 -9.13 -44.04
C GLU E 61 25.66 -10.49 -43.37
N ILE E 62 24.50 -11.13 -43.46
CA ILE E 62 24.33 -12.49 -42.96
C ILE E 62 25.35 -13.40 -43.60
N ASP E 63 25.34 -13.45 -44.93
CA ASP E 63 26.20 -14.33 -45.70
C ASP E 63 26.68 -13.53 -46.91
N ARG E 64 27.25 -14.21 -47.89
CA ARG E 64 27.63 -13.55 -49.13
C ARG E 64 26.43 -13.09 -49.94
N HIS E 65 25.21 -13.49 -49.57
CA HIS E 65 24.04 -13.30 -50.42
C HIS E 65 22.78 -12.89 -49.67
N ILE E 66 22.85 -12.61 -48.37
CA ILE E 66 21.69 -12.12 -47.62
C ILE E 66 22.14 -11.02 -46.67
N GLY E 67 21.30 -10.00 -46.54
CA GLY E 67 21.53 -8.91 -45.62
C GLY E 67 20.23 -8.41 -45.05
N CYS E 68 20.34 -7.70 -43.92
CA CYS E 68 19.18 -7.13 -43.27
C CYS E 68 19.54 -5.77 -42.70
N ALA E 69 18.53 -5.09 -42.17
CA ALA E 69 18.66 -3.72 -41.70
C ALA E 69 17.75 -3.54 -40.50
N MET E 70 18.33 -3.22 -39.36
CA MET E 70 17.59 -3.12 -38.11
C MET E 70 17.20 -1.67 -37.86
N SER E 71 16.02 -1.48 -37.28
CA SER E 71 15.52 -0.16 -36.98
C SER E 71 14.80 -0.17 -35.65
N GLY E 72 14.60 1.04 -35.12
CA GLY E 72 14.02 1.20 -33.82
C GLY E 72 15.09 1.35 -32.77
N LEU E 73 15.45 0.24 -32.15
CA LEU E 73 16.47 0.19 -31.11
C LEU E 73 17.61 -0.67 -31.61
N THR E 74 18.67 -0.03 -32.10
CA THR E 74 19.74 -0.75 -32.79
C THR E 74 20.54 -1.65 -31.87
N ALA E 75 20.50 -1.40 -30.56
CA ALA E 75 21.32 -2.15 -29.62
C ALA E 75 20.93 -3.62 -29.58
N ASP E 76 19.68 -3.90 -29.23
CA ASP E 76 19.30 -5.25 -28.85
C ASP E 76 19.38 -6.19 -30.04
N ALA E 77 18.94 -5.72 -31.21
CA ALA E 77 18.96 -6.53 -32.42
C ALA E 77 20.35 -7.05 -32.77
N ARG E 78 21.40 -6.41 -32.26
CA ARG E 78 22.76 -6.92 -32.46
C ARG E 78 22.90 -8.35 -31.97
N SER E 79 22.07 -8.75 -31.01
CA SER E 79 22.08 -10.13 -30.56
C SER E 79 21.49 -11.07 -31.59
N MET E 80 20.26 -10.77 -32.04
CA MET E 80 19.47 -11.79 -32.71
C MET E 80 20.05 -12.17 -34.06
N ILE E 81 20.78 -11.26 -34.70
CA ILE E 81 21.35 -11.59 -35.99
C ILE E 81 22.32 -12.73 -35.86
N GLU E 82 23.01 -12.82 -34.73
CA GLU E 82 23.90 -13.95 -34.50
C GLU E 82 23.11 -15.24 -34.40
N HIS E 83 21.84 -15.16 -34.01
CA HIS E 83 21.00 -16.34 -34.11
C HIS E 83 20.85 -16.74 -35.56
N ALA E 84 20.45 -15.78 -36.40
CA ALA E 84 20.20 -16.07 -37.79
C ALA E 84 21.45 -16.60 -38.47
N ARG E 85 22.61 -16.04 -38.14
CA ARG E 85 23.85 -16.52 -38.72
C ARG E 85 24.11 -17.95 -38.31
N THR E 86 23.65 -18.34 -37.12
CA THR E 86 23.86 -19.69 -36.67
C THR E 86 22.99 -20.66 -37.46
N ALA E 87 21.73 -20.28 -37.70
CA ALA E 87 20.80 -21.17 -38.39
C ALA E 87 21.08 -21.21 -39.88
N ALA E 88 21.54 -20.09 -40.44
CA ALA E 88 21.98 -20.09 -41.83
C ALA E 88 23.11 -21.08 -42.03
N VAL E 89 24.21 -20.88 -41.32
CA VAL E 89 25.38 -21.74 -41.45
C VAL E 89 25.02 -23.17 -41.10
N THR E 90 24.26 -23.36 -40.03
CA THR E 90 23.84 -24.69 -39.63
C THR E 90 23.08 -25.38 -40.76
N HIS E 91 22.21 -24.65 -41.43
CA HIS E 91 21.53 -25.22 -42.58
C HIS E 91 22.44 -25.36 -43.78
N ASN E 92 23.54 -24.62 -43.83
CA ASN E 92 24.54 -24.80 -44.86
C ASN E 92 25.40 -26.03 -44.63
N LEU E 93 25.20 -26.73 -43.52
CA LEU E 93 25.96 -27.92 -43.17
C LEU E 93 25.17 -29.20 -43.46
N TYR E 94 23.98 -29.32 -42.87
CA TYR E 94 23.19 -30.53 -42.98
C TYR E 94 22.69 -30.79 -44.38
N TYR E 95 22.78 -29.83 -45.28
CA TYR E 95 22.27 -29.98 -46.63
C TYR E 95 23.22 -29.49 -47.71
N ASP E 96 24.31 -28.83 -47.36
CA ASP E 96 25.33 -28.43 -48.34
C ASP E 96 24.73 -27.45 -49.35
N GLU E 97 23.87 -26.56 -48.87
CA GLU E 97 23.11 -25.72 -49.78
C GLU E 97 22.45 -24.59 -49.01
N ASP E 98 22.50 -23.40 -49.60
CA ASP E 98 21.91 -22.20 -49.04
C ASP E 98 20.44 -22.44 -48.69
N ILE E 99 19.91 -21.68 -47.74
CA ILE E 99 18.60 -21.95 -47.18
C ILE E 99 17.57 -21.07 -47.84
N ASN E 100 16.34 -21.58 -47.91
CA ASN E 100 15.22 -20.73 -48.24
C ASN E 100 15.03 -19.68 -47.16
N VAL E 101 14.49 -18.54 -47.54
CA VAL E 101 14.37 -17.45 -46.58
C VAL E 101 13.33 -17.79 -45.54
N GLU E 102 12.20 -18.32 -45.98
CA GLU E 102 11.10 -18.58 -45.07
C GLU E 102 11.42 -19.70 -44.08
N SER E 103 12.40 -20.55 -44.37
CA SER E 103 12.82 -21.52 -43.36
C SER E 103 13.58 -20.81 -42.25
N LEU E 104 14.39 -19.83 -42.60
CA LEU E 104 15.07 -19.02 -41.61
C LEU E 104 14.09 -18.22 -40.79
N THR E 105 13.43 -17.29 -41.46
CA THR E 105 12.81 -16.17 -40.78
C THR E 105 11.71 -16.58 -39.83
N GLN E 106 11.12 -17.76 -40.04
CA GLN E 106 10.23 -18.30 -39.03
C GLN E 106 10.97 -18.46 -37.71
N SER E 107 12.26 -18.81 -37.76
CA SER E 107 13.02 -19.02 -36.54
C SER E 107 13.16 -17.74 -35.75
N VAL E 108 13.52 -16.65 -36.44
CA VAL E 108 13.77 -15.40 -35.75
C VAL E 108 12.51 -14.90 -35.06
N CYS E 109 11.38 -14.96 -35.75
CA CYS E 109 10.13 -14.64 -35.09
C CYS E 109 9.63 -15.77 -34.20
N ASP E 110 10.28 -16.93 -34.21
CA ASP E 110 10.11 -17.94 -33.18
C ASP E 110 11.00 -17.71 -31.98
N LEU E 111 11.96 -16.79 -32.09
CA LEU E 111 12.78 -16.42 -30.95
C LEU E 111 12.06 -15.40 -30.07
N ALA E 112 11.65 -14.27 -30.65
CA ALA E 112 11.10 -13.19 -29.87
C ALA E 112 9.80 -13.54 -29.17
N LEU E 113 9.17 -14.65 -29.55
CA LEU E 113 8.01 -15.15 -28.84
C LEU E 113 8.38 -15.88 -27.55
N ARG E 114 9.66 -16.01 -27.24
CA ARG E 114 10.11 -16.87 -26.16
C ARG E 114 9.71 -16.35 -24.78
N PHE E 115 9.27 -15.11 -24.66
CA PHE E 115 8.89 -14.59 -23.35
C PHE E 115 7.56 -15.21 -22.91
N GLY E 116 7.60 -16.52 -22.67
CA GLY E 116 6.43 -17.28 -22.28
C GLY E 116 6.00 -18.26 -23.35
N GLU E 117 6.35 -19.54 -23.16
CA GLU E 117 5.84 -20.63 -23.99
C GLU E 117 6.21 -20.43 -25.46
N GLY E 118 7.50 -20.56 -25.72
CA GLY E 118 8.03 -20.40 -27.06
C GLY E 118 7.67 -21.60 -27.91
N ALA E 119 8.60 -22.10 -28.71
CA ALA E 119 8.33 -23.31 -29.46
C ALA E 119 8.26 -24.48 -28.49
N SER E 120 8.08 -25.68 -29.03
CA SER E 120 7.88 -26.87 -28.22
C SER E 120 9.04 -27.07 -27.24
N GLY E 121 8.76 -26.94 -25.96
CA GLY E 121 9.78 -27.11 -24.94
C GLY E 121 10.77 -25.97 -24.94
N GLU E 122 10.31 -24.79 -24.55
CA GLU E 122 11.14 -23.59 -24.48
C GLU E 122 11.06 -23.02 -23.08
N GLU E 123 12.21 -22.96 -22.41
CA GLU E 123 12.29 -22.30 -21.12
C GLU E 123 12.31 -20.80 -21.32
N ARG E 124 11.56 -20.09 -20.48
CA ARG E 124 11.35 -18.67 -20.71
C ARG E 124 12.61 -17.87 -20.44
N LEU E 125 13.39 -17.65 -21.48
CA LEU E 125 14.38 -16.58 -21.51
C LEU E 125 13.62 -15.28 -21.73
N MET E 126 14.34 -14.18 -21.90
CA MET E 126 13.75 -12.93 -22.40
C MET E 126 12.68 -12.41 -21.45
N SER E 127 13.15 -11.98 -20.28
CA SER E 127 12.29 -11.34 -19.29
C SER E 127 11.39 -10.28 -19.91
N ARG E 128 11.94 -9.48 -20.80
CA ARG E 128 11.20 -8.55 -21.64
C ARG E 128 11.40 -8.93 -23.10
N PRO E 129 10.56 -8.43 -24.00
CA PRO E 129 10.71 -8.75 -25.41
C PRO E 129 11.58 -7.75 -26.15
N PHE E 130 12.01 -8.17 -27.34
CA PHE E 130 12.88 -7.33 -28.16
C PHE E 130 12.16 -6.05 -28.50
N GLY E 131 12.75 -4.93 -28.11
CA GLY E 131 12.22 -3.64 -28.47
C GLY E 131 12.80 -3.15 -29.78
N VAL E 132 12.69 -3.97 -30.83
CA VAL E 132 13.31 -3.65 -32.11
C VAL E 132 12.65 -4.49 -33.19
N ALA E 133 12.65 -3.96 -34.41
CA ALA E 133 12.12 -4.66 -35.57
C ALA E 133 13.01 -4.33 -36.76
N LEU E 134 12.89 -5.14 -37.80
CA LEU E 134 13.85 -5.09 -38.90
C LEU E 134 13.24 -5.68 -40.16
N LEU E 135 14.02 -5.59 -41.25
CA LEU E 135 13.63 -6.03 -42.56
C LEU E 135 14.66 -7.05 -43.06
N ILE E 136 14.19 -8.05 -43.80
CA ILE E 136 15.04 -9.08 -44.37
C ILE E 136 14.88 -9.09 -45.87
N ALA E 137 16.00 -9.19 -46.57
CA ALA E 137 16.03 -9.19 -48.02
C ALA E 137 17.02 -10.23 -48.51
N GLY E 138 16.62 -10.96 -49.55
CA GLY E 138 17.53 -11.88 -50.20
C GLY E 138 16.79 -12.87 -51.06
N HIS E 139 17.57 -13.55 -51.90
CA HIS E 139 17.03 -14.51 -52.84
C HIS E 139 17.08 -15.93 -52.31
N ASP E 140 16.04 -16.69 -52.64
CA ASP E 140 16.11 -18.14 -52.69
C ASP E 140 15.35 -18.59 -53.93
N ALA E 141 15.68 -19.79 -54.40
CA ALA E 141 15.36 -20.20 -55.76
C ALA E 141 14.03 -20.90 -55.88
N ASP E 142 13.06 -20.52 -55.05
CA ASP E 142 11.73 -21.11 -55.07
C ASP E 142 10.63 -20.10 -55.33
N ASP E 143 10.73 -18.90 -54.78
CA ASP E 143 9.69 -17.87 -54.89
C ASP E 143 10.16 -16.60 -55.56
N GLY E 144 11.39 -16.18 -55.34
CA GLY E 144 11.93 -14.96 -55.91
C GLY E 144 12.55 -14.07 -54.85
N TYR E 145 12.75 -12.79 -55.17
CA TYR E 145 13.35 -11.85 -54.22
C TYR E 145 12.30 -11.45 -53.18
N GLN E 146 11.91 -12.43 -52.38
CA GLN E 146 10.83 -12.25 -51.42
C GLN E 146 11.38 -11.53 -50.20
N LEU E 147 11.21 -10.22 -50.16
CA LEU E 147 11.46 -9.48 -48.94
C LEU E 147 10.59 -10.02 -47.81
N PHE E 148 11.10 -9.88 -46.58
CA PHE E 148 10.36 -10.27 -45.40
C PHE E 148 10.49 -9.18 -44.34
N HIS E 149 9.45 -9.08 -43.53
CA HIS E 149 9.37 -8.13 -42.44
C HIS E 149 9.20 -8.88 -41.14
N ALA E 150 9.79 -8.35 -40.09
CA ALA E 150 9.72 -8.96 -38.77
C ALA E 150 9.44 -7.88 -37.75
N GLU E 151 8.64 -8.23 -36.75
CA GLU E 151 8.39 -7.36 -35.62
C GLU E 151 8.26 -8.23 -34.38
N PRO E 152 8.68 -7.72 -33.21
CA PRO E 152 8.88 -8.61 -32.06
C PRO E 152 7.61 -9.20 -31.50
N SER E 153 6.44 -8.79 -31.97
CA SER E 153 5.23 -9.45 -31.55
C SER E 153 5.22 -10.92 -31.94
N GLY E 154 5.99 -11.28 -32.96
CA GLY E 154 6.18 -12.67 -33.32
C GLY E 154 5.43 -13.07 -34.57
N THR E 155 5.41 -12.17 -35.55
CA THR E 155 4.80 -12.45 -36.84
C THR E 155 5.61 -11.79 -37.95
N PHE E 156 5.47 -12.34 -39.15
CA PHE E 156 6.13 -11.83 -40.33
C PHE E 156 5.13 -11.72 -41.47
N TYR E 157 5.30 -10.70 -42.30
CA TYR E 157 4.61 -10.61 -43.57
C TYR E 157 5.62 -10.51 -44.69
N ARG E 158 5.13 -10.73 -45.91
CA ARG E 158 5.88 -10.53 -47.13
C ARG E 158 5.33 -9.31 -47.82
N TYR E 159 6.24 -8.56 -48.44
CA TYR E 159 5.93 -7.24 -48.97
C TYR E 159 6.45 -7.10 -50.38
N ASN E 160 5.87 -6.14 -51.07
CA ASN E 160 6.56 -5.53 -52.20
C ASN E 160 7.62 -4.58 -51.69
N ALA E 161 7.19 -3.60 -50.89
CA ALA E 161 8.09 -2.71 -50.18
C ALA E 161 7.29 -1.82 -49.24
N LYS E 162 7.88 -1.48 -48.10
CA LYS E 162 7.37 -0.43 -47.24
C LYS E 162 8.48 -0.01 -46.28
N ALA E 163 8.10 0.75 -45.27
CA ALA E 163 9.04 1.43 -44.40
C ALA E 163 8.73 1.18 -42.94
N ILE E 164 9.44 1.88 -42.07
CA ILE E 164 9.37 1.73 -40.63
C ILE E 164 9.49 3.09 -39.96
N GLY E 165 9.54 3.06 -38.63
CA GLY E 165 10.15 4.11 -37.85
C GLY E 165 9.50 5.47 -37.98
N SER E 166 10.36 6.49 -37.94
CA SER E 166 9.92 7.88 -37.87
C SER E 166 8.99 8.23 -39.02
N GLY E 167 9.44 8.03 -40.24
CA GLY E 167 8.70 8.48 -41.40
C GLY E 167 7.65 7.50 -41.88
N SER E 168 7.28 6.54 -41.04
CA SER E 168 6.43 5.44 -41.44
C SER E 168 5.09 5.89 -42.02
N GLU E 169 4.27 6.54 -41.21
CA GLU E 169 2.88 6.80 -41.58
C GLU E 169 2.76 7.72 -42.79
N GLY E 170 3.76 8.55 -43.06
CA GLY E 170 3.70 9.50 -44.14
C GLY E 170 4.42 9.06 -45.39
N ALA E 171 5.64 8.54 -45.19
CA ALA E 171 6.51 8.27 -46.33
C ALA E 171 5.97 7.14 -47.19
N GLN E 172 5.49 6.07 -46.55
CA GLN E 172 5.00 4.91 -47.28
C GLN E 172 3.92 5.26 -48.29
N ALA E 173 3.16 6.32 -48.03
CA ALA E 173 2.10 6.73 -48.95
C ALA E 173 2.65 7.01 -50.33
N GLU E 174 3.77 7.71 -50.39
CA GLU E 174 4.44 7.91 -51.67
C GLU E 174 4.87 6.59 -52.27
N LEU E 175 5.41 5.70 -51.43
CA LEU E 175 5.81 4.39 -51.90
C LEU E 175 4.61 3.59 -52.35
N LEU E 176 3.50 3.72 -51.62
CA LEU E 176 2.27 3.06 -52.02
C LEU E 176 1.79 3.58 -53.36
N ASN E 177 2.13 4.82 -53.68
CA ASN E 177 1.69 5.43 -54.93
C ASN E 177 2.59 5.08 -56.08
N GLU E 178 3.86 4.78 -55.80
CA GLU E 178 4.92 4.87 -56.79
C GLU E 178 5.75 3.60 -56.91
N TRP E 179 5.17 2.45 -56.57
CA TRP E 179 5.75 1.16 -56.90
C TRP E 179 4.86 0.45 -57.90
N HIS E 180 5.47 -0.38 -58.73
CA HIS E 180 4.74 -1.20 -59.68
C HIS E 180 5.62 -2.40 -60.04
N SER E 181 5.24 -3.10 -61.11
CA SER E 181 5.91 -4.34 -61.46
C SER E 181 7.18 -4.11 -62.28
N SER E 182 7.08 -3.31 -63.33
CA SER E 182 8.05 -3.31 -64.43
C SER E 182 9.09 -2.22 -64.31
N LEU E 183 9.55 -1.92 -63.10
CA LEU E 183 10.58 -0.93 -62.87
C LEU E 183 11.96 -1.58 -62.79
N THR E 184 12.98 -0.73 -62.71
CA THR E 184 14.36 -1.17 -62.77
C THR E 184 14.89 -1.42 -61.37
N LEU E 185 16.20 -1.58 -61.28
CA LEU E 185 16.93 -1.62 -60.01
C LEU E 185 17.34 -0.21 -59.59
N LYS E 186 18.09 0.47 -60.46
CA LYS E 186 18.69 1.74 -60.10
C LYS E 186 17.64 2.82 -59.91
N GLU E 187 16.50 2.70 -60.59
CA GLU E 187 15.37 3.57 -60.27
C GLU E 187 14.97 3.42 -58.82
N ALA E 188 15.18 2.24 -58.24
CA ALA E 188 14.95 2.03 -56.82
C ALA E 188 16.17 2.36 -56.00
N GLU E 189 17.35 2.38 -56.61
CA GLU E 189 18.52 2.92 -55.93
C GLU E 189 18.47 4.42 -55.79
N LEU E 190 17.51 5.09 -56.43
CA LEU E 190 17.37 6.54 -56.38
C LEU E 190 16.01 7.00 -55.88
N LEU E 191 14.97 6.22 -56.08
CA LEU E 191 13.64 6.65 -55.65
C LEU E 191 13.59 6.83 -54.14
N VAL E 192 14.34 6.02 -53.42
CA VAL E 192 14.40 6.15 -51.97
C VAL E 192 14.92 7.54 -51.60
N LEU E 193 15.86 8.05 -52.38
CA LEU E 193 16.49 9.32 -52.05
C LEU E 193 15.52 10.47 -52.26
N LYS E 194 14.58 10.33 -53.19
CA LYS E 194 13.49 11.29 -53.25
C LYS E 194 12.69 11.28 -51.97
N ILE E 195 12.62 10.12 -51.31
CA ILE E 195 11.83 9.98 -50.11
C ILE E 195 12.63 10.40 -48.89
N LEU E 196 13.80 9.80 -48.71
CA LEU E 196 14.56 10.05 -47.49
C LEU E 196 14.99 11.50 -47.39
N LYS E 197 15.16 12.17 -48.53
CA LYS E 197 15.42 13.60 -48.51
C LYS E 197 14.26 14.37 -47.91
N GLN E 198 13.05 13.80 -47.92
CA GLN E 198 11.91 14.46 -47.28
C GLN E 198 12.12 14.51 -45.77
N VAL E 199 12.36 13.36 -45.16
CA VAL E 199 12.17 13.19 -43.73
C VAL E 199 13.51 13.11 -43.01
N MET E 200 14.52 13.78 -43.56
CA MET E 200 15.73 14.08 -42.84
C MET E 200 15.63 15.50 -42.28
N GLU E 201 16.23 15.69 -41.10
CA GLU E 201 16.19 16.97 -40.41
C GLU E 201 17.33 17.88 -40.82
N GLU E 202 17.87 17.68 -42.02
CA GLU E 202 18.99 18.46 -42.53
C GLU E 202 19.20 18.04 -43.97
N LYS E 203 19.90 18.89 -44.72
CA LYS E 203 20.25 18.55 -46.09
C LYS E 203 21.03 17.24 -46.12
N LEU E 204 20.79 16.46 -47.15
CA LEU E 204 21.45 15.17 -47.26
C LEU E 204 22.95 15.34 -47.46
N ASP E 205 23.69 14.37 -46.94
CA ASP E 205 25.10 14.16 -47.26
C ASP E 205 25.28 12.76 -47.80
N GLU E 206 26.50 12.49 -48.27
CA GLU E 206 26.90 11.12 -48.56
C GLU E 206 27.07 10.27 -47.31
N ASN E 207 27.03 10.88 -46.11
CA ASN E 207 27.28 10.19 -44.87
C ASN E 207 26.06 10.10 -43.96
N ASN E 208 25.03 10.90 -44.21
CA ASN E 208 23.76 10.69 -43.51
C ASN E 208 23.27 9.27 -43.72
N ALA E 209 23.32 8.80 -44.95
CA ALA E 209 22.73 7.53 -45.35
C ALA E 209 23.78 6.67 -46.04
N GLN E 210 23.35 5.48 -46.43
CA GLN E 210 24.17 4.55 -47.19
C GLN E 210 23.26 3.45 -47.66
N LEU E 211 23.72 2.71 -48.67
CA LEU E 211 22.86 1.81 -49.41
C LEU E 211 23.57 0.50 -49.66
N SER E 212 22.79 -0.48 -50.08
CA SER E 212 23.30 -1.81 -50.36
C SER E 212 22.29 -2.53 -51.22
N CYS E 213 22.73 -3.01 -52.37
CA CYS E 213 21.86 -3.77 -53.26
C CYS E 213 21.92 -5.24 -52.88
N ILE E 214 21.26 -6.07 -53.68
CA ILE E 214 21.32 -7.51 -53.50
C ILE E 214 20.91 -8.17 -54.81
N THR E 215 21.68 -9.17 -55.24
CA THR E 215 21.58 -9.70 -56.60
C THR E 215 21.84 -11.20 -56.61
N LYS E 216 20.99 -11.95 -57.33
CA LYS E 216 21.21 -13.37 -57.51
C LYS E 216 22.44 -13.68 -58.37
N GLN E 217 23.07 -12.67 -58.98
CA GLN E 217 24.25 -12.88 -59.81
C GLN E 217 25.52 -12.79 -58.97
N ASP E 218 25.75 -11.65 -58.33
CA ASP E 218 26.89 -11.46 -57.46
C ASP E 218 26.59 -11.90 -56.04
N GLY E 219 25.44 -11.48 -55.52
CA GLY E 219 25.09 -11.67 -54.13
C GLY E 219 24.96 -10.34 -53.42
N PHE E 220 25.66 -10.20 -52.31
CA PHE E 220 25.51 -9.07 -51.43
C PHE E 220 26.54 -7.99 -51.73
N LYS E 221 26.18 -6.74 -51.45
CA LYS E 221 27.08 -5.62 -51.74
C LYS E 221 26.61 -4.39 -50.99
N ILE E 222 27.47 -3.84 -50.16
CA ILE E 222 27.32 -2.49 -49.63
C ILE E 222 28.05 -1.54 -50.57
N TYR E 223 27.54 -0.32 -50.69
CA TYR E 223 28.16 0.69 -51.53
C TYR E 223 29.19 1.46 -50.70
N ASP E 224 29.70 2.55 -51.27
CA ASP E 224 30.72 3.38 -50.65
C ASP E 224 30.13 4.75 -50.40
N ASN E 225 30.84 5.58 -49.64
CA ASN E 225 30.33 6.91 -49.31
C ASN E 225 30.12 7.76 -50.56
N GLU E 226 30.94 7.54 -51.59
CA GLU E 226 30.92 8.36 -52.78
C GLU E 226 29.89 7.87 -53.79
N LYS E 227 29.74 6.56 -53.92
CA LYS E 227 28.88 6.00 -54.94
C LYS E 227 27.41 6.17 -54.61
N THR E 228 27.07 6.63 -53.41
CA THR E 228 25.77 7.23 -53.19
C THR E 228 25.72 8.65 -53.75
N ALA E 229 26.83 9.38 -53.62
CA ALA E 229 26.85 10.79 -53.98
C ALA E 229 26.64 10.99 -55.47
N GLU E 230 27.20 10.08 -56.28
CA GLU E 230 27.15 10.25 -57.72
C GLU E 230 25.72 10.16 -58.22
N LEU E 231 24.91 9.31 -57.59
CA LEU E 231 23.53 9.15 -58.02
C LEU E 231 22.65 10.28 -57.48
N ILE E 232 23.03 10.85 -56.34
CA ILE E 232 22.31 12.02 -55.86
C ILE E 232 22.38 13.14 -56.88
N LYS E 233 23.55 13.35 -57.46
CA LYS E 233 23.64 14.25 -58.60
C LYS E 233 22.74 13.77 -59.72
N GLU E 234 22.68 12.45 -59.92
CA GLU E 234 21.74 11.90 -60.88
C GLU E 234 20.30 12.19 -60.48
N LEU E 235 20.03 12.22 -59.17
CA LEU E 235 18.72 12.68 -58.73
C LEU E 235 18.57 14.16 -59.00
N LYS E 236 19.60 14.93 -58.66
CA LYS E 236 19.58 16.34 -59.02
C LYS E 236 19.69 16.53 -60.53
N GLU E 237 20.09 15.50 -61.27
CA GLU E 237 19.93 15.52 -62.71
C GLU E 237 18.46 15.56 -63.11
N LYS E 238 17.56 15.12 -62.22
CA LYS E 238 16.13 15.29 -62.39
C LYS E 238 15.56 16.37 -61.48
N GLU E 239 16.15 16.59 -60.31
CA GLU E 239 15.67 17.67 -59.47
C GLU E 239 16.02 19.02 -60.07
N ALA E 240 17.14 19.10 -60.77
CA ALA E 240 17.50 20.33 -61.47
C ALA E 240 16.78 20.45 -62.81
N ALA E 241 16.57 19.31 -63.48
CA ALA E 241 15.84 19.32 -64.74
C ALA E 241 14.37 19.67 -64.51
N GLU E 242 13.68 18.84 -63.75
CA GLU E 242 12.26 19.06 -63.46
C GLU E 242 12.11 19.90 -62.20
N PHE F 1 -16.97 -1.45 -10.28
CA PHE F 1 -16.50 -0.61 -11.38
C PHE F 1 -15.10 -1.02 -11.80
N ARG F 2 -14.27 -1.36 -10.81
CA ARG F 2 -12.87 -1.73 -11.02
C ARG F 2 -12.64 -3.05 -10.31
N ASN F 3 -12.91 -4.15 -11.02
CA ASN F 3 -12.73 -5.48 -10.45
C ASN F 3 -11.24 -5.72 -10.20
N ASN F 4 -10.85 -5.74 -8.93
CA ASN F 4 -9.49 -6.13 -8.58
C ASN F 4 -9.22 -7.59 -8.89
N TYR F 5 -10.26 -8.41 -9.04
CA TYR F 5 -10.13 -9.77 -9.52
C TYR F 5 -9.99 -9.80 -11.04
N ASP F 6 -9.01 -9.06 -11.56
CA ASP F 6 -8.74 -8.96 -12.98
C ASP F 6 -7.25 -9.14 -13.26
N GLY F 7 -6.47 -9.51 -12.24
CA GLY F 7 -5.04 -9.57 -12.40
C GLY F 7 -4.62 -10.93 -12.89
N ASP F 8 -3.87 -11.65 -12.07
CA ASP F 8 -3.41 -12.96 -12.46
C ASP F 8 -4.60 -13.91 -12.57
N THR F 9 -4.29 -15.14 -12.98
CA THR F 9 -5.31 -16.07 -13.40
C THR F 9 -6.11 -16.61 -12.22
N VAL F 10 -5.42 -17.26 -11.28
CA VAL F 10 -6.03 -18.17 -10.33
C VAL F 10 -7.16 -17.56 -9.54
N THR F 11 -7.16 -16.24 -9.35
CA THR F 11 -8.18 -15.58 -8.56
C THR F 11 -9.56 -15.80 -9.16
N PHE F 12 -10.40 -16.53 -8.45
CA PHE F 12 -11.79 -16.61 -8.84
C PHE F 12 -12.50 -15.30 -8.57
N SER F 13 -13.66 -15.16 -9.18
CA SER F 13 -14.55 -14.07 -8.90
C SER F 13 -15.28 -14.33 -7.60
N PRO F 14 -16.05 -13.36 -7.11
CA PRO F 14 -17.08 -13.64 -6.11
C PRO F 14 -18.34 -14.26 -6.67
N THR F 15 -18.32 -14.73 -7.92
CA THR F 15 -19.46 -15.39 -8.52
C THR F 15 -19.10 -16.65 -9.28
N GLY F 16 -17.82 -16.96 -9.44
CA GLY F 16 -17.40 -18.22 -10.03
C GLY F 16 -16.81 -18.06 -11.41
N ARG F 17 -16.08 -16.97 -11.61
CA ARG F 17 -15.57 -16.61 -12.91
C ARG F 17 -14.08 -16.29 -12.82
N LEU F 18 -13.41 -16.47 -13.94
CA LEU F 18 -12.02 -16.09 -14.13
C LEU F 18 -12.01 -14.95 -15.14
N PHE F 19 -11.93 -13.72 -14.64
CA PHE F 19 -12.13 -12.56 -15.48
C PHE F 19 -11.03 -12.41 -16.53
N GLN F 20 -9.87 -13.02 -16.32
CA GLN F 20 -8.89 -13.10 -17.40
C GLN F 20 -9.48 -13.81 -18.59
N VAL F 21 -10.03 -15.01 -18.35
CA VAL F 21 -10.50 -15.86 -19.42
C VAL F 21 -11.62 -15.19 -20.18
N GLU F 22 -12.69 -14.81 -19.48
CA GLU F 22 -13.85 -14.21 -20.13
C GLU F 22 -13.47 -12.96 -20.91
N TYR F 23 -12.48 -12.23 -20.43
CA TYR F 23 -11.95 -11.08 -21.16
C TYR F 23 -10.96 -11.50 -22.25
N ALA F 24 -10.56 -12.75 -22.29
CA ALA F 24 -9.76 -13.27 -23.39
C ALA F 24 -10.62 -13.73 -24.56
N LEU F 25 -11.73 -14.40 -24.26
CA LEU F 25 -12.54 -15.01 -25.30
C LEU F 25 -13.13 -13.99 -26.25
N GLU F 26 -13.20 -12.72 -25.85
CA GLU F 26 -13.57 -11.66 -26.78
C GLU F 26 -12.45 -11.34 -27.78
N ALA F 27 -11.26 -11.92 -27.61
CA ALA F 27 -10.17 -11.71 -28.56
C ALA F 27 -10.59 -12.13 -29.96
N ILE F 28 -10.90 -13.40 -30.11
CA ILE F 28 -11.44 -13.95 -31.36
C ILE F 28 -12.61 -13.14 -31.87
N LYS F 29 -13.39 -12.54 -30.98
CA LYS F 29 -14.41 -11.59 -31.41
C LYS F 29 -13.77 -10.44 -32.18
N GLN F 30 -12.56 -10.05 -31.77
CA GLN F 30 -11.79 -9.06 -32.51
C GLN F 30 -10.94 -9.70 -33.59
N GLY F 31 -10.81 -11.02 -33.59
CA GLY F 31 -10.24 -11.73 -34.71
C GLY F 31 -11.27 -12.02 -35.80
N SER F 32 -10.79 -12.67 -36.85
CA SER F 32 -11.57 -12.93 -38.05
C SER F 32 -12.39 -14.21 -37.92
N VAL F 33 -12.91 -14.68 -39.04
CA VAL F 33 -13.71 -15.90 -39.11
C VAL F 33 -12.96 -16.96 -39.91
N THR F 34 -13.18 -18.21 -39.53
CA THR F 34 -12.80 -19.35 -40.32
C THR F 34 -13.80 -20.45 -40.00
N VAL F 35 -14.54 -20.90 -40.99
CA VAL F 35 -15.65 -21.82 -40.78
C VAL F 35 -15.27 -23.19 -41.31
N GLY F 36 -16.15 -24.14 -41.06
CA GLY F 36 -15.91 -25.52 -41.41
C GLY F 36 -17.11 -26.38 -41.11
N LEU F 37 -17.23 -27.49 -41.81
CA LEU F 37 -18.38 -28.37 -41.67
C LEU F 37 -17.99 -29.75 -42.17
N ARG F 38 -18.97 -30.66 -42.23
CA ARG F 38 -18.68 -31.98 -42.74
C ARG F 38 -19.94 -32.67 -43.21
N SER F 39 -19.72 -33.64 -44.08
CA SER F 39 -20.68 -34.67 -44.41
C SER F 39 -20.42 -35.88 -43.52
N ASN F 40 -21.05 -37.00 -43.85
CA ASN F 40 -20.65 -38.29 -43.31
C ASN F 40 -19.35 -38.80 -43.93
N THR F 41 -18.81 -38.11 -44.93
CA THR F 41 -17.64 -38.57 -45.67
C THR F 41 -16.58 -37.52 -45.91
N HIS F 42 -16.89 -36.23 -45.86
CA HIS F 42 -15.93 -35.20 -46.26
C HIS F 42 -16.16 -33.96 -45.40
N ALA F 43 -15.06 -33.36 -44.98
CA ALA F 43 -15.08 -32.17 -44.14
C ALA F 43 -14.20 -31.08 -44.72
N VAL F 44 -14.42 -29.86 -44.23
CA VAL F 44 -13.95 -28.66 -44.89
C VAL F 44 -13.36 -27.71 -43.87
N LEU F 45 -12.40 -26.91 -44.32
CA LEU F 45 -11.96 -25.69 -43.64
C LEU F 45 -12.16 -24.52 -44.58
N VAL F 46 -12.36 -23.35 -43.99
CA VAL F 46 -12.55 -22.12 -44.72
C VAL F 46 -11.97 -20.99 -43.89
N ALA F 47 -11.46 -19.97 -44.56
CA ALA F 47 -10.95 -18.83 -43.82
C ALA F 47 -10.83 -17.63 -44.75
N LEU F 48 -11.60 -16.59 -44.47
CA LEU F 48 -11.21 -15.25 -44.85
C LEU F 48 -9.80 -14.98 -44.36
N LYS F 49 -9.04 -14.28 -45.19
CA LYS F 49 -7.76 -13.73 -44.78
C LYS F 49 -7.87 -12.23 -44.62
N ARG F 50 -6.99 -11.69 -43.78
CA ARG F 50 -7.04 -10.31 -43.34
C ARG F 50 -5.73 -9.66 -43.75
N ASN F 51 -5.82 -8.74 -44.70
CA ASN F 51 -4.64 -8.20 -45.36
C ASN F 51 -4.29 -6.82 -44.82
N ALA F 52 -3.01 -6.49 -44.93
CA ALA F 52 -2.48 -5.29 -44.29
C ALA F 52 -2.78 -4.04 -45.10
N ASP F 53 -2.26 -3.98 -46.32
CA ASP F 53 -2.43 -2.82 -47.19
C ASP F 53 -2.61 -3.34 -48.61
N GLU F 54 -2.52 -2.43 -49.57
CA GLU F 54 -2.62 -2.80 -50.97
C GLU F 54 -1.35 -3.46 -51.51
N LEU F 55 -0.30 -3.56 -50.69
CA LEU F 55 1.00 -4.07 -51.10
C LEU F 55 1.33 -5.43 -50.51
N SER F 56 1.01 -5.61 -49.24
CA SER F 56 1.44 -6.78 -48.51
C SER F 56 0.83 -8.05 -49.09
N SER F 57 1.47 -9.15 -48.78
CA SER F 57 0.85 -10.45 -48.89
C SER F 57 -0.08 -10.60 -47.69
N TYR F 58 -0.64 -11.79 -47.52
CA TYR F 58 -1.78 -11.97 -46.64
C TYR F 58 -1.42 -12.79 -45.42
N GLN F 59 -2.21 -12.59 -44.37
CA GLN F 59 -2.10 -13.38 -43.15
C GLN F 59 -2.74 -14.74 -43.38
N LYS F 60 -2.04 -15.78 -42.98
CA LYS F 60 -2.50 -17.14 -43.22
C LYS F 60 -3.41 -17.62 -42.10
N LYS F 61 -4.21 -18.62 -42.42
CA LYS F 61 -5.26 -19.09 -41.55
C LYS F 61 -5.34 -20.60 -41.44
N ILE F 62 -4.62 -21.36 -42.27
CA ILE F 62 -4.71 -22.80 -42.30
C ILE F 62 -3.31 -23.39 -42.26
N ILE F 63 -3.19 -24.54 -41.61
CA ILE F 63 -1.95 -25.27 -41.53
C ILE F 63 -2.29 -26.74 -41.54
N LYS F 64 -1.46 -27.54 -42.20
CA LYS F 64 -1.57 -28.98 -42.10
C LYS F 64 -0.78 -29.46 -40.89
N CYS F 65 -1.40 -30.36 -40.14
CA CYS F 65 -0.64 -31.14 -39.17
C CYS F 65 0.11 -32.26 -39.86
N ASP F 66 -0.64 -33.19 -40.46
CA ASP F 66 -0.09 -34.38 -41.06
C ASP F 66 -1.04 -34.83 -42.16
N GLU F 67 -0.67 -35.95 -42.80
CA GLU F 67 -1.32 -36.38 -44.03
C GLU F 67 -2.82 -36.64 -43.87
N HIS F 68 -3.30 -36.82 -42.65
CA HIS F 68 -4.71 -37.06 -42.39
C HIS F 68 -5.24 -36.08 -41.35
N MET F 69 -4.75 -34.85 -41.41
CA MET F 69 -5.22 -33.82 -40.50
C MET F 69 -4.83 -32.46 -41.02
N GLY F 70 -5.66 -31.47 -40.70
CA GLY F 70 -5.35 -30.08 -40.91
C GLY F 70 -6.06 -29.30 -39.82
N LEU F 71 -5.92 -27.99 -39.85
CA LEU F 71 -6.70 -27.17 -38.93
C LEU F 71 -6.76 -25.75 -39.46
N SER F 72 -7.45 -24.91 -38.70
CA SER F 72 -7.63 -23.51 -39.03
C SER F 72 -7.91 -22.79 -37.73
N LEU F 73 -7.52 -21.52 -37.69
CA LEU F 73 -7.44 -20.79 -36.43
C LEU F 73 -8.22 -19.50 -36.49
N ALA F 74 -8.07 -18.68 -35.46
CA ALA F 74 -8.81 -17.45 -35.31
C ALA F 74 -8.16 -16.59 -34.25
N GLY F 75 -7.90 -15.34 -34.58
CA GLY F 75 -7.27 -14.45 -33.64
C GLY F 75 -5.76 -14.42 -33.74
N LEU F 76 -5.08 -15.12 -32.85
CA LEU F 76 -3.64 -15.04 -32.73
C LEU F 76 -2.96 -16.18 -33.48
N ALA F 77 -1.92 -15.85 -34.20
CA ALA F 77 -1.05 -16.85 -34.80
C ALA F 77 -0.07 -17.47 -33.80
N PRO F 78 0.75 -16.67 -33.12
CA PRO F 78 1.96 -17.23 -32.50
C PRO F 78 1.69 -18.21 -31.38
N ASP F 79 0.83 -17.86 -30.42
CA ASP F 79 0.43 -18.85 -29.43
C ASP F 79 -0.34 -20.00 -30.05
N ALA F 80 -0.92 -19.78 -31.23
CA ALA F 80 -1.62 -20.86 -31.90
C ALA F 80 -0.69 -21.73 -32.72
N ARG F 81 0.44 -21.18 -33.18
CA ARG F 81 1.37 -21.99 -33.94
C ARG F 81 1.89 -23.15 -33.13
N VAL F 82 2.42 -22.86 -31.94
CA VAL F 82 3.16 -23.85 -31.17
C VAL F 82 2.31 -25.09 -30.92
N LEU F 83 1.00 -24.90 -30.75
CA LEU F 83 0.12 -26.05 -30.61
C LEU F 83 0.11 -26.88 -31.87
N SER F 84 0.26 -26.25 -33.03
CA SER F 84 0.38 -27.04 -34.24
C SER F 84 1.69 -27.82 -34.22
N ASN F 85 2.81 -27.12 -34.03
CA ASN F 85 4.10 -27.79 -33.94
C ASN F 85 4.12 -28.74 -32.74
N TYR F 86 3.32 -28.48 -31.72
CA TYR F 86 3.23 -29.39 -30.59
C TYR F 86 2.72 -30.75 -31.04
N LEU F 87 1.49 -30.79 -31.51
CA LEU F 87 0.83 -32.07 -31.73
C LEU F 87 1.40 -32.84 -32.90
N ARG F 88 2.23 -32.22 -33.74
CA ARG F 88 2.94 -33.00 -34.74
C ARG F 88 3.77 -34.09 -34.09
N GLN F 89 4.43 -33.75 -33.00
CA GLN F 89 5.14 -34.77 -32.24
C GLN F 89 4.17 -35.82 -31.72
N GLN F 90 3.01 -35.38 -31.24
CA GLN F 90 1.98 -36.30 -30.79
C GLN F 90 1.13 -36.84 -31.92
N CYS F 91 1.60 -36.70 -33.16
CA CYS F 91 1.10 -37.48 -34.27
C CYS F 91 2.20 -38.22 -34.99
N ASN F 92 3.46 -37.85 -34.78
CA ASN F 92 4.59 -38.68 -35.21
C ASN F 92 4.81 -39.82 -34.24
N TYR F 93 4.81 -39.48 -32.94
CA TYR F 93 4.94 -40.45 -31.86
C TYR F 93 4.01 -41.63 -32.05
N SER F 94 2.75 -41.36 -32.42
CA SER F 94 1.83 -42.42 -32.79
C SER F 94 2.40 -43.29 -33.90
N SER F 95 2.71 -42.67 -35.02
CA SER F 95 3.13 -43.39 -36.21
C SER F 95 4.55 -43.92 -36.13
N LEU F 96 5.22 -43.87 -34.98
CA LEU F 96 6.49 -44.54 -34.79
C LEU F 96 6.46 -45.51 -33.62
N VAL F 97 5.84 -45.13 -32.51
CA VAL F 97 5.62 -46.09 -31.43
C VAL F 97 4.74 -47.22 -31.92
N PHE F 98 3.60 -46.87 -32.50
CA PHE F 98 2.58 -47.84 -32.86
C PHE F 98 2.62 -48.18 -34.35
N ASN F 99 2.50 -47.15 -35.19
CA ASN F 99 2.10 -47.17 -36.59
C ASN F 99 0.58 -47.34 -36.71
N ARG F 100 -0.14 -47.55 -35.62
CA ARG F 100 -1.60 -47.50 -35.61
C ARG F 100 -1.95 -46.02 -35.52
N LYS F 101 -2.17 -45.40 -36.67
CA LYS F 101 -2.12 -43.95 -36.82
C LYS F 101 -3.17 -43.25 -35.97
N LEU F 102 -3.14 -41.92 -36.00
CA LEU F 102 -3.72 -41.12 -34.94
C LEU F 102 -5.20 -40.92 -35.14
N ALA F 103 -5.96 -41.20 -34.09
CA ALA F 103 -7.36 -40.84 -34.06
C ALA F 103 -7.50 -39.38 -33.66
N VAL F 104 -8.46 -38.71 -34.28
CA VAL F 104 -8.55 -37.26 -34.15
C VAL F 104 -8.96 -36.87 -32.74
N GLU F 105 -9.98 -37.52 -32.20
CA GLU F 105 -10.68 -36.97 -31.06
C GLU F 105 -9.82 -36.96 -29.81
N ARG F 106 -8.87 -37.89 -29.71
CA ARG F 106 -8.01 -37.89 -28.53
C ARG F 106 -7.07 -36.71 -28.57
N ALA F 107 -6.74 -36.22 -29.76
CA ALA F 107 -5.92 -35.03 -29.87
C ALA F 107 -6.55 -33.86 -29.14
N GLY F 108 -7.82 -33.62 -29.41
CA GLY F 108 -8.55 -32.63 -28.64
C GLY F 108 -8.54 -32.95 -27.16
N HIS F 109 -8.67 -34.24 -26.83
CA HIS F 109 -8.64 -34.65 -25.43
C HIS F 109 -7.22 -34.75 -24.91
N LEU F 110 -6.22 -34.62 -25.79
CA LEU F 110 -4.90 -34.19 -25.35
C LEU F 110 -4.86 -32.68 -25.22
N LEU F 111 -5.44 -31.99 -26.19
CA LEU F 111 -5.26 -30.56 -26.30
C LEU F 111 -5.90 -29.82 -25.15
N CYS F 112 -7.09 -30.25 -24.75
CA CYS F 112 -7.73 -29.69 -23.56
C CYS F 112 -6.88 -29.90 -22.33
N ASP F 113 -6.10 -30.97 -22.31
CA ASP F 113 -5.24 -31.26 -21.18
C ASP F 113 -3.95 -30.45 -21.21
N LYS F 114 -3.76 -29.60 -22.22
CA LYS F 114 -2.62 -28.69 -22.26
C LYS F 114 -2.94 -27.37 -21.58
N ALA F 115 -3.95 -26.67 -22.08
CA ALA F 115 -4.22 -25.31 -21.65
C ALA F 115 -4.52 -25.25 -20.17
N GLN F 116 -5.22 -26.26 -19.65
CA GLN F 116 -5.51 -26.32 -18.23
C GLN F 116 -4.24 -26.40 -17.41
N LYS F 117 -3.17 -26.93 -17.99
CA LYS F 117 -1.85 -26.88 -17.39
C LYS F 117 -1.18 -25.54 -17.60
N ASN F 118 -1.90 -24.50 -18.03
CA ASN F 118 -1.38 -23.16 -18.18
C ASN F 118 -2.19 -22.12 -17.44
N THR F 119 -3.37 -22.44 -16.95
CA THR F 119 -4.21 -21.48 -16.24
C THR F 119 -3.87 -21.42 -14.76
N GLN F 120 -3.64 -22.56 -14.13
CA GLN F 120 -3.54 -22.66 -12.69
C GLN F 120 -2.10 -22.70 -12.20
N SER F 121 -1.23 -21.95 -12.85
CA SER F 121 0.11 -21.71 -12.36
C SER F 121 0.46 -20.26 -12.59
N TYR F 122 1.09 -19.66 -11.58
CA TYR F 122 1.49 -18.27 -11.69
C TYR F 122 2.49 -18.11 -12.82
N GLY F 123 2.38 -17.00 -13.52
CA GLY F 123 3.04 -16.83 -14.79
C GLY F 123 2.24 -17.53 -15.87
N GLY F 124 2.48 -17.20 -17.13
CA GLY F 124 1.80 -17.90 -18.20
C GLY F 124 0.38 -17.43 -18.43
N ARG F 125 0.03 -17.25 -19.68
CA ARG F 125 -1.31 -16.91 -20.12
C ARG F 125 -1.95 -18.10 -20.79
N PRO F 126 -3.23 -18.01 -21.11
CA PRO F 126 -3.84 -19.02 -21.98
C PRO F 126 -3.34 -18.90 -23.40
N TYR F 127 -3.47 -20.00 -24.13
CA TYR F 127 -3.20 -19.99 -25.56
C TYR F 127 -4.46 -19.46 -26.19
N GLY F 128 -4.59 -18.14 -26.13
CA GLY F 128 -5.87 -17.48 -26.28
C GLY F 128 -6.37 -17.37 -27.69
N VAL F 129 -6.84 -18.48 -28.26
CA VAL F 129 -7.50 -18.48 -29.55
C VAL F 129 -8.61 -19.51 -29.56
N GLY F 130 -9.40 -19.43 -30.63
CA GLY F 130 -10.26 -20.51 -31.03
C GLY F 130 -9.75 -21.03 -32.35
N LEU F 131 -10.00 -22.31 -32.60
CA LEU F 131 -9.46 -22.95 -33.79
C LEU F 131 -10.28 -24.17 -34.10
N LEU F 132 -10.07 -24.70 -35.31
CA LEU F 132 -10.91 -25.73 -35.87
C LEU F 132 -10.06 -26.83 -36.43
N ILE F 133 -10.38 -28.07 -36.07
CA ILE F 133 -9.59 -29.24 -36.41
C ILE F 133 -10.42 -30.18 -37.25
N ILE F 134 -9.77 -30.84 -38.20
CA ILE F 134 -10.41 -31.72 -39.18
C ILE F 134 -9.57 -32.96 -39.39
N GLY F 135 -10.13 -33.90 -40.13
CA GLY F 135 -9.38 -35.07 -40.55
C GLY F 135 -10.29 -36.28 -40.63
N TYR F 136 -9.66 -37.43 -40.81
CA TYR F 136 -10.36 -38.68 -41.08
C TYR F 136 -9.61 -39.84 -40.45
N ASP F 137 -10.37 -40.84 -40.04
CA ASP F 137 -9.80 -42.06 -39.49
C ASP F 137 -10.72 -43.22 -39.85
N LYS F 138 -10.56 -44.35 -39.16
CA LYS F 138 -11.44 -45.49 -39.35
C LYS F 138 -12.89 -45.18 -38.99
N SER F 139 -13.13 -44.12 -38.24
CA SER F 139 -14.46 -43.82 -37.72
C SER F 139 -15.25 -42.86 -38.59
N GLY F 140 -14.77 -42.57 -39.79
CA GLY F 140 -15.37 -41.53 -40.61
C GLY F 140 -14.65 -40.21 -40.43
N ALA F 141 -15.33 -39.14 -40.80
CA ALA F 141 -14.81 -37.78 -40.69
C ALA F 141 -15.36 -37.11 -39.43
N HIS F 142 -14.59 -36.14 -38.93
CA HIS F 142 -14.94 -35.45 -37.71
C HIS F 142 -14.51 -33.99 -37.80
N LEU F 143 -15.34 -33.11 -37.24
CA LEU F 143 -15.02 -31.71 -37.05
C LEU F 143 -15.00 -31.41 -35.55
N LEU F 144 -14.25 -30.37 -35.19
CA LEU F 144 -14.08 -29.99 -33.80
C LEU F 144 -14.20 -28.49 -33.65
N GLU F 145 -14.43 -28.11 -32.40
CA GLU F 145 -14.41 -26.72 -31.97
C GLU F 145 -13.37 -26.60 -30.87
N PHE F 146 -12.81 -25.40 -30.74
CA PHE F 146 -11.86 -25.13 -29.69
C PHE F 146 -12.15 -23.77 -29.07
N GLN F 147 -11.81 -23.69 -27.80
CA GLN F 147 -11.92 -22.53 -26.94
C GLN F 147 -10.64 -22.54 -26.13
N PRO F 148 -10.07 -21.38 -25.80
CA PRO F 148 -8.90 -21.42 -24.92
C PRO F 148 -9.24 -21.89 -23.53
N SER F 149 -10.52 -21.87 -23.17
CA SER F 149 -11.00 -22.56 -21.98
C SER F 149 -10.46 -23.98 -21.90
N GLY F 150 -10.78 -24.78 -22.92
CA GLY F 150 -10.51 -26.19 -22.92
C GLY F 150 -11.65 -26.96 -23.55
N ASN F 151 -12.83 -26.34 -23.54
CA ASN F 151 -14.00 -26.97 -24.12
C ASN F 151 -13.78 -27.26 -25.59
N VAL F 152 -13.95 -28.53 -25.97
CA VAL F 152 -13.89 -28.95 -27.36
C VAL F 152 -14.97 -29.98 -27.59
N THR F 153 -15.61 -29.88 -28.75
CA THR F 153 -16.87 -30.56 -29.01
C THR F 153 -16.96 -31.02 -30.46
N GLU F 154 -17.66 -32.14 -30.67
CA GLU F 154 -17.84 -32.74 -31.99
C GLU F 154 -19.05 -32.12 -32.66
N LEU F 155 -18.83 -31.32 -33.70
CA LEU F 155 -19.88 -30.57 -34.35
C LEU F 155 -20.03 -30.97 -35.81
N TYR F 156 -21.18 -30.62 -36.37
CA TYR F 156 -21.44 -30.76 -37.79
C TYR F 156 -20.80 -29.64 -38.57
N GLY F 157 -20.94 -28.41 -38.09
CA GLY F 157 -20.34 -27.25 -38.71
C GLY F 157 -20.58 -26.01 -37.88
N THR F 158 -19.63 -25.09 -37.85
CA THR F 158 -19.74 -23.92 -36.99
C THR F 158 -18.92 -22.78 -37.55
N ALA F 159 -18.81 -21.70 -36.77
CA ALA F 159 -18.15 -20.49 -37.22
C ALA F 159 -17.53 -19.77 -36.04
N ILE F 160 -16.74 -18.74 -36.35
CA ILE F 160 -15.87 -18.10 -35.37
C ILE F 160 -15.82 -16.60 -35.63
N GLY F 161 -15.71 -15.84 -34.54
CA GLY F 161 -15.20 -14.50 -34.59
C GLY F 161 -16.19 -13.49 -35.13
N ALA F 162 -15.61 -12.42 -35.66
CA ALA F 162 -16.39 -11.27 -36.10
C ALA F 162 -17.36 -11.65 -37.21
N ARG F 163 -18.49 -10.98 -37.21
CA ARG F 163 -19.45 -11.01 -38.31
C ARG F 163 -19.99 -12.40 -38.60
N SER F 164 -19.78 -13.35 -37.70
CA SER F 164 -19.96 -14.76 -38.00
C SER F 164 -21.39 -15.24 -37.86
N GLN F 165 -22.23 -14.50 -37.14
CA GLN F 165 -23.60 -14.94 -36.91
C GLN F 165 -24.35 -15.11 -38.21
N GLY F 166 -24.05 -14.27 -39.21
CA GLY F 166 -24.71 -14.40 -40.50
C GLY F 166 -24.43 -15.75 -41.14
N ALA F 167 -23.18 -16.18 -41.10
CA ALA F 167 -22.83 -17.50 -41.63
C ALA F 167 -23.29 -18.59 -40.68
N LYS F 168 -23.21 -18.33 -39.38
CA LYS F 168 -23.68 -19.27 -38.38
C LYS F 168 -25.15 -19.62 -38.57
N THR F 169 -25.93 -18.69 -39.12
CA THR F 169 -27.36 -18.89 -39.23
C THR F 169 -27.71 -19.74 -40.43
N TYR F 170 -26.90 -19.68 -41.48
CA TYR F 170 -27.13 -20.52 -42.66
C TYR F 170 -27.12 -21.99 -42.29
N LEU F 171 -26.34 -22.37 -41.29
CA LEU F 171 -26.16 -23.78 -41.00
C LEU F 171 -27.40 -24.36 -40.35
N GLU F 172 -27.95 -23.68 -39.34
CA GLU F 172 -29.23 -24.10 -38.81
C GLU F 172 -30.33 -24.02 -39.85
N ARG F 173 -30.21 -23.10 -40.81
CA ARG F 173 -31.12 -23.10 -41.95
C ARG F 173 -30.93 -24.29 -42.87
N THR F 174 -29.84 -25.03 -42.72
CA THR F 174 -29.39 -25.94 -43.76
C THR F 174 -28.88 -27.28 -43.23
N LEU F 175 -28.86 -27.49 -41.91
CA LEU F 175 -28.34 -28.74 -41.36
C LEU F 175 -29.17 -29.94 -41.78
N ASP F 176 -30.40 -29.72 -42.23
CA ASP F 176 -31.15 -30.81 -42.85
C ASP F 176 -30.49 -31.24 -44.15
N THR F 177 -29.78 -30.32 -44.81
CA THR F 177 -29.38 -30.53 -46.20
C THR F 177 -27.99 -31.16 -46.33
N PHE F 178 -26.96 -30.46 -45.83
CA PHE F 178 -25.61 -30.80 -46.26
C PHE F 178 -25.07 -32.07 -45.62
N ILE F 179 -25.79 -32.69 -44.69
CA ILE F 179 -25.26 -33.87 -44.04
C ILE F 179 -25.29 -35.07 -44.98
N LYS F 180 -26.19 -35.06 -45.97
CA LYS F 180 -26.44 -36.20 -46.85
C LYS F 180 -25.60 -36.16 -48.12
N ILE F 181 -24.41 -35.58 -48.06
CA ILE F 181 -23.59 -35.32 -49.22
C ILE F 181 -22.44 -36.31 -49.23
N ASP F 182 -21.95 -36.64 -50.42
CA ASP F 182 -20.92 -37.66 -50.55
C ASP F 182 -20.22 -37.54 -51.89
N GLY F 183 -18.91 -37.78 -51.88
CA GLY F 183 -18.13 -37.92 -53.10
C GLY F 183 -18.26 -36.80 -54.09
N ASN F 184 -18.75 -35.64 -53.67
CA ASN F 184 -19.05 -34.54 -54.58
C ASN F 184 -18.77 -33.25 -53.84
N PRO F 185 -17.50 -32.98 -53.54
CA PRO F 185 -17.17 -31.91 -52.62
C PRO F 185 -17.37 -30.53 -53.17
N ASP F 186 -17.41 -30.39 -54.50
CA ASP F 186 -17.49 -29.08 -55.13
C ASP F 186 -18.69 -28.28 -54.62
N GLU F 187 -19.89 -28.78 -54.85
CA GLU F 187 -21.06 -28.02 -54.44
C GLU F 187 -21.12 -27.90 -52.93
N LEU F 188 -20.61 -28.90 -52.22
CA LEU F 188 -20.54 -28.84 -50.76
C LEU F 188 -19.78 -27.60 -50.32
N ILE F 189 -18.62 -27.38 -50.93
CA ILE F 189 -17.72 -26.31 -50.51
C ILE F 189 -18.41 -24.96 -50.59
N LYS F 190 -19.12 -24.72 -51.70
CA LYS F 190 -19.75 -23.42 -51.89
C LYS F 190 -20.93 -23.20 -50.97
N ALA F 191 -21.33 -24.20 -50.19
CA ALA F 191 -22.33 -23.97 -49.15
C ALA F 191 -21.86 -22.88 -48.20
N GLY F 192 -20.71 -23.10 -47.57
CA GLY F 192 -20.18 -22.10 -46.66
C GLY F 192 -19.89 -20.79 -47.35
N VAL F 193 -19.37 -20.87 -48.57
CA VAL F 193 -18.89 -19.68 -49.26
C VAL F 193 -20.04 -18.71 -49.53
N GLU F 194 -21.14 -19.23 -50.07
CA GLU F 194 -22.35 -18.43 -50.16
C GLU F 194 -22.82 -18.01 -48.78
N ALA F 195 -22.64 -18.90 -47.81
CA ALA F 195 -23.18 -18.65 -46.48
C ALA F 195 -22.37 -17.61 -45.72
N ILE F 196 -21.08 -17.50 -46.03
CA ILE F 196 -20.23 -16.51 -45.36
C ILE F 196 -20.25 -15.17 -46.08
N SER F 197 -20.87 -15.08 -47.25
CA SER F 197 -21.21 -13.78 -47.80
C SER F 197 -22.13 -13.02 -46.87
N GLN F 198 -22.87 -13.74 -46.02
CA GLN F 198 -23.67 -13.10 -44.97
C GLN F 198 -22.82 -12.22 -44.06
N SER F 199 -21.52 -12.48 -43.98
CA SER F 199 -20.62 -11.73 -43.13
C SER F 199 -20.01 -10.51 -43.79
N LEU F 200 -19.94 -10.50 -45.11
CA LEU F 200 -19.17 -9.50 -45.83
C LEU F 200 -19.68 -8.09 -45.58
N ARG F 201 -18.88 -7.31 -44.85
CA ARG F 201 -19.10 -5.87 -44.71
C ARG F 201 -18.41 -5.20 -45.88
N ASP F 202 -19.03 -5.38 -47.04
CA ASP F 202 -18.62 -4.92 -48.38
C ASP F 202 -17.10 -4.94 -48.59
N GLU F 203 -16.53 -6.15 -48.47
CA GLU F 203 -15.17 -6.42 -48.93
C GLU F 203 -15.09 -7.40 -50.10
N SER F 204 -16.19 -8.08 -50.44
CA SER F 204 -16.39 -8.58 -51.80
C SER F 204 -15.30 -9.53 -52.29
N LEU F 205 -15.32 -10.77 -51.80
CA LEU F 205 -14.22 -11.72 -51.91
C LEU F 205 -13.57 -11.84 -53.28
N THR F 206 -12.31 -12.26 -53.26
CA THR F 206 -11.43 -12.22 -54.42
C THR F 206 -10.77 -13.57 -54.65
N VAL F 207 -9.87 -13.60 -55.62
CA VAL F 207 -9.10 -14.80 -55.93
C VAL F 207 -8.26 -15.21 -54.75
N ASP F 208 -7.82 -14.26 -53.94
CA ASP F 208 -6.71 -14.46 -53.01
C ASP F 208 -7.04 -14.17 -51.57
N ASN F 209 -8.14 -13.49 -51.28
CA ASN F 209 -8.52 -13.24 -49.89
C ASN F 209 -9.09 -14.48 -49.21
N LEU F 210 -9.24 -15.59 -49.92
CA LEU F 210 -9.84 -16.80 -49.39
C LEU F 210 -8.86 -17.95 -49.48
N SER F 211 -8.95 -18.83 -48.49
CA SER F 211 -8.16 -20.06 -48.44
C SER F 211 -9.07 -21.20 -48.04
N ILE F 212 -8.98 -22.28 -48.79
CA ILE F 212 -9.77 -23.48 -48.55
C ILE F 212 -8.83 -24.66 -48.58
N ALA F 213 -9.14 -25.65 -47.75
CA ALA F 213 -8.33 -26.84 -47.65
C ALA F 213 -9.14 -27.88 -46.90
N ILE F 214 -9.27 -29.09 -47.46
CA ILE F 214 -10.28 -30.04 -47.03
C ILE F 214 -9.67 -31.42 -46.90
N VAL F 215 -10.52 -32.39 -46.58
CA VAL F 215 -10.10 -33.76 -46.34
C VAL F 215 -11.31 -34.64 -46.60
N GLY F 216 -11.05 -35.93 -46.83
CA GLY F 216 -12.11 -36.87 -47.12
C GLY F 216 -11.81 -38.23 -46.53
N LYS F 217 -12.70 -39.17 -46.83
CA LYS F 217 -12.41 -40.58 -46.58
C LYS F 217 -11.38 -41.14 -47.55
N ASP F 218 -11.04 -40.40 -48.60
CA ASP F 218 -9.95 -40.74 -49.51
C ASP F 218 -8.83 -39.71 -49.47
N THR F 219 -9.19 -38.44 -49.51
CA THR F 219 -8.20 -37.40 -49.78
C THR F 219 -7.25 -37.24 -48.62
N PRO F 220 -5.93 -37.23 -48.86
CA PRO F 220 -5.05 -36.52 -47.95
C PRO F 220 -5.35 -35.03 -47.96
N PHE F 221 -4.71 -34.33 -47.04
CA PHE F 221 -4.98 -32.91 -46.89
C PHE F 221 -4.43 -32.15 -48.08
N THR F 222 -5.26 -31.31 -48.67
CA THR F 222 -4.86 -30.47 -49.79
C THR F 222 -5.30 -29.04 -49.52
N ILE F 223 -4.51 -28.09 -49.97
CA ILE F 223 -4.80 -26.67 -49.84
C ILE F 223 -5.11 -26.11 -51.21
N TYR F 224 -6.16 -25.28 -51.27
CA TYR F 224 -6.55 -24.58 -52.49
C TYR F 224 -6.44 -23.10 -52.18
N ASP F 225 -5.23 -22.56 -52.34
CA ASP F 225 -5.00 -21.13 -52.27
C ASP F 225 -4.06 -20.73 -53.40
N GLY F 226 -3.88 -19.42 -53.55
CA GLY F 226 -3.15 -18.87 -54.67
C GLY F 226 -4.08 -18.37 -55.76
N GLU F 227 -4.26 -19.16 -56.81
CA GLU F 227 -5.11 -18.77 -57.94
C GLU F 227 -5.99 -19.89 -58.44
N ALA F 228 -6.08 -21.01 -57.73
CA ALA F 228 -6.91 -22.13 -58.16
C ALA F 228 -8.38 -21.93 -57.84
N VAL F 229 -8.73 -20.92 -57.06
CA VAL F 229 -10.08 -20.78 -56.53
C VAL F 229 -10.89 -19.80 -57.37
N ALA F 230 -10.47 -19.60 -58.62
CA ALA F 230 -11.38 -19.05 -59.61
C ALA F 230 -12.58 -19.96 -59.83
N LYS F 231 -12.43 -21.25 -59.50
CA LYS F 231 -13.50 -22.22 -59.56
C LYS F 231 -14.77 -21.72 -58.88
N TYR F 232 -14.62 -21.07 -57.73
CA TYR F 232 -15.74 -20.84 -56.83
C TYR F 232 -16.30 -19.43 -56.90
N ILE F 233 -15.47 -18.41 -57.02
CA ILE F 233 -15.97 -17.06 -57.24
C ILE F 233 -16.18 -16.91 -58.75
N THR G 1 -12.81 -8.95 1.91
CA THR G 1 -12.53 -7.52 1.91
C THR G 1 -11.13 -7.26 1.36
N GLY G 2 -10.13 -7.54 2.20
CA GLY G 2 -8.74 -7.47 1.82
C GLY G 2 -8.01 -8.78 2.03
N TYR G 3 -8.68 -9.75 2.64
CA TYR G 3 -8.15 -11.09 2.85
C TYR G 3 -8.67 -12.09 1.83
N ASP G 4 -9.49 -11.65 0.89
CA ASP G 4 -10.27 -12.53 0.02
C ASP G 4 -9.72 -12.52 -1.40
N LEU G 5 -8.39 -12.43 -1.51
CA LEU G 5 -7.71 -12.15 -2.76
C LEU G 5 -6.84 -13.28 -3.25
N SER G 6 -6.52 -14.25 -2.41
CA SER G 6 -5.58 -15.28 -2.81
C SER G 6 -5.71 -16.49 -1.90
N ASN G 7 -5.18 -17.59 -2.39
CA ASN G 7 -5.10 -18.84 -1.65
C ASN G 7 -4.36 -18.65 -0.34
N SER G 8 -4.65 -19.54 0.60
CA SER G 8 -3.88 -19.68 1.83
C SER G 8 -3.75 -18.37 2.59
N VAL G 9 -4.89 -17.74 2.83
CA VAL G 9 -4.96 -16.59 3.72
C VAL G 9 -6.21 -16.74 4.56
N PHE G 10 -6.05 -17.26 5.76
CA PHE G 10 -7.21 -17.51 6.59
C PHE G 10 -7.85 -16.20 7.02
N SER G 11 -9.09 -16.31 7.44
CA SER G 11 -9.90 -15.21 7.89
C SER G 11 -9.89 -15.11 9.40
N PRO G 12 -10.33 -13.98 9.95
CA PRO G 12 -10.74 -13.98 11.35
C PRO G 12 -11.87 -14.94 11.61
N ASP G 13 -12.73 -15.16 10.62
CA ASP G 13 -13.72 -16.21 10.76
C ASP G 13 -13.06 -17.58 10.77
N GLY G 14 -11.90 -17.69 10.14
CA GLY G 14 -11.11 -18.90 10.18
C GLY G 14 -11.19 -19.67 8.89
N ARG G 15 -11.29 -18.94 7.78
CA ARG G 15 -11.59 -19.54 6.49
C ARG G 15 -10.83 -18.81 5.41
N ASN G 16 -10.82 -19.42 4.23
CA ASN G 16 -10.44 -18.76 2.98
C ASN G 16 -11.66 -18.72 2.07
N PHE G 17 -12.18 -17.51 1.86
CA PHE G 17 -13.43 -17.36 1.12
C PHE G 17 -13.27 -17.73 -0.34
N GLN G 18 -12.05 -17.90 -0.83
CA GLN G 18 -11.86 -18.06 -2.26
C GLN G 18 -12.45 -19.37 -2.74
N VAL G 19 -12.19 -20.46 -2.02
CA VAL G 19 -12.83 -21.72 -2.37
C VAL G 19 -14.33 -21.63 -2.20
N GLU G 20 -14.79 -20.89 -1.20
CA GLU G 20 -16.22 -20.68 -1.05
C GLU G 20 -16.81 -19.92 -2.23
N TYR G 21 -15.97 -19.21 -2.99
CA TYR G 21 -16.43 -18.67 -4.26
C TYR G 21 -16.44 -19.76 -5.32
N ALA G 22 -15.52 -20.72 -5.21
CA ALA G 22 -15.50 -21.84 -6.13
C ALA G 22 -16.81 -22.59 -6.11
N VAL G 23 -17.43 -22.67 -4.93
CA VAL G 23 -18.70 -23.36 -4.78
C VAL G 23 -19.78 -22.74 -5.67
N LYS G 24 -19.66 -21.45 -5.97
CA LYS G 24 -20.62 -20.84 -6.87
C LYS G 24 -20.26 -21.05 -8.33
N ALA G 25 -19.01 -21.38 -8.62
CA ALA G 25 -18.66 -21.76 -9.98
C ALA G 25 -19.25 -23.11 -10.31
N VAL G 26 -18.99 -24.10 -9.46
CA VAL G 26 -19.60 -25.41 -9.62
C VAL G 26 -21.10 -25.33 -9.48
N GLU G 27 -21.61 -24.30 -8.80
CA GLU G 27 -23.05 -24.07 -8.79
C GLU G 27 -23.56 -23.68 -10.15
N ASN G 28 -22.69 -23.20 -11.05
CA ASN G 28 -23.10 -22.69 -12.35
C ASN G 28 -23.02 -23.75 -13.43
N GLY G 29 -23.28 -25.01 -13.08
CA GLY G 29 -23.06 -26.11 -13.99
C GLY G 29 -24.21 -27.09 -14.01
N THR G 30 -23.97 -28.19 -14.71
CA THR G 30 -25.01 -29.13 -15.08
C THR G 30 -25.34 -30.06 -13.92
N THR G 31 -26.47 -30.74 -14.04
CA THR G 31 -26.91 -31.70 -13.03
C THR G 31 -26.23 -33.04 -13.25
N SER G 32 -26.07 -33.78 -12.16
CA SER G 32 -25.34 -35.03 -12.19
C SER G 32 -25.55 -35.75 -10.87
N ILE G 33 -25.77 -37.06 -10.93
CA ILE G 33 -26.00 -37.87 -9.75
C ILE G 33 -25.34 -39.24 -9.95
N GLY G 34 -25.38 -40.02 -8.89
CA GLY G 34 -24.88 -41.38 -8.88
C GLY G 34 -25.32 -42.05 -7.60
N ILE G 35 -25.91 -43.24 -7.73
CA ILE G 35 -26.68 -43.86 -6.65
C ILE G 35 -26.00 -45.13 -6.21
N LYS G 36 -26.08 -45.41 -4.91
CA LYS G 36 -25.60 -46.66 -4.35
C LYS G 36 -26.73 -47.66 -4.44
N CYS G 37 -26.67 -48.53 -5.43
CA CYS G 37 -27.66 -49.58 -5.57
C CYS G 37 -27.34 -50.69 -4.58
N ASN G 38 -28.00 -51.84 -4.74
CA ASN G 38 -27.80 -52.94 -3.81
C ASN G 38 -26.52 -53.70 -4.10
N ASP G 39 -25.96 -53.60 -5.31
CA ASP G 39 -24.84 -54.43 -5.71
C ASP G 39 -23.76 -53.67 -6.48
N GLY G 40 -23.94 -52.37 -6.73
CA GLY G 40 -22.96 -51.63 -7.48
C GLY G 40 -23.19 -50.13 -7.37
N VAL G 41 -23.09 -49.41 -8.48
CA VAL G 41 -23.40 -47.99 -8.51
C VAL G 41 -24.01 -47.65 -9.86
N VAL G 42 -24.47 -46.40 -9.96
CA VAL G 42 -25.12 -45.88 -11.15
C VAL G 42 -24.55 -44.50 -11.42
N PHE G 43 -24.59 -44.10 -12.69
CA PHE G 43 -24.19 -42.76 -13.07
C PHE G 43 -25.15 -42.23 -14.11
N ALA G 44 -25.47 -40.96 -13.99
CA ALA G 44 -26.36 -40.28 -14.91
C ALA G 44 -26.12 -38.79 -14.76
N VAL G 45 -26.30 -38.05 -15.85
CA VAL G 45 -25.81 -36.68 -15.92
C VAL G 45 -26.66 -35.88 -16.88
N GLU G 46 -26.63 -34.57 -16.72
CA GLU G 46 -27.30 -33.64 -17.60
C GLU G 46 -26.30 -33.18 -18.65
N LYS G 47 -26.78 -32.98 -19.88
CA LYS G 47 -25.90 -32.63 -20.98
C LYS G 47 -26.71 -31.76 -21.94
N LEU G 48 -26.62 -30.46 -21.74
CA LEU G 48 -27.50 -29.52 -22.43
C LEU G 48 -26.93 -29.12 -23.78
N ILE G 49 -27.84 -28.91 -24.71
CA ILE G 49 -27.53 -28.54 -26.09
C ILE G 49 -27.76 -27.04 -26.24
N THR G 50 -26.86 -26.39 -26.96
CA THR G 50 -27.03 -25.00 -27.35
C THR G 50 -27.68 -24.92 -28.73
N SER G 51 -27.03 -25.49 -29.73
CA SER G 51 -27.53 -25.55 -31.09
C SER G 51 -27.63 -27.00 -31.55
N LYS G 52 -28.43 -27.20 -32.59
CA LYS G 52 -28.53 -28.51 -33.24
C LYS G 52 -27.19 -28.98 -33.75
N LEU G 53 -26.28 -28.04 -34.06
CA LEU G 53 -24.99 -28.35 -34.62
C LEU G 53 -24.17 -29.26 -33.73
N LEU G 54 -24.45 -29.29 -32.43
CA LEU G 54 -23.78 -30.22 -31.55
C LEU G 54 -24.27 -31.62 -31.86
N VAL G 55 -23.33 -32.54 -32.05
CA VAL G 55 -23.66 -33.91 -32.42
C VAL G 55 -24.16 -34.62 -31.17
N PRO G 56 -25.14 -35.52 -31.25
CA PRO G 56 -25.41 -36.40 -30.11
C PRO G 56 -24.52 -37.63 -30.10
N GLN G 57 -24.09 -37.99 -28.90
CA GLN G 57 -23.39 -39.24 -28.65
C GLN G 57 -22.02 -39.26 -29.35
N LYS G 58 -21.29 -38.17 -29.18
CA LYS G 58 -19.86 -38.17 -29.46
C LYS G 58 -19.09 -37.35 -28.44
N ASN G 59 -19.74 -36.87 -27.37
CA ASN G 59 -19.20 -35.85 -26.50
C ASN G 59 -19.50 -36.18 -25.06
N VAL G 60 -19.18 -37.41 -24.65
CA VAL G 60 -19.47 -37.85 -23.29
C VAL G 60 -18.76 -36.96 -22.27
N LYS G 61 -19.31 -36.96 -21.06
CA LYS G 61 -18.74 -36.23 -19.93
C LYS G 61 -18.35 -37.14 -18.78
N ILE G 62 -18.91 -38.35 -18.73
CA ILE G 62 -18.32 -39.40 -17.93
C ILE G 62 -16.87 -39.59 -18.36
N GLN G 63 -16.04 -40.01 -17.41
CA GLN G 63 -14.71 -40.49 -17.73
C GLN G 63 -14.48 -41.76 -16.95
N VAL G 64 -13.69 -42.63 -17.54
CA VAL G 64 -13.22 -43.84 -16.90
C VAL G 64 -11.79 -43.62 -16.47
N VAL G 65 -11.45 -44.20 -15.32
CA VAL G 65 -10.08 -44.18 -14.83
C VAL G 65 -9.42 -45.55 -14.94
N ASP G 66 -10.18 -46.62 -14.84
CA ASP G 66 -9.67 -47.98 -14.98
C ASP G 66 -10.91 -48.86 -15.16
N ARG G 67 -10.72 -50.17 -15.13
CA ARG G 67 -11.79 -51.09 -15.51
C ARG G 67 -12.97 -51.00 -14.56
N HIS G 68 -12.70 -51.03 -13.26
CA HIS G 68 -13.74 -51.20 -12.26
C HIS G 68 -14.24 -49.89 -11.68
N ILE G 69 -14.19 -48.80 -12.46
CA ILE G 69 -14.57 -47.48 -11.98
C ILE G 69 -15.34 -46.74 -13.06
N GLY G 70 -16.23 -45.87 -12.61
CA GLY G 70 -16.77 -44.79 -13.41
C GLY G 70 -16.70 -43.50 -12.62
N CYS G 71 -16.42 -42.38 -13.28
CA CYS G 71 -16.41 -41.08 -12.61
C CYS G 71 -17.00 -40.03 -13.52
N VAL G 72 -17.66 -39.06 -12.89
CA VAL G 72 -18.30 -37.94 -13.56
C VAL G 72 -17.92 -36.69 -12.81
N TYR G 73 -18.49 -35.57 -13.21
CA TYR G 73 -18.25 -34.31 -12.51
C TYR G 73 -19.31 -33.31 -12.95
N SER G 74 -19.13 -32.07 -12.53
CA SER G 74 -19.99 -30.99 -12.96
C SER G 74 -19.29 -29.67 -12.67
N GLY G 75 -19.57 -28.69 -13.51
CA GLY G 75 -18.89 -27.41 -13.44
C GLY G 75 -17.80 -27.29 -14.49
N LEU G 76 -16.59 -26.95 -14.05
CA LEU G 76 -15.49 -26.74 -14.97
C LEU G 76 -15.13 -28.02 -15.71
N ILE G 77 -15.33 -27.98 -17.02
CA ILE G 77 -15.11 -29.17 -17.84
C ILE G 77 -13.66 -29.62 -17.82
N PRO G 78 -12.67 -28.76 -18.06
CA PRO G 78 -11.30 -29.26 -18.14
C PRO G 78 -10.77 -29.70 -16.79
N ASP G 79 -11.01 -28.86 -15.81
CA ASP G 79 -10.36 -29.01 -14.52
C ASP G 79 -10.79 -30.30 -13.85
N GLY G 80 -12.06 -30.65 -14.00
CA GLY G 80 -12.51 -31.93 -13.53
C GLY G 80 -11.99 -33.11 -14.32
N ARG G 81 -11.36 -32.85 -15.48
CA ARG G 81 -10.78 -33.91 -16.28
C ARG G 81 -9.31 -34.11 -15.97
N HIS G 82 -8.63 -33.10 -15.44
CA HIS G 82 -7.20 -33.19 -15.19
C HIS G 82 -6.89 -34.30 -14.21
N LEU G 83 -7.50 -34.23 -13.04
CA LEU G 83 -7.21 -35.20 -11.99
C LEU G 83 -7.59 -36.62 -12.39
N VAL G 84 -8.47 -36.79 -13.37
CA VAL G 84 -8.69 -38.11 -13.94
C VAL G 84 -7.40 -38.60 -14.59
N ASN G 85 -6.79 -37.73 -15.41
CA ASN G 85 -5.50 -38.07 -15.99
C ASN G 85 -4.44 -38.28 -14.93
N ARG G 86 -4.63 -37.72 -13.74
CA ARG G 86 -3.83 -38.14 -12.61
C ARG G 86 -4.33 -39.45 -12.05
N GLY G 87 -5.64 -39.62 -12.00
CA GLY G 87 -6.19 -40.87 -11.53
C GLY G 87 -5.78 -42.05 -12.38
N ARG G 88 -5.81 -41.87 -13.71
CA ARG G 88 -5.64 -43.01 -14.60
C ARG G 88 -4.25 -43.60 -14.51
N GLU G 89 -3.27 -42.85 -14.00
CA GLU G 89 -1.91 -43.35 -13.84
C GLU G 89 -1.60 -43.77 -12.42
N GLU G 90 -2.27 -43.16 -11.43
CA GLU G 90 -1.97 -43.47 -10.04
C GLU G 90 -2.26 -44.92 -9.74
N ALA G 91 -3.53 -45.32 -9.88
CA ALA G 91 -3.90 -46.70 -9.62
C ALA G 91 -3.14 -47.66 -10.53
N ALA G 92 -2.84 -47.22 -11.75
CA ALA G 92 -1.97 -48.00 -12.62
C ALA G 92 -0.61 -48.20 -11.98
N SER G 93 -0.13 -47.21 -11.24
CA SER G 93 1.05 -47.37 -10.41
C SER G 93 0.76 -47.97 -9.06
N PHE G 94 -0.37 -48.66 -8.92
CA PHE G 94 -0.74 -49.41 -7.72
C PHE G 94 -1.07 -50.85 -8.05
N LYS G 95 -1.72 -51.09 -9.19
CA LYS G 95 -1.78 -52.44 -9.73
C LYS G 95 -0.40 -52.92 -10.14
N LYS G 96 0.50 -51.97 -10.40
CA LYS G 96 1.90 -52.27 -10.60
C LYS G 96 2.52 -53.00 -9.42
N LEU G 97 1.95 -52.85 -8.22
CA LEU G 97 2.67 -53.11 -6.99
C LEU G 97 2.41 -54.50 -6.41
N TYR G 98 1.17 -54.78 -6.03
CA TYR G 98 0.78 -56.10 -5.53
C TYR G 98 -0.11 -56.84 -6.53
N LYS G 99 -0.21 -56.34 -7.77
CA LYS G 99 -0.79 -57.10 -8.87
C LYS G 99 -2.26 -57.39 -8.64
N THR G 100 -2.95 -56.44 -8.01
CA THR G 100 -4.37 -56.56 -7.73
C THR G 100 -5.02 -55.23 -8.06
N PRO G 101 -6.30 -55.21 -8.45
CA PRO G 101 -7.00 -53.93 -8.64
C PRO G 101 -6.99 -53.07 -7.41
N ILE G 102 -7.44 -51.83 -7.56
CA ILE G 102 -7.30 -50.82 -6.52
C ILE G 102 -8.62 -50.67 -5.77
N PRO G 103 -8.62 -50.50 -4.46
CA PRO G 103 -9.86 -50.16 -3.77
C PRO G 103 -10.30 -48.74 -4.07
N ILE G 104 -11.52 -48.45 -3.65
CA ILE G 104 -12.09 -47.12 -3.77
C ILE G 104 -11.56 -46.24 -2.65
N PRO G 105 -11.44 -46.71 -1.40
CA PRO G 105 -10.73 -45.89 -0.41
C PRO G 105 -9.31 -45.60 -0.79
N ALA G 106 -8.70 -46.48 -1.57
CA ALA G 106 -7.39 -46.18 -2.13
C ALA G 106 -7.47 -45.01 -3.09
N PHE G 107 -8.60 -44.87 -3.77
CA PHE G 107 -8.76 -43.79 -4.74
C PHE G 107 -8.71 -42.44 -4.05
N ALA G 108 -9.64 -42.21 -3.13
CA ALA G 108 -9.73 -40.91 -2.48
C ALA G 108 -8.53 -40.67 -1.58
N ASP G 109 -8.02 -41.71 -0.94
CA ASP G 109 -6.78 -41.56 -0.19
C ASP G 109 -5.61 -41.20 -1.12
N ARG G 110 -5.74 -41.46 -2.42
CA ARG G 110 -4.76 -41.05 -3.41
C ARG G 110 -5.23 -39.89 -4.27
N LEU G 111 -6.45 -39.38 -4.04
CA LEU G 111 -6.91 -38.13 -4.64
C LEU G 111 -7.23 -37.05 -3.63
N GLY G 112 -8.06 -37.36 -2.63
CA GLY G 112 -8.59 -36.34 -1.74
C GLY G 112 -7.54 -35.52 -1.03
N GLN G 113 -6.30 -35.97 -1.00
CA GLN G 113 -5.20 -35.15 -0.55
C GLN G 113 -4.54 -34.38 -1.68
N TYR G 114 -4.77 -34.79 -2.93
CA TYR G 114 -4.17 -34.09 -4.05
C TYR G 114 -4.71 -32.67 -4.15
N VAL G 115 -6.02 -32.54 -4.30
CA VAL G 115 -6.62 -31.22 -4.50
C VAL G 115 -6.33 -30.32 -3.32
N GLN G 116 -6.22 -30.91 -2.13
CA GLN G 116 -5.75 -30.18 -0.98
C GLN G 116 -4.44 -29.49 -1.30
N ALA G 117 -3.53 -30.19 -1.97
CA ALA G 117 -2.24 -29.61 -2.31
C ALA G 117 -2.37 -28.41 -3.22
N HIS G 118 -3.49 -28.28 -3.92
CA HIS G 118 -3.80 -27.09 -4.67
C HIS G 118 -4.60 -26.07 -3.86
N THR G 119 -4.54 -26.16 -2.52
CA THR G 119 -5.05 -25.11 -1.65
C THR G 119 -4.05 -24.74 -0.55
N LEU G 120 -2.82 -25.21 -0.65
CA LEU G 120 -1.78 -24.83 0.29
C LEU G 120 -1.00 -23.62 -0.16
N TYR G 121 -0.94 -23.36 -1.45
CA TYR G 121 0.09 -22.52 -2.03
C TYR G 121 -0.54 -21.29 -2.66
N ASN G 122 0.24 -20.22 -2.75
CA ASN G 122 -0.20 -18.97 -3.33
C ASN G 122 0.07 -18.88 -4.83
N SER G 123 0.09 -20.03 -5.50
CA SER G 123 0.58 -20.11 -6.87
C SER G 123 -0.30 -20.97 -7.77
N VAL G 124 -1.45 -21.42 -7.31
CA VAL G 124 -2.28 -22.37 -8.05
C VAL G 124 -3.75 -22.07 -7.83
N ARG G 125 -4.59 -22.75 -8.60
CA ARG G 125 -6.03 -22.53 -8.65
C ARG G 125 -6.72 -23.70 -7.99
N PRO G 126 -7.54 -23.51 -6.98
CA PRO G 126 -8.30 -24.65 -6.45
C PRO G 126 -9.20 -25.24 -7.51
N PHE G 127 -9.29 -26.56 -7.53
CA PHE G 127 -10.06 -27.24 -8.55
C PHE G 127 -11.52 -26.94 -8.33
N GLY G 128 -12.03 -25.98 -9.08
CA GLY G 128 -13.40 -25.56 -8.91
C GLY G 128 -14.36 -26.59 -9.47
N VAL G 129 -14.43 -27.74 -8.82
CA VAL G 129 -15.30 -28.82 -9.26
C VAL G 129 -15.76 -29.62 -8.07
N SER G 130 -16.98 -30.16 -8.19
CA SER G 130 -17.48 -31.23 -7.36
C SER G 130 -17.55 -32.49 -8.20
N THR G 131 -17.31 -33.63 -7.57
CA THR G 131 -16.93 -34.81 -8.32
C THR G 131 -17.44 -36.05 -7.62
N ILE G 132 -17.72 -37.08 -8.42
CA ILE G 132 -18.29 -38.33 -7.96
C ILE G 132 -17.41 -39.47 -8.46
N PHE G 133 -17.44 -40.58 -7.73
CA PHE G 133 -16.89 -41.81 -8.24
C PHE G 133 -17.48 -42.98 -7.49
N GLY G 134 -17.31 -44.16 -8.07
CA GLY G 134 -17.86 -45.37 -7.50
C GLY G 134 -17.33 -46.59 -8.21
N GLY G 135 -17.74 -47.74 -7.72
CA GLY G 135 -17.36 -49.00 -8.30
C GLY G 135 -17.31 -50.07 -7.23
N VAL G 136 -16.49 -51.09 -7.49
CA VAL G 136 -16.49 -52.31 -6.68
C VAL G 136 -15.06 -52.76 -6.40
N ASP G 137 -14.85 -53.33 -5.23
CA ASP G 137 -13.62 -54.02 -4.85
C ASP G 137 -13.97 -55.41 -4.35
N LYS G 138 -13.00 -56.12 -3.78
CA LYS G 138 -13.29 -57.39 -3.14
C LYS G 138 -14.33 -57.21 -2.04
N ASN G 139 -14.33 -56.07 -1.38
CA ASN G 139 -15.17 -55.89 -0.20
C ASN G 139 -16.64 -55.79 -0.59
N GLY G 140 -16.95 -55.13 -1.71
CA GLY G 140 -18.32 -54.93 -2.11
C GLY G 140 -18.58 -53.60 -2.78
N ALA G 141 -19.71 -52.97 -2.46
CA ALA G 141 -20.13 -51.73 -3.08
C ALA G 141 -19.53 -50.53 -2.36
N HIS G 142 -19.40 -49.43 -3.10
CA HIS G 142 -18.92 -48.18 -2.56
C HIS G 142 -19.49 -47.01 -3.35
N LEU G 143 -19.39 -45.83 -2.74
CA LEU G 143 -19.76 -44.58 -3.40
C LEU G 143 -19.19 -43.43 -2.60
N TYR G 144 -18.86 -42.36 -3.32
CA TYR G 144 -18.30 -41.18 -2.71
C TYR G 144 -18.58 -39.96 -3.58
N MET G 145 -18.50 -38.80 -2.96
CA MET G 145 -18.53 -37.52 -3.65
C MET G 145 -17.38 -36.69 -3.11
N LEU G 146 -16.91 -35.76 -3.94
CA LEU G 146 -15.88 -34.83 -3.56
C LEU G 146 -16.42 -33.41 -3.61
N GLU G 147 -15.81 -32.56 -2.80
CA GLU G 147 -16.00 -31.12 -2.82
C GLU G 147 -14.64 -30.46 -2.86
N PRO G 148 -14.54 -29.27 -3.47
CA PRO G 148 -13.22 -28.74 -3.83
C PRO G 148 -12.30 -28.43 -2.69
N SER G 149 -12.78 -28.48 -1.45
CA SER G 149 -11.92 -28.32 -0.29
C SER G 149 -11.31 -29.63 0.17
N GLY G 150 -11.25 -30.63 -0.71
CA GLY G 150 -10.69 -31.91 -0.38
C GLY G 150 -11.67 -32.89 0.24
N SER G 151 -12.74 -32.41 0.84
CA SER G 151 -13.62 -33.26 1.62
C SER G 151 -14.32 -34.29 0.74
N TYR G 152 -14.80 -35.34 1.40
CA TYR G 152 -15.51 -36.42 0.74
C TYR G 152 -16.09 -37.34 1.79
N TRP G 153 -17.27 -37.86 1.52
CA TRP G 153 -17.93 -38.77 2.44
C TRP G 153 -18.69 -39.82 1.67
N GLY G 154 -18.79 -41.00 2.26
CA GLY G 154 -19.50 -42.09 1.63
C GLY G 154 -20.99 -41.93 1.69
N TYR G 155 -21.61 -41.66 0.56
CA TYR G 155 -23.05 -41.46 0.47
C TYR G 155 -23.75 -42.72 -0.03
N LYS G 156 -25.07 -42.69 0.05
CA LYS G 156 -25.92 -43.56 -0.73
C LYS G 156 -26.35 -42.89 -2.04
N GLY G 157 -26.31 -41.57 -2.08
CA GLY G 157 -26.59 -40.82 -3.28
C GLY G 157 -26.06 -39.41 -3.17
N ALA G 158 -25.94 -38.75 -4.31
CA ALA G 158 -25.39 -37.40 -4.35
C ALA G 158 -26.05 -36.62 -5.47
N ALA G 159 -25.65 -35.36 -5.58
CA ALA G 159 -26.18 -34.45 -6.58
C ALA G 159 -25.37 -33.17 -6.55
N THR G 160 -25.36 -32.49 -7.70
CA THR G 160 -24.50 -31.32 -7.92
C THR G 160 -25.24 -30.35 -8.83
N GLY G 161 -24.50 -29.39 -9.39
CA GLY G 161 -25.07 -28.46 -10.35
C GLY G 161 -26.12 -27.58 -9.71
N LYS G 162 -27.10 -27.21 -10.52
CA LYS G 162 -28.35 -26.60 -10.04
C LYS G 162 -29.47 -27.62 -10.04
N GLY G 163 -29.11 -28.86 -9.72
CA GLY G 163 -30.06 -29.92 -9.49
C GLY G 163 -29.95 -30.38 -8.07
N ARG G 164 -29.67 -29.44 -7.18
CA ARG G 164 -29.45 -29.74 -5.78
C ARG G 164 -30.77 -29.93 -5.05
N GLN G 165 -31.57 -28.87 -5.03
CA GLN G 165 -32.71 -28.80 -4.13
C GLN G 165 -33.79 -29.78 -4.52
N SER G 166 -33.92 -30.08 -5.81
CA SER G 166 -34.90 -31.07 -6.25
C SER G 166 -34.55 -32.44 -5.72
N ALA G 167 -33.34 -32.90 -6.01
CA ALA G 167 -33.01 -34.31 -5.80
C ALA G 167 -32.85 -34.61 -4.33
N LYS G 168 -32.21 -33.72 -3.59
CA LYS G 168 -31.91 -33.97 -2.18
C LYS G 168 -33.18 -34.27 -1.39
N ALA G 169 -34.16 -33.37 -1.45
CA ALA G 169 -35.43 -33.64 -0.80
C ALA G 169 -36.14 -34.82 -1.46
N GLU G 170 -35.94 -35.01 -2.77
CA GLU G 170 -36.56 -36.15 -3.44
C GLU G 170 -35.99 -37.46 -2.93
N LEU G 171 -34.67 -37.56 -2.84
CA LEU G 171 -34.08 -38.76 -2.29
C LEU G 171 -34.50 -38.98 -0.85
N GLU G 172 -34.70 -37.89 -0.11
CA GLU G 172 -35.36 -37.99 1.19
C GLU G 172 -36.75 -38.58 1.03
N LYS G 173 -37.44 -38.26 -0.05
CA LYS G 173 -38.74 -38.84 -0.38
C LYS G 173 -38.62 -40.22 -1.00
N LEU G 174 -37.44 -40.62 -1.46
CA LEU G 174 -37.23 -41.95 -2.00
C LEU G 174 -36.93 -42.97 -0.92
N VAL G 175 -35.88 -42.69 -0.14
CA VAL G 175 -35.22 -43.72 0.67
C VAL G 175 -36.22 -44.38 1.63
N ASP G 176 -37.01 -43.57 2.32
CA ASP G 176 -38.03 -44.14 3.21
C ASP G 176 -39.02 -45.00 2.44
N HIS G 177 -39.23 -44.69 1.17
CA HIS G 177 -40.14 -45.49 0.36
C HIS G 177 -39.52 -46.83 -0.02
N HIS G 178 -38.18 -46.89 -0.13
CA HIS G 178 -37.50 -48.10 -0.57
C HIS G 178 -36.15 -48.20 0.11
N PRO G 179 -36.11 -48.65 1.37
CA PRO G 179 -34.84 -48.88 2.04
C PRO G 179 -34.38 -50.32 1.97
N GLU G 180 -35.26 -51.21 1.50
CA GLU G 180 -35.00 -52.64 1.63
C GLU G 180 -33.83 -53.09 0.77
N GLY G 181 -33.56 -52.38 -0.32
CA GLY G 181 -32.52 -52.78 -1.26
C GLY G 181 -33.00 -52.57 -2.68
N LEU G 182 -32.18 -51.87 -3.46
CA LEU G 182 -32.53 -51.46 -4.82
C LEU G 182 -31.49 -52.03 -5.76
N SER G 183 -31.89 -53.00 -6.56
CA SER G 183 -30.97 -53.66 -7.46
C SER G 183 -30.57 -52.70 -8.59
N ALA G 184 -29.69 -53.20 -9.46
CA ALA G 184 -29.04 -52.34 -10.46
C ALA G 184 -30.05 -51.83 -11.49
N ARG G 185 -30.69 -52.75 -12.21
CA ARG G 185 -31.54 -52.39 -13.35
C ARG G 185 -32.62 -51.40 -12.95
N GLU G 186 -33.16 -51.55 -11.76
CA GLU G 186 -34.34 -50.79 -11.39
C GLU G 186 -34.00 -49.33 -11.15
N ALA G 187 -32.83 -49.07 -10.57
CA ALA G 187 -32.41 -47.69 -10.37
C ALA G 187 -32.09 -46.99 -11.67
N VAL G 188 -31.74 -47.75 -12.71
CA VAL G 188 -31.49 -47.14 -14.01
C VAL G 188 -32.76 -46.52 -14.56
N LYS G 189 -33.91 -47.07 -14.19
CA LYS G 189 -35.17 -46.41 -14.47
C LYS G 189 -35.32 -45.17 -13.62
N GLN G 190 -35.31 -45.37 -12.31
CA GLN G 190 -35.66 -44.31 -11.37
C GLN G 190 -34.65 -43.18 -11.38
N ALA G 191 -33.43 -43.42 -11.84
CA ALA G 191 -32.45 -42.35 -11.92
C ALA G 191 -32.82 -41.34 -13.00
N ALA G 192 -33.02 -41.82 -14.23
CA ALA G 192 -33.30 -40.94 -15.35
C ALA G 192 -34.59 -40.18 -15.17
N LYS G 193 -35.48 -40.66 -14.30
CA LYS G 193 -36.60 -39.85 -13.87
C LYS G 193 -36.13 -38.51 -13.33
N ILE G 194 -35.14 -38.55 -12.43
CA ILE G 194 -34.80 -37.38 -11.64
C ILE G 194 -34.26 -36.27 -12.51
N ILE G 195 -33.51 -36.62 -13.54
CA ILE G 195 -32.92 -35.61 -14.40
C ILE G 195 -34.00 -34.90 -15.20
N TYR G 196 -34.95 -35.66 -15.75
CA TYR G 196 -36.13 -35.04 -16.33
C TYR G 196 -36.91 -34.28 -15.28
N LEU G 197 -36.83 -34.71 -14.03
CA LEU G 197 -37.49 -34.02 -12.94
C LEU G 197 -36.72 -32.80 -12.46
N ALA G 198 -35.42 -32.74 -12.75
CA ALA G 198 -34.56 -31.67 -12.24
C ALA G 198 -34.18 -30.63 -13.27
N HIS G 199 -34.54 -30.82 -14.55
CA HIS G 199 -34.24 -29.81 -15.54
C HIS G 199 -35.09 -28.55 -15.38
N GLU G 200 -36.15 -28.61 -14.58
CA GLU G 200 -37.11 -27.51 -14.50
C GLU G 200 -36.51 -26.22 -14.00
N ASP G 201 -35.33 -26.27 -13.37
CA ASP G 201 -34.60 -25.05 -13.10
C ASP G 201 -34.06 -24.42 -14.37
N ASN G 202 -33.90 -25.19 -15.44
CA ASN G 202 -33.37 -24.70 -16.70
C ASN G 202 -34.15 -25.27 -17.88
N LYS G 203 -35.48 -25.27 -17.79
CA LYS G 203 -36.31 -25.75 -18.88
C LYS G 203 -36.50 -24.74 -19.99
N GLU G 204 -35.68 -23.70 -20.03
CA GLU G 204 -35.58 -22.88 -21.22
C GLU G 204 -34.92 -23.64 -22.36
N LYS G 205 -34.01 -24.54 -22.04
CA LYS G 205 -33.10 -25.18 -22.98
C LYS G 205 -33.42 -26.67 -23.08
N ASP G 206 -32.59 -27.39 -23.82
CA ASP G 206 -32.76 -28.80 -24.10
C ASP G 206 -31.45 -29.52 -23.82
N PHE G 207 -31.46 -30.84 -24.03
CA PHE G 207 -30.35 -31.69 -23.64
C PHE G 207 -30.53 -33.06 -24.29
N GLU G 208 -29.69 -33.99 -23.86
CA GLU G 208 -29.94 -35.42 -24.03
C GLU G 208 -29.11 -36.14 -22.98
N LEU G 209 -29.53 -37.34 -22.63
CA LEU G 209 -29.06 -38.00 -21.43
C LEU G 209 -27.89 -38.94 -21.72
N GLU G 210 -27.25 -39.37 -20.64
CA GLU G 210 -26.07 -40.24 -20.69
C GLU G 210 -25.96 -40.95 -19.36
N ILE G 211 -25.86 -42.27 -19.40
CA ILE G 211 -26.02 -43.12 -18.23
C ILE G 211 -24.93 -44.17 -18.23
N SER G 212 -24.50 -44.57 -17.03
CA SER G 212 -23.62 -45.71 -16.89
C SER G 212 -23.75 -46.27 -15.48
N TRP G 213 -23.65 -47.58 -15.39
CA TRP G 213 -23.65 -48.29 -14.13
C TRP G 213 -22.57 -49.36 -14.18
N CYS G 214 -22.43 -50.08 -13.08
CA CYS G 214 -21.52 -51.21 -13.02
C CYS G 214 -22.00 -52.11 -11.90
N SER G 215 -22.24 -53.38 -12.23
CA SER G 215 -22.77 -54.37 -11.30
C SER G 215 -21.76 -55.48 -11.10
N LEU G 216 -21.57 -55.86 -9.83
CA LEU G 216 -20.94 -57.13 -9.55
C LEU G 216 -21.68 -58.26 -10.23
N SER G 217 -23.01 -58.15 -10.30
CA SER G 217 -23.83 -59.20 -10.90
C SER G 217 -23.69 -59.20 -12.41
N GLU G 218 -24.21 -58.15 -13.06
CA GLU G 218 -24.35 -58.14 -14.50
C GLU G 218 -23.02 -58.20 -15.24
N THR G 219 -22.18 -57.19 -15.05
CA THR G 219 -21.00 -56.96 -15.89
C THR G 219 -19.71 -57.39 -15.21
N ASN G 220 -19.78 -58.42 -14.35
CA ASN G 220 -18.61 -58.88 -13.60
C ASN G 220 -17.97 -57.74 -12.81
N GLY G 221 -18.78 -56.79 -12.34
CA GLY G 221 -18.26 -55.61 -11.70
C GLY G 221 -17.30 -54.81 -12.56
N LEU G 222 -17.46 -54.86 -13.87
CA LEU G 222 -16.72 -53.99 -14.77
C LEU G 222 -17.57 -52.79 -15.13
N HIS G 223 -16.90 -51.79 -15.72
CA HIS G 223 -17.58 -50.58 -16.13
C HIS G 223 -18.06 -50.72 -17.56
N LYS G 224 -19.29 -50.24 -17.80
CA LYS G 224 -19.93 -50.44 -19.09
C LYS G 224 -21.01 -49.37 -19.24
N PHE G 225 -20.81 -48.46 -20.19
CA PHE G 225 -21.79 -47.44 -20.47
C PHE G 225 -23.08 -48.06 -20.96
N VAL G 226 -24.11 -47.25 -21.04
CA VAL G 226 -25.35 -47.64 -21.65
C VAL G 226 -25.32 -47.29 -23.12
N LYS G 227 -25.78 -48.23 -23.95
CA LYS G 227 -26.08 -47.92 -25.34
C LYS G 227 -27.08 -48.99 -25.80
N GLY G 228 -28.36 -48.65 -25.81
CA GLY G 228 -29.34 -49.60 -26.27
C GLY G 228 -30.74 -49.16 -25.92
N ASP G 229 -31.66 -50.11 -26.12
CA ASP G 229 -33.08 -49.85 -25.90
C ASP G 229 -33.38 -49.65 -24.43
N LEU G 230 -32.56 -50.26 -23.57
CA LEU G 230 -32.70 -50.09 -22.13
C LEU G 230 -32.74 -48.62 -21.73
N LEU G 231 -31.88 -47.81 -22.35
CA LEU G 231 -32.00 -46.37 -22.21
C LEU G 231 -33.35 -45.89 -22.71
N GLN G 232 -33.70 -46.31 -23.92
CA GLN G 232 -34.97 -45.90 -24.49
C GLN G 232 -36.15 -46.44 -23.70
N GLU G 233 -35.95 -47.55 -22.99
CA GLU G 233 -36.99 -48.04 -22.10
C GLU G 233 -37.22 -47.08 -20.95
N ALA G 234 -36.18 -46.38 -20.52
CA ALA G 234 -36.29 -45.56 -19.33
C ALA G 234 -36.86 -44.19 -19.65
N ILE G 235 -36.42 -43.59 -20.75
CA ILE G 235 -36.95 -42.29 -21.15
C ILE G 235 -38.44 -42.39 -21.44
N ASP G 236 -38.86 -43.51 -22.02
CA ASP G 236 -40.28 -43.76 -22.18
C ASP G 236 -40.97 -43.85 -20.82
N PHE G 237 -40.24 -44.31 -19.81
CA PHE G 237 -40.80 -44.39 -18.47
C PHE G 237 -40.72 -43.04 -17.76
N ALA G 238 -39.56 -42.39 -17.83
CA ALA G 238 -39.34 -41.21 -17.00
C ALA G 238 -40.26 -40.06 -17.38
N GLN G 239 -40.71 -40.01 -18.64
CA GLN G 239 -41.70 -39.02 -19.00
C GLN G 239 -42.99 -39.22 -18.22
N LYS G 240 -43.31 -40.45 -17.83
CA LYS G 240 -44.55 -40.69 -17.12
C LYS G 240 -44.50 -40.12 -15.72
N GLU G 241 -43.34 -40.22 -15.07
CA GLU G 241 -43.21 -39.71 -13.72
C GLU G 241 -43.37 -38.19 -13.68
N ILE G 242 -43.02 -37.51 -14.77
CA ILE G 242 -43.30 -36.09 -14.90
C ILE G 242 -44.64 -35.83 -15.58
N ASN G 243 -45.23 -36.82 -16.22
CA ASN G 243 -46.52 -36.67 -16.86
C ASN G 243 -47.60 -36.30 -15.83
N SER H 1 -30.23 39.51 -13.86
CA SER H 1 -30.13 39.96 -15.24
C SER H 1 -28.73 40.45 -15.56
N VAL H 2 -27.73 39.86 -14.90
CA VAL H 2 -26.34 40.25 -15.17
C VAL H 2 -25.92 39.77 -16.55
N THR H 3 -26.25 38.52 -16.89
CA THR H 3 -26.01 37.97 -18.22
C THR H 3 -27.22 38.15 -19.13
N MET H 4 -28.06 39.16 -18.88
CA MET H 4 -29.25 39.40 -19.69
C MET H 4 -28.85 40.05 -21.02
N MET H 5 -28.13 39.27 -21.83
CA MET H 5 -27.72 39.70 -23.17
C MET H 5 -27.42 38.40 -23.92
N THR H 6 -28.24 38.09 -24.92
CA THR H 6 -28.23 36.77 -25.55
C THR H 6 -26.87 36.39 -26.13
N VAL H 7 -26.41 37.13 -27.15
CA VAL H 7 -25.21 36.79 -27.88
C VAL H 7 -24.41 38.05 -28.15
N GLU H 8 -23.20 37.86 -28.66
CA GLU H 8 -22.28 38.95 -28.90
C GLU H 8 -22.63 39.61 -30.24
N GLU H 9 -21.74 40.48 -30.72
CA GLU H 9 -22.01 41.22 -31.95
C GLU H 9 -21.61 40.42 -33.17
N LYS H 10 -20.54 39.63 -33.07
CA LYS H 10 -19.99 38.92 -34.22
C LYS H 10 -19.22 37.67 -33.81
N PRO H 11 -19.79 36.48 -33.89
CA PRO H 11 -18.97 35.27 -33.73
C PRO H 11 -18.17 35.01 -35.00
N ASP H 12 -16.86 34.84 -34.84
CA ASP H 12 -15.93 34.66 -35.96
C ASP H 12 -15.35 33.25 -35.88
N VAL H 13 -16.13 32.29 -36.40
CA VAL H 13 -15.81 30.87 -36.31
C VAL H 13 -16.41 30.20 -37.54
N THR H 14 -15.88 29.03 -37.89
CA THR H 14 -16.51 28.18 -38.88
C THR H 14 -16.21 26.74 -38.52
N TYR H 15 -17.09 25.83 -38.96
CA TYR H 15 -16.84 24.41 -38.80
C TYR H 15 -15.61 23.94 -39.58
N SER H 16 -15.05 24.76 -40.46
CA SER H 16 -13.80 24.49 -41.15
C SER H 16 -12.66 25.37 -40.64
N ASP H 17 -12.85 26.00 -39.49
CA ASP H 17 -11.78 26.70 -38.79
C ASP H 17 -11.18 25.82 -37.71
N VAL H 18 -11.07 24.54 -38.03
CA VAL H 18 -10.82 23.50 -37.04
C VAL H 18 -10.35 22.26 -37.76
N GLY H 19 -9.37 21.58 -37.18
CA GLY H 19 -9.06 20.23 -37.59
C GLY H 19 -10.04 19.28 -36.95
N GLY H 20 -10.01 19.22 -35.63
CA GLY H 20 -10.97 18.52 -34.79
C GLY H 20 -11.42 17.14 -35.19
N CYS H 21 -10.58 16.43 -35.95
CA CYS H 21 -10.69 14.99 -36.22
C CYS H 21 -11.94 14.56 -37.01
N LYS H 22 -12.84 15.49 -37.34
CA LYS H 22 -13.90 15.29 -38.32
C LYS H 22 -15.03 14.35 -37.88
N ASP H 23 -14.85 13.64 -36.78
CA ASP H 23 -15.76 12.57 -36.38
C ASP H 23 -16.62 12.95 -35.19
N GLN H 24 -16.03 13.67 -34.23
CA GLN H 24 -16.77 14.15 -33.07
C GLN H 24 -17.77 15.23 -33.44
N ILE H 25 -17.73 15.72 -34.67
CA ILE H 25 -18.61 16.78 -35.10
C ILE H 25 -19.91 16.23 -35.63
N GLU H 26 -19.89 15.03 -36.24
CA GLU H 26 -21.03 14.58 -37.02
C GLU H 26 -22.25 14.34 -36.12
N LYS H 27 -22.10 13.47 -35.13
CA LYS H 27 -23.20 13.22 -34.21
C LYS H 27 -23.60 14.49 -33.48
N LEU H 28 -22.60 15.31 -33.12
CA LEU H 28 -22.88 16.61 -32.52
C LEU H 28 -23.64 17.48 -33.51
N ARG H 29 -23.19 17.50 -34.76
CA ARG H 29 -23.91 18.21 -35.80
C ARG H 29 -25.22 17.49 -36.11
N GLU H 30 -25.27 16.19 -35.85
CA GLU H 30 -26.47 15.42 -36.13
C GLU H 30 -27.56 15.72 -35.10
N VAL H 31 -27.19 15.65 -33.81
CA VAL H 31 -28.18 15.87 -32.76
C VAL H 31 -28.71 17.28 -32.78
N VAL H 32 -27.88 18.25 -33.15
CA VAL H 32 -28.24 19.64 -32.99
C VAL H 32 -29.09 20.13 -34.15
N GLU H 33 -28.93 19.53 -35.34
CA GLU H 33 -29.52 20.05 -36.56
C GLU H 33 -30.57 19.14 -37.17
N LEU H 34 -30.46 17.83 -36.98
CA LEU H 34 -31.32 16.92 -37.72
C LEU H 34 -32.69 16.82 -37.06
N PRO H 35 -32.80 16.65 -35.74
CA PRO H 35 -34.10 16.88 -35.11
C PRO H 35 -34.59 18.30 -35.31
N LEU H 36 -33.66 19.25 -35.29
CA LEU H 36 -34.00 20.66 -35.45
C LEU H 36 -34.68 20.90 -36.80
N LEU H 37 -34.06 20.42 -37.87
CA LEU H 37 -34.43 20.79 -39.22
C LEU H 37 -35.17 19.70 -39.97
N SER H 38 -34.89 18.43 -39.66
CA SER H 38 -35.45 17.29 -40.40
C SER H 38 -36.03 16.26 -39.44
N PRO H 39 -37.05 16.63 -38.67
CA PRO H 39 -37.72 15.61 -37.85
C PRO H 39 -38.41 14.53 -38.67
N GLU H 40 -38.64 14.79 -39.96
CA GLU H 40 -39.05 13.71 -40.86
C GLU H 40 -38.00 12.63 -40.93
N ARG H 41 -36.72 12.99 -40.80
CA ARG H 41 -35.70 11.97 -40.62
C ARG H 41 -35.88 11.25 -39.30
N PHE H 42 -36.37 11.97 -38.28
CA PHE H 42 -36.71 11.32 -37.01
C PHE H 42 -37.89 10.38 -37.20
N ALA H 43 -38.99 10.89 -37.76
CA ALA H 43 -40.16 10.06 -38.02
C ALA H 43 -39.96 9.11 -39.20
N THR H 44 -38.88 9.26 -39.96
CA THR H 44 -38.53 8.27 -40.97
C THR H 44 -38.33 6.90 -40.33
N LEU H 45 -37.84 6.90 -39.09
CA LEU H 45 -37.78 5.69 -38.26
C LEU H 45 -38.79 5.73 -37.13
N GLY H 46 -39.22 6.91 -36.70
CA GLY H 46 -40.12 7.04 -35.57
C GLY H 46 -39.35 6.92 -34.26
N ILE H 47 -38.49 7.89 -34.00
CA ILE H 47 -37.44 7.76 -33.00
C ILE H 47 -37.87 8.38 -31.68
N ASP H 48 -37.07 8.12 -30.64
CA ASP H 48 -37.12 8.85 -29.37
C ASP H 48 -35.88 9.73 -29.33
N PRO H 49 -35.95 10.98 -29.79
CA PRO H 49 -34.72 11.78 -29.94
C PRO H 49 -34.06 12.06 -28.60
N PRO H 50 -32.83 12.56 -28.60
CA PRO H 50 -32.16 12.93 -27.37
C PRO H 50 -32.53 14.35 -26.95
N LYS H 51 -31.92 14.79 -25.87
CA LYS H 51 -32.09 16.16 -25.38
C LYS H 51 -30.77 16.85 -25.06
N GLY H 52 -29.67 16.12 -24.89
CA GLY H 52 -28.40 16.75 -24.53
C GLY H 52 -27.16 16.04 -25.01
N ILE H 53 -26.15 16.81 -25.40
CA ILE H 53 -24.86 16.28 -25.81
C ILE H 53 -23.95 16.36 -24.59
N LEU H 54 -23.96 15.30 -23.78
CA LEU H 54 -23.01 15.22 -22.68
C LEU H 54 -21.60 15.23 -23.24
N LEU H 55 -20.65 15.71 -22.43
CA LEU H 55 -19.37 16.03 -23.01
C LEU H 55 -18.28 16.03 -21.96
N TYR H 56 -17.08 15.61 -22.38
CA TYR H 56 -15.88 15.94 -21.64
C TYR H 56 -14.70 15.97 -22.60
N GLY H 57 -13.91 17.03 -22.50
CA GLY H 57 -12.71 17.20 -23.28
C GLY H 57 -11.73 18.06 -22.49
N PRO H 58 -10.45 17.69 -22.43
CA PRO H 58 -9.50 18.53 -21.71
C PRO H 58 -9.41 19.89 -22.35
N PRO H 59 -9.24 20.95 -21.56
CA PRO H 59 -9.24 22.29 -22.13
C PRO H 59 -7.98 22.50 -22.94
N GLY H 60 -7.98 23.59 -23.69
CA GLY H 60 -6.97 23.73 -24.72
C GLY H 60 -7.24 22.71 -25.80
N THR H 61 -8.50 22.66 -26.22
CA THR H 61 -8.89 21.87 -27.37
C THR H 61 -10.11 22.53 -27.98
N GLY H 62 -10.23 22.43 -29.30
CA GLY H 62 -11.16 23.25 -30.03
C GLY H 62 -12.63 22.88 -29.92
N LYS H 63 -13.01 22.16 -28.86
CA LYS H 63 -14.43 22.01 -28.54
C LYS H 63 -15.07 23.37 -28.38
N THR H 64 -14.36 24.30 -27.77
CA THR H 64 -14.91 25.61 -27.45
C THR H 64 -14.90 26.49 -28.67
N LEU H 65 -13.85 26.40 -29.48
CA LEU H 65 -13.97 26.84 -30.86
C LEU H 65 -15.13 26.14 -31.53
N CYS H 66 -15.25 24.82 -31.33
CA CYS H 66 -16.39 24.09 -31.86
C CYS H 66 -17.68 24.56 -31.22
N ALA H 67 -17.61 24.99 -29.96
CA ALA H 67 -18.79 25.50 -29.29
C ALA H 67 -19.19 26.85 -29.87
N ARG H 68 -18.22 27.73 -30.08
CA ARG H 68 -18.50 29.02 -30.70
C ARG H 68 -18.82 28.91 -32.18
N ALA H 69 -18.67 27.72 -32.76
CA ALA H 69 -18.92 27.56 -34.19
C ALA H 69 -20.41 27.43 -34.48
N VAL H 70 -21.10 26.59 -33.72
CA VAL H 70 -22.54 26.45 -33.91
C VAL H 70 -23.24 27.78 -33.69
N ALA H 71 -22.65 28.65 -32.86
CA ALA H 71 -23.18 29.99 -32.69
C ALA H 71 -23.20 30.74 -34.00
N ASN H 72 -22.05 30.86 -34.65
CA ASN H 72 -21.96 31.66 -35.87
C ASN H 72 -22.71 31.03 -37.02
N ARG H 73 -22.90 29.71 -36.98
CA ARG H 73 -23.56 29.03 -38.09
C ARG H 73 -25.07 29.20 -38.01
N THR H 74 -25.68 28.70 -36.93
CA THR H 74 -27.13 28.62 -36.86
C THR H 74 -27.78 30.00 -36.83
N ASP H 75 -27.07 31.02 -36.35
CA ASP H 75 -27.53 32.39 -36.24
C ASP H 75 -28.60 32.57 -35.17
N ALA H 76 -28.97 31.53 -34.43
CA ALA H 76 -29.99 31.64 -33.40
C ALA H 76 -29.41 32.31 -32.16
N THR H 77 -30.21 32.38 -31.11
CA THR H 77 -29.80 33.04 -29.88
C THR H 77 -29.03 32.06 -28.97
N PHE H 78 -28.39 32.62 -27.95
CA PHE H 78 -27.30 31.94 -27.26
C PHE H 78 -27.25 32.43 -25.82
N ILE H 79 -26.56 31.68 -24.97
CA ILE H 79 -26.47 31.98 -23.54
C ILE H 79 -25.05 31.68 -23.05
N ARG H 80 -24.82 31.96 -21.77
CA ARG H 80 -23.60 31.55 -21.08
C ARG H 80 -23.96 31.35 -19.61
N VAL H 81 -23.88 30.10 -19.15
CA VAL H 81 -24.27 29.73 -17.78
C VAL H 81 -22.99 29.36 -17.02
N ILE H 82 -22.56 30.27 -16.14
CA ILE H 82 -21.35 30.09 -15.35
C ILE H 82 -21.62 30.60 -13.94
N GLY H 83 -20.92 30.02 -12.97
CA GLY H 83 -21.10 30.31 -11.56
C GLY H 83 -21.08 31.78 -11.16
N SER H 84 -20.48 32.63 -11.99
CA SER H 84 -20.38 34.04 -11.67
C SER H 84 -21.77 34.66 -11.49
N GLU H 85 -22.56 34.67 -12.57
CA GLU H 85 -23.92 35.17 -12.47
C GLU H 85 -24.85 34.11 -11.87
N LEU H 86 -24.55 32.83 -12.08
CA LEU H 86 -25.41 31.77 -11.55
C LEU H 86 -25.31 31.71 -10.04
N VAL H 87 -24.11 31.41 -9.54
CA VAL H 87 -23.95 31.14 -8.11
C VAL H 87 -23.79 32.47 -7.39
N GLN H 88 -24.63 32.68 -6.38
CA GLN H 88 -24.71 33.92 -5.64
C GLN H 88 -24.94 33.59 -4.17
N LYS H 89 -24.40 34.43 -3.28
CA LYS H 89 -24.40 34.08 -1.87
C LYS H 89 -25.81 34.00 -1.30
N TYR H 90 -26.72 34.83 -1.80
CA TYR H 90 -28.08 34.84 -1.29
C TYR H 90 -28.75 33.51 -1.61
N VAL H 91 -28.95 32.69 -0.57
CA VAL H 91 -29.53 31.37 -0.74
C VAL H 91 -30.91 31.48 -1.36
N GLY H 92 -31.15 30.70 -2.41
CA GLY H 92 -32.40 30.70 -3.12
C GLY H 92 -32.48 31.73 -4.23
N GLU H 93 -31.97 32.94 -3.98
CA GLU H 93 -31.92 33.95 -5.02
C GLU H 93 -31.07 33.48 -6.20
N GLY H 94 -30.10 32.60 -5.95
CA GLY H 94 -29.34 32.02 -7.04
C GLY H 94 -30.22 31.33 -8.07
N ALA H 95 -31.33 30.75 -7.62
CA ALA H 95 -32.21 30.01 -8.52
C ALA H 95 -33.23 30.89 -9.22
N ARG H 96 -33.20 32.20 -9.01
CA ARG H 96 -34.00 33.07 -9.87
C ARG H 96 -33.45 33.03 -11.30
N MET H 97 -32.14 32.84 -11.44
CA MET H 97 -31.52 32.84 -12.76
C MET H 97 -32.06 31.68 -13.60
N VAL H 98 -32.05 30.48 -13.03
CA VAL H 98 -32.44 29.30 -13.79
C VAL H 98 -33.90 29.39 -14.19
N ARG H 99 -34.74 29.90 -13.29
CA ARG H 99 -36.16 29.93 -13.57
C ARG H 99 -36.48 30.94 -14.66
N GLU H 100 -36.00 32.17 -14.51
CA GLU H 100 -36.23 33.18 -15.53
C GLU H 100 -35.58 32.77 -16.84
N LEU H 101 -34.54 31.94 -16.76
CA LEU H 101 -33.91 31.43 -17.97
C LEU H 101 -34.82 30.44 -18.67
N PHE H 102 -35.15 29.35 -17.99
CA PHE H 102 -35.82 28.25 -18.65
C PHE H 102 -37.28 28.58 -18.93
N GLU H 103 -37.93 29.26 -17.98
CA GLU H 103 -39.33 29.62 -18.19
C GLU H 103 -39.45 30.58 -19.36
N MET H 104 -38.42 31.40 -19.57
CA MET H 104 -38.29 32.13 -20.83
C MET H 104 -37.96 31.18 -21.97
N ALA H 105 -37.01 30.27 -21.74
CA ALA H 105 -36.49 29.44 -22.81
C ALA H 105 -37.58 28.64 -23.49
N ARG H 106 -38.50 28.07 -22.71
CA ARG H 106 -39.61 27.33 -23.30
C ARG H 106 -40.44 28.21 -24.21
N THR H 107 -40.52 29.51 -23.93
CA THR H 107 -41.26 30.42 -24.79
C THR H 107 -40.57 30.59 -26.12
N LYS H 108 -39.25 30.78 -26.08
CA LYS H 108 -38.50 31.23 -27.24
C LYS H 108 -38.28 30.07 -28.21
N LYS H 109 -37.47 30.32 -29.24
CA LYS H 109 -37.22 29.37 -30.31
C LYS H 109 -35.73 29.38 -30.64
N ALA H 110 -35.15 28.20 -30.76
CA ALA H 110 -33.73 28.03 -31.08
C ALA H 110 -32.83 28.70 -30.04
N CYS H 111 -33.32 28.79 -28.81
CA CYS H 111 -32.53 29.33 -27.69
C CYS H 111 -31.91 28.18 -26.90
N ILE H 112 -31.03 27.47 -27.58
CA ILE H 112 -30.38 26.30 -26.99
C ILE H 112 -29.18 26.77 -26.21
N ILE H 113 -28.88 26.04 -25.18
CA ILE H 113 -27.91 26.45 -24.18
C ILE H 113 -26.50 26.05 -24.60
N PHE H 114 -25.54 26.85 -24.14
CA PHE H 114 -24.17 26.42 -23.93
C PHE H 114 -23.85 26.79 -22.49
N PHE H 115 -24.27 25.93 -21.57
CA PHE H 115 -24.08 26.16 -20.14
C PHE H 115 -22.82 25.40 -19.75
N ASP H 116 -21.69 25.95 -20.13
CA ASP H 116 -20.43 25.27 -19.93
C ASP H 116 -19.92 25.48 -18.50
N GLU H 117 -18.94 24.66 -18.14
CA GLU H 117 -18.32 24.71 -16.82
C GLU H 117 -19.34 24.52 -15.70
N ILE H 118 -20.30 23.62 -15.91
CA ILE H 118 -21.18 23.22 -14.81
C ILE H 118 -20.45 22.38 -13.78
N ASP H 119 -19.24 21.90 -14.11
CA ASP H 119 -18.38 21.30 -13.10
C ASP H 119 -18.15 22.24 -11.93
N ALA H 120 -18.25 23.55 -12.14
CA ALA H 120 -18.20 24.50 -11.05
C ALA H 120 -19.31 24.25 -10.03
N VAL H 121 -20.55 24.36 -10.47
CA VAL H 121 -21.68 24.29 -9.56
C VAL H 121 -22.16 22.87 -9.33
N GLY H 122 -21.96 21.98 -10.29
CA GLY H 122 -22.52 20.64 -10.22
C GLY H 122 -21.65 19.62 -9.52
N GLY H 123 -20.80 20.08 -8.61
CA GLY H 123 -19.90 19.19 -7.90
C GLY H 123 -20.44 18.69 -6.59
N ALA H 124 -20.94 17.46 -6.57
CA ALA H 124 -21.47 16.82 -5.36
C ALA H 124 -22.52 17.68 -4.65
N ASP H 133 -21.73 22.38 5.30
CA ASP H 133 -22.49 23.60 5.08
C ASP H 133 -22.23 24.13 3.68
N ASN H 134 -22.87 23.54 2.69
CA ASN H 134 -22.78 24.00 1.31
C ASN H 134 -24.11 23.76 0.60
N GLU H 135 -24.50 24.72 -0.23
CA GLU H 135 -25.84 24.80 -0.80
C GLU H 135 -25.87 24.53 -2.28
N VAL H 136 -24.77 24.05 -2.86
CA VAL H 136 -24.68 23.95 -4.31
C VAL H 136 -25.63 22.89 -4.82
N GLN H 137 -25.79 21.79 -4.08
CA GLN H 137 -26.62 20.68 -4.53
C GLN H 137 -28.05 21.13 -4.76
N ARG H 138 -28.56 22.03 -3.93
CA ARG H 138 -29.95 22.44 -4.04
C ARG H 138 -30.18 23.24 -5.31
N THR H 139 -29.15 23.94 -5.78
CA THR H 139 -29.23 24.53 -7.10
C THR H 139 -29.24 23.46 -8.17
N MET H 140 -28.39 22.44 -8.01
CA MET H 140 -28.39 21.33 -8.96
C MET H 140 -29.73 20.62 -8.94
N LEU H 141 -30.38 20.53 -7.78
CA LEU H 141 -31.73 20.01 -7.74
C LEU H 141 -32.68 20.96 -8.44
N GLU H 142 -32.44 22.26 -8.34
CA GLU H 142 -33.28 23.22 -9.04
C GLU H 142 -33.23 23.01 -10.54
N LEU H 143 -32.09 22.52 -11.05
CA LEU H 143 -31.97 22.26 -12.47
C LEU H 143 -32.94 21.16 -12.89
N ILE H 144 -32.73 19.97 -12.36
CA ILE H 144 -33.37 18.75 -12.86
C ILE H 144 -34.88 18.83 -12.78
N THR H 145 -35.41 19.64 -11.85
CA THR H 145 -36.84 19.92 -11.84
C THR H 145 -37.29 20.50 -13.17
N GLN H 146 -36.43 21.30 -13.79
CA GLN H 146 -36.79 22.02 -14.99
C GLN H 146 -36.73 21.14 -16.24
N LEU H 147 -35.94 20.08 -16.19
CA LEU H 147 -35.56 19.37 -17.40
C LEU H 147 -36.45 18.17 -17.69
N ASP H 148 -36.85 17.44 -16.67
CA ASP H 148 -37.68 16.25 -16.90
C ASP H 148 -39.03 16.62 -17.51
N GLY H 149 -39.45 17.87 -17.38
CA GLY H 149 -40.71 18.29 -17.96
C GLY H 149 -40.68 18.35 -19.47
N PHE H 150 -39.86 19.25 -20.02
CA PHE H 150 -39.82 19.49 -21.46
C PHE H 150 -38.94 18.51 -22.22
N ASP H 151 -38.13 17.71 -21.51
CA ASP H 151 -36.94 17.07 -22.07
C ASP H 151 -37.08 16.50 -23.48
N PRO H 152 -38.16 15.79 -23.84
CA PRO H 152 -38.27 15.28 -25.21
C PRO H 152 -39.04 16.21 -26.12
N ARG H 153 -39.04 15.89 -27.43
CA ARG H 153 -39.97 16.47 -28.40
C ARG H 153 -39.85 17.99 -28.44
N GLY H 154 -38.69 18.43 -28.92
CA GLY H 154 -38.44 19.85 -29.07
C GLY H 154 -37.22 20.10 -29.92
N ASN H 155 -37.18 21.29 -30.52
CA ASN H 155 -35.97 21.72 -31.23
C ASN H 155 -34.81 21.95 -30.27
N ILE H 156 -35.10 22.13 -28.98
CA ILE H 156 -34.07 22.54 -28.02
C ILE H 156 -33.23 21.35 -27.62
N LYS H 157 -31.97 21.62 -27.29
CA LYS H 157 -31.02 20.62 -26.78
C LYS H 157 -30.42 21.15 -25.48
N VAL H 158 -29.55 20.33 -24.88
CA VAL H 158 -28.74 20.74 -23.72
C VAL H 158 -27.32 20.28 -24.00
N MET H 159 -26.51 21.15 -24.60
CA MET H 159 -25.16 20.82 -25.04
C MET H 159 -24.19 21.76 -24.35
N PHE H 160 -23.32 21.21 -23.53
CA PHE H 160 -22.28 21.98 -22.86
C PHE H 160 -21.07 21.07 -22.65
N ALA H 161 -20.10 21.55 -21.87
CA ALA H 161 -18.82 20.87 -21.74
C ALA H 161 -18.26 21.12 -20.35
N THR H 162 -17.10 20.51 -20.08
CA THR H 162 -16.55 20.47 -18.73
C THR H 162 -15.06 20.16 -18.80
N ASN H 163 -14.49 19.85 -17.63
CA ASN H 163 -13.10 19.45 -17.49
C ASN H 163 -12.93 18.22 -16.60
N ARG H 164 -14.01 17.71 -16.00
CA ARG H 164 -13.91 16.74 -14.92
C ARG H 164 -15.21 15.96 -14.88
N PRO H 165 -15.41 15.03 -15.80
CA PRO H 165 -16.71 14.34 -15.86
C PRO H 165 -17.01 13.50 -14.63
N ASN H 166 -15.98 13.10 -13.90
CA ASN H 166 -16.14 12.24 -12.73
C ASN H 166 -16.29 13.05 -11.45
N THR H 167 -16.85 14.25 -11.56
CA THR H 167 -16.90 15.22 -10.49
C THR H 167 -18.33 15.70 -10.31
N LEU H 168 -19.28 14.78 -10.44
CA LEU H 168 -20.68 15.12 -10.39
C LEU H 168 -21.51 13.86 -10.20
N ASP H 169 -22.55 13.93 -9.39
CA ASP H 169 -23.48 12.83 -9.26
C ASP H 169 -24.20 12.59 -10.58
N PRO H 170 -24.23 11.37 -11.11
CA PRO H 170 -25.08 11.10 -12.28
C PRO H 170 -26.55 10.89 -11.96
N ALA H 171 -26.96 11.09 -10.70
CA ALA H 171 -28.38 11.13 -10.37
C ALA H 171 -29.10 12.12 -11.28
N LEU H 172 -28.45 13.25 -11.59
CA LEU H 172 -28.94 14.14 -12.62
C LEU H 172 -28.78 13.51 -13.99
N LEU H 173 -27.63 12.89 -14.25
CA LEU H 173 -27.30 12.41 -15.58
C LEU H 173 -27.86 11.01 -15.74
N ARG H 174 -29.18 10.98 -15.85
CA ARG H 174 -29.91 9.83 -16.35
C ARG H 174 -30.04 9.94 -17.86
N PRO H 175 -30.45 8.87 -18.54
CA PRO H 175 -30.37 8.88 -20.01
C PRO H 175 -31.22 9.93 -20.69
N GLY H 176 -32.25 10.45 -20.04
CA GLY H 176 -33.09 11.45 -20.65
C GLY H 176 -32.57 12.86 -20.60
N ARG H 177 -31.31 13.05 -20.20
CA ARG H 177 -30.76 14.37 -19.92
C ARG H 177 -29.67 14.76 -20.91
N ILE H 178 -28.62 13.95 -21.01
CA ILE H 178 -27.67 14.06 -22.11
C ILE H 178 -27.30 12.65 -22.56
N ASP H 179 -27.99 12.15 -23.58
CA ASP H 179 -27.87 10.74 -23.96
C ASP H 179 -26.66 10.51 -24.86
N ARG H 180 -26.67 11.09 -26.05
CA ARG H 180 -25.57 10.92 -27.00
C ARG H 180 -24.45 11.85 -26.56
N LYS H 181 -23.62 11.35 -25.66
CA LYS H 181 -22.59 12.19 -25.06
C LYS H 181 -21.46 12.44 -26.05
N VAL H 182 -20.43 13.13 -25.57
CA VAL H 182 -19.35 13.62 -26.40
C VAL H 182 -18.03 13.34 -25.69
N GLU H 183 -17.00 13.04 -26.48
CA GLU H 183 -15.65 12.84 -25.95
C GLU H 183 -14.66 13.43 -26.95
N PHE H 184 -13.69 14.17 -26.41
CA PHE H 184 -12.65 14.80 -27.21
C PHE H 184 -11.29 14.16 -26.94
N SER H 185 -10.35 14.46 -27.82
CA SER H 185 -8.97 14.07 -27.61
C SER H 185 -8.12 14.67 -28.73
N LEU H 186 -6.82 14.61 -28.53
CA LEU H 186 -5.85 15.17 -29.45
C LEU H 186 -5.90 14.45 -30.79
N PRO H 187 -5.33 15.04 -31.83
CA PRO H 187 -5.44 14.47 -33.17
C PRO H 187 -4.30 13.55 -33.55
N ASP H 188 -4.46 12.92 -34.71
CA ASP H 188 -3.34 12.34 -35.44
C ASP H 188 -2.48 13.48 -36.00
N LEU H 189 -1.34 13.12 -36.57
CA LEU H 189 -0.57 14.10 -37.32
C LEU H 189 -1.40 14.66 -38.46
N GLU H 190 -2.20 13.83 -39.12
CA GLU H 190 -3.06 14.33 -40.19
C GLU H 190 -4.09 15.30 -39.64
N GLY H 191 -4.71 14.95 -38.52
CA GLY H 191 -5.51 15.94 -37.82
C GLY H 191 -4.67 17.10 -37.34
N ARG H 192 -3.45 16.81 -36.90
CA ARG H 192 -2.50 17.86 -36.54
C ARG H 192 -1.99 18.60 -37.76
N ALA H 193 -2.13 18.01 -38.94
CA ALA H 193 -1.69 18.65 -40.16
C ALA H 193 -2.74 19.63 -40.67
N ASN H 194 -3.99 19.18 -40.76
CA ASN H 194 -5.03 20.02 -41.33
C ASN H 194 -5.34 21.21 -40.43
N ILE H 195 -5.18 21.04 -39.12
CA ILE H 195 -5.30 22.18 -38.22
C ILE H 195 -4.14 23.13 -38.43
N PHE H 196 -2.97 22.59 -38.77
CA PHE H 196 -1.80 23.44 -38.94
C PHE H 196 -1.95 24.33 -40.16
N ARG H 197 -2.67 23.86 -41.17
CA ARG H 197 -2.94 24.67 -42.34
C ARG H 197 -3.61 25.98 -41.97
N ILE H 198 -4.42 25.94 -40.91
CA ILE H 198 -5.30 27.07 -40.61
C ILE H 198 -4.48 28.28 -40.20
N HIS H 199 -3.76 28.16 -39.09
CA HIS H 199 -2.99 29.28 -38.59
C HIS H 199 -1.77 29.57 -39.45
N SER H 200 -1.47 28.71 -40.42
CA SER H 200 -0.44 28.99 -41.40
C SER H 200 -0.91 29.95 -42.50
N LYS H 201 -2.20 30.30 -42.54
CA LYS H 201 -2.79 31.00 -43.68
C LYS H 201 -2.81 32.50 -43.50
N SER H 202 -1.85 33.07 -42.76
CA SER H 202 -1.80 34.51 -42.50
C SER H 202 -0.54 35.18 -43.02
N MET H 203 0.62 34.59 -42.77
CA MET H 203 1.87 35.31 -42.83
C MET H 203 2.57 35.15 -44.18
N SER H 204 3.81 35.63 -44.23
CA SER H 204 4.76 35.30 -45.29
C SER H 204 5.65 34.18 -44.80
N VAL H 205 5.91 33.21 -45.67
CA VAL H 205 6.74 32.05 -45.34
C VAL H 205 7.58 31.69 -46.55
N GLU H 206 8.49 30.73 -46.33
CA GLU H 206 9.14 30.06 -47.43
C GLU H 206 8.12 29.11 -48.03
N ARG H 207 7.33 29.63 -48.98
CA ARG H 207 6.19 28.90 -49.49
C ARG H 207 6.63 27.62 -50.18
N GLY H 208 5.85 26.56 -49.99
CA GLY H 208 6.13 25.31 -50.65
C GLY H 208 7.23 24.50 -50.00
N ILE H 209 6.98 24.02 -48.78
CA ILE H 209 7.93 23.20 -48.05
C ILE H 209 7.19 22.07 -47.35
N ARG H 210 7.94 21.26 -46.60
CA ARG H 210 7.45 19.98 -46.09
C ARG H 210 6.94 20.16 -44.67
N TRP H 211 5.80 20.84 -44.55
CA TRP H 211 5.23 21.07 -43.23
C TRP H 211 4.87 19.78 -42.51
N GLU H 212 4.47 18.75 -43.28
CA GLU H 212 3.84 17.58 -42.69
C GLU H 212 4.76 16.86 -41.73
N LEU H 213 6.05 16.85 -42.04
CA LEU H 213 7.00 16.16 -41.18
C LEU H 213 7.10 16.81 -39.80
N ILE H 214 6.63 18.04 -39.66
CA ILE H 214 6.59 18.65 -38.34
C ILE H 214 5.41 18.09 -37.57
N SER H 215 4.32 17.80 -38.26
CA SER H 215 3.21 17.17 -37.57
C SER H 215 3.55 15.75 -37.14
N ARG H 216 4.64 15.18 -37.68
CA ARG H 216 5.24 14.00 -37.09
C ARG H 216 5.70 14.28 -35.67
N LEU H 217 6.08 15.54 -35.41
CA LEU H 217 6.55 15.97 -34.10
C LEU H 217 5.41 16.51 -33.25
N CYS H 218 4.21 15.97 -33.44
CA CYS H 218 3.07 16.18 -32.56
C CYS H 218 2.75 14.89 -31.82
N PRO H 219 3.51 14.56 -30.79
CA PRO H 219 3.01 13.60 -29.79
C PRO H 219 1.84 14.17 -29.02
N ASN H 220 1.42 13.43 -28.00
CA ASN H 220 0.27 13.78 -27.17
C ASN H 220 0.34 15.24 -26.76
N SER H 221 -0.57 16.06 -27.29
CA SER H 221 -0.43 17.50 -27.27
C SER H 221 -1.70 18.11 -27.81
N THR H 222 -1.81 19.42 -27.62
CA THR H 222 -2.96 20.19 -28.06
C THR H 222 -2.65 20.93 -29.35
N GLY H 223 -3.69 21.23 -30.10
CA GLY H 223 -3.56 22.15 -31.20
C GLY H 223 -3.18 23.54 -30.75
N ALA H 224 -3.52 23.89 -29.50
CA ALA H 224 -3.31 25.25 -29.02
C ALA H 224 -1.85 25.62 -29.04
N GLU H 225 -0.97 24.67 -28.75
CA GLU H 225 0.45 24.94 -28.83
C GLU H 225 0.90 25.14 -30.26
N LEU H 226 0.17 24.60 -31.23
CA LEU H 226 0.59 24.73 -32.61
C LEU H 226 0.25 26.11 -33.18
N ARG H 227 -0.94 26.62 -32.87
CA ARG H 227 -1.21 27.99 -33.26
C ARG H 227 -0.33 28.93 -32.47
N SER H 228 0.04 28.55 -31.27
CA SER H 228 1.10 29.28 -30.59
C SER H 228 2.37 29.16 -31.41
N VAL H 229 2.92 27.95 -31.48
CA VAL H 229 4.35 27.76 -31.77
C VAL H 229 4.76 28.43 -33.07
N CYS H 230 3.83 28.61 -34.00
CA CYS H 230 4.14 29.35 -35.22
C CYS H 230 4.49 30.80 -34.93
N THR H 231 3.83 31.41 -33.94
CA THR H 231 4.10 32.82 -33.70
C THR H 231 5.46 33.02 -33.05
N GLU H 232 5.88 32.07 -32.22
CA GLU H 232 7.22 32.14 -31.63
C GLU H 232 8.29 32.03 -32.71
N ALA H 233 8.00 31.30 -33.77
CA ALA H 233 8.91 31.27 -34.91
C ALA H 233 8.97 32.63 -35.59
N GLY H 234 7.83 33.31 -35.66
CA GLY H 234 7.84 34.67 -36.15
C GLY H 234 8.53 35.61 -35.18
N MET H 235 8.31 35.39 -33.88
CA MET H 235 9.09 36.11 -32.88
C MET H 235 10.56 35.77 -33.03
N PHE H 236 10.87 34.49 -33.23
CA PHE H 236 12.23 34.11 -33.57
C PHE H 236 12.65 34.77 -34.87
N ALA H 237 11.71 34.91 -35.81
CA ALA H 237 12.03 35.61 -37.05
C ALA H 237 12.18 37.10 -36.80
N ILE H 238 11.41 37.62 -35.85
CA ILE H 238 11.51 39.04 -35.51
C ILE H 238 12.91 39.35 -35.02
N ARG H 239 13.37 38.63 -34.00
CA ARG H 239 14.75 38.78 -33.56
C ARG H 239 15.72 38.41 -34.67
N ALA H 240 15.37 37.43 -35.51
CA ALA H 240 16.19 37.13 -36.67
C ALA H 240 16.03 38.16 -37.77
N ARG H 241 15.07 39.08 -37.64
CA ARG H 241 14.75 40.07 -38.67
C ARG H 241 14.29 39.41 -39.97
N ARG H 242 13.90 38.15 -39.92
CA ARG H 242 13.48 37.42 -41.12
C ARG H 242 12.15 37.98 -41.57
N LYS H 243 12.17 38.81 -42.61
CA LYS H 243 10.93 39.34 -43.17
C LYS H 243 10.00 38.26 -43.68
N VAL H 244 10.53 37.08 -43.99
CA VAL H 244 9.74 35.94 -44.44
C VAL H 244 10.28 34.71 -43.73
N ALA H 245 9.38 33.79 -43.39
CA ALA H 245 9.73 32.65 -42.56
C ALA H 245 10.28 31.50 -43.39
N THR H 246 10.99 30.62 -42.70
CA THR H 246 11.68 29.49 -43.32
C THR H 246 11.23 28.21 -42.60
N GLU H 247 11.97 27.13 -42.81
CA GLU H 247 11.72 25.89 -42.09
C GLU H 247 12.31 25.93 -40.69
N LYS H 248 13.65 26.07 -40.63
CA LYS H 248 14.38 25.91 -39.37
C LYS H 248 13.90 26.86 -38.29
N ASP H 249 13.30 27.99 -38.66
CA ASP H 249 12.79 28.91 -37.65
C ASP H 249 11.69 28.27 -36.83
N PHE H 250 10.81 27.53 -37.49
CA PHE H 250 9.79 26.78 -36.76
C PHE H 250 10.44 25.76 -35.84
N LEU H 251 11.53 25.16 -36.29
CA LEU H 251 12.22 24.15 -35.51
C LEU H 251 12.93 24.75 -34.31
N LYS H 252 13.56 25.90 -34.49
CA LYS H 252 14.48 26.43 -33.50
C LYS H 252 13.83 26.76 -32.17
N ALA H 253 12.49 26.80 -32.11
CA ALA H 253 11.76 27.12 -30.91
C ALA H 253 10.82 26.00 -30.47
N VAL H 254 10.24 25.27 -31.43
CA VAL H 254 9.38 24.15 -31.09
C VAL H 254 10.18 23.05 -30.43
N ASP H 255 11.47 22.94 -30.75
CA ASP H 255 12.33 22.05 -30.00
C ASP H 255 12.44 22.47 -28.54
N LYS H 256 12.19 23.75 -28.24
CA LYS H 256 12.38 24.29 -26.91
C LYS H 256 11.09 24.35 -26.10
N VAL H 257 9.94 24.39 -26.78
CA VAL H 257 8.68 24.53 -26.05
C VAL H 257 8.38 23.28 -25.25
N ILE H 258 8.73 22.11 -25.78
CA ILE H 258 8.44 20.85 -25.13
C ILE H 258 9.54 20.45 -24.17
N SER H 259 10.79 20.69 -24.56
CA SER H 259 11.91 20.38 -23.68
C SER H 259 11.92 21.26 -22.45
N GLY H 260 11.58 22.54 -22.61
CA GLY H 260 11.36 23.41 -21.46
C GLY H 260 10.20 22.92 -20.62
N TYR H 261 9.23 22.26 -21.24
CA TYR H 261 8.14 21.63 -20.51
C TYR H 261 8.54 20.27 -19.97
N LYS H 262 9.39 19.55 -20.70
CA LYS H 262 9.88 18.25 -20.26
C LYS H 262 11.12 18.40 -19.39
N MET I 1 -11.24 47.53 -3.62
CA MET I 1 -10.64 46.71 -4.66
C MET I 1 -9.73 47.55 -5.54
N VAL I 2 -10.27 48.67 -6.01
CA VAL I 2 -9.49 49.58 -6.85
C VAL I 2 -8.32 50.17 -6.07
N SER I 3 -8.46 50.29 -4.75
CA SER I 3 -7.50 51.04 -3.95
C SER I 3 -6.10 50.46 -4.06
N VAL I 4 -5.98 49.16 -3.84
CA VAL I 4 -4.68 48.51 -3.95
C VAL I 4 -4.19 48.50 -5.39
N MET I 5 -5.12 48.53 -6.34
CA MET I 5 -4.80 48.11 -7.70
C MET I 5 -3.78 49.05 -8.35
N LYS I 6 -4.07 50.35 -8.35
CA LYS I 6 -3.29 51.30 -9.13
C LYS I 6 -2.06 51.72 -8.34
N MET I 7 -1.06 50.84 -8.37
CA MET I 7 0.23 51.09 -7.72
C MET I 7 1.14 51.69 -8.80
N ASP I 8 1.03 53.00 -8.98
CA ASP I 8 1.78 53.74 -9.99
C ASP I 8 3.14 54.20 -9.48
N LYS I 9 3.59 53.70 -8.33
CA LYS I 9 4.80 54.17 -7.67
C LYS I 9 5.92 53.17 -7.94
N SER I 10 6.55 53.32 -9.08
CA SER I 10 7.69 52.47 -9.39
C SER I 10 8.87 52.87 -8.52
N PRO I 11 9.61 51.91 -7.96
CA PRO I 11 10.79 52.28 -7.19
C PRO I 11 11.93 52.72 -8.09
N THR I 12 13.09 52.97 -7.50
CA THR I 12 14.32 53.19 -8.25
C THR I 12 14.96 51.89 -8.70
N GLU I 13 14.25 50.77 -8.68
CA GLU I 13 14.73 49.55 -9.31
C GLU I 13 15.00 49.88 -10.77
N SER I 14 16.27 49.85 -11.16
CA SER I 14 16.70 50.37 -12.46
C SER I 14 16.80 49.21 -13.44
N TYR I 15 15.80 49.10 -14.30
CA TYR I 15 15.90 48.24 -15.46
C TYR I 15 17.16 48.58 -16.24
N SER I 16 17.89 47.56 -16.62
CA SER I 16 19.16 47.62 -17.33
C SER I 16 20.32 47.99 -16.41
N ASP I 17 20.07 48.31 -15.13
CA ASP I 17 21.14 48.32 -14.15
C ASP I 17 21.41 46.91 -13.66
N ILE I 18 20.34 46.17 -13.42
CA ILE I 18 20.36 44.73 -13.24
C ILE I 18 21.24 44.11 -14.32
N GLY I 19 22.08 43.15 -13.93
CA GLY I 19 23.04 42.54 -14.82
C GLY I 19 22.75 41.09 -15.14
N GLY I 20 21.55 40.60 -14.85
CA GLY I 20 21.23 39.20 -14.98
C GLY I 20 21.45 38.58 -16.34
N LEU I 21 20.68 38.99 -17.33
CA LEU I 21 20.52 38.18 -18.54
C LEU I 21 19.96 39.05 -19.65
N GLU I 22 19.87 38.47 -20.85
CA GLU I 22 19.31 39.16 -22.01
C GLU I 22 18.15 38.41 -22.65
N SER I 23 18.32 37.12 -22.92
CA SER I 23 17.42 36.40 -23.83
C SER I 23 15.99 36.34 -23.28
N GLN I 24 15.87 35.93 -22.03
CA GLN I 24 14.63 36.10 -21.28
C GLN I 24 14.06 37.49 -21.45
N ILE I 25 14.91 38.50 -21.36
CA ILE I 25 14.43 39.86 -21.17
C ILE I 25 14.07 40.51 -22.50
N GLN I 26 14.79 40.19 -23.57
CA GLN I 26 14.24 40.48 -24.89
C GLN I 26 12.93 39.74 -25.08
N GLU I 27 12.85 38.52 -24.56
CA GLU I 27 11.67 37.69 -24.78
C GLU I 27 10.41 38.33 -24.23
N ILE I 28 10.56 39.15 -23.20
CA ILE I 28 9.41 39.87 -22.63
C ILE I 28 9.17 41.17 -23.36
N LYS I 29 10.25 41.93 -23.58
CA LYS I 29 10.15 43.13 -24.39
C LYS I 29 9.60 42.81 -25.77
N GLU I 30 10.08 41.72 -26.36
CA GLU I 30 9.47 41.16 -27.55
C GLU I 30 8.04 40.74 -27.27
N SER I 31 7.79 40.17 -26.10
CA SER I 31 6.43 39.83 -25.71
C SER I 31 5.60 41.08 -25.49
N VAL I 32 6.21 42.15 -24.99
CA VAL I 32 5.47 43.30 -24.48
C VAL I 32 5.91 44.59 -25.14
N GLU I 33 7.19 44.94 -24.98
CA GLU I 33 7.64 46.29 -25.27
C GLU I 33 7.64 46.57 -26.77
N LEU I 34 8.41 45.79 -27.53
CA LEU I 34 8.45 45.94 -28.98
C LEU I 34 7.06 45.89 -29.61
N PRO I 35 6.16 45.01 -29.19
CA PRO I 35 4.75 45.14 -29.58
C PRO I 35 4.17 46.52 -29.33
N LEU I 36 4.68 47.25 -28.35
CA LEU I 36 4.29 48.63 -28.12
C LEU I 36 5.27 49.62 -28.74
N THR I 37 6.09 49.17 -29.69
CA THR I 37 7.03 50.01 -30.40
C THR I 37 6.65 50.17 -31.87
N HIS I 38 6.54 49.05 -32.59
CA HIS I 38 6.05 49.04 -33.96
C HIS I 38 5.28 47.74 -34.16
N PRO I 39 4.07 47.65 -33.62
CA PRO I 39 3.27 46.43 -33.81
C PRO I 39 2.74 46.25 -35.22
N GLU I 40 2.96 47.20 -36.13
CA GLU I 40 2.66 46.95 -37.53
C GLU I 40 3.43 45.74 -38.03
N LEU I 41 4.61 45.51 -37.46
CA LEU I 41 5.43 44.37 -37.83
C LEU I 41 4.70 43.06 -37.59
N TYR I 42 3.99 42.96 -36.47
CA TYR I 42 3.11 41.83 -36.28
C TYR I 42 2.00 41.82 -37.30
N GLU I 43 1.57 43.01 -37.72
CA GLU I 43 0.57 43.12 -38.79
C GLU I 43 1.16 42.82 -40.16
N GLU I 44 2.49 42.90 -40.31
CA GLU I 44 3.09 42.58 -41.60
C GLU I 44 2.85 41.12 -41.94
N MET I 45 3.34 40.21 -41.09
CA MET I 45 3.07 38.80 -41.24
C MET I 45 1.81 38.36 -40.50
N GLY I 46 1.07 39.30 -39.92
CA GLY I 46 -0.23 38.95 -39.36
C GLY I 46 -0.13 38.10 -38.12
N ILE I 47 0.36 38.68 -37.03
CA ILE I 47 0.63 37.96 -35.79
C ILE I 47 -0.23 38.52 -34.67
N LYS I 48 -0.79 37.61 -33.87
CA LYS I 48 -1.38 37.94 -32.58
C LYS I 48 -0.36 37.62 -31.49
N PRO I 49 0.45 38.58 -31.03
CA PRO I 49 1.44 38.27 -29.99
C PRO I 49 0.81 37.79 -28.71
N PRO I 50 1.59 37.26 -27.78
CA PRO I 50 1.03 36.43 -26.72
C PRO I 50 0.26 37.22 -25.67
N LYS I 51 -0.52 36.47 -24.90
CA LYS I 51 -1.31 37.00 -23.79
C LYS I 51 -0.57 36.80 -22.47
N GLY I 52 0.60 37.41 -22.35
CA GLY I 52 1.34 37.33 -21.11
C GLY I 52 2.08 36.01 -20.96
N VAL I 53 2.84 35.93 -19.87
CA VAL I 53 3.77 34.84 -19.65
C VAL I 53 3.66 34.36 -18.20
N ILE I 54 4.48 33.38 -17.86
CA ILE I 54 4.62 32.88 -16.50
C ILE I 54 6.04 32.43 -16.25
N LEU I 55 6.71 33.09 -15.31
CA LEU I 55 8.01 32.63 -14.85
C LEU I 55 7.82 31.50 -13.84
N TYR I 56 8.94 30.92 -13.46
CA TYR I 56 8.97 29.87 -12.45
C TYR I 56 9.68 30.43 -11.23
N GLY I 57 9.90 29.58 -10.24
CA GLY I 57 10.33 30.03 -8.94
C GLY I 57 11.83 30.01 -8.78
N ALA I 58 12.35 29.00 -8.09
CA ALA I 58 13.74 28.98 -7.67
C ALA I 58 13.93 30.20 -6.78
N PRO I 59 13.32 30.20 -5.59
CA PRO I 59 13.23 31.44 -4.79
C PRO I 59 14.58 32.04 -4.46
N GLY I 60 14.55 33.32 -4.13
CA GLY I 60 15.78 34.05 -3.90
C GLY I 60 16.73 34.02 -5.08
N THR I 61 16.19 33.94 -6.31
CA THR I 61 17.01 33.85 -7.50
C THR I 61 16.46 34.70 -8.64
N GLY I 62 15.80 35.80 -8.31
CA GLY I 62 15.44 36.78 -9.30
C GLY I 62 14.05 36.61 -9.85
N LYS I 63 13.10 36.38 -8.96
CA LYS I 63 11.69 36.36 -9.33
C LYS I 63 11.26 37.69 -9.91
N THR I 64 11.51 38.77 -9.17
CA THR I 64 10.75 40.00 -9.28
C THR I 64 11.57 41.21 -9.65
N LEU I 65 12.89 41.15 -9.51
CA LEU I 65 13.72 42.35 -9.53
C LEU I 65 13.57 43.11 -10.83
N LEU I 66 13.47 42.37 -11.93
CA LEU I 66 13.13 42.98 -13.21
C LEU I 66 11.79 43.69 -13.14
N ALA I 67 10.84 43.11 -12.42
CA ALA I 67 9.44 43.48 -12.59
C ALA I 67 9.20 44.91 -12.13
N LYS I 68 9.65 45.23 -10.93
CA LYS I 68 9.60 46.63 -10.51
C LYS I 68 10.56 47.47 -11.33
N ALA I 69 11.59 46.84 -11.92
CA ALA I 69 12.40 47.55 -12.90
C ALA I 69 11.60 47.82 -14.15
N VAL I 70 10.75 46.88 -14.55
CA VAL I 70 9.83 47.14 -15.64
C VAL I 70 8.87 48.25 -15.24
N ALA I 71 8.37 48.18 -14.01
CA ALA I 71 7.52 49.25 -13.52
C ALA I 71 8.24 50.59 -13.55
N ASN I 72 9.54 50.58 -13.25
CA ASN I 72 10.35 51.77 -13.44
C ASN I 72 10.38 52.19 -14.91
N GLN I 73 10.24 51.21 -15.81
CA GLN I 73 10.22 51.44 -17.24
C GLN I 73 8.82 51.48 -17.83
N THR I 74 7.81 51.03 -17.06
CA THR I 74 6.57 50.48 -17.62
C THR I 74 5.97 51.32 -18.74
N SER I 75 6.05 52.64 -18.63
CA SER I 75 5.53 53.54 -19.66
C SER I 75 4.05 53.28 -19.96
N ALA I 76 3.34 52.79 -18.96
CA ALA I 76 1.95 52.36 -19.07
C ALA I 76 1.42 52.25 -17.65
N THR I 77 0.26 51.62 -17.49
CA THR I 77 -0.21 51.34 -16.16
C THR I 77 0.65 50.27 -15.50
N PHE I 78 0.28 49.93 -14.28
CA PHE I 78 0.81 48.75 -13.62
C PHE I 78 -0.10 48.43 -12.45
N LEU I 79 -0.38 47.14 -12.31
CA LEU I 79 -1.39 46.66 -11.38
C LEU I 79 -0.78 45.61 -10.48
N ARG I 80 -1.47 45.36 -9.38
CA ARG I 80 -0.91 44.58 -8.28
C ARG I 80 -2.05 44.20 -7.37
N ILE I 81 -2.21 42.91 -7.11
CA ILE I 81 -3.25 42.39 -6.24
C ILE I 81 -2.74 41.12 -5.58
N VAL I 82 -3.53 40.62 -4.62
CA VAL I 82 -3.25 39.38 -3.93
C VAL I 82 -4.53 38.58 -3.83
N GLY I 83 -4.43 37.28 -4.06
CA GLY I 83 -5.60 36.43 -3.97
C GLY I 83 -6.10 36.30 -2.56
N SER I 84 -5.18 36.24 -1.59
CA SER I 84 -5.59 36.15 -0.19
C SER I 84 -6.33 37.40 0.24
N GLU I 85 -5.90 38.58 -0.25
CA GLU I 85 -6.63 39.81 -0.01
C GLU I 85 -7.91 39.86 -0.83
N LEU I 86 -7.98 39.09 -1.92
CA LEU I 86 -9.16 39.12 -2.79
C LEU I 86 -10.34 38.36 -2.21
N ILE I 87 -10.10 37.46 -1.27
CA ILE I 87 -11.10 36.50 -0.84
C ILE I 87 -11.73 36.94 0.47
N GLN I 88 -12.95 36.45 0.70
CA GLN I 88 -13.80 36.96 1.77
C GLN I 88 -14.61 35.81 2.36
N LYS I 89 -15.31 36.12 3.46
CA LYS I 89 -16.22 35.17 4.08
C LYS I 89 -17.31 34.75 3.10
N TYR I 90 -18.04 35.72 2.58
CA TYR I 90 -19.24 35.43 1.82
C TYR I 90 -18.90 34.76 0.49
N LEU I 91 -19.94 34.23 -0.14
CA LEU I 91 -19.77 33.53 -1.41
C LEU I 91 -19.67 34.51 -2.56
N GLY I 92 -18.74 34.24 -3.46
CA GLY I 92 -18.63 34.96 -4.71
C GLY I 92 -18.37 36.44 -4.59
N ASP I 93 -17.99 36.94 -3.41
CA ASP I 93 -17.64 38.34 -3.27
C ASP I 93 -16.42 38.62 -4.14
N GLY I 94 -15.28 38.04 -3.79
CA GLY I 94 -14.10 38.15 -4.61
C GLY I 94 -14.28 37.73 -6.05
N PRO I 95 -14.89 36.58 -6.31
CA PRO I 95 -15.29 36.26 -7.68
C PRO I 95 -16.16 37.33 -8.33
N ARG I 96 -17.08 37.94 -7.59
CA ARG I 96 -17.78 39.09 -8.15
C ARG I 96 -16.84 40.26 -8.38
N LEU I 97 -15.78 40.35 -7.57
CA LEU I 97 -14.81 41.42 -7.74
C LEU I 97 -13.80 41.10 -8.82
N CYS I 98 -13.44 39.82 -8.96
CA CYS I 98 -12.44 39.43 -9.96
C CYS I 98 -12.84 39.86 -11.35
N ARG I 99 -14.13 39.78 -11.66
CA ARG I 99 -14.64 40.33 -12.91
C ARG I 99 -14.28 41.80 -13.06
N GLN I 100 -14.37 42.55 -11.97
CA GLN I 100 -14.32 44.00 -12.05
C GLN I 100 -12.95 44.53 -12.41
N ILE I 101 -11.94 43.67 -12.52
CA ILE I 101 -10.65 44.12 -13.00
C ILE I 101 -10.68 44.31 -14.50
N PHE I 102 -11.21 43.31 -15.22
CA PHE I 102 -11.05 43.27 -16.67
C PHE I 102 -11.70 44.47 -17.33
N LYS I 103 -12.79 44.97 -16.74
CA LYS I 103 -13.32 46.25 -17.17
C LYS I 103 -12.36 47.38 -16.81
N VAL I 104 -11.73 47.28 -15.65
CA VAL I 104 -10.69 48.23 -15.27
C VAL I 104 -9.40 47.92 -16.01
N ALA I 105 -9.32 46.74 -16.63
CA ALA I 105 -8.36 46.53 -17.69
C ALA I 105 -8.90 47.07 -19.00
N GLY I 106 -10.22 47.00 -19.19
CA GLY I 106 -10.88 47.72 -20.25
C GLY I 106 -10.78 49.22 -20.13
N GLU I 107 -10.40 49.71 -18.95
CA GLU I 107 -9.92 51.07 -18.77
C GLU I 107 -8.99 51.49 -19.89
N ASN I 108 -7.99 50.66 -20.16
CA ASN I 108 -6.85 51.04 -20.96
C ASN I 108 -6.57 50.03 -22.06
N ALA I 109 -6.00 50.53 -23.16
CA ALA I 109 -5.17 49.68 -24.00
C ALA I 109 -3.82 49.43 -23.35
N PRO I 110 -3.12 50.44 -22.79
CA PRO I 110 -1.97 50.12 -21.95
C PRO I 110 -2.43 49.52 -20.62
N SER I 111 -2.80 48.24 -20.68
CA SER I 111 -3.44 47.53 -19.59
C SER I 111 -2.62 46.29 -19.28
N ILE I 112 -1.89 46.33 -18.16
CA ILE I 112 -0.98 45.25 -17.77
C ILE I 112 -1.06 45.05 -16.27
N VAL I 113 -0.58 43.88 -15.82
CA VAL I 113 -0.73 43.51 -14.41
C VAL I 113 0.26 42.43 -13.99
N PHE I 114 0.92 42.67 -12.85
CA PHE I 114 1.57 41.63 -12.05
C PHE I 114 0.57 41.02 -11.09
N ILE I 115 0.80 39.76 -10.73
CA ILE I 115 -0.04 39.07 -9.75
C ILE I 115 0.85 38.41 -8.71
N ASP I 116 0.35 38.35 -7.49
CA ASP I 116 1.13 38.07 -6.29
C ASP I 116 0.86 36.66 -5.77
N GLU I 117 1.69 35.71 -6.21
CA GLU I 117 1.94 34.46 -5.49
C GLU I 117 0.65 33.66 -5.27
N ILE I 118 0.17 33.12 -6.38
CA ILE I 118 -1.08 32.38 -6.50
C ILE I 118 -1.23 31.13 -5.64
N ASP I 119 -0.19 30.73 -4.91
CA ASP I 119 -0.12 29.39 -4.31
C ASP I 119 -1.32 28.96 -3.47
N ALA I 120 -2.20 29.89 -3.07
CA ALA I 120 -3.44 29.55 -2.38
C ALA I 120 -4.67 29.69 -3.27
N ILE I 121 -4.51 30.02 -4.54
CA ILE I 121 -5.60 30.05 -5.52
C ILE I 121 -5.21 29.18 -6.71
N GLY I 122 -6.18 28.40 -7.19
CA GLY I 122 -5.98 27.56 -8.36
C GLY I 122 -4.83 26.58 -8.21
N THR I 123 -4.57 26.12 -6.99
CA THR I 123 -3.39 25.29 -6.76
C THR I 123 -3.55 23.92 -7.42
N LYS I 124 -4.64 23.22 -7.14
CA LYS I 124 -4.79 21.86 -7.63
C LYS I 124 -6.23 21.45 -7.43
N ARG I 125 -6.71 20.59 -8.32
CA ARG I 125 -8.12 20.25 -8.37
C ARG I 125 -8.41 19.00 -7.55
N TYR I 126 -8.08 19.08 -6.27
CA TYR I 126 -8.61 18.10 -5.33
C TYR I 126 -10.13 18.21 -5.34
N ASP I 127 -10.80 17.10 -5.04
CA ASP I 127 -12.26 17.11 -5.05
C ASP I 127 -12.81 18.07 -4.02
N SER I 128 -12.07 18.28 -2.93
CA SER I 128 -12.48 19.19 -1.87
C SER I 128 -13.84 18.80 -1.31
N ASN I 129 -14.06 17.49 -1.19
CA ASN I 129 -15.25 16.99 -0.52
C ASN I 129 -15.32 17.47 0.92
N SER I 130 -14.19 17.84 1.52
CA SER I 130 -14.13 18.17 2.92
C SER I 130 -14.49 19.64 3.19
N GLY I 131 -15.60 20.09 2.60
CA GLY I 131 -16.25 21.33 3.00
C GLY I 131 -15.47 22.60 2.76
N GLY I 132 -16.18 23.72 2.64
CA GLY I 132 -15.57 25.02 2.78
C GLY I 132 -14.63 25.41 1.67
N GLU I 133 -13.50 24.71 1.58
CA GLU I 133 -12.41 25.10 0.70
C GLU I 133 -12.73 24.98 -0.78
N ARG I 134 -13.93 24.52 -1.15
CA ARG I 134 -14.32 24.54 -2.55
C ARG I 134 -14.48 25.97 -3.08
N GLU I 135 -14.55 26.96 -2.18
CA GLU I 135 -14.62 28.36 -2.60
C GLU I 135 -13.48 28.71 -3.55
N ILE I 136 -12.27 28.31 -3.19
CA ILE I 136 -11.13 28.50 -4.09
C ILE I 136 -11.42 27.86 -5.43
N GLN I 137 -11.78 26.58 -5.40
CA GLN I 137 -12.13 25.87 -6.62
C GLN I 137 -13.34 26.48 -7.30
N ARG I 138 -14.22 27.13 -6.54
CA ARG I 138 -15.33 27.86 -7.15
C ARG I 138 -14.87 29.18 -7.75
N THR I 139 -13.69 29.67 -7.37
CA THR I 139 -13.22 30.97 -7.83
C THR I 139 -12.41 30.91 -9.10
N MET I 140 -11.50 29.93 -9.20
CA MET I 140 -10.66 29.81 -10.39
C MET I 140 -11.52 29.64 -11.64
N LEU I 141 -12.59 28.87 -11.51
CA LEU I 141 -13.49 28.68 -12.65
C LEU I 141 -14.18 29.98 -13.01
N GLU I 142 -14.35 30.89 -12.04
CA GLU I 142 -14.91 32.19 -12.34
C GLU I 142 -13.94 33.05 -13.13
N LEU I 143 -12.66 32.73 -13.12
CA LEU I 143 -11.63 33.51 -13.80
C LEU I 143 -11.37 32.98 -15.19
N LEU I 144 -10.96 31.72 -15.29
CA LEU I 144 -10.53 31.15 -16.56
C LEU I 144 -11.66 31.18 -17.57
N ASN I 145 -12.89 30.96 -17.12
CA ASN I 145 -14.03 31.10 -18.00
C ASN I 145 -14.25 32.56 -18.36
N GLN I 146 -14.06 33.45 -17.39
CA GLN I 146 -14.08 34.87 -17.70
C GLN I 146 -12.92 35.24 -18.61
N LEU I 147 -11.81 34.52 -18.49
CA LEU I 147 -10.62 34.90 -19.25
C LEU I 147 -10.82 34.68 -20.74
N ASP I 148 -11.45 33.57 -21.13
CA ASP I 148 -11.57 33.18 -22.54
C ASP I 148 -12.99 32.71 -22.84
N GLY I 149 -13.97 33.50 -22.45
CA GLY I 149 -15.33 33.25 -22.88
C GLY I 149 -15.49 33.71 -24.31
N PHE I 150 -15.36 35.02 -24.52
CA PHE I 150 -15.34 35.60 -25.86
C PHE I 150 -14.59 36.92 -25.71
N ASP I 151 -13.31 36.92 -26.09
CA ASP I 151 -12.43 38.06 -25.85
C ASP I 151 -11.59 38.32 -27.09
N ASP I 152 -11.60 39.57 -27.55
CA ASP I 152 -10.64 40.03 -28.54
C ASP I 152 -9.25 40.26 -27.96
N ARG I 153 -9.07 40.03 -26.67
CA ARG I 153 -7.82 40.09 -25.92
C ARG I 153 -7.41 41.52 -25.60
N GLY I 154 -8.07 42.55 -26.15
CA GLY I 154 -8.15 43.90 -25.62
C GLY I 154 -6.96 44.46 -24.88
N ASP I 155 -5.76 44.04 -25.28
CA ASP I 155 -4.56 44.13 -24.45
C ASP I 155 -4.88 43.77 -23.00
N VAL I 156 -5.57 42.65 -22.82
CA VAL I 156 -5.86 42.17 -21.48
C VAL I 156 -4.63 41.36 -21.08
N LYS I 157 -3.61 42.08 -20.63
CA LYS I 157 -2.31 41.48 -20.42
C LYS I 157 -2.21 40.93 -19.01
N VAL I 158 -1.12 40.21 -18.78
CA VAL I 158 -0.96 39.43 -17.57
C VAL I 158 0.50 39.02 -17.46
N ILE I 159 1.02 39.00 -16.24
CA ILE I 159 2.22 38.24 -15.92
C ILE I 159 2.07 37.74 -14.49
N MET I 160 2.35 36.46 -14.32
CA MET I 160 2.02 35.71 -13.11
C MET I 160 3.32 35.33 -12.41
N ALA I 161 3.22 34.52 -11.36
CA ALA I 161 4.39 34.12 -10.61
C ALA I 161 4.02 33.09 -9.56
N THR I 162 5.04 32.40 -9.06
CA THR I 162 4.91 31.47 -7.95
C THR I 162 6.31 31.14 -7.47
N ASN I 163 6.41 30.13 -6.61
CA ASN I 163 7.69 29.57 -6.18
C ASN I 163 7.87 28.14 -6.61
N LYS I 164 6.79 27.40 -6.84
CA LYS I 164 6.87 26.02 -7.29
C LYS I 164 5.63 25.75 -8.12
N ILE I 165 5.82 25.04 -9.24
CA ILE I 165 4.75 24.87 -10.21
C ILE I 165 4.10 23.51 -10.02
N GLU I 166 4.88 22.44 -10.17
CA GLU I 166 4.36 21.08 -10.10
C GLU I 166 3.68 20.79 -8.76
N THR I 167 4.00 21.56 -7.72
CA THR I 167 3.22 21.52 -6.49
C THR I 167 1.76 21.89 -6.74
N LEU I 168 1.48 22.64 -7.80
CA LEU I 168 0.16 23.17 -8.04
C LEU I 168 -0.04 23.28 -9.54
N ASP I 169 -0.99 24.13 -9.94
CA ASP I 169 -1.07 24.64 -11.31
C ASP I 169 -1.22 23.54 -12.35
N PRO I 170 -2.20 22.64 -12.21
CA PRO I 170 -2.24 21.50 -13.14
C PRO I 170 -2.76 21.87 -14.51
N ALA I 171 -3.86 22.62 -14.56
CA ALA I 171 -4.65 22.78 -15.77
C ALA I 171 -4.99 24.22 -16.08
N LEU I 172 -4.91 25.12 -15.10
CA LEU I 172 -5.17 26.54 -15.29
C LEU I 172 -4.48 27.08 -16.53
N ILE I 173 -3.16 27.00 -16.55
CA ILE I 173 -2.39 27.53 -17.65
C ILE I 173 -2.69 26.74 -18.91
N ARG I 174 -2.71 27.42 -20.04
CA ARG I 174 -2.81 26.76 -21.33
C ARG I 174 -2.02 27.57 -22.35
N PRO I 175 -1.48 26.94 -23.40
CA PRO I 175 -0.71 27.68 -24.39
C PRO I 175 -1.55 28.74 -25.08
N GLY I 176 -0.87 29.66 -25.76
CA GLY I 176 -1.53 30.77 -26.42
C GLY I 176 -1.96 31.82 -25.42
N ARG I 177 -2.81 31.40 -24.49
CA ARG I 177 -3.07 32.18 -23.29
C ARG I 177 -1.77 32.50 -22.57
N ILE I 178 -1.07 31.47 -22.08
CA ILE I 178 0.29 31.60 -21.59
C ILE I 178 1.13 30.61 -22.38
N ASP I 179 1.66 31.06 -23.51
CA ASP I 179 2.56 30.21 -24.29
C ASP I 179 3.92 30.08 -23.63
N ARG I 180 4.39 31.14 -22.99
CA ARG I 180 5.75 31.20 -22.47
C ARG I 180 5.76 30.77 -21.00
N LYS I 181 6.00 29.47 -20.78
CA LYS I 181 6.34 28.95 -19.46
C LYS I 181 7.86 28.98 -19.36
N ILE I 182 8.38 29.89 -18.55
CA ILE I 182 9.77 30.30 -18.62
C ILE I 182 10.38 30.32 -17.23
N LEU I 183 11.67 30.61 -17.17
CA LEU I 183 12.52 30.22 -16.05
C LEU I 183 13.30 31.38 -15.47
N PHE I 184 13.70 31.17 -14.22
CA PHE I 184 14.77 31.93 -13.59
C PHE I 184 15.42 31.00 -12.58
N GLU I 185 16.73 30.82 -12.70
CA GLU I 185 17.47 30.07 -11.70
C GLU I 185 18.94 30.47 -11.82
N ASN I 186 19.77 29.80 -11.02
CA ASN I 186 21.13 30.24 -10.86
C ASN I 186 21.93 30.11 -12.16
N PRO I 187 22.89 31.00 -12.40
CA PRO I 187 23.54 31.05 -13.72
C PRO I 187 24.72 30.12 -13.86
N ASP I 188 25.33 29.78 -12.73
CA ASP I 188 26.51 28.97 -12.53
C ASP I 188 27.80 29.73 -12.85
N LEU I 189 27.76 30.88 -13.49
CA LEU I 189 28.86 31.82 -13.38
C LEU I 189 28.38 33.25 -13.22
N SER I 190 27.35 33.63 -13.97
CA SER I 190 27.07 35.04 -14.20
C SER I 190 26.64 35.77 -12.95
N THR I 191 26.44 35.07 -11.83
CA THR I 191 26.32 35.74 -10.56
C THR I 191 27.65 36.35 -10.17
N LYS I 192 28.74 35.65 -10.50
CA LYS I 192 30.06 36.23 -10.35
C LYS I 192 30.23 37.45 -11.24
N LYS I 193 29.59 37.43 -12.41
CA LYS I 193 29.95 38.33 -13.49
C LYS I 193 29.38 39.72 -13.30
N LYS I 194 28.05 39.83 -13.31
CA LYS I 194 27.39 41.12 -13.44
C LYS I 194 26.78 41.61 -12.13
N ILE I 195 26.69 40.74 -11.12
CA ILE I 195 26.19 41.18 -9.82
C ILE I 195 27.11 42.23 -9.25
N LEU I 196 28.36 41.84 -9.02
CA LEU I 196 29.37 42.81 -8.64
C LEU I 196 29.71 43.73 -9.79
N GLY I 197 29.30 43.38 -11.01
CA GLY I 197 29.23 44.37 -12.06
C GLY I 197 28.41 45.57 -11.66
N ILE I 198 27.38 45.36 -10.83
CA ILE I 198 26.60 46.45 -10.28
C ILE I 198 27.27 47.02 -9.04
N HIS I 199 27.59 46.15 -8.10
CA HIS I 199 28.01 46.58 -6.78
C HIS I 199 29.40 47.18 -6.74
N THR I 200 30.16 47.06 -7.84
CA THR I 200 31.39 47.85 -7.96
C THR I 200 31.13 49.34 -8.04
N SER I 201 29.88 49.76 -8.24
CA SER I 201 29.53 51.17 -8.33
C SER I 201 29.94 51.95 -7.10
N LYS I 202 29.36 51.63 -5.96
CA LYS I 202 29.63 52.39 -4.75
C LYS I 202 31.03 52.11 -4.23
N MET I 203 31.29 50.86 -3.87
CA MET I 203 32.42 50.53 -3.03
C MET I 203 33.74 50.88 -3.71
N ASN I 204 34.79 50.89 -2.88
CA ASN I 204 36.11 51.34 -3.27
C ASN I 204 37.11 50.21 -3.39
N LEU I 205 36.99 49.20 -2.54
CA LEU I 205 38.03 48.19 -2.35
C LEU I 205 39.37 48.88 -2.14
N SER I 206 39.43 49.57 -1.03
CA SER I 206 40.41 50.60 -0.72
C SER I 206 41.85 50.08 -0.64
N GLU I 207 42.17 48.82 -0.93
CA GLU I 207 43.55 48.34 -0.99
C GLU I 207 43.89 47.67 -2.30
N ASP I 208 42.94 46.96 -2.90
CA ASP I 208 43.17 46.16 -4.10
C ASP I 208 41.85 46.12 -4.86
N VAL I 209 41.70 45.11 -5.70
CA VAL I 209 40.38 44.64 -6.12
C VAL I 209 40.06 43.28 -5.50
N ASN I 210 41.00 42.33 -5.60
CA ASN I 210 40.87 40.97 -5.08
C ASN I 210 39.82 40.14 -5.81
N LEU I 211 39.09 40.71 -6.77
CA LEU I 211 37.90 40.06 -7.29
C LEU I 211 38.22 38.85 -8.16
N GLU I 212 39.47 38.70 -8.58
CA GLU I 212 39.87 37.55 -9.38
C GLU I 212 39.75 36.23 -8.62
N THR I 213 39.56 36.27 -7.29
CA THR I 213 39.37 35.08 -6.48
C THR I 213 38.20 35.22 -5.51
N LEU I 214 37.54 36.38 -5.46
CA LEU I 214 36.28 36.53 -4.74
C LEU I 214 35.15 36.00 -5.61
N VAL I 215 35.22 34.70 -5.88
CA VAL I 215 34.64 34.12 -7.07
C VAL I 215 34.01 32.79 -6.70
N THR I 216 33.39 32.16 -7.70
CA THR I 216 32.57 30.98 -7.52
C THR I 216 33.30 29.74 -8.04
N THR I 217 33.48 28.76 -7.17
CA THR I 217 34.04 27.47 -7.55
C THR I 217 32.92 26.49 -7.89
N LYS I 218 32.02 26.91 -8.77
CA LYS I 218 30.80 26.15 -9.06
C LYS I 218 30.04 25.86 -7.76
N ASP I 219 30.06 26.81 -6.85
CA ASP I 219 29.47 26.64 -5.52
C ASP I 219 27.96 26.80 -5.62
N ASP I 220 27.22 25.75 -5.25
CA ASP I 220 25.77 25.79 -5.29
C ASP I 220 25.27 26.79 -4.25
N LEU I 221 24.55 27.80 -4.71
CA LEU I 221 24.12 28.91 -3.88
C LEU I 221 23.11 29.71 -4.70
N SER I 222 22.73 30.87 -4.19
CA SER I 222 21.93 31.83 -4.94
C SER I 222 22.54 33.20 -4.76
N GLY I 223 22.89 33.83 -5.88
CA GLY I 223 23.58 35.11 -5.85
C GLY I 223 22.81 36.23 -5.19
N ALA I 224 21.53 36.03 -4.87
CA ALA I 224 20.78 37.03 -4.14
C ALA I 224 21.44 37.39 -2.82
N ASP I 225 22.12 36.42 -2.20
CA ASP I 225 22.83 36.69 -0.96
C ASP I 225 24.08 37.52 -1.16
N ILE I 226 24.47 37.79 -2.40
CA ILE I 226 25.62 38.65 -2.66
C ILE I 226 25.40 40.02 -2.04
N GLN I 227 24.14 40.44 -1.94
CA GLN I 227 23.84 41.70 -1.28
C GLN I 227 23.94 41.59 0.23
N ALA I 228 24.19 40.38 0.74
CA ALA I 228 24.79 40.25 2.06
C ALA I 228 26.29 40.35 1.95
N MET I 229 26.88 39.67 0.96
CA MET I 229 28.33 39.62 0.81
C MET I 229 28.93 41.01 0.78
N CYS I 230 28.27 41.96 0.13
CA CYS I 230 28.71 43.34 0.21
C CYS I 230 28.54 43.88 1.62
N THR I 231 27.48 43.47 2.31
CA THR I 231 27.14 44.06 3.60
C THR I 231 28.24 43.83 4.63
N GLU I 232 28.44 42.57 5.00
CA GLU I 232 29.12 42.28 6.27
C GLU I 232 30.58 42.68 6.24
N ALA I 233 31.17 42.86 5.05
CA ALA I 233 32.50 43.45 4.99
C ALA I 233 32.48 44.83 5.61
N GLY I 234 31.49 45.65 5.27
CA GLY I 234 31.35 46.94 5.89
C GLY I 234 31.14 46.82 7.39
N LEU I 235 30.38 45.82 7.80
CA LEU I 235 30.16 45.60 9.22
C LEU I 235 31.45 45.17 9.88
N LEU I 236 32.10 44.17 9.31
CA LEU I 236 33.38 43.71 9.85
C LEU I 236 34.44 44.79 9.72
N ALA I 237 34.29 45.69 8.76
CA ALA I 237 35.05 46.94 8.80
C ALA I 237 34.82 47.63 10.13
N LEU I 238 33.57 47.68 10.55
CA LEU I 238 33.16 48.40 11.73
C LEU I 238 33.01 47.49 12.93
N ARG I 239 33.25 46.19 12.76
CA ARG I 239 33.68 45.38 13.87
C ARG I 239 35.12 45.68 14.25
N GLU I 240 35.88 46.36 13.38
CA GLU I 240 37.24 46.78 13.67
C GLU I 240 37.52 48.19 13.16
N ARG I 241 36.48 48.96 12.84
CA ARG I 241 36.50 50.39 12.58
C ARG I 241 37.07 50.77 11.23
N ARG I 242 37.22 49.83 10.30
CA ARG I 242 37.69 50.21 8.97
C ARG I 242 36.66 51.10 8.28
N MET I 243 36.93 52.39 8.23
CA MET I 243 36.08 53.29 7.46
C MET I 243 36.23 53.06 5.97
N GLN I 244 37.37 52.51 5.54
CA GLN I 244 37.61 52.25 4.12
C GLN I 244 36.92 50.95 3.73
N VAL I 245 37.24 50.44 2.54
CA VAL I 245 36.61 49.26 1.96
C VAL I 245 37.70 48.23 1.74
N THR I 246 37.62 47.13 2.48
CA THR I 246 38.63 46.08 2.41
C THR I 246 38.22 44.98 1.45
N ALA I 247 39.14 44.05 1.26
CA ALA I 247 38.90 42.81 0.56
C ALA I 247 39.17 41.60 1.43
N GLU I 248 39.78 41.78 2.58
CA GLU I 248 40.23 40.66 3.39
C GLU I 248 39.11 40.14 4.27
N ASP I 249 38.44 41.05 4.99
CA ASP I 249 37.35 40.60 5.84
C ASP I 249 36.17 40.11 5.01
N PHE I 250 36.06 40.61 3.77
CA PHE I 250 35.03 40.16 2.84
C PHE I 250 35.03 38.65 2.68
N LYS I 251 36.17 38.00 2.93
CA LYS I 251 36.27 36.55 2.83
C LYS I 251 35.18 35.84 3.61
N GLN I 252 34.91 36.30 4.84
CA GLN I 252 34.18 35.47 5.79
C GLN I 252 32.77 35.16 5.32
N ALA I 253 32.12 36.11 4.65
CA ALA I 253 30.68 36.03 4.44
C ALA I 253 30.29 34.78 3.66
N LYS I 254 31.08 34.44 2.64
CA LYS I 254 30.86 33.17 1.96
C LYS I 254 31.31 32.02 2.85
N GLU I 255 32.45 32.19 3.50
CA GLU I 255 32.92 31.21 4.48
C GLU I 255 32.00 31.13 5.68
N ARG I 256 31.17 32.16 5.91
CA ARG I 256 30.29 32.25 7.06
C ARG I 256 28.86 31.90 6.71
N VAL I 257 28.31 32.52 5.68
CA VAL I 257 26.90 32.36 5.35
C VAL I 257 26.69 31.23 4.37
N MET I 258 27.54 31.12 3.35
CA MET I 258 27.44 29.99 2.45
C MET I 258 27.81 28.68 3.14
N LYS I 259 28.51 28.75 4.28
CA LYS I 259 28.94 27.54 4.98
C LYS I 259 27.82 26.95 5.85
N ASN I 260 26.86 27.77 6.27
CA ASN I 260 25.76 27.27 7.09
C ASN I 260 24.96 26.22 6.34
N LYS I 261 24.40 26.59 5.20
CA LYS I 261 23.52 25.72 4.44
C LYS I 261 24.37 24.63 3.79
N VAL I 262 24.69 23.63 4.59
CA VAL I 262 25.55 22.54 4.13
C VAL I 262 24.74 21.57 3.27
N GLU I 263 25.46 20.87 2.40
CA GLU I 263 24.90 19.80 1.58
C GLU I 263 25.51 18.46 2.02
N GLU I 264 24.95 17.38 1.49
CA GLU I 264 25.40 16.04 1.89
C GLU I 264 26.83 15.80 1.46
N ASN I 265 27.15 16.07 0.19
CA ASN I 265 28.49 15.87 -0.34
C ASN I 265 28.89 14.40 -0.30
N LEU I 266 28.02 13.55 -0.86
CA LEU I 266 28.24 12.11 -0.90
C LEU I 266 28.99 11.66 -2.13
N GLU I 267 29.83 12.53 -2.69
CA GLU I 267 30.60 12.21 -3.89
C GLU I 267 31.97 11.63 -3.54
N GLY I 268 31.98 10.65 -2.64
CA GLY I 268 33.08 9.71 -2.51
C GLY I 268 32.63 8.39 -3.07
N LEU I 269 31.66 8.45 -3.99
CA LEU I 269 30.96 7.30 -4.52
C LEU I 269 30.81 7.32 -6.03
N TYR I 270 30.89 8.48 -6.68
CA TYR I 270 30.85 8.58 -8.14
C TYR I 270 32.23 8.91 -8.71
N LEU I 271 33.29 8.44 -8.08
CA LEU I 271 34.64 8.63 -8.58
C LEU I 271 35.04 7.51 -9.52
N LEU J 1 -8.96 45.96 16.33
CA LEU J 1 -8.08 45.33 17.31
C LEU J 1 -6.84 46.17 17.54
N VAL J 2 -6.49 46.36 18.81
CA VAL J 2 -5.16 46.84 19.16
C VAL J 2 -4.59 46.06 20.34
N SER J 3 -5.22 44.94 20.70
CA SER J 3 -4.75 44.17 21.85
C SER J 3 -3.35 43.64 21.61
N LEU J 4 -3.09 43.17 20.39
CA LEU J 4 -1.77 42.78 19.96
C LEU J 4 -0.76 43.91 20.04
N MET J 5 -1.22 45.16 20.03
CA MET J 5 -0.33 46.30 19.89
C MET J 5 0.61 46.39 21.08
N MET J 6 1.60 47.29 20.97
CA MET J 6 2.56 47.50 22.03
C MET J 6 1.87 48.11 23.24
N VAL J 7 2.67 48.43 24.24
CA VAL J 7 2.19 48.64 25.60
C VAL J 7 2.69 49.97 26.12
N GLU J 8 1.78 50.71 26.77
CA GLU J 8 2.20 51.69 27.76
C GLU J 8 2.64 51.03 29.06
N LYS J 9 2.38 49.73 29.24
CA LYS J 9 2.85 48.97 30.38
C LYS J 9 3.93 48.03 29.85
N VAL J 10 5.15 48.55 29.76
CA VAL J 10 6.31 47.78 29.36
C VAL J 10 6.61 46.75 30.44
N PRO J 11 7.17 45.59 30.12
CA PRO J 11 7.75 44.76 31.17
C PRO J 11 8.93 45.43 31.84
N ASP J 12 9.43 44.79 32.90
CA ASP J 12 10.59 45.28 33.64
C ASP J 12 11.61 44.15 33.64
N SER J 13 12.34 44.07 32.55
CA SER J 13 13.51 43.22 32.41
C SER J 13 14.65 44.08 31.93
N THR J 14 15.76 43.44 31.61
CA THR J 14 16.96 44.17 31.25
C THR J 14 17.99 43.21 30.70
N TYR J 15 18.78 43.69 29.74
CA TYR J 15 19.81 42.87 29.13
C TYR J 15 21.11 42.88 29.93
N ASP J 16 21.04 43.18 31.23
CA ASP J 16 22.08 42.81 32.18
C ASP J 16 21.50 41.98 33.32
N MET J 17 20.38 41.31 33.07
CA MET J 17 19.87 40.24 33.91
C MET J 17 20.24 38.88 33.32
N VAL J 18 21.18 38.87 32.39
CA VAL J 18 21.22 37.90 31.32
C VAL J 18 22.59 37.25 31.16
N GLY J 19 23.30 37.07 32.27
CA GLY J 19 24.68 36.63 32.28
C GLY J 19 25.02 35.46 31.38
N GLY J 20 26.27 35.36 30.98
CA GLY J 20 26.72 34.38 30.00
C GLY J 20 26.55 34.85 28.57
N LEU J 21 25.47 35.57 28.29
CA LEU J 21 25.23 36.15 26.98
C LEU J 21 25.98 37.47 26.92
N THR J 22 27.05 37.51 26.17
CA THR J 22 27.99 38.63 26.18
C THR J 22 28.25 39.18 24.79
N LYS J 23 28.30 38.32 23.79
CA LYS J 23 28.74 38.68 22.44
C LYS J 23 27.58 39.01 21.52
N GLN J 24 26.42 38.41 21.75
CA GLN J 24 25.36 38.44 20.77
C GLN J 24 24.78 39.82 20.63
N ILE J 25 24.71 40.57 21.73
CA ILE J 25 24.21 41.94 21.69
C ILE J 25 25.03 42.77 20.71
N LYS J 26 26.35 42.58 20.72
CA LYS J 26 27.19 43.32 19.78
C LYS J 26 26.94 42.88 18.35
N GLU J 27 26.51 41.63 18.15
CA GLU J 27 26.36 41.09 16.81
C GLU J 27 24.99 41.38 16.21
N ILE J 28 24.01 41.79 17.02
CA ILE J 28 22.64 41.91 16.55
C ILE J 28 22.02 43.25 16.89
N LYS J 29 22.56 44.01 17.83
CA LYS J 29 21.97 45.31 18.14
C LYS J 29 22.04 46.24 16.94
N GLU J 30 23.18 46.22 16.24
CA GLU J 30 23.49 47.28 15.31
C GLU J 30 22.48 47.34 14.18
N VAL J 31 22.12 46.20 13.60
CA VAL J 31 21.07 46.15 12.59
C VAL J 31 19.78 46.72 13.15
N ILE J 32 19.51 46.45 14.43
CA ILE J 32 18.36 47.03 15.10
C ILE J 32 18.66 48.39 15.70
N GLU J 33 19.93 48.73 15.88
CA GLU J 33 20.32 49.95 16.58
C GLU J 33 20.93 50.98 15.65
N LEU J 34 22.02 50.63 14.98
CA LEU J 34 22.96 51.66 14.52
C LEU J 34 22.43 52.44 13.32
N PRO J 35 22.16 51.83 12.16
CA PRO J 35 21.76 52.62 11.01
C PRO J 35 20.42 53.25 11.21
N VAL J 36 19.61 52.71 12.11
CA VAL J 36 18.40 53.39 12.52
C VAL J 36 18.73 54.44 13.56
N LYS J 37 19.77 54.21 14.37
CA LYS J 37 20.29 55.29 15.20
C LYS J 37 20.88 56.39 14.34
N HIS J 38 21.47 56.03 13.19
CA HIS J 38 22.12 57.00 12.32
C HIS J 38 21.95 56.55 10.88
N PRO J 39 20.81 56.83 10.26
CA PRO J 39 20.66 56.52 8.84
C PRO J 39 21.56 57.34 7.95
N GLU J 40 21.83 58.58 8.30
CA GLU J 40 22.78 59.37 7.53
C GLU J 40 24.17 58.74 7.60
N LEU J 41 24.52 58.21 8.76
CA LEU J 41 25.78 57.46 8.88
C LEU J 41 25.77 56.25 7.96
N PHE J 42 24.73 55.44 8.04
CA PHE J 42 24.63 54.30 7.16
C PHE J 42 24.55 54.74 5.71
N GLU J 43 23.72 55.76 5.44
CA GLU J 43 23.58 56.28 4.09
C GLU J 43 24.85 56.93 3.58
N SER J 44 25.83 57.19 4.44
CA SER J 44 27.17 57.55 3.96
C SER J 44 27.67 56.50 2.99
N LEU J 45 27.36 55.24 3.28
CA LEU J 45 27.50 54.14 2.35
C LEU J 45 26.13 53.70 1.86
N GLY J 46 25.26 53.30 2.77
CA GLY J 46 23.88 53.01 2.42
C GLY J 46 23.81 51.74 1.62
N ILE J 47 24.29 50.64 2.22
CA ILE J 47 24.44 49.39 1.50
C ILE J 47 23.07 48.75 1.38
N ALA J 48 22.53 48.32 2.50
CA ALA J 48 21.11 48.04 2.65
C ALA J 48 20.81 47.87 4.13
N GLN J 49 20.00 48.75 4.70
CA GLN J 49 19.55 48.48 6.05
C GLN J 49 18.70 47.22 5.95
N PRO J 50 19.18 46.06 6.35
CA PRO J 50 18.55 44.83 5.89
C PRO J 50 17.17 44.62 6.45
N LYS J 51 16.51 43.55 6.02
CA LYS J 51 15.26 43.14 6.62
C LYS J 51 15.60 42.48 7.96
N GLY J 52 14.60 41.85 8.56
CA GLY J 52 14.78 41.27 9.87
C GLY J 52 15.82 40.18 9.94
N VAL J 53 16.00 39.63 11.13
CA VAL J 53 16.96 38.55 11.38
C VAL J 53 16.21 37.42 12.07
N ILE J 54 16.95 36.39 12.46
CA ILE J 54 16.36 35.21 13.07
C ILE J 54 17.37 34.62 14.04
N LEU J 55 16.83 33.90 15.01
CA LEU J 55 17.57 33.29 16.09
C LEU J 55 17.09 31.86 16.21
N TYR J 56 18.03 30.92 16.25
CA TYR J 56 17.71 29.53 16.42
C TYR J 56 18.53 28.96 17.55
N GLY J 57 17.96 27.98 18.23
CA GLY J 57 18.56 27.41 19.40
C GLY J 57 17.50 26.66 20.20
N PRO J 58 17.93 25.82 21.14
CA PRO J 58 16.95 24.98 21.84
C PRO J 58 16.16 25.78 22.84
N PRO J 59 15.31 25.12 23.61
CA PRO J 59 14.82 25.73 24.85
C PRO J 59 15.90 25.76 25.92
N GLY J 60 15.54 26.16 27.12
CA GLY J 60 16.51 26.33 28.18
C GLY J 60 17.30 27.62 28.12
N THR J 61 16.99 28.49 27.17
CA THR J 61 17.82 29.61 26.81
C THR J 61 17.31 30.94 27.34
N GLY J 62 16.03 31.20 27.16
CA GLY J 62 15.48 32.50 27.42
C GLY J 62 15.60 33.42 26.23
N LYS J 63 15.57 32.85 25.03
CA LYS J 63 15.38 33.66 23.82
C LYS J 63 14.19 34.60 24.01
N THR J 64 13.11 34.06 24.56
CA THR J 64 12.02 34.89 25.05
C THR J 64 12.54 35.90 26.06
N LEU J 65 13.15 35.41 27.14
CA LEU J 65 13.57 36.28 28.23
C LEU J 65 14.59 37.31 27.77
N LEU J 66 15.29 37.02 26.68
CA LEU J 66 16.05 38.06 26.01
C LEU J 66 15.11 39.06 25.37
N ALA J 67 14.10 38.56 24.65
CA ALA J 67 13.22 39.42 23.90
C ALA J 67 12.28 40.24 24.78
N ARG J 68 12.19 39.91 26.07
CA ARG J 68 11.41 40.74 26.97
C ARG J 68 12.18 42.01 27.33
N ALA J 69 13.50 41.89 27.48
CA ALA J 69 14.29 43.03 27.92
C ALA J 69 14.58 43.99 26.78
N VAL J 70 14.75 43.46 25.57
CA VAL J 70 15.03 44.32 24.42
C VAL J 70 13.92 45.32 24.22
N ALA J 71 12.70 44.98 24.60
CA ALA J 71 11.60 45.92 24.57
C ALA J 71 11.72 46.99 25.63
N HIS J 72 12.66 46.83 26.55
CA HIS J 72 13.19 47.93 27.32
C HIS J 72 14.46 48.40 26.63
N HIS J 73 14.80 49.67 26.83
CA HIS J 73 15.97 50.29 26.19
C HIS J 73 15.86 50.19 24.67
N THR J 74 14.82 50.82 24.12
CA THR J 74 14.44 50.64 22.73
C THR J 74 14.61 51.89 21.88
N ASP J 75 13.96 52.99 22.26
CA ASP J 75 13.64 54.14 21.42
C ASP J 75 12.58 53.81 20.39
N CYS J 76 11.95 52.64 20.47
CA CYS J 76 11.03 52.16 19.46
C CYS J 76 9.94 51.35 20.15
N LYS J 77 8.97 50.90 19.37
CA LYS J 77 7.88 50.06 19.87
C LYS J 77 8.20 48.58 19.66
N PHE J 78 7.44 47.75 20.35
CA PHE J 78 7.67 46.31 20.40
C PHE J 78 6.31 45.65 20.51
N ILE J 79 5.74 45.28 19.37
CA ILE J 79 4.40 44.68 19.36
C ILE J 79 4.52 43.17 19.49
N ARG J 80 3.39 42.54 19.79
CA ARG J 80 3.36 41.12 20.08
C ARG J 80 2.09 40.55 19.48
N VAL J 81 2.23 39.39 18.84
CA VAL J 81 1.08 38.69 18.29
C VAL J 81 0.49 37.69 19.27
N SER J 82 1.22 37.31 20.31
CA SER J 82 0.83 36.17 21.14
C SER J 82 0.69 34.95 20.23
N GLY J 83 1.84 34.48 19.76
CA GLY J 83 1.99 33.74 18.53
C GLY J 83 0.91 32.78 18.13
N ALA J 84 0.52 32.87 16.86
CA ALA J 84 -0.49 32.06 16.19
C ALA J 84 -1.90 32.50 16.52
N GLU J 85 -2.10 33.57 17.28
CA GLU J 85 -3.45 34.05 17.53
C GLU J 85 -4.09 34.65 16.29
N LEU J 86 -3.26 35.09 15.33
CA LEU J 86 -3.77 35.77 14.14
C LEU J 86 -4.75 34.92 13.35
N VAL J 87 -4.61 33.61 13.37
CA VAL J 87 -5.44 32.74 12.56
C VAL J 87 -6.76 32.48 13.27
N GLN J 88 -7.81 32.27 12.49
CA GLN J 88 -9.14 31.99 12.98
C GLN J 88 -9.73 30.87 12.13
N LYS J 89 -10.95 30.46 12.47
CA LYS J 89 -11.56 29.29 11.84
C LYS J 89 -12.27 29.67 10.55
N TYR J 90 -11.62 30.44 9.72
CA TYR J 90 -12.21 31.01 8.52
C TYR J 90 -11.08 31.24 7.53
N ILE J 91 -11.39 31.91 6.43
CA ILE J 91 -10.43 32.20 5.38
C ILE J 91 -10.09 33.68 5.34
N GLY J 92 -11.11 34.53 5.14
CA GLY J 92 -10.88 35.95 4.94
C GLY J 92 -10.19 36.65 6.08
N GLU J 93 -10.25 36.08 7.28
CA GLU J 93 -9.62 36.73 8.43
C GLU J 93 -8.11 36.75 8.32
N GLY J 94 -7.52 35.91 7.47
CA GLY J 94 -6.08 35.83 7.39
C GLY J 94 -5.44 37.08 6.83
N SER J 95 -5.71 37.35 5.56
CA SER J 95 -4.92 38.36 4.84
C SER J 95 -5.24 39.77 5.30
N ARG J 96 -6.49 40.04 5.68
CA ARG J 96 -6.84 41.38 6.14
C ARG J 96 -6.00 41.78 7.33
N MET J 97 -5.84 40.86 8.29
CA MET J 97 -5.08 41.19 9.49
C MET J 97 -3.63 41.47 9.13
N VAL J 98 -3.08 40.69 8.22
CA VAL J 98 -1.73 40.95 7.74
C VAL J 98 -1.69 42.27 7.00
N ARG J 99 -2.73 42.56 6.22
CA ARG J 99 -2.85 43.88 5.63
C ARG J 99 -2.92 44.95 6.72
N GLU J 100 -3.68 44.67 7.78
CA GLU J 100 -3.74 45.56 8.93
C GLU J 100 -2.42 45.60 9.69
N LEU J 101 -1.62 44.54 9.58
CA LEU J 101 -0.43 44.44 10.40
C LEU J 101 0.64 45.43 9.95
N PHE J 102 1.05 45.32 8.68
CA PHE J 102 2.13 46.16 8.16
C PHE J 102 1.81 47.64 8.37
N VAL J 103 0.61 48.04 7.96
CA VAL J 103 0.19 49.43 8.05
C VAL J 103 0.24 49.92 9.48
N MET J 104 -0.02 49.04 10.44
CA MET J 104 0.07 49.42 11.84
C MET J 104 1.49 49.82 12.21
N ALA J 105 2.48 49.34 11.46
CA ALA J 105 3.87 49.72 11.69
C ALA J 105 4.40 50.71 10.66
N ARG J 106 3.70 50.89 9.55
CA ARG J 106 4.11 51.94 8.60
C ARG J 106 4.03 53.29 9.28
N GLU J 107 2.96 53.51 10.04
CA GLU J 107 2.80 54.75 10.80
C GLU J 107 3.85 54.93 11.88
N HIS J 108 4.59 53.87 12.23
CA HIS J 108 5.69 53.95 13.21
C HIS J 108 6.93 53.33 12.58
N ALA J 109 7.75 54.14 11.94
CA ALA J 109 9.03 53.64 11.46
C ALA J 109 9.89 53.14 12.60
N PRO J 110 10.26 53.95 13.59
CA PRO J 110 11.04 53.41 14.71
C PRO J 110 10.20 52.48 15.58
N SER J 111 9.94 51.28 15.06
CA SER J 111 9.08 50.32 15.73
C SER J 111 9.14 49.00 15.00
N ILE J 112 9.02 47.91 15.76
CA ILE J 112 9.33 46.57 15.28
C ILE J 112 8.36 45.58 15.94
N ILE J 113 8.53 44.31 15.61
CA ILE J 113 7.57 43.27 15.95
C ILE J 113 8.27 42.15 16.70
N PHE J 114 7.51 41.09 16.97
CA PHE J 114 8.05 39.89 17.61
C PHE J 114 7.22 38.68 17.20
N MET J 115 7.90 37.64 16.74
CA MET J 115 7.37 36.28 16.74
C MET J 115 8.10 35.48 17.80
N ASP J 116 7.49 34.39 18.24
CA ASP J 116 8.17 33.38 19.03
C ASP J 116 8.26 32.03 18.33
N GLU J 117 7.21 31.67 17.61
CA GLU J 117 7.04 30.36 17.03
C GLU J 117 6.65 30.49 15.56
N ILE J 118 7.40 29.81 14.70
CA ILE J 118 7.03 29.67 13.30
C ILE J 118 7.09 28.18 12.96
N ASP J 119 6.86 27.33 13.97
CA ASP J 119 6.69 25.90 13.71
C ASP J 119 5.34 25.61 13.07
N SER J 120 4.39 26.54 13.19
CA SER J 120 3.02 26.36 12.73
C SER J 120 2.75 27.00 11.37
N ILE J 121 3.78 27.53 10.71
CA ILE J 121 3.63 28.17 9.41
C ILE J 121 4.71 27.62 8.48
N GLY J 122 5.19 26.41 8.76
CA GLY J 122 6.36 25.87 8.10
C GLY J 122 6.05 24.74 7.13
N SER J 123 6.86 24.67 6.07
CA SER J 123 6.92 23.51 5.17
C SER J 123 5.57 23.21 4.50
N THR J 124 5.16 24.15 3.65
CA THR J 124 3.90 24.02 2.94
C THR J 124 4.01 22.98 1.84
N ARG J 125 3.15 21.97 1.89
CA ARG J 125 2.98 21.01 0.82
C ARG J 125 1.49 20.77 0.64
N VAL J 126 1.07 20.52 -0.61
CA VAL J 126 -0.35 20.46 -0.92
C VAL J 126 -0.58 19.52 -2.09
N GLU J 127 -1.48 18.55 -1.88
CA GLU J 127 -2.07 17.76 -2.95
C GLU J 127 -3.56 17.55 -2.68
N GLY J 128 -4.18 18.47 -1.94
CA GLY J 128 -5.49 18.28 -1.34
C GLY J 128 -5.45 18.35 0.18
N SER J 129 -4.31 18.01 0.77
CA SER J 129 -4.09 18.13 2.20
C SER J 129 -3.17 19.32 2.47
N GLY J 130 -3.56 20.18 3.41
CA GLY J 130 -2.87 21.43 3.64
C GLY J 130 -3.66 22.33 4.57
N GLY J 131 -3.89 23.57 4.15
CA GLY J 131 -4.72 24.48 4.93
C GLY J 131 -4.51 25.92 4.53
N GLY J 132 -5.48 26.75 4.94
CA GLY J 132 -5.43 28.17 4.62
C GLY J 132 -4.24 28.88 5.20
N ASP J 133 -3.65 28.32 6.26
CA ASP J 133 -2.46 28.92 6.87
C ASP J 133 -1.36 29.16 5.85
N SER J 134 -1.20 28.22 4.92
CA SER J 134 -0.20 28.40 3.87
C SER J 134 -0.52 29.62 3.02
N GLU J 135 -1.79 30.00 2.92
CA GLU J 135 -2.15 31.16 2.14
C GLU J 135 -1.58 32.44 2.74
N VAL J 136 -1.45 32.49 4.07
CA VAL J 136 -1.09 33.73 4.73
C VAL J 136 0.41 33.93 4.79
N GLN J 137 1.18 32.85 4.82
CA GLN J 137 2.63 32.99 4.80
C GLN J 137 3.09 33.68 3.53
N ARG J 138 2.34 33.53 2.44
CA ARG J 138 2.72 34.17 1.20
C ARG J 138 2.55 35.68 1.30
N THR J 139 1.34 36.14 1.63
CA THR J 139 1.03 37.57 1.53
C THR J 139 1.86 38.42 2.49
N MET J 140 2.16 37.90 3.67
CA MET J 140 3.08 38.60 4.55
C MET J 140 4.45 38.70 3.91
N LEU J 141 4.96 37.57 3.40
CA LEU J 141 6.21 37.61 2.65
C LEU J 141 6.05 38.44 1.39
N GLU J 142 4.86 38.42 0.80
CA GLU J 142 4.61 39.26 -0.36
C GLU J 142 4.71 40.72 0.03
N LEU J 143 3.97 41.13 1.05
CA LEU J 143 4.04 42.49 1.55
C LEU J 143 5.29 42.73 2.39
N LEU J 144 6.12 41.69 2.59
CA LEU J 144 7.48 41.91 3.06
C LEU J 144 8.37 42.40 1.94
N ASN J 145 8.34 41.73 0.79
CA ASN J 145 9.19 42.03 -0.37
C ASN J 145 8.27 42.28 -1.55
N GLN J 146 7.98 43.55 -1.81
CA GLN J 146 7.07 43.96 -2.87
C GLN J 146 7.24 45.46 -3.05
N LEU J 147 6.31 46.07 -3.80
CA LEU J 147 6.33 47.51 -3.98
C LEU J 147 6.11 48.29 -2.69
N ASP J 148 5.73 47.63 -1.58
CA ASP J 148 5.32 48.33 -0.37
C ASP J 148 5.99 47.80 0.89
N GLY J 149 7.05 47.02 0.77
CA GLY J 149 7.72 46.45 1.94
C GLY J 149 9.03 47.14 2.21
N PHE J 150 9.77 47.44 1.15
CA PHE J 150 11.04 48.13 1.29
C PHE J 150 10.86 49.50 1.91
N GLU J 151 9.70 50.13 1.68
CA GLU J 151 9.37 51.34 2.42
C GLU J 151 9.20 51.04 3.89
N THR J 152 8.74 49.83 4.21
CA THR J 152 8.83 49.36 5.59
C THR J 152 10.26 49.04 5.94
N SER J 153 10.96 48.33 5.04
CA SER J 153 12.37 48.07 5.26
C SER J 153 13.21 49.34 5.23
N LYS J 154 12.65 50.44 4.71
CA LYS J 154 13.22 51.74 4.99
C LYS J 154 12.94 52.13 6.43
N ASN J 155 11.73 51.83 6.90
CA ASN J 155 11.30 52.20 8.23
C ASN J 155 11.58 51.14 9.28
N ILE J 156 11.80 49.89 8.88
CA ILE J 156 11.61 48.76 9.79
C ILE J 156 12.76 47.78 9.70
N LYS J 157 13.08 47.18 10.85
CA LYS J 157 13.68 45.87 10.96
C LYS J 157 12.70 45.02 11.76
N ILE J 158 12.82 43.70 11.66
CA ILE J 158 11.95 42.80 12.41
C ILE J 158 12.76 41.58 12.84
N ILE J 159 12.07 40.64 13.50
CA ILE J 159 12.66 39.38 13.91
C ILE J 159 11.57 38.32 13.89
N MET J 160 11.98 37.09 13.61
CA MET J 160 11.19 35.90 13.78
C MET J 160 11.82 35.08 14.89
N ALA J 161 11.27 33.90 15.17
CA ALA J 161 11.91 33.01 16.16
C ALA J 161 11.20 31.67 16.20
N THR J 162 11.91 30.67 16.70
CA THR J 162 11.34 29.35 17.01
C THR J 162 12.38 28.59 17.83
N ASN J 163 12.11 27.29 18.04
CA ASN J 163 13.04 26.38 18.69
C ASN J 163 13.43 25.19 17.84
N ARG J 164 12.74 24.95 16.73
CA ARG J 164 13.08 23.91 15.77
C ARG J 164 13.23 24.56 14.40
N LEU J 165 14.39 24.38 13.77
CA LEU J 165 14.81 25.23 12.68
C LEU J 165 14.40 24.70 11.30
N ASP J 166 14.87 23.51 10.95
CA ASP J 166 14.89 23.05 9.57
C ASP J 166 13.59 22.38 9.15
N ILE J 167 12.47 22.76 9.77
CA ILE J 167 11.19 22.08 9.59
C ILE J 167 10.18 23.04 8.99
N LEU J 168 10.65 23.98 8.17
CA LEU J 168 9.81 25.05 7.64
C LEU J 168 10.11 25.19 6.15
N ASP J 169 9.61 26.27 5.56
CA ASP J 169 9.71 26.46 4.12
C ASP J 169 11.02 27.15 3.78
N PRO J 170 11.93 26.53 3.02
CA PRO J 170 13.10 27.29 2.56
C PRO J 170 12.73 28.35 1.56
N ALA J 171 11.64 28.14 0.82
CA ALA J 171 11.15 29.16 -0.11
C ALA J 171 10.82 30.46 0.59
N LEU J 172 10.59 30.42 1.90
CA LEU J 172 10.57 31.62 2.70
C LEU J 172 11.83 32.45 2.47
N LEU J 173 12.99 31.87 2.77
CA LEU J 173 14.22 32.64 2.87
C LEU J 173 14.82 32.91 1.51
N ARG J 174 14.76 34.18 1.09
CA ARG J 174 15.73 34.73 0.17
C ARG J 174 16.71 35.46 1.08
N PRO J 175 17.91 34.94 1.30
CA PRO J 175 18.83 35.64 2.19
C PRO J 175 19.09 37.06 1.72
N GLY J 176 18.61 37.99 2.52
CA GLY J 176 18.39 39.36 2.10
C GLY J 176 16.97 39.71 2.45
N ARG J 177 16.06 38.76 2.24
CA ARG J 177 14.77 38.80 2.92
C ARG J 177 14.96 38.53 4.40
N ILE J 178 15.98 37.75 4.75
CA ILE J 178 16.49 37.65 6.11
C ILE J 178 18.01 37.61 6.00
N ASP J 179 18.67 38.67 6.46
CA ASP J 179 20.06 38.93 6.11
C ASP J 179 21.05 38.41 7.14
N ARG J 180 20.59 37.76 8.20
CA ARG J 180 21.51 37.30 9.23
C ARG J 180 20.77 36.37 10.16
N LYS J 181 21.47 35.34 10.63
CA LYS J 181 20.95 34.44 11.65
C LYS J 181 22.06 34.08 12.62
N ILE J 182 21.67 33.49 13.74
CA ILE J 182 22.55 33.31 14.87
C ILE J 182 22.09 32.13 15.70
N GLU J 183 23.03 31.51 16.39
CA GLU J 183 22.75 30.46 17.35
C GLU J 183 22.73 31.01 18.76
N PHE J 184 21.71 30.62 19.53
CA PHE J 184 21.71 30.76 20.97
C PHE J 184 21.99 29.39 21.57
N PRO J 185 23.25 29.03 21.76
CA PRO J 185 23.55 27.68 22.20
C PRO J 185 23.23 27.50 23.66
N PRO J 186 23.39 26.29 24.19
CA PRO J 186 23.46 26.14 25.62
C PRO J 186 24.75 26.75 26.13
N PRO J 187 24.87 26.96 27.43
CA PRO J 187 25.98 27.76 27.95
C PRO J 187 27.24 26.93 28.18
N SER J 188 28.31 27.64 28.47
CA SER J 188 29.49 27.04 29.06
C SER J 188 29.27 26.84 30.56
N VAL J 189 30.18 26.11 31.18
CA VAL J 189 30.16 25.99 32.63
C VAL J 189 30.36 27.36 33.26
N ALA J 190 31.50 27.98 32.96
CA ALA J 190 31.80 29.29 33.54
C ALA J 190 30.80 30.33 33.08
N ALA J 191 30.20 30.15 31.91
CA ALA J 191 29.06 30.97 31.54
C ALA J 191 27.93 30.78 32.52
N ARG J 192 27.75 29.54 33.01
CA ARG J 192 26.73 29.28 34.01
C ARG J 192 27.06 29.90 35.35
N ALA J 193 28.34 30.27 35.56
CA ALA J 193 28.80 30.68 36.88
C ALA J 193 28.09 31.95 37.34
N GLU J 194 28.10 32.98 36.51
CA GLU J 194 27.52 34.25 36.88
C GLU J 194 26.01 34.23 36.92
N ILE J 195 25.38 33.12 36.50
CA ILE J 195 23.93 33.07 36.42
C ILE J 195 23.34 33.04 37.82
N LEU J 196 23.73 32.05 38.60
CA LEU J 196 23.15 31.87 39.93
C LEU J 196 23.44 33.06 40.83
N ARG J 197 24.52 33.80 40.52
CA ARG J 197 24.75 35.09 41.16
C ARG J 197 23.56 36.02 40.98
N ILE J 198 22.82 35.87 39.90
CA ILE J 198 21.73 36.78 39.60
C ILE J 198 20.55 36.52 40.51
N HIS J 199 20.15 35.27 40.63
CA HIS J 199 18.81 34.93 41.10
C HIS J 199 18.76 34.52 42.55
N SER J 200 19.87 34.03 43.11
CA SER J 200 19.89 33.57 44.49
C SER J 200 20.25 34.68 45.46
N ARG J 201 19.91 35.93 45.15
CA ARG J 201 20.36 37.06 45.96
C ARG J 201 19.61 37.10 47.28
N LYS J 202 19.81 36.05 48.08
CA LYS J 202 19.02 35.76 49.27
C LYS J 202 19.86 35.32 50.46
N MET J 203 21.12 34.96 50.26
CA MET J 203 22.00 34.63 51.38
C MET J 203 22.03 35.77 52.38
N ASN J 204 22.32 35.43 53.64
CA ASN J 204 22.13 36.33 54.78
C ASN J 204 23.41 36.34 55.60
N LEU J 205 24.36 37.18 55.17
CA LEU J 205 25.71 37.23 55.76
C LEU J 205 26.29 35.82 55.93
N THR J 206 25.99 34.94 54.97
CA THR J 206 26.43 33.55 55.03
C THR J 206 27.87 33.47 54.52
N ARG J 207 28.38 32.25 54.38
CA ARG J 207 29.79 32.05 54.10
C ARG J 207 30.00 30.58 53.76
N GLY J 208 31.13 30.30 53.14
CA GLY J 208 31.42 28.95 52.67
C GLY J 208 30.70 28.72 51.37
N ILE J 209 30.69 29.76 50.53
CA ILE J 209 29.86 29.81 49.33
C ILE J 209 30.79 29.79 48.12
N ASN J 210 30.49 28.88 47.19
CA ASN J 210 31.35 28.59 46.05
C ASN J 210 30.48 28.49 44.79
N LEU J 211 29.82 29.59 44.44
CA LEU J 211 29.02 29.69 43.21
C LEU J 211 29.63 29.01 41.99
N ARG J 212 30.96 29.03 41.88
CA ARG J 212 31.62 28.29 40.81
C ARG J 212 31.46 26.79 40.97
N LYS J 213 31.12 26.32 42.16
CA LYS J 213 31.13 24.90 42.47
C LYS J 213 29.88 24.18 42.02
N VAL J 214 29.10 24.76 41.11
CA VAL J 214 27.92 24.10 40.59
C VAL J 214 28.00 23.92 39.07
N ALA J 215 28.42 24.94 38.33
CA ALA J 215 28.82 24.73 36.95
C ALA J 215 30.18 24.05 36.87
N GLU J 216 30.83 23.89 38.02
CA GLU J 216 31.76 22.79 38.27
C GLU J 216 31.24 21.53 37.61
N LYS J 217 29.98 21.21 37.89
CA LYS J 217 29.46 19.88 37.70
C LYS J 217 28.55 19.72 36.49
N MET J 218 27.81 20.76 36.11
CA MET J 218 26.70 20.57 35.17
C MET J 218 27.20 20.16 33.79
N ASN J 219 26.46 19.23 33.18
CA ASN J 219 26.42 19.09 31.72
C ASN J 219 24.95 19.07 31.33
N GLY J 220 24.37 20.26 31.21
CA GLY J 220 23.00 20.40 30.81
C GLY J 220 22.92 21.16 29.50
N CYS J 221 21.76 21.75 29.23
CA CYS J 221 21.61 22.63 28.08
C CYS J 221 21.02 23.95 28.52
N SER J 222 20.08 23.90 29.46
CA SER J 222 19.40 25.12 29.86
C SER J 222 20.25 25.96 30.79
N GLY J 223 19.93 27.24 30.83
CA GLY J 223 20.37 28.12 31.89
C GLY J 223 19.26 28.21 32.92
N ALA J 224 18.02 28.00 32.46
CA ALA J 224 16.88 28.03 33.36
C ALA J 224 16.99 27.00 34.46
N ASP J 225 17.73 25.91 34.21
CA ASP J 225 17.97 24.92 35.26
C ASP J 225 18.69 25.54 36.44
N VAL J 226 19.48 26.58 36.20
CA VAL J 226 20.12 27.29 37.30
C VAL J 226 19.06 27.87 38.22
N LYS J 227 17.91 28.22 37.65
CA LYS J 227 16.80 28.70 38.46
C LYS J 227 15.98 27.54 39.01
N GLY J 228 15.74 26.52 38.18
CA GLY J 228 14.95 25.39 38.64
C GLY J 228 15.56 24.70 39.85
N VAL J 229 16.88 24.66 39.90
CA VAL J 229 17.57 24.09 41.05
C VAL J 229 17.63 25.11 42.17
N CYS J 230 17.80 26.39 41.83
CA CYS J 230 17.86 27.43 42.84
C CYS J 230 16.51 27.64 43.48
N THR J 231 15.46 27.71 42.67
CA THR J 231 14.14 28.07 43.17
C THR J 231 13.64 27.04 44.16
N GLU J 232 13.94 25.76 43.93
CA GLU J 232 13.51 24.72 44.85
C GLU J 232 14.54 24.46 45.94
N ALA J 233 15.75 24.99 45.79
CA ALA J 233 16.68 24.95 46.91
C ALA J 233 16.11 25.69 48.10
N GLY J 234 15.65 26.92 47.89
CA GLY J 234 15.04 27.68 48.95
C GLY J 234 13.80 27.03 49.51
N MET J 235 13.14 26.17 48.73
CA MET J 235 11.98 25.45 49.23
C MET J 235 12.34 24.61 50.45
N TYR J 236 13.53 24.01 50.43
CA TYR J 236 13.99 23.26 51.60
C TYR J 236 14.04 24.16 52.81
N ALA J 237 14.76 25.27 52.69
CA ALA J 237 14.77 26.28 53.74
C ALA J 237 13.36 26.76 54.06
N LEU J 238 12.49 26.78 53.05
CA LEU J 238 11.13 27.25 53.27
C LEU J 238 10.35 26.29 54.16
N ARG J 239 10.61 24.99 54.04
CA ARG J 239 9.85 24.01 54.80
C ARG J 239 10.42 23.83 56.20
N GLU J 240 11.74 23.81 56.31
CA GLU J 240 12.42 23.58 57.58
C GLU J 240 12.47 24.82 58.47
N ARG J 241 11.76 25.89 58.10
CA ARG J 241 11.49 27.05 58.95
C ARG J 241 12.70 27.96 59.10
N ARG J 242 13.87 27.61 58.58
CA ARG J 242 15.06 28.45 58.69
C ARG J 242 15.29 29.10 57.33
N ILE J 243 15.14 30.43 57.30
CA ILE J 243 15.29 31.20 56.06
C ILE J 243 16.66 31.01 55.44
N HIS J 244 17.68 30.74 56.26
CA HIS J 244 19.04 30.68 55.75
C HIS J 244 19.20 29.51 54.79
N VAL J 245 20.38 29.44 54.18
CA VAL J 245 20.66 28.46 53.14
C VAL J 245 22.16 28.35 52.99
N THR J 246 22.62 27.24 52.42
CA THR J 246 24.03 26.92 52.34
C THR J 246 24.30 26.25 51.00
N GLN J 247 25.49 25.67 50.87
CA GLN J 247 25.89 25.00 49.64
C GLN J 247 25.21 23.65 49.52
N GLU J 248 25.31 22.83 50.56
CA GLU J 248 24.89 21.44 50.44
C GLU J 248 23.38 21.32 50.35
N ASP J 249 22.66 22.12 51.14
CA ASP J 249 21.21 22.19 50.97
C ASP J 249 20.85 22.67 49.57
N PHE J 250 21.68 23.54 49.01
CA PHE J 250 21.53 24.03 47.65
C PHE J 250 22.03 23.03 46.62
N GLU J 251 22.84 22.06 47.02
CA GLU J 251 23.50 21.17 46.07
C GLU J 251 22.62 19.97 45.73
N LEU J 252 22.07 19.31 46.75
CA LEU J 252 21.23 18.15 46.50
C LEU J 252 19.95 18.50 45.78
N ALA J 253 19.62 19.79 45.64
CA ALA J 253 18.51 20.19 44.79
C ALA J 253 18.67 19.66 43.38
N VAL J 254 19.92 19.46 42.95
CA VAL J 254 20.21 18.76 41.70
C VAL J 254 19.64 17.35 41.73
N GLY J 255 19.38 16.79 42.92
CA GLY J 255 18.64 15.54 43.01
C GLY J 255 17.32 15.57 42.27
N LYS J 256 16.67 16.74 42.22
CA LYS J 256 15.57 16.91 41.29
C LYS J 256 16.03 16.71 39.87
N VAL J 257 17.24 17.17 39.55
CA VAL J 257 17.83 16.94 38.23
C VAL J 257 18.48 15.58 38.12
N MET J 258 18.65 14.87 39.24
CA MET J 258 19.03 13.45 39.19
C MET J 258 18.07 12.67 38.32
N ASN J 259 16.80 13.08 38.28
CA ASN J 259 15.88 12.56 37.28
C ASN J 259 16.22 13.10 35.90
N LYS J 260 16.30 14.42 35.75
CA LYS J 260 16.46 15.01 34.43
C LYS J 260 17.79 14.61 33.80
N ASN J 261 18.87 14.73 34.56
CA ASN J 261 20.18 14.28 34.12
C ASN J 261 20.27 12.76 33.96
N GLN J 262 19.25 12.00 34.39
CA GLN J 262 19.28 10.54 34.27
C GLN J 262 17.95 9.93 33.84
N GLU J 263 16.94 10.73 33.49
CA GLU J 263 15.66 10.17 33.06
C GLU J 263 15.77 9.44 31.73
N THR J 264 16.79 9.72 30.93
CA THR J 264 16.92 9.15 29.60
C THR J 264 17.44 7.72 29.74
N ALA J 265 16.52 6.78 29.88
CA ALA J 265 16.89 5.38 29.89
C ALA J 265 17.48 5.00 28.53
N ILE J 266 18.16 3.86 28.51
CA ILE J 266 18.99 3.46 27.37
C ILE J 266 18.60 2.07 26.95
N SER J 267 18.76 1.80 25.66
CA SER J 267 18.45 0.51 25.08
C SER J 267 19.69 -0.38 25.09
N VAL J 268 19.46 -1.68 25.30
CA VAL J 268 20.49 -2.70 25.05
C VAL J 268 20.08 -3.39 23.75
N ALA J 269 20.60 -2.86 22.65
CA ALA J 269 20.41 -3.44 21.33
C ALA J 269 21.77 -3.30 20.66
N LYS J 270 22.56 -4.37 20.72
CA LYS J 270 23.86 -4.45 20.10
C LYS J 270 23.77 -5.13 18.75
N LEU J 271 22.68 -4.85 18.02
CA LEU J 271 22.54 -5.28 16.64
C LEU J 271 23.80 -4.95 15.87
N PHE J 272 24.23 -3.69 15.96
CA PHE J 272 25.44 -3.22 15.31
C PHE J 272 26.31 -2.49 16.31
N LYS J 273 27.60 -2.70 16.19
CA LYS J 273 28.56 -2.24 17.17
C LYS J 273 28.62 -0.73 17.23
N ASP K 1 -16.22 38.91 32.92
CA ASP K 1 -16.51 38.58 31.53
C ASP K 1 -17.12 37.18 31.43
N SER K 2 -18.16 37.05 30.60
CA SER K 2 -18.86 35.78 30.48
C SER K 2 -17.96 34.68 29.95
N ASP K 3 -17.54 34.82 28.68
CA ASP K 3 -16.69 33.85 27.99
C ASP K 3 -17.21 32.42 28.19
N SER K 4 -18.40 32.19 27.66
CA SER K 4 -19.17 31.00 28.00
C SER K 4 -18.59 29.73 27.39
N SER K 5 -17.39 29.34 27.83
CA SER K 5 -16.82 28.04 27.56
C SER K 5 -16.38 27.32 28.82
N ILE K 6 -16.16 28.04 29.92
CA ILE K 6 -15.96 27.44 31.23
C ILE K 6 -16.30 28.49 32.27
N SER K 7 -17.13 28.11 33.24
CA SER K 7 -17.60 29.01 34.27
C SER K 7 -16.81 28.79 35.56
N VAL K 8 -16.96 29.75 36.48
CA VAL K 8 -16.32 29.65 37.79
C VAL K 8 -16.89 28.45 38.52
N MET K 9 -16.08 27.42 38.68
CA MET K 9 -16.52 26.16 39.25
C MET K 9 -16.29 26.15 40.75
N GLY K 10 -17.35 25.91 41.49
CA GLY K 10 -17.27 25.74 42.93
C GLY K 10 -17.62 26.95 43.75
N GLU K 11 -18.39 27.89 43.19
CA GLU K 11 -18.89 28.99 44.00
C GLU K 11 -19.82 28.47 45.08
N ASN K 12 -20.87 27.75 44.67
CA ASN K 12 -21.72 27.01 45.58
C ASN K 12 -21.99 25.58 45.11
N GLU K 13 -21.76 25.26 43.84
CA GLU K 13 -21.94 23.92 43.31
C GLU K 13 -20.56 23.30 43.16
N LYS K 14 -20.27 22.35 44.02
CA LYS K 14 -18.94 21.74 44.10
C LYS K 14 -19.11 20.30 44.53
N PRO K 15 -18.12 19.45 44.29
CA PRO K 15 -18.09 18.16 44.99
C PRO K 15 -17.83 18.35 46.48
N ASP K 16 -17.73 17.24 47.20
CA ASP K 16 -17.75 17.25 48.66
C ASP K 16 -16.65 16.39 49.28
N VAL K 17 -15.65 15.99 48.50
CA VAL K 17 -14.62 15.09 49.02
C VAL K 17 -13.72 15.82 50.00
N THR K 18 -13.01 15.04 50.80
CA THR K 18 -12.07 15.51 51.80
C THR K 18 -10.65 15.15 51.41
N TYR K 19 -9.70 15.85 52.04
CA TYR K 19 -8.33 15.34 52.06
C TYR K 19 -8.30 13.92 52.60
N ALA K 20 -8.92 13.69 53.74
CA ALA K 20 -8.75 12.45 54.48
C ALA K 20 -9.49 11.27 53.86
N ASP K 21 -10.23 11.48 52.78
CA ASP K 21 -10.78 10.35 52.04
C ASP K 21 -9.67 9.50 51.42
N VAL K 22 -8.48 10.07 51.24
CA VAL K 22 -7.34 9.32 50.78
C VAL K 22 -6.83 8.49 51.95
N GLY K 23 -5.91 7.58 51.68
CA GLY K 23 -5.24 6.80 52.70
C GLY K 23 -3.95 7.49 53.08
N GLY K 24 -2.83 6.99 52.56
CA GLY K 24 -1.55 7.59 52.79
C GLY K 24 -1.23 8.63 51.73
N LEU K 25 -0.31 8.28 50.83
CA LEU K 25 0.10 9.12 49.70
C LEU K 25 0.79 10.41 50.14
N ASP K 26 1.17 10.50 51.42
CA ASP K 26 1.84 11.69 51.90
C ASP K 26 3.24 11.83 51.36
N MET K 27 3.80 10.77 50.77
CA MET K 27 5.06 10.87 50.06
C MET K 27 4.97 11.83 48.88
N GLN K 28 3.76 12.08 48.37
CA GLN K 28 3.51 13.12 47.38
C GLN K 28 2.57 14.20 47.87
N LYS K 29 1.59 13.85 48.70
CA LYS K 29 0.61 14.82 49.16
C LYS K 29 1.24 15.94 49.99
N GLN K 30 2.43 15.71 50.53
CA GLN K 30 3.11 16.73 51.32
C GLN K 30 3.67 17.83 50.43
N GLU K 31 4.42 17.44 49.40
CA GLU K 31 5.14 18.40 48.57
C GLU K 31 4.17 19.31 47.83
N ILE K 32 3.08 18.75 47.33
CA ILE K 32 2.14 19.51 46.52
C ILE K 32 1.53 20.66 47.32
N ARG K 33 1.07 20.38 48.53
CA ARG K 33 0.62 21.45 49.41
C ARG K 33 1.79 22.27 49.93
N GLU K 34 3.01 21.73 49.85
CA GLU K 34 4.20 22.52 50.08
C GLU K 34 4.50 23.49 48.96
N ALA K 35 3.69 23.50 47.89
CA ALA K 35 3.78 24.51 46.84
C ALA K 35 2.42 24.99 46.36
N VAL K 36 1.34 24.65 47.06
CA VAL K 36 0.00 25.08 46.68
C VAL K 36 -0.67 25.84 47.83
N GLU K 37 -0.90 25.17 48.95
CA GLU K 37 -1.73 25.76 49.99
C GLU K 37 -1.04 26.94 50.68
N LEU K 38 0.28 26.92 50.78
CA LEU K 38 1.00 27.95 51.51
C LEU K 38 1.16 29.25 50.73
N PRO K 39 1.50 29.21 49.43
CA PRO K 39 1.56 30.46 48.64
C PRO K 39 0.29 31.27 48.62
N LEU K 40 -0.84 30.71 49.04
CA LEU K 40 -2.00 31.53 49.34
C LEU K 40 -1.69 32.56 50.42
N VAL K 41 -0.79 32.22 51.34
CA VAL K 41 -0.70 32.90 52.62
C VAL K 41 0.68 33.50 52.80
N GLN K 42 1.71 32.66 52.81
CA GLN K 42 3.06 33.13 53.12
C GLN K 42 3.78 33.62 51.86
N ALA K 43 3.12 34.50 51.11
CA ALA K 43 3.73 35.02 49.92
C ALA K 43 4.93 35.90 50.26
N ASP K 44 4.88 36.54 51.42
CA ASP K 44 5.98 37.40 51.86
C ASP K 44 7.27 36.61 52.01
N LEU K 45 7.19 35.37 52.48
CA LEU K 45 8.40 34.57 52.62
C LEU K 45 8.99 34.25 51.26
N TYR K 46 8.12 33.94 50.29
CA TYR K 46 8.61 33.75 48.94
C TYR K 46 9.25 35.01 48.39
N GLU K 47 8.88 36.18 48.92
CA GLU K 47 9.61 37.40 48.61
C GLU K 47 10.88 37.50 49.43
N GLN K 48 10.88 36.94 50.65
CA GLN K 48 12.11 36.91 51.42
C GLN K 48 13.13 35.97 50.81
N ILE K 49 12.67 34.88 50.21
CA ILE K 49 13.55 33.89 49.60
C ILE K 49 12.84 33.31 48.39
N GLY K 50 13.59 33.13 47.30
CA GLY K 50 13.02 32.62 46.07
C GLY K 50 12.61 33.73 45.15
N ILE K 51 13.32 33.87 44.03
CA ILE K 51 13.05 34.96 43.10
C ILE K 51 11.65 34.84 42.51
N ASP K 52 11.07 33.66 42.54
CA ASP K 52 9.69 33.45 42.10
C ASP K 52 9.11 32.33 42.94
N PRO K 53 7.78 32.19 42.96
CA PRO K 53 7.19 31.10 43.71
C PRO K 53 7.31 29.80 42.96
N PRO K 54 7.95 28.78 43.53
CA PRO K 54 8.00 27.49 42.83
C PRO K 54 6.60 26.96 42.58
N ARG K 55 6.22 26.89 41.32
CA ARG K 55 4.87 26.47 41.00
C ARG K 55 4.81 26.10 39.52
N GLY K 56 3.89 25.19 39.20
CA GLY K 56 3.87 24.50 37.93
C GLY K 56 4.23 23.05 38.10
N VAL K 57 3.28 22.14 37.89
CA VAL K 57 3.47 20.73 38.20
C VAL K 57 2.96 19.85 37.08
N LEU K 58 3.46 18.62 37.05
CA LEU K 58 3.06 17.59 36.09
C LEU K 58 2.88 16.30 36.88
N LEU K 59 1.65 16.04 37.26
CA LEU K 59 1.32 14.86 38.05
C LEU K 59 1.03 13.70 37.10
N TYR K 60 1.67 12.56 37.34
CA TYR K 60 1.59 11.46 36.38
C TYR K 60 1.75 10.14 37.11
N GLY K 61 1.92 9.08 36.33
CA GLY K 61 1.78 7.72 36.78
C GLY K 61 0.72 7.05 35.94
N PRO K 62 0.54 5.74 36.11
CA PRO K 62 -0.51 5.06 35.36
C PRO K 62 -1.87 5.59 35.76
N PRO K 63 -2.84 5.57 34.85
CA PRO K 63 -4.16 6.13 35.17
C PRO K 63 -5.03 5.08 35.85
N GLY K 64 -6.19 5.55 36.31
CA GLY K 64 -7.05 4.75 37.15
C GLY K 64 -6.26 4.20 38.32
N THR K 65 -5.46 5.08 38.94
CA THR K 65 -4.51 4.65 39.95
C THR K 65 -4.47 5.53 41.19
N GLY K 66 -5.01 6.75 41.13
CA GLY K 66 -5.04 7.62 42.29
C GLY K 66 -4.82 9.09 42.01
N LYS K 67 -4.61 9.46 40.75
CA LYS K 67 -4.24 10.83 40.44
C LYS K 67 -5.40 11.79 40.68
N THR K 68 -6.54 11.51 40.07
CA THR K 68 -7.66 12.46 40.11
C THR K 68 -8.39 12.43 41.44
N MET K 69 -8.14 11.43 42.29
CA MET K 69 -8.73 11.46 43.62
C MET K 69 -8.19 12.62 44.42
N LEU K 70 -6.91 12.94 44.26
CA LEU K 70 -6.25 13.98 45.02
C LEU K 70 -6.48 15.38 44.46
N VAL K 71 -6.92 15.48 43.20
CA VAL K 71 -6.90 16.75 42.50
C VAL K 71 -7.83 17.78 43.10
N LYS K 72 -8.80 17.34 43.89
CA LYS K 72 -10.01 18.11 44.11
C LYS K 72 -10.46 18.19 45.55
N ALA K 73 -9.88 17.40 46.46
CA ALA K 73 -10.04 17.71 47.88
C ALA K 73 -9.48 19.09 48.17
N VAL K 74 -8.40 19.45 47.48
CA VAL K 74 -7.90 20.83 47.54
C VAL K 74 -8.97 21.80 47.09
N ALA K 75 -9.76 21.39 46.09
CA ALA K 75 -10.86 22.23 45.63
C ALA K 75 -11.83 22.53 46.77
N ASN K 76 -11.94 21.60 47.72
CA ASN K 76 -12.76 21.81 48.90
C ASN K 76 -12.13 22.80 49.87
N SER K 77 -10.85 23.13 49.71
CA SER K 77 -10.13 23.95 50.69
C SER K 77 -9.25 24.99 50.00
N THR K 78 -9.81 25.69 49.01
CA THR K 78 -9.06 26.74 48.32
C THR K 78 -9.24 28.09 48.97
N LYS K 79 -10.49 28.47 49.26
CA LYS K 79 -10.82 29.86 49.55
C LYS K 79 -10.42 30.76 48.38
N ALA K 80 -10.53 30.24 47.17
CA ALA K 80 -10.08 30.94 45.97
C ALA K 80 -10.70 30.25 44.77
N ALA K 81 -10.30 30.68 43.58
CA ALA K 81 -10.96 30.24 42.36
C ALA K 81 -10.41 28.90 41.88
N PHE K 82 -11.15 28.27 40.98
CA PHE K 82 -10.94 26.89 40.61
C PHE K 82 -11.76 26.58 39.37
N ILE K 83 -11.16 25.87 38.42
CA ILE K 83 -11.80 25.57 37.15
C ILE K 83 -11.47 24.14 36.73
N ARG K 84 -12.44 23.50 36.11
CA ARG K 84 -12.29 22.19 35.50
C ARG K 84 -12.43 22.32 33.98
N VAL K 85 -12.12 21.23 33.30
CA VAL K 85 -12.28 21.16 31.85
C VAL K 85 -12.15 19.71 31.41
N ASN K 86 -12.81 19.37 30.31
CA ASN K 86 -12.54 18.12 29.64
C ASN K 86 -11.26 18.30 28.84
N GLY K 87 -10.27 17.45 29.10
CA GLY K 87 -8.93 17.66 28.58
C GLY K 87 -8.74 17.39 27.10
N SER K 88 -9.83 17.29 26.34
CA SER K 88 -9.73 17.29 24.89
C SER K 88 -10.85 18.08 24.22
N GLU K 89 -11.46 19.04 24.94
CA GLU K 89 -12.39 19.95 24.29
C GLU K 89 -11.70 20.72 23.18
N PHE K 90 -10.41 21.02 23.35
CA PHE K 90 -9.63 21.78 22.38
C PHE K 90 -9.63 21.14 20.99
N VAL K 91 -9.92 19.85 20.89
CA VAL K 91 -10.04 19.24 19.58
C VAL K 91 -11.46 19.52 19.11
N HIS K 92 -11.67 20.71 18.57
CA HIS K 92 -12.95 21.13 18.04
C HIS K 92 -13.10 20.66 16.60
N LYS K 93 -14.37 20.49 16.18
CA LYS K 93 -14.66 19.92 14.88
C LYS K 93 -14.11 20.78 13.75
N TYR K 94 -14.27 22.09 13.85
CA TYR K 94 -13.61 23.04 12.97
C TYR K 94 -12.35 23.55 13.66
N LEU K 95 -11.74 24.57 13.06
CA LEU K 95 -10.52 25.16 13.56
C LEU K 95 -10.85 26.25 14.59
N GLY K 96 -9.81 26.81 15.20
CA GLY K 96 -9.89 28.13 15.80
C GLY K 96 -10.70 28.31 17.06
N GLU K 97 -11.52 27.33 17.43
CA GLU K 97 -12.33 27.49 18.64
C GLU K 97 -11.45 27.53 19.89
N GLY K 98 -10.32 26.85 19.86
CA GLY K 98 -9.38 26.88 20.97
C GLY K 98 -8.64 28.19 21.01
N PRO K 99 -7.86 28.47 19.96
CA PRO K 99 -7.09 29.73 19.94
C PRO K 99 -7.91 30.97 20.13
N ARG K 100 -9.22 30.93 19.82
CA ARG K 100 -10.11 32.01 20.19
C ARG K 100 -10.48 31.93 21.66
N MET K 101 -10.49 30.73 22.24
CA MET K 101 -10.95 30.53 23.61
C MET K 101 -9.79 30.50 24.59
N VAL K 102 -8.74 29.75 24.27
CA VAL K 102 -7.59 29.61 25.15
C VAL K 102 -7.01 30.99 25.49
N ARG K 103 -7.02 31.90 24.53
CA ARG K 103 -6.66 33.28 24.84
C ARG K 103 -7.71 33.92 25.74
N ASP K 104 -8.97 33.50 25.59
CA ASP K 104 -10.02 33.92 26.51
C ASP K 104 -10.07 33.06 27.77
N VAL K 105 -9.37 31.92 27.79
CA VAL K 105 -9.33 31.11 29.01
C VAL K 105 -8.55 31.85 30.10
N PHE K 106 -7.27 32.09 29.86
CA PHE K 106 -6.47 32.80 30.85
C PHE K 106 -6.99 34.20 31.08
N ARG K 107 -7.73 34.76 30.11
CA ARG K 107 -8.49 35.97 30.35
C ARG K 107 -9.44 35.81 31.53
N LEU K 108 -9.95 34.60 31.74
CA LEU K 108 -10.79 34.35 32.91
C LEU K 108 -9.98 34.36 34.18
N ALA K 109 -8.74 33.89 34.11
CA ALA K 109 -7.93 33.75 35.33
C ALA K 109 -7.39 35.11 35.76
N ARG K 110 -6.83 35.85 34.81
CA ARG K 110 -6.20 37.12 35.14
C ARG K 110 -7.18 38.10 35.77
N GLU K 111 -8.44 38.04 35.37
CA GLU K 111 -9.47 38.80 36.07
C GLU K 111 -9.81 38.17 37.40
N ASN K 112 -9.76 36.84 37.48
CA ASN K 112 -10.09 36.12 38.69
C ASN K 112 -8.83 35.92 39.54
N ALA K 113 -8.25 37.04 39.91
CA ALA K 113 -6.95 37.06 40.53
C ALA K 113 -7.09 36.79 42.02
N PRO K 114 -6.52 35.69 42.57
CA PRO K 114 -5.87 34.51 42.00
C PRO K 114 -6.83 33.35 41.82
N SER K 115 -6.37 32.24 41.26
CA SER K 115 -7.27 31.16 40.88
C SER K 115 -6.46 29.87 40.75
N ILE K 116 -7.04 28.87 40.12
CA ILE K 116 -6.30 27.71 39.61
C ILE K 116 -7.21 26.99 38.63
N ILE K 117 -6.62 26.15 37.77
CA ILE K 117 -7.35 25.34 36.82
C ILE K 117 -6.82 23.91 36.88
N PHE K 118 -7.40 23.04 36.05
CA PHE K 118 -6.82 21.72 35.82
C PHE K 118 -7.40 21.16 34.53
N ILE K 119 -7.03 19.90 34.26
CA ILE K 119 -7.26 19.23 32.98
C ILE K 119 -7.53 17.76 33.28
N ASP K 120 -8.32 17.13 32.41
CA ASP K 120 -8.58 15.71 32.57
C ASP K 120 -7.37 14.87 32.18
N GLU K 121 -6.95 14.99 30.92
CA GLU K 121 -5.84 14.18 30.42
C GLU K 121 -5.42 14.73 29.08
N VAL K 122 -4.15 14.57 28.76
CA VAL K 122 -3.53 15.19 27.59
C VAL K 122 -2.75 14.17 26.77
N ASP K 123 -3.13 12.90 26.85
CA ASP K 123 -2.43 11.86 26.12
C ASP K 123 -2.47 12.10 24.61
N SER K 124 -3.56 12.71 24.12
CA SER K 124 -3.68 13.02 22.70
C SER K 124 -2.84 14.22 22.30
N ILE K 125 -2.42 15.04 23.25
CA ILE K 125 -1.79 16.33 22.96
C ILE K 125 -0.28 16.19 22.95
N ALA K 126 0.23 15.26 23.76
CA ALA K 126 1.66 14.99 23.78
C ALA K 126 2.15 14.59 22.40
N THR K 127 2.96 15.45 21.78
CA THR K 127 3.48 15.19 20.45
C THR K 127 4.75 16.03 20.30
N LYS K 128 5.90 15.36 20.41
CA LYS K 128 7.18 16.07 20.36
C LYS K 128 7.34 16.86 19.08
N ARG K 129 7.37 16.18 17.93
CA ARG K 129 7.55 16.88 16.67
C ARG K 129 7.30 15.93 15.52
N PHE K 130 6.55 16.41 14.53
CA PHE K 130 6.34 15.73 13.28
C PHE K 130 6.93 16.57 12.15
N ASP K 131 7.19 15.91 11.03
CA ASP K 131 7.23 16.60 9.75
C ASP K 131 5.80 16.86 9.30
N ALA K 132 5.59 17.98 8.64
CA ALA K 132 4.24 18.41 8.31
C ALA K 132 3.68 17.46 7.25
N GLN K 133 2.91 16.46 7.70
CA GLN K 133 2.30 15.48 6.82
C GLN K 133 0.89 15.88 6.40
N THR K 134 0.18 16.62 7.24
CA THR K 134 -1.17 17.06 6.92
C THR K 134 -1.64 18.02 8.00
N GLY K 135 -2.56 18.91 7.62
CA GLY K 135 -3.24 19.75 8.58
C GLY K 135 -4.14 18.98 9.52
N SER K 136 -4.41 17.71 9.22
CA SER K 136 -5.26 16.91 10.09
C SER K 136 -4.68 16.78 11.49
N ASP K 137 -3.36 16.86 11.63
CA ASP K 137 -2.71 16.77 12.92
C ASP K 137 -2.07 18.08 13.35
N ARG K 138 -1.68 18.92 12.39
CA ARG K 138 -0.92 20.11 12.74
C ARG K 138 -1.74 21.12 13.53
N GLU K 139 -3.06 20.97 13.59
CA GLU K 139 -3.85 21.80 14.49
C GLU K 139 -3.68 21.37 15.95
N VAL K 140 -2.93 20.30 16.20
CA VAL K 140 -2.59 19.92 17.57
C VAL K 140 -1.41 20.73 18.06
N GLN K 141 -0.27 20.59 17.37
CA GLN K 141 0.98 21.17 17.87
C GLN K 141 0.90 22.68 17.98
N ARG K 142 0.17 23.32 17.06
CA ARG K 142 0.01 24.77 17.13
C ARG K 142 -0.71 25.18 18.41
N ILE K 143 -1.60 24.33 18.91
CA ILE K 143 -2.26 24.61 20.17
C ILE K 143 -1.28 24.46 21.32
N LEU K 144 -0.40 23.47 21.23
CA LEU K 144 0.52 23.19 22.31
C LEU K 144 1.50 24.32 22.51
N ILE K 145 2.09 24.80 21.43
CA ILE K 145 3.02 25.93 21.52
C ILE K 145 2.29 27.16 22.01
N GLU K 146 1.06 27.38 21.52
CA GLU K 146 0.30 28.54 21.96
C GLU K 146 -0.02 28.44 23.43
N LEU K 147 -0.23 27.22 23.93
CA LEU K 147 -0.42 27.03 25.34
C LEU K 147 0.80 27.50 26.12
N LEU K 148 1.98 27.24 25.58
CA LEU K 148 3.21 27.50 26.31
C LEU K 148 3.44 28.99 26.47
N THR K 149 3.38 29.74 25.36
CA THR K 149 3.55 31.18 25.46
C THR K 149 2.43 31.81 26.26
N GLN K 150 1.25 31.21 26.24
CA GLN K 150 0.17 31.67 27.11
C GLN K 150 0.49 31.41 28.58
N MET K 151 1.45 30.55 28.87
CA MET K 151 1.77 30.17 30.24
C MET K 151 2.86 31.07 30.84
N ASP K 152 4.00 31.19 30.13
CA ASP K 152 5.08 32.07 30.58
C ASP K 152 5.72 32.83 29.43
N GLY K 153 5.00 33.05 28.34
CA GLY K 153 5.49 33.90 27.28
C GLY K 153 5.89 35.27 27.77
N PHE K 154 4.91 36.08 28.19
CA PHE K 154 5.15 37.40 28.73
C PHE K 154 4.60 37.58 30.14
N ASP K 155 3.34 37.24 30.37
CA ASP K 155 2.74 37.46 31.68
C ASP K 155 3.38 36.50 32.68
N GLN K 156 3.99 37.08 33.73
CA GLN K 156 4.98 36.36 34.53
C GLN K 156 4.43 35.83 35.85
N SER K 157 3.93 36.72 36.72
CA SER K 157 3.73 36.40 38.12
C SER K 157 2.27 36.37 38.52
N THR K 158 1.52 37.40 38.16
CA THR K 158 0.11 37.48 38.51
C THR K 158 -0.70 36.29 38.02
N ASN K 159 -0.23 35.59 37.00
CA ASN K 159 -0.90 34.38 36.55
C ASN K 159 -0.86 33.33 37.64
N VAL K 160 -1.49 32.19 37.37
CA VAL K 160 -1.43 31.03 38.25
C VAL K 160 -0.63 29.96 37.56
N LYS K 161 0.23 29.27 38.31
CA LYS K 161 0.89 28.08 37.79
C LYS K 161 0.00 26.88 37.99
N VAL K 162 0.14 25.91 37.09
CA VAL K 162 -0.93 24.95 36.85
C VAL K 162 -0.41 23.52 36.85
N ILE K 163 -1.29 22.58 36.52
CA ILE K 163 -1.05 21.15 36.67
C ILE K 163 -0.87 20.49 35.31
N MET K 164 -0.55 19.19 35.34
CA MET K 164 -0.54 18.39 34.11
C MET K 164 -0.83 16.95 34.51
N ALA K 165 -2.09 16.54 34.35
CA ALA K 165 -2.50 15.16 34.54
C ALA K 165 -2.46 14.41 33.22
N THR K 166 -2.27 13.10 33.29
CA THR K 166 -2.03 12.30 32.10
C THR K 166 -2.37 10.85 32.36
N ASN K 167 -1.98 10.00 31.41
CA ASN K 167 -1.93 8.56 31.56
C ASN K 167 -0.56 7.99 31.26
N ARG K 168 0.38 8.82 30.79
CA ARG K 168 1.77 8.44 30.60
C ARG K 168 2.58 9.72 30.59
N ALA K 169 3.87 9.59 30.90
CA ALA K 169 4.75 10.75 31.05
C ALA K 169 6.10 10.49 30.41
N ASP K 170 6.09 9.90 29.22
CA ASP K 170 7.26 9.80 28.37
C ASP K 170 7.01 10.31 26.98
N THR K 171 5.75 10.31 26.52
CA THR K 171 5.39 10.85 25.23
C THR K 171 5.34 12.37 25.23
N LEU K 172 5.42 13.00 26.41
CA LEU K 172 5.19 14.42 26.55
C LEU K 172 6.13 15.21 25.66
N ASP K 173 5.55 16.01 24.78
CA ASP K 173 6.32 16.84 23.86
C ASP K 173 7.26 17.72 24.67
N PRO K 174 8.58 17.46 24.65
CA PRO K 174 9.46 18.26 25.49
C PRO K 174 9.59 19.66 24.94
N ALA K 175 10.29 20.48 25.72
CA ALA K 175 10.29 21.93 25.70
C ALA K 175 9.03 22.48 26.36
N LEU K 176 8.06 21.63 26.73
CA LEU K 176 6.98 22.03 27.60
C LEU K 176 7.45 22.05 29.04
N LEU K 177 7.86 20.89 29.56
CA LEU K 177 8.40 20.82 30.90
C LEU K 177 9.74 21.51 30.90
N ARG K 178 9.96 22.36 31.90
CA ARG K 178 11.17 23.16 32.01
C ARG K 178 11.38 23.50 33.46
N PRO K 179 12.60 23.86 33.84
CA PRO K 179 12.81 24.37 35.20
C PRO K 179 12.08 25.67 35.48
N GLY K 180 11.68 26.40 34.43
CA GLY K 180 11.00 27.67 34.60
C GLY K 180 9.53 27.56 34.28
N ARG K 181 9.20 26.78 33.25
CA ARG K 181 7.80 26.62 32.87
C ARG K 181 7.03 25.84 33.92
N LEU K 182 7.68 24.83 34.53
CA LEU K 182 7.05 24.02 35.57
C LEU K 182 7.75 24.14 36.91
N ASP K 183 9.04 23.78 36.99
CA ASP K 183 9.80 23.72 38.23
C ASP K 183 9.31 22.61 39.18
N ARG K 184 8.53 21.66 38.70
CA ARG K 184 8.08 20.56 39.56
C ARG K 184 7.44 19.48 38.70
N LYS K 185 7.58 18.23 39.15
CA LYS K 185 7.01 17.08 38.47
C LYS K 185 7.03 15.90 39.41
N ILE K 186 5.88 15.23 39.58
CA ILE K 186 5.71 14.20 40.60
C ILE K 186 4.79 13.10 40.08
N GLU K 187 4.78 11.99 40.81
CA GLU K 187 4.00 10.81 40.46
C GLU K 187 3.77 9.99 41.71
N PHE K 188 3.35 8.74 41.53
CA PHE K 188 3.36 7.80 42.64
C PHE K 188 3.34 6.38 42.07
N PRO K 189 3.92 5.38 42.80
CA PRO K 189 4.17 4.08 42.17
C PRO K 189 2.96 3.16 42.09
N SER K 190 3.22 1.93 41.65
CA SER K 190 2.23 0.86 41.60
C SER K 190 2.64 -0.40 42.33
N LEU K 191 3.94 -0.62 42.56
CA LEU K 191 4.41 -1.84 43.20
C LEU K 191 3.90 -1.95 44.63
N ARG K 192 4.24 -3.05 45.30
CA ARG K 192 3.65 -3.36 46.60
C ARG K 192 3.97 -2.28 47.63
N ASP K 193 2.95 -1.88 48.38
CA ASP K 193 3.08 -0.91 49.47
C ASP K 193 2.67 -1.62 50.77
N ARG K 194 3.64 -2.31 51.37
CA ARG K 194 3.41 -2.89 52.69
C ARG K 194 3.03 -1.81 53.70
N ARG K 195 3.61 -0.62 53.56
CA ARG K 195 3.29 0.46 54.49
C ARG K 195 1.92 1.06 54.20
N GLU K 196 1.50 1.11 52.94
CA GLU K 196 0.27 1.79 52.53
C GLU K 196 -0.90 0.86 52.31
N ARG K 197 -0.66 -0.32 51.72
CA ARG K 197 -1.71 -1.32 51.60
C ARG K 197 -2.26 -1.70 52.98
N ARG K 198 -1.39 -1.67 54.00
CA ARG K 198 -1.77 -2.11 55.33
C ARG K 198 -2.81 -1.20 55.97
N LEU K 199 -2.99 0.02 55.47
CA LEU K 199 -3.91 1.00 56.04
C LEU K 199 -5.00 1.42 55.07
N ILE K 200 -4.65 1.59 53.80
CA ILE K 200 -5.63 1.97 52.80
C ILE K 200 -6.67 0.89 52.58
N PHE K 201 -6.34 -0.36 52.90
CA PHE K 201 -7.30 -1.44 52.71
C PHE K 201 -8.47 -1.34 53.67
N GLY K 202 -8.37 -0.52 54.72
CA GLY K 202 -9.45 -0.35 55.67
C GLY K 202 -9.63 1.08 56.15
N THR K 203 -8.92 2.02 55.53
CA THR K 203 -9.26 3.42 55.73
C THR K 203 -10.70 3.70 55.32
N ILE K 204 -11.19 2.97 54.32
CA ILE K 204 -12.56 3.14 53.87
C ILE K 204 -13.50 2.34 54.76
N ALA K 205 -12.97 1.30 55.41
CA ALA K 205 -13.77 0.52 56.34
C ALA K 205 -14.33 1.38 57.44
N SER K 206 -13.62 2.46 57.80
CA SER K 206 -14.23 3.47 58.64
C SER K 206 -15.45 4.07 57.96
N LYS K 207 -15.32 4.38 56.67
CA LYS K 207 -16.48 4.82 55.90
C LYS K 207 -17.48 3.70 55.74
N MET K 208 -17.01 2.45 55.70
CA MET K 208 -17.85 1.28 55.61
C MET K 208 -18.23 0.82 57.03
N SER K 209 -18.76 -0.38 57.13
CA SER K 209 -19.10 -0.99 58.42
C SER K 209 -18.68 -2.45 58.40
N LEU K 210 -18.54 -3.02 59.60
CA LEU K 210 -18.10 -4.40 59.71
C LEU K 210 -18.30 -4.88 61.13
N ALA K 211 -18.79 -6.11 61.27
CA ALA K 211 -19.05 -6.76 62.56
C ALA K 211 -18.16 -8.00 62.66
N PRO K 212 -16.93 -7.88 63.16
CA PRO K 212 -15.96 -8.98 62.97
C PRO K 212 -16.23 -10.15 63.89
N GLU K 213 -16.73 -11.24 63.29
CA GLU K 213 -16.62 -12.55 63.92
C GLU K 213 -15.20 -13.10 63.86
N ALA K 214 -14.34 -12.49 63.05
CA ALA K 214 -12.95 -12.90 62.91
C ALA K 214 -12.17 -11.69 62.39
N ASP K 215 -10.96 -11.91 61.89
CA ASP K 215 -10.11 -10.84 61.36
C ASP K 215 -10.12 -10.86 59.84
N LEU K 216 -10.34 -9.68 59.25
CA LEU K 216 -10.52 -9.54 57.81
C LEU K 216 -9.42 -8.73 57.13
N ASP K 217 -8.33 -8.42 57.83
CA ASP K 217 -7.21 -7.71 57.24
C ASP K 217 -6.13 -8.66 56.73
N SER K 218 -6.54 -9.85 56.31
CA SER K 218 -5.61 -10.92 55.97
C SER K 218 -5.42 -11.09 54.48
N LEU K 219 -6.36 -10.61 53.67
CA LEU K 219 -6.11 -10.54 52.24
C LEU K 219 -4.96 -9.61 51.91
N ILE K 220 -4.68 -8.67 52.81
CA ILE K 220 -3.54 -7.78 52.64
C ILE K 220 -2.24 -8.56 52.75
N ILE K 221 -2.25 -9.64 53.55
CA ILE K 221 -1.06 -10.48 53.71
C ILE K 221 -0.72 -11.23 52.42
N ARG K 222 -1.65 -11.28 51.48
CA ARG K 222 -1.63 -12.23 50.37
C ARG K 222 -1.00 -11.61 49.14
N ASN K 223 0.06 -10.84 49.34
CA ASN K 223 0.62 -9.96 48.33
C ASN K 223 1.01 -10.66 47.04
N ASP K 224 0.24 -10.42 45.97
CA ASP K 224 0.62 -10.77 44.61
C ASP K 224 0.63 -9.55 43.69
N SER K 225 -0.48 -8.80 43.64
CA SER K 225 -0.69 -7.75 42.64
C SER K 225 -1.28 -6.50 43.30
N LEU K 226 -0.63 -6.01 44.34
CA LEU K 226 -1.10 -4.83 45.05
C LEU K 226 -1.28 -3.64 44.10
N SER K 227 -2.54 -3.26 43.88
CA SER K 227 -2.90 -2.13 43.03
C SER K 227 -3.43 -0.99 43.90
N GLY K 228 -3.90 0.07 43.25
CA GLY K 228 -4.25 1.30 43.92
C GLY K 228 -5.70 1.70 43.80
N ALA K 229 -6.35 1.32 42.71
CA ALA K 229 -7.73 1.69 42.45
C ALA K 229 -8.69 0.54 42.65
N VAL K 230 -8.22 -0.69 42.47
CA VAL K 230 -9.03 -1.84 42.82
C VAL K 230 -9.29 -1.84 44.32
N ILE K 231 -8.25 -1.61 45.11
CA ILE K 231 -8.22 -1.94 46.54
C ILE K 231 -9.34 -1.29 47.35
N ALA K 232 -10.04 -0.31 46.78
CA ALA K 232 -11.32 0.14 47.30
C ALA K 232 -12.48 -0.29 46.42
N ALA K 233 -12.20 -0.61 45.16
CA ALA K 233 -13.24 -1.09 44.26
C ALA K 233 -13.83 -2.41 44.75
N ILE K 234 -13.02 -3.25 45.38
CA ILE K 234 -13.48 -4.57 45.81
C ILE K 234 -14.63 -4.44 46.78
N MET K 235 -14.38 -3.82 47.93
CA MET K 235 -15.45 -3.59 48.87
C MET K 235 -16.52 -2.67 48.29
N GLN K 236 -16.19 -1.91 47.25
CA GLN K 236 -17.22 -1.24 46.47
C GLN K 236 -18.15 -2.24 45.78
N GLU K 237 -17.72 -3.49 45.65
CA GLU K 237 -18.55 -4.58 45.18
C GLU K 237 -18.90 -5.57 46.28
N ALA K 238 -17.97 -5.86 47.18
CA ALA K 238 -18.16 -6.93 48.16
C ALA K 238 -19.32 -6.64 49.09
N GLY K 239 -19.60 -5.36 49.34
CA GLY K 239 -20.69 -5.00 50.23
C GLY K 239 -22.08 -5.26 49.67
N LEU K 240 -22.18 -5.67 48.41
CA LEU K 240 -23.47 -5.85 47.76
C LEU K 240 -24.05 -7.24 47.93
N ARG K 241 -23.65 -7.96 48.99
CA ARG K 241 -23.98 -9.37 49.16
C ARG K 241 -24.83 -9.63 50.38
N ALA K 242 -24.43 -9.09 51.54
CA ALA K 242 -25.29 -9.17 52.71
C ALA K 242 -26.63 -8.51 52.43
N VAL K 243 -26.60 -7.44 51.63
CA VAL K 243 -27.82 -6.78 51.20
C VAL K 243 -28.56 -7.65 50.21
N ARG K 244 -27.83 -8.38 49.36
CA ARG K 244 -28.45 -9.27 48.40
C ARG K 244 -29.24 -10.39 49.07
N LYS K 245 -28.96 -10.66 50.34
CA LYS K 245 -29.65 -11.70 51.11
C LYS K 245 -30.27 -11.15 52.39
N ASN K 246 -30.45 -9.82 52.47
CA ASN K 246 -31.02 -9.14 53.63
C ASN K 246 -30.09 -9.17 54.83
N ARG K 247 -28.87 -9.69 54.70
CA ARG K 247 -27.94 -9.64 55.80
C ARG K 247 -27.56 -8.18 56.04
N TYR K 248 -27.42 -7.82 57.31
CA TYR K 248 -27.38 -6.41 57.67
C TYR K 248 -25.99 -5.83 57.61
N VAL K 249 -24.98 -6.61 57.95
CA VAL K 249 -23.59 -6.27 57.67
C VAL K 249 -22.87 -7.55 57.31
N ILE K 250 -21.88 -7.43 56.43
CA ILE K 250 -21.25 -8.57 55.79
C ILE K 250 -20.44 -9.39 56.79
N LEU K 251 -20.01 -10.57 56.35
CA LEU K 251 -19.10 -11.41 57.09
C LEU K 251 -17.85 -11.64 56.26
N GLN K 252 -16.83 -12.22 56.90
CA GLN K 252 -15.53 -12.33 56.24
C GLN K 252 -15.49 -13.48 55.25
N SER K 253 -16.40 -14.44 55.38
CA SER K 253 -16.61 -15.41 54.32
C SER K 253 -17.36 -14.81 53.14
N ASP K 254 -18.00 -13.66 53.31
CA ASP K 254 -18.74 -13.06 52.22
C ASP K 254 -17.81 -12.40 51.22
N LEU K 255 -16.63 -11.95 51.67
CA LEU K 255 -15.77 -11.11 50.86
C LEU K 255 -14.63 -11.85 50.19
N GLU K 256 -14.20 -12.96 50.76
CA GLU K 256 -13.07 -13.67 50.17
C GLU K 256 -13.44 -14.20 48.80
N GLU K 257 -14.69 -14.67 48.64
CA GLU K 257 -15.18 -14.95 47.31
C GLU K 257 -15.34 -13.65 46.52
N ALA K 258 -15.73 -12.57 47.19
CA ALA K 258 -15.87 -11.30 46.51
C ALA K 258 -14.53 -10.83 45.97
N TYR K 259 -13.44 -11.17 46.64
CA TYR K 259 -12.12 -10.90 46.10
C TYR K 259 -11.95 -11.62 44.77
N ALA K 260 -12.10 -12.94 44.78
CA ALA K 260 -11.99 -13.71 43.57
C ALA K 260 -13.22 -13.62 42.69
N THR K 261 -14.34 -13.10 43.22
CA THR K 261 -15.49 -12.87 42.37
C THR K 261 -15.16 -11.84 41.32
N GLN K 262 -14.28 -10.91 41.66
CA GLN K 262 -13.45 -10.29 40.66
C GLN K 262 -12.43 -11.32 40.23
N VAL K 263 -12.77 -12.11 39.21
CA VAL K 263 -11.84 -13.09 38.69
C VAL K 263 -10.68 -12.38 38.01
N LYS K 264 -9.46 -12.80 38.33
CA LYS K 264 -8.27 -12.13 37.84
C LYS K 264 -7.88 -12.52 36.42
N THR K 265 -8.65 -13.42 35.79
CA THR K 265 -8.42 -13.93 34.43
C THR K 265 -6.97 -14.20 34.11
N ASP K 266 -6.23 -14.79 35.07
CA ASP K 266 -4.86 -15.18 34.80
C ASP K 266 -4.77 -16.17 33.65
N ASN K 267 -5.81 -16.98 33.46
CA ASN K 267 -5.90 -17.93 32.35
C ASN K 267 -6.78 -17.32 31.28
N THR K 268 -6.19 -17.01 30.13
CA THR K 268 -6.95 -16.53 28.99
C THR K 268 -6.15 -16.86 27.73
N VAL K 269 -6.75 -17.64 26.83
CA VAL K 269 -6.05 -18.05 25.62
C VAL K 269 -5.72 -16.86 24.71
N ASP K 270 -6.38 -15.71 24.92
CA ASP K 270 -5.99 -14.49 24.23
C ASP K 270 -4.53 -14.15 24.50
N LYS K 271 -4.01 -14.54 25.67
CA LYS K 271 -2.58 -14.49 25.93
C LYS K 271 -1.87 -15.67 25.28
N PHE K 272 -2.50 -16.85 25.31
CA PHE K 272 -1.88 -18.04 24.75
C PHE K 272 -1.91 -18.02 23.23
N ASP K 273 -2.84 -17.28 22.64
CA ASP K 273 -3.06 -17.39 21.20
C ASP K 273 -2.03 -16.65 20.36
N PHE K 274 -1.37 -15.62 20.92
CA PHE K 274 -0.63 -14.67 20.09
C PHE K 274 0.76 -15.18 19.71
N TYR K 275 1.63 -15.37 20.70
CA TYR K 275 3.01 -15.70 20.38
C TYR K 275 3.12 -17.12 19.83
N LYS K 276 2.51 -18.09 20.50
CA LYS K 276 2.63 -19.49 20.12
C LYS K 276 1.51 -19.88 19.16
N LEU L 1 -34.33 17.32 20.38
CA LEU L 1 -34.43 16.48 19.20
C LEU L 1 -33.95 15.06 19.46
N VAL L 2 -33.10 14.89 20.48
CA VAL L 2 -32.68 13.56 20.93
C VAL L 2 -33.85 12.88 21.65
N TYR L 3 -34.97 13.59 21.77
CA TYR L 3 -36.31 13.02 21.85
C TYR L 3 -36.40 11.77 20.99
N ASN L 4 -35.89 11.85 19.75
CA ASN L 4 -35.79 10.68 18.88
C ASN L 4 -35.14 9.50 19.58
N MET L 5 -34.18 9.75 20.46
CA MET L 5 -33.68 8.71 21.34
C MET L 5 -34.61 8.50 22.53
N THR L 6 -34.86 9.56 23.29
CA THR L 6 -35.27 9.46 24.69
C THR L 6 -36.79 9.45 24.88
N SER L 7 -37.54 8.88 23.94
CA SER L 7 -39.00 8.98 23.92
C SER L 7 -39.63 7.62 23.68
N PHE L 8 -39.25 6.63 24.48
CA PHE L 8 -39.81 5.27 24.38
C PHE L 8 -40.03 4.68 25.78
N GLU L 9 -40.65 5.46 26.68
CA GLU L 9 -40.65 5.15 28.11
C GLU L 9 -42.03 5.13 28.75
N GLN L 10 -42.94 5.98 28.28
CA GLN L 10 -44.10 6.36 29.09
C GLN L 10 -45.02 5.18 29.34
N GLY L 11 -45.33 4.42 28.30
CA GLY L 11 -46.27 3.32 28.43
C GLY L 11 -45.70 2.24 29.32
N GLU L 12 -46.35 1.98 30.46
CA GLU L 12 -45.85 0.98 31.38
C GLU L 12 -45.98 -0.40 30.75
N ILE L 13 -44.92 -1.19 30.86
CA ILE L 13 -44.85 -2.52 30.25
C ILE L 13 -44.17 -3.45 31.25
N THR L 14 -44.59 -4.71 31.24
CA THR L 14 -44.13 -5.63 32.27
C THR L 14 -42.68 -6.01 32.09
N PHE L 15 -42.03 -6.26 33.22
CA PHE L 15 -40.73 -6.91 33.26
C PHE L 15 -40.84 -8.42 33.06
N ASP L 16 -42.07 -8.94 32.98
CA ASP L 16 -42.35 -10.36 32.83
C ASP L 16 -42.16 -10.87 31.40
N GLY L 17 -42.02 -9.97 30.43
CA GLY L 17 -42.06 -10.39 29.04
C GLY L 17 -40.93 -11.28 28.59
N ILE L 18 -39.91 -11.48 29.41
CA ILE L 18 -38.77 -12.33 29.06
C ILE L 18 -38.41 -13.18 30.27
N GLY L 19 -38.37 -14.49 30.09
CA GLY L 19 -37.88 -15.39 31.11
C GLY L 19 -36.36 -15.48 31.10
N GLY L 20 -35.82 -15.94 29.98
CA GLY L 20 -34.38 -15.97 29.80
C GLY L 20 -33.69 -16.83 30.83
N LEU L 21 -32.49 -16.41 31.21
CA LEU L 21 -31.67 -17.10 32.22
C LEU L 21 -31.84 -16.32 33.53
N THR L 22 -32.85 -16.72 34.30
CA THR L 22 -33.44 -15.87 35.33
C THR L 22 -32.42 -15.32 36.32
N GLU L 23 -31.38 -16.09 36.64
CA GLU L 23 -30.44 -15.66 37.67
C GLU L 23 -29.75 -14.35 37.28
N GLN L 24 -29.48 -14.16 35.99
CA GLN L 24 -29.01 -12.87 35.51
C GLN L 24 -30.12 -11.84 35.62
N ILE L 25 -31.35 -12.27 35.32
CA ILE L 25 -32.48 -11.37 35.46
C ILE L 25 -32.69 -11.01 36.92
N ARG L 26 -32.30 -11.91 37.82
CA ARG L 26 -32.29 -11.56 39.24
C ARG L 26 -31.17 -10.61 39.59
N GLU L 27 -30.11 -10.58 38.79
CA GLU L 27 -28.95 -9.78 39.14
C GLU L 27 -29.22 -8.29 38.94
N LEU L 28 -29.49 -7.88 37.71
CA LEU L 28 -29.54 -6.46 37.41
C LEU L 28 -30.74 -5.78 38.06
N ARG L 29 -31.80 -6.50 38.33
CA ARG L 29 -32.95 -5.88 38.98
C ARG L 29 -32.64 -5.61 40.45
N GLU L 30 -32.11 -6.62 41.14
CA GLU L 30 -31.87 -6.50 42.58
C GLU L 30 -30.84 -5.43 42.86
N VAL L 31 -29.82 -5.31 41.99
CA VAL L 31 -28.78 -4.31 42.19
C VAL L 31 -29.25 -2.92 41.83
N ILE L 32 -30.34 -2.79 41.05
CA ILE L 32 -30.91 -1.50 40.70
C ILE L 32 -32.21 -1.23 41.45
N GLU L 33 -32.68 -2.18 42.25
CA GLU L 33 -33.65 -1.89 43.31
C GLU L 33 -33.22 -0.71 44.15
N LEU L 34 -31.92 -0.63 44.43
CA LEU L 34 -31.44 0.11 45.59
C LEU L 34 -31.73 1.60 45.51
N PRO L 35 -31.38 2.31 44.43
CA PRO L 35 -31.59 3.77 44.43
C PRO L 35 -33.03 4.16 44.58
N LEU L 36 -33.94 3.36 44.04
CA LEU L 36 -35.34 3.76 43.94
C LEU L 36 -36.08 3.46 45.23
N LYS L 37 -36.18 2.19 45.60
CA LYS L 37 -37.16 1.76 46.60
C LYS L 37 -36.57 1.57 47.98
N ASN L 38 -35.34 1.08 48.08
CA ASN L 38 -34.70 0.86 49.37
C ASN L 38 -33.31 1.50 49.41
N PRO L 39 -33.24 2.82 49.20
CA PRO L 39 -31.95 3.51 49.31
C PRO L 39 -31.46 3.67 50.74
N GLU L 40 -32.25 3.27 51.74
CA GLU L 40 -31.80 3.30 53.13
C GLU L 40 -30.54 2.46 53.32
N ILE L 41 -30.40 1.39 52.55
CA ILE L 41 -29.38 0.40 52.82
C ILE L 41 -27.99 0.96 52.55
N PHE L 42 -27.82 1.71 51.47
CA PHE L 42 -26.54 2.36 51.21
C PHE L 42 -26.17 3.32 52.32
N GLN L 43 -27.15 3.92 52.97
CA GLN L 43 -26.86 4.86 54.03
C GLN L 43 -26.44 4.14 55.30
N ARG L 44 -27.14 3.06 55.65
CA ARG L 44 -26.83 2.33 56.88
C ARG L 44 -25.43 1.73 56.82
N VAL L 45 -24.94 1.46 55.62
CA VAL L 45 -23.55 1.05 55.42
C VAL L 45 -22.67 2.23 55.07
N GLY L 46 -23.19 3.19 54.32
CA GLY L 46 -22.38 4.28 53.81
C GLY L 46 -21.42 3.80 52.75
N ILE L 47 -21.97 3.30 51.64
CA ILE L 47 -21.19 2.78 50.53
C ILE L 47 -21.75 3.38 49.24
N LYS L 48 -20.85 3.67 48.30
CA LYS L 48 -21.26 4.29 47.07
C LYS L 48 -22.14 3.34 46.26
N PRO L 49 -22.96 3.88 45.35
CA PRO L 49 -23.80 3.03 44.54
C PRO L 49 -22.99 2.37 43.44
N PRO L 50 -23.61 1.55 42.61
CA PRO L 50 -22.91 1.08 41.41
C PRO L 50 -22.82 2.18 40.36
N LYS L 51 -21.60 2.68 40.13
CA LYS L 51 -21.42 3.77 39.17
C LYS L 51 -21.59 3.25 37.75
N GLY L 52 -22.82 2.92 37.39
CA GLY L 52 -23.12 2.40 36.07
C GLY L 52 -22.55 1.01 35.85
N VAL L 53 -23.10 0.28 34.89
CA VAL L 53 -22.71 -1.08 34.59
C VAL L 53 -22.80 -1.31 33.09
N LEU L 54 -22.45 -2.52 32.69
CA LEU L 54 -22.57 -2.96 31.32
C LEU L 54 -23.07 -4.40 31.35
N LEU L 55 -22.97 -5.06 30.21
CA LEU L 55 -23.32 -6.46 30.10
C LEU L 55 -22.61 -7.04 28.88
N TYR L 56 -22.89 -8.31 28.61
CA TYR L 56 -22.67 -8.85 27.30
C TYR L 56 -23.73 -9.88 26.99
N GLY L 57 -24.20 -9.87 25.76
CA GLY L 57 -24.89 -10.99 25.19
C GLY L 57 -24.72 -10.92 23.68
N PRO L 58 -24.58 -12.06 22.99
CA PRO L 58 -24.46 -12.02 21.54
C PRO L 58 -25.73 -11.47 20.90
N PRO L 59 -25.71 -11.23 19.58
CA PRO L 59 -26.79 -10.45 18.96
C PRO L 59 -28.17 -11.07 19.12
N GLY L 60 -29.17 -10.19 19.01
CA GLY L 60 -30.54 -10.60 18.83
C GLY L 60 -31.07 -11.49 19.93
N THR L 61 -30.95 -11.03 21.16
CA THR L 61 -31.41 -11.78 22.32
C THR L 61 -32.10 -10.85 23.31
N GLY L 62 -32.88 -9.91 22.79
CA GLY L 62 -33.70 -9.07 23.63
C GLY L 62 -32.92 -8.09 24.48
N LYS L 63 -31.69 -7.78 24.08
CA LYS L 63 -30.84 -6.95 24.91
C LYS L 63 -31.41 -5.54 25.02
N THR L 64 -31.65 -4.92 23.86
CA THR L 64 -32.30 -3.62 23.87
C THR L 64 -33.72 -3.74 24.40
N LEU L 65 -34.38 -4.84 24.06
CA LEU L 65 -35.70 -5.12 24.62
C LEU L 65 -35.63 -5.20 26.13
N LEU L 66 -34.58 -5.85 26.64
CA LEU L 66 -34.40 -5.94 28.07
C LEU L 66 -34.25 -4.55 28.67
N ALA L 67 -33.38 -3.75 28.06
CA ALA L 67 -33.16 -2.40 28.55
C ALA L 67 -34.42 -1.56 28.41
N LYS L 68 -35.11 -1.68 27.27
CA LYS L 68 -36.27 -0.84 27.01
C LYS L 68 -37.41 -1.14 27.97
N ALA L 69 -37.38 -2.29 28.65
CA ALA L 69 -38.44 -2.63 29.59
C ALA L 69 -38.21 -1.99 30.94
N VAL L 70 -36.94 -1.86 31.35
CA VAL L 70 -36.64 -1.44 32.71
C VAL L 70 -37.05 0.00 32.94
N ALA L 71 -36.85 0.86 31.94
CA ALA L 71 -37.18 2.26 32.11
C ALA L 71 -38.66 2.47 32.36
N ALA L 72 -39.50 1.61 31.77
CA ALA L 72 -40.92 1.65 32.04
C ALA L 72 -41.28 1.08 33.39
N THR L 73 -40.34 0.38 34.05
CA THR L 73 -40.61 -0.09 35.40
C THR L 73 -40.80 1.07 36.36
N ILE L 74 -40.03 2.14 36.17
CA ILE L 74 -39.86 3.17 37.19
C ILE L 74 -40.06 4.59 36.68
N GLY L 75 -39.98 4.84 35.37
CA GLY L 75 -40.30 6.14 34.81
C GLY L 75 -39.10 6.95 34.36
N ALA L 76 -38.08 6.28 33.85
CA ALA L 76 -36.94 6.96 33.24
C ALA L 76 -37.34 7.38 31.82
N ASN L 77 -36.37 7.80 31.02
CA ASN L 77 -36.56 8.04 29.59
C ASN L 77 -35.54 7.17 28.86
N PHE L 78 -35.99 6.01 28.37
CA PHE L 78 -35.10 5.09 27.68
C PHE L 78 -34.69 5.70 26.36
N ILE L 79 -33.39 5.92 26.19
CA ILE L 79 -32.88 6.51 24.95
C ILE L 79 -32.53 5.37 24.02
N PHE L 80 -32.29 5.70 22.75
CA PHE L 80 -31.70 4.77 21.80
C PHE L 80 -30.62 5.53 21.05
N SER L 81 -29.40 5.02 21.11
CA SER L 81 -28.23 5.73 20.60
C SER L 81 -27.20 4.72 20.13
N PRO L 82 -27.17 4.39 18.84
CA PRO L 82 -26.13 3.48 18.35
C PRO L 82 -24.75 4.10 18.43
N ALA L 83 -23.77 3.27 18.80
CA ALA L 83 -22.39 3.70 18.83
C ALA L 83 -21.95 4.20 17.45
N SER L 84 -22.05 3.32 16.45
CA SER L 84 -21.68 3.70 15.10
C SER L 84 -22.56 4.82 14.55
N GLY L 85 -23.77 4.97 15.08
CA GLY L 85 -24.61 6.07 14.65
C GLY L 85 -23.99 7.41 14.96
N ILE L 86 -23.37 7.52 16.12
CA ILE L 86 -22.58 8.71 16.46
C ILE L 86 -21.17 8.40 15.99
N VAL L 87 -20.94 8.63 14.69
CA VAL L 87 -19.62 8.48 14.09
C VAL L 87 -19.54 9.45 12.92
N ASP L 88 -18.65 10.43 13.02
CA ASP L 88 -18.51 11.46 12.00
C ASP L 88 -17.03 11.70 11.76
N LYS L 89 -16.68 11.96 10.51
CA LYS L 89 -15.30 12.27 10.17
C LYS L 89 -14.79 13.49 10.93
N TYR L 90 -15.68 14.43 11.25
CA TYR L 90 -15.27 15.61 12.00
C TYR L 90 -14.78 15.22 13.39
N ILE L 91 -13.62 15.77 13.76
CA ILE L 91 -12.89 15.32 14.93
C ILE L 91 -13.69 15.60 16.20
N GLY L 92 -13.88 16.88 16.50
CA GLY L 92 -14.60 17.28 17.68
C GLY L 92 -16.07 16.91 17.67
N GLU L 93 -16.64 16.66 16.49
CA GLU L 93 -18.03 16.27 16.41
C GLU L 93 -18.29 14.99 17.19
N SER L 94 -17.30 14.12 17.26
CA SER L 94 -17.37 12.97 18.14
C SER L 94 -17.50 13.43 19.58
N ALA L 95 -16.46 14.11 20.06
CA ALA L 95 -16.38 14.45 21.48
C ALA L 95 -17.25 15.64 21.86
N ARG L 96 -17.80 16.36 20.90
CA ARG L 96 -18.69 17.47 21.24
C ARG L 96 -20.10 16.98 21.53
N ILE L 97 -20.57 16.03 20.71
CA ILE L 97 -21.95 15.59 20.83
C ILE L 97 -22.17 14.84 22.13
N ILE L 98 -21.17 14.07 22.55
CA ILE L 98 -21.29 13.29 23.78
C ILE L 98 -21.47 14.23 24.98
N ARG L 99 -20.82 15.38 24.95
CA ARG L 99 -20.93 16.29 26.07
C ARG L 99 -22.33 16.87 26.15
N GLU L 100 -22.91 17.14 24.99
CA GLU L 100 -24.30 17.57 24.93
C GLU L 100 -25.26 16.45 25.26
N MET L 101 -24.80 15.19 25.17
CA MET L 101 -25.65 14.07 25.55
C MET L 101 -25.88 14.07 27.05
N PHE L 102 -24.78 14.03 27.81
CA PHE L 102 -24.88 14.13 29.27
C PHE L 102 -25.57 15.43 29.68
N ALA L 103 -25.41 16.48 28.88
CA ALA L 103 -25.99 17.77 29.20
C ALA L 103 -27.50 17.67 29.33
N TYR L 104 -28.17 17.29 28.25
CA TYR L 104 -29.61 17.08 28.32
C TYR L 104 -29.98 16.00 29.31
N ALA L 105 -29.09 15.01 29.47
CA ALA L 105 -29.35 13.92 30.40
C ALA L 105 -29.48 14.45 31.82
N LYS L 106 -28.44 15.09 32.33
CA LYS L 106 -28.50 15.67 33.66
C LYS L 106 -29.54 16.78 33.76
N GLU L 107 -29.93 17.36 32.62
CA GLU L 107 -31.08 18.24 32.61
C GLU L 107 -32.37 17.53 32.96
N HIS L 108 -32.39 16.19 32.92
CA HIS L 108 -33.58 15.41 33.20
C HIS L 108 -33.17 14.12 33.90
N GLU L 109 -33.28 14.13 35.22
CA GLU L 109 -33.17 12.92 36.03
C GLU L 109 -34.34 12.90 37.00
N PRO L 110 -34.69 11.73 37.55
CA PRO L 110 -34.10 10.40 37.39
C PRO L 110 -34.47 9.76 36.06
N CYS L 111 -33.48 9.55 35.20
CA CYS L 111 -33.72 9.03 33.87
C CYS L 111 -32.61 8.03 33.55
N ILE L 112 -32.50 7.63 32.28
CA ILE L 112 -31.63 6.54 31.89
C ILE L 112 -31.14 6.73 30.46
N ILE L 113 -29.99 6.12 30.19
CA ILE L 113 -29.25 6.28 28.93
C ILE L 113 -28.76 4.90 28.53
N PHE L 114 -28.48 4.73 27.23
CA PHE L 114 -28.11 3.41 26.73
C PHE L 114 -27.20 3.49 25.51
N MET L 115 -26.28 2.52 25.42
CA MET L 115 -25.47 2.26 24.24
C MET L 115 -25.41 0.76 23.99
N ASP L 116 -25.24 0.38 22.71
CA ASP L 116 -25.11 -1.02 22.33
C ASP L 116 -23.77 -1.38 21.69
N GLU L 117 -23.42 -0.81 20.54
CA GLU L 117 -22.41 -1.40 19.66
C GLU L 117 -21.09 -0.66 19.78
N VAL L 118 -20.71 -0.35 21.02
CA VAL L 118 -19.53 0.43 21.32
C VAL L 118 -18.23 -0.35 21.12
N ASP L 119 -18.34 -1.62 20.70
CA ASP L 119 -17.17 -2.48 20.59
C ASP L 119 -16.10 -1.91 19.66
N ALA L 120 -16.51 -1.10 18.67
CA ALA L 120 -15.51 -0.39 17.87
C ALA L 120 -14.70 0.55 18.74
N ILE L 121 -15.30 1.08 19.80
CA ILE L 121 -14.65 2.00 20.70
C ILE L 121 -14.19 1.23 21.93
N GLY L 129 0.10 4.44 17.15
CA GLY L 129 1.20 5.12 16.49
C GLY L 129 0.81 5.80 15.20
N THR L 130 -0.28 5.32 14.57
CA THR L 130 -0.75 5.90 13.32
C THR L 130 -1.14 7.36 13.53
N SER L 131 -1.37 8.04 12.41
CA SER L 131 -1.65 9.47 12.46
C SER L 131 -3.07 9.74 12.96
N ALA L 132 -4.06 9.17 12.29
CA ALA L 132 -5.45 9.46 12.62
C ALA L 132 -5.85 8.90 13.97
N ASP L 133 -5.41 7.68 14.26
CA ASP L 133 -5.87 6.98 15.45
C ASP L 133 -5.42 7.68 16.73
N ARG L 134 -4.38 8.51 16.66
CA ARG L 134 -3.84 9.16 17.85
C ARG L 134 -4.79 10.19 18.44
N GLU L 135 -5.85 10.56 17.73
CA GLU L 135 -6.85 11.51 18.22
C GLU L 135 -8.09 10.81 18.75
N ILE L 136 -8.40 9.63 18.22
CA ILE L 136 -9.67 9.00 18.51
C ILE L 136 -9.64 8.27 19.84
N GLN L 137 -8.48 7.74 20.23
CA GLN L 137 -8.33 7.19 21.57
C GLN L 137 -8.69 8.22 22.64
N ARG L 138 -8.43 9.51 22.36
CA ARG L 138 -8.81 10.57 23.29
C ARG L 138 -10.30 10.55 23.57
N THR L 139 -11.10 10.26 22.54
CA THR L 139 -12.53 10.09 22.74
C THR L 139 -12.79 8.95 23.71
N LEU L 140 -12.15 7.81 23.46
CA LEU L 140 -12.20 6.70 24.40
C LEU L 140 -11.57 7.10 25.73
N MET L 141 -10.60 8.01 25.70
CA MET L 141 -10.02 8.52 26.94
C MET L 141 -10.87 9.62 27.55
N GLU L 142 -11.70 10.29 26.74
CA GLU L 142 -12.53 11.38 27.27
C GLU L 142 -13.70 10.83 28.05
N LEU L 143 -14.56 10.06 27.37
CA LEU L 143 -15.86 9.71 27.92
C LEU L 143 -15.71 8.91 29.20
N LEU L 144 -14.78 7.95 29.20
CA LEU L 144 -14.49 7.20 30.42
C LEU L 144 -14.14 8.14 31.55
N THR L 145 -13.44 9.22 31.26
CA THR L 145 -13.22 10.26 32.25
C THR L 145 -14.55 10.91 32.64
N GLN L 146 -15.41 11.14 31.66
CA GLN L 146 -16.66 11.83 31.93
C GLN L 146 -17.63 10.98 32.74
N MET L 147 -17.39 9.68 32.82
CA MET L 147 -18.10 8.86 33.79
C MET L 147 -17.82 9.32 35.22
N ASP L 148 -16.56 9.20 35.64
CA ASP L 148 -16.16 9.36 37.03
C ASP L 148 -14.86 10.15 37.10
N GLY L 149 -14.76 11.22 36.33
CA GLY L 149 -13.57 12.04 36.34
C GLY L 149 -13.60 13.12 37.40
N PHE L 150 -14.57 14.03 37.29
CA PHE L 150 -14.70 15.16 38.22
C PHE L 150 -16.11 15.33 38.78
N ASP L 151 -17.13 15.06 37.98
CA ASP L 151 -18.47 15.51 38.30
C ASP L 151 -19.26 14.45 39.07
N ASN L 152 -20.39 14.87 39.61
CA ASN L 152 -21.35 14.03 40.31
C ASN L 152 -22.44 13.58 39.35
N LEU L 153 -23.05 12.44 39.67
CA LEU L 153 -24.08 11.83 38.84
C LEU L 153 -25.17 11.29 39.77
N GLY L 154 -26.32 11.94 39.78
CA GLY L 154 -27.35 11.62 40.76
C GLY L 154 -28.19 10.40 40.44
N GLN L 155 -28.96 10.46 39.36
CA GLN L 155 -29.97 9.44 39.08
C GLN L 155 -30.01 9.16 37.58
N THR L 156 -28.85 8.97 36.98
CA THR L 156 -28.72 8.80 35.54
C THR L 156 -27.63 7.78 35.26
N LYS L 157 -27.94 6.73 34.50
CA LYS L 157 -27.05 5.59 34.35
C LYS L 157 -26.96 5.15 32.90
N ILE L 158 -26.28 4.03 32.64
CA ILE L 158 -25.85 3.68 31.29
C ILE L 158 -25.57 2.20 31.22
N ILE L 159 -25.76 1.63 30.05
CA ILE L 159 -25.35 0.28 29.72
C ILE L 159 -24.72 0.28 28.35
N MET L 160 -23.60 -0.41 28.22
CA MET L 160 -22.99 -0.75 26.93
C MET L 160 -23.26 -2.22 26.68
N ALA L 161 -23.92 -2.52 25.55
CA ALA L 161 -24.50 -3.84 25.30
C ALA L 161 -24.12 -4.26 23.88
N THR L 162 -22.96 -4.90 23.76
CA THR L 162 -22.33 -5.11 22.47
C THR L 162 -22.48 -6.56 22.02
N ASN L 163 -21.85 -6.87 20.89
CA ASN L 163 -21.79 -8.22 20.35
C ASN L 163 -20.38 -8.56 19.89
N ARG L 164 -19.38 -7.82 20.35
CA ARG L 164 -17.98 -7.99 19.96
C ARG L 164 -17.18 -7.81 21.24
N PRO L 165 -17.14 -8.84 22.10
CA PRO L 165 -16.61 -8.65 23.46
C PRO L 165 -15.10 -8.61 23.55
N ASP L 166 -14.40 -8.43 22.44
CA ASP L 166 -12.97 -8.14 22.43
C ASP L 166 -12.75 -6.64 22.29
N THR L 167 -13.61 -5.88 22.96
CA THR L 167 -13.77 -4.45 22.75
C THR L 167 -12.47 -3.68 22.95
N LEU L 168 -11.99 -3.65 24.17
CA LEU L 168 -10.79 -2.92 24.51
C LEU L 168 -10.37 -3.26 25.92
N ASP L 169 -9.08 -3.48 26.10
CA ASP L 169 -8.54 -3.75 27.43
C ASP L 169 -8.83 -2.65 28.45
N PRO L 170 -8.54 -1.37 28.18
CA PRO L 170 -8.50 -0.41 29.30
C PRO L 170 -9.86 -0.14 29.93
N ALA L 171 -10.93 -0.10 29.14
CA ALA L 171 -12.25 0.08 29.74
C ALA L 171 -12.59 -1.09 30.65
N LEU L 172 -12.12 -2.29 30.31
CA LEU L 172 -12.29 -3.47 31.12
C LEU L 172 -11.06 -3.80 31.97
N LEU L 173 -9.93 -3.12 31.73
CA LEU L 173 -8.71 -3.45 32.46
C LEU L 173 -8.87 -3.17 33.96
N ARG L 174 -9.54 -2.07 34.31
CA ARG L 174 -9.79 -1.70 35.69
C ARG L 174 -11.28 -1.75 35.95
N PRO L 175 -11.86 -2.93 36.24
CA PRO L 175 -13.31 -3.05 36.43
C PRO L 175 -13.79 -2.62 37.81
N GLY L 176 -13.34 -1.45 38.24
CA GLY L 176 -13.89 -0.78 39.40
C GLY L 176 -14.65 0.44 38.93
N ARG L 177 -14.20 1.01 37.81
CA ARG L 177 -14.99 2.04 37.14
C ARG L 177 -16.37 1.51 36.82
N LEU L 178 -16.44 0.51 35.95
CA LEU L 178 -17.64 -0.24 35.69
C LEU L 178 -17.65 -1.49 36.56
N ASP L 179 -18.84 -2.06 36.71
CA ASP L 179 -18.99 -3.32 37.43
C ASP L 179 -20.26 -3.99 36.94
N ARG L 180 -20.51 -5.19 37.45
CA ARG L 180 -21.54 -6.06 36.90
C ARG L 180 -21.28 -6.27 35.40
N LYS L 181 -20.04 -6.64 35.09
CA LYS L 181 -19.64 -6.96 33.71
C LYS L 181 -20.20 -8.32 33.35
N VAL L 182 -21.51 -8.37 33.21
CA VAL L 182 -22.26 -9.63 33.15
C VAL L 182 -22.23 -10.22 31.75
N GLU L 183 -22.66 -11.47 31.66
CA GLU L 183 -22.82 -12.20 30.43
C GLU L 183 -24.23 -12.75 30.39
N ILE L 184 -24.72 -13.03 29.18
CA ILE L 184 -25.91 -13.88 29.02
C ILE L 184 -25.67 -14.79 27.82
N PRO L 185 -25.59 -16.12 28.01
CA PRO L 185 -25.48 -17.00 26.84
C PRO L 185 -26.84 -17.29 26.22
N LEU L 186 -26.86 -18.17 25.24
CA LEU L 186 -28.06 -18.48 24.49
C LEU L 186 -28.84 -19.59 25.18
N PRO L 187 -30.10 -19.81 24.80
CA PRO L 187 -30.94 -20.73 25.57
C PRO L 187 -30.56 -22.18 25.36
N ASN L 188 -31.02 -22.98 26.33
CA ASN L 188 -31.27 -24.40 26.16
C ASN L 188 -32.78 -24.56 26.05
N GLU L 189 -33.23 -25.79 25.84
CA GLU L 189 -34.62 -26.19 26.04
C GLU L 189 -35.19 -25.56 27.30
N ALA L 190 -34.41 -25.57 28.38
CA ALA L 190 -34.72 -24.84 29.61
C ALA L 190 -35.20 -23.43 29.32
N GLY L 191 -34.55 -22.77 28.37
CA GLY L 191 -34.95 -21.44 27.96
C GLY L 191 -35.89 -21.44 26.79
N ARG L 192 -35.56 -22.24 25.77
CA ARG L 192 -36.30 -22.22 24.52
C ARG L 192 -37.77 -22.51 24.73
N LEU L 193 -38.08 -23.38 25.69
CA LEU L 193 -39.45 -23.84 25.87
C LEU L 193 -40.35 -22.72 26.34
N GLU L 194 -40.02 -22.13 27.49
CA GLU L 194 -40.90 -21.15 28.12
C GLU L 194 -41.08 -19.92 27.25
N ILE L 195 -40.15 -19.68 26.33
CA ILE L 195 -40.24 -18.51 25.48
C ILE L 195 -41.44 -18.60 24.55
N PHE L 196 -41.87 -19.82 24.22
CA PHE L 196 -43.04 -19.95 23.36
C PHE L 196 -44.32 -19.55 24.08
N LYS L 197 -44.33 -19.65 25.41
CA LYS L 197 -45.54 -19.37 26.17
C LYS L 197 -46.00 -17.94 25.97
N ILE L 198 -45.06 -16.99 26.00
CA ILE L 198 -45.40 -15.61 25.71
C ILE L 198 -45.71 -15.45 24.23
N HIS L 199 -45.02 -16.21 23.38
CA HIS L 199 -45.20 -16.10 21.94
C HIS L 199 -46.40 -16.87 21.44
N THR L 200 -46.97 -17.76 22.25
CA THR L 200 -48.27 -18.34 21.98
C THR L 200 -49.38 -17.69 22.78
N ALA L 201 -49.10 -16.55 23.42
CA ALA L 201 -50.06 -15.94 24.32
C ALA L 201 -51.32 -15.49 23.58
N LYS L 202 -51.17 -14.56 22.64
CA LYS L 202 -52.29 -13.89 22.01
C LYS L 202 -52.74 -14.57 20.73
N VAL L 203 -52.54 -15.88 20.63
CA VAL L 203 -52.86 -16.63 19.43
C VAL L 203 -53.54 -17.95 19.81
N LYS L 204 -54.42 -18.41 18.94
CA LYS L 204 -55.14 -19.65 19.15
C LYS L 204 -54.23 -20.84 18.92
N LYS L 205 -54.64 -22.00 19.44
CA LYS L 205 -53.81 -23.20 19.43
C LYS L 205 -54.65 -24.34 19.99
N THR L 206 -54.25 -25.57 19.67
CA THR L 206 -55.09 -26.74 19.98
C THR L 206 -55.07 -27.06 21.47
N GLY L 207 -53.89 -27.34 22.01
CA GLY L 207 -53.71 -27.69 23.40
C GLY L 207 -53.16 -29.08 23.60
N GLU L 208 -51.86 -29.15 23.86
CA GLU L 208 -51.13 -30.40 24.07
C GLU L 208 -49.69 -30.02 24.39
N PHE L 209 -48.89 -31.03 24.71
CA PHE L 209 -47.47 -30.81 24.99
C PHE L 209 -46.68 -30.75 23.70
N ASP L 210 -47.08 -29.84 22.81
CA ASP L 210 -46.53 -29.85 21.45
C ASP L 210 -45.09 -29.37 21.39
N PHE L 211 -44.60 -28.67 22.40
CA PHE L 211 -43.30 -28.02 22.30
C PHE L 211 -42.13 -28.97 22.44
N GLU L 212 -42.35 -30.28 22.42
CA GLU L 212 -41.22 -31.20 22.55
C GLU L 212 -40.27 -31.08 21.36
N ALA L 213 -40.78 -30.70 20.20
CA ALA L 213 -39.90 -30.41 19.07
C ALA L 213 -39.04 -29.19 19.34
N ALA L 214 -39.50 -28.30 20.21
CA ALA L 214 -38.73 -27.10 20.51
C ALA L 214 -37.41 -27.44 21.16
N VAL L 215 -37.44 -28.28 22.20
CA VAL L 215 -36.20 -28.75 22.79
C VAL L 215 -35.47 -29.66 21.82
N LYS L 216 -36.20 -30.29 20.91
CA LYS L 216 -35.59 -31.26 20.00
C LYS L 216 -34.61 -30.57 19.06
N MET L 217 -35.05 -29.48 18.46
CA MET L 217 -34.30 -28.70 17.47
C MET L 217 -34.11 -27.30 18.03
N SER L 218 -33.68 -26.37 17.17
CA SER L 218 -33.52 -24.96 17.51
C SER L 218 -32.33 -24.72 18.41
N ASP L 219 -31.36 -25.63 18.40
CA ASP L 219 -30.20 -25.54 19.27
C ASP L 219 -29.19 -24.56 18.68
N GLY L 220 -29.50 -23.28 18.83
CA GLY L 220 -28.65 -22.23 18.32
C GLY L 220 -29.39 -21.01 17.82
N PHE L 221 -30.68 -21.14 17.58
CA PHE L 221 -31.48 -19.96 17.30
C PHE L 221 -31.53 -19.06 18.52
N ASN L 222 -32.09 -17.87 18.32
CA ASN L 222 -32.30 -16.90 19.37
C ASN L 222 -33.78 -16.55 19.39
N GLY L 223 -34.13 -15.53 20.16
CA GLY L 223 -35.54 -15.27 20.39
C GLY L 223 -36.24 -14.61 19.23
N ALA L 224 -35.49 -13.85 18.43
CA ALA L 224 -36.14 -13.08 17.38
C ALA L 224 -36.72 -13.98 16.31
N ASP L 225 -35.98 -15.01 15.90
CA ASP L 225 -36.40 -15.80 14.75
C ASP L 225 -37.51 -16.76 15.13
N ILE L 226 -37.44 -17.33 16.33
CA ILE L 226 -38.52 -18.20 16.80
C ILE L 226 -39.82 -17.42 16.87
N ARG L 227 -39.74 -16.15 17.26
CA ARG L 227 -40.88 -15.27 17.14
C ARG L 227 -41.27 -15.11 15.68
N ASN L 228 -40.28 -14.92 14.80
CA ASN L 228 -40.57 -14.91 13.38
C ASN L 228 -41.04 -16.27 12.89
N CYS L 229 -40.63 -17.34 13.59
CA CYS L 229 -41.10 -18.67 13.22
C CYS L 229 -42.55 -18.87 13.61
N ALA L 230 -42.97 -18.25 14.72
CA ALA L 230 -44.36 -18.32 15.14
C ALA L 230 -45.28 -17.78 14.06
N THR L 231 -45.07 -16.51 13.69
CA THR L 231 -45.87 -15.90 12.64
C THR L 231 -45.67 -16.62 11.31
N GLU L 232 -44.50 -17.22 11.10
CA GLU L 232 -44.28 -17.97 9.87
C GLU L 232 -45.25 -19.12 9.77
N ALA L 233 -45.52 -19.80 10.87
CA ALA L 233 -46.44 -20.92 10.84
C ALA L 233 -47.87 -20.44 10.65
N GLY L 234 -48.22 -19.31 11.29
CA GLY L 234 -49.58 -18.84 11.24
C GLY L 234 -50.02 -18.40 9.85
N PHE L 235 -49.07 -17.97 9.02
CA PHE L 235 -49.40 -17.53 7.67
C PHE L 235 -50.07 -18.64 6.87
N PHE L 236 -49.34 -19.72 6.62
CA PHE L 236 -49.89 -20.83 5.86
C PHE L 236 -50.67 -21.81 6.72
N ALA L 237 -50.87 -21.50 8.00
CA ALA L 237 -51.80 -22.27 8.80
C ALA L 237 -53.24 -21.93 8.51
N ILE L 238 -53.50 -20.85 7.76
CA ILE L 238 -54.86 -20.47 7.42
C ILE L 238 -55.39 -21.24 6.22
N ARG L 239 -54.55 -22.04 5.57
CA ARG L 239 -55.05 -22.94 4.55
C ARG L 239 -55.85 -24.07 5.19
N ASP L 240 -55.33 -24.63 6.28
CA ASP L 240 -56.16 -25.38 7.19
C ASP L 240 -57.35 -24.53 7.63
N ASP L 241 -57.09 -23.26 7.96
CA ASP L 241 -58.11 -22.28 8.31
C ASP L 241 -58.82 -22.64 9.61
N ARG L 242 -58.27 -23.56 10.39
CA ARG L 242 -58.97 -24.09 11.54
C ARG L 242 -59.00 -23.07 12.68
N ASP L 243 -59.88 -23.32 13.66
CA ASP L 243 -59.95 -22.49 14.84
C ASP L 243 -58.93 -22.88 15.91
N HIS L 244 -57.96 -23.72 15.56
CA HIS L 244 -56.76 -23.93 16.37
C HIS L 244 -55.59 -24.13 15.40
N ILE L 245 -54.41 -24.34 15.95
CA ILE L 245 -53.18 -24.41 15.18
C ILE L 245 -52.39 -25.62 15.64
N ASN L 246 -51.74 -26.27 14.68
CA ASN L 246 -51.08 -27.55 14.90
C ASN L 246 -49.57 -27.40 14.84
N PRO L 247 -48.82 -28.22 15.58
CA PRO L 247 -47.35 -28.05 15.59
C PRO L 247 -46.67 -28.67 14.38
N ASP L 248 -47.38 -29.45 13.58
CA ASP L 248 -46.86 -29.82 12.28
C ASP L 248 -46.88 -28.66 11.31
N ASP L 249 -47.67 -27.62 11.60
CA ASP L 249 -47.76 -26.47 10.71
C ASP L 249 -46.41 -25.78 10.58
N LEU L 250 -45.87 -25.32 11.70
CA LEU L 250 -44.57 -24.63 11.73
C LEU L 250 -43.49 -25.45 11.06
N MET L 251 -43.56 -26.77 11.16
CA MET L 251 -42.52 -27.67 10.68
C MET L 251 -42.23 -27.47 9.19
N LYS L 252 -43.16 -26.90 8.45
CA LYS L 252 -42.96 -26.68 7.03
C LYS L 252 -42.04 -25.48 6.74
N ALA L 253 -41.59 -24.76 7.77
CA ALA L 253 -40.71 -23.60 7.58
C ALA L 253 -39.54 -23.55 8.54
N VAL L 254 -39.54 -24.35 9.60
CA VAL L 254 -38.42 -24.41 10.54
C VAL L 254 -37.12 -24.73 9.83
N ARG L 255 -37.19 -25.46 8.72
CA ARG L 255 -36.00 -25.79 7.97
C ARG L 255 -35.34 -24.53 7.40
N LYS L 256 -36.06 -23.80 6.55
CA LYS L 256 -35.43 -22.73 5.77
C LYS L 256 -35.00 -21.57 6.66
N VAL L 257 -35.70 -21.33 7.77
CA VAL L 257 -35.27 -20.31 8.70
C VAL L 257 -33.89 -20.63 9.25
N ALA L 258 -33.59 -21.91 9.41
CA ALA L 258 -32.24 -22.31 9.79
C ALA L 258 -31.27 -22.15 8.63
N GLU L 259 -31.77 -22.27 7.41
CA GLU L 259 -30.93 -22.14 6.23
C GLU L 259 -30.51 -20.70 5.98
N VAL L 260 -31.15 -19.74 6.66
CA VAL L 260 -30.75 -18.34 6.62
C VAL L 260 -30.03 -18.05 7.93
N LYS L 261 -30.44 -18.76 8.99
CA LYS L 261 -29.58 -18.85 10.16
C LYS L 261 -28.28 -19.57 9.82
N LYS L 262 -28.32 -20.44 8.80
CA LYS L 262 -27.08 -20.98 8.24
C LYS L 262 -26.26 -19.87 7.62
N LEU L 263 -26.93 -18.96 6.93
CA LEU L 263 -26.22 -17.95 6.14
C LEU L 263 -25.44 -17.02 7.06
N GLU L 264 -24.18 -16.76 6.69
CA GLU L 264 -23.28 -15.90 7.45
C GLU L 264 -23.07 -16.42 8.87
N GLY L 265 -22.48 -17.60 8.96
CA GLY L 265 -22.13 -18.18 10.24
C GLY L 265 -21.13 -17.33 11.00
N THR L 266 -21.53 -16.85 12.19
CA THR L 266 -20.68 -16.01 13.04
C THR L 266 -20.62 -16.60 14.44
N ILE L 267 -19.44 -16.52 15.04
CA ILE L 267 -19.18 -17.14 16.34
C ILE L 267 -19.57 -16.20 17.47
N GLU L 268 -19.66 -16.74 18.70
CA GLU L 268 -20.11 -15.96 19.85
C GLU L 268 -19.37 -16.47 21.08
N TYR L 269 -18.28 -15.79 21.44
CA TYR L 269 -17.57 -16.00 22.69
C TYR L 269 -18.04 -14.96 23.71
N GLN L 270 -17.81 -15.26 25.00
CA GLN L 270 -18.25 -14.40 26.10
C GLN L 270 -17.04 -13.92 26.88
N LYS L 271 -17.01 -12.63 27.17
CA LYS L 271 -15.91 -12.04 27.92
C LYS L 271 -16.30 -10.67 28.47
N ASP M 1 -49.32 10.20 -9.69
CA ASP M 1 -50.24 9.25 -10.29
C ASP M 1 -50.98 8.47 -9.21
N GLU M 2 -52.30 8.38 -9.35
CA GLU M 2 -53.15 7.68 -8.40
C GLU M 2 -54.26 6.99 -9.17
N LYS M 3 -54.32 5.66 -9.07
CA LYS M 3 -55.39 4.93 -9.75
C LYS M 3 -55.57 3.51 -9.21
N PRO M 4 -56.79 2.94 -9.27
CA PRO M 4 -56.89 1.47 -9.18
C PRO M 4 -56.37 0.86 -10.47
N THR M 5 -55.19 0.25 -10.39
CA THR M 5 -54.39 -0.01 -11.57
C THR M 5 -55.05 -1.08 -12.44
N GLU M 6 -54.37 -1.37 -13.55
CA GLU M 6 -54.80 -2.35 -14.53
C GLU M 6 -54.21 -3.71 -14.17
N THR M 7 -54.30 -4.65 -15.09
CA THR M 7 -53.76 -5.98 -14.87
C THR M 7 -52.24 -5.94 -14.74
N TYR M 8 -51.71 -6.79 -13.88
CA TYR M 8 -50.29 -7.08 -13.88
C TYR M 8 -49.87 -7.60 -15.26
N SER M 9 -48.68 -7.23 -15.68
CA SER M 9 -48.17 -7.66 -16.98
C SER M 9 -47.66 -9.09 -16.87
N ASP M 10 -46.96 -9.55 -17.89
CA ASP M 10 -46.28 -10.83 -17.80
C ASP M 10 -45.27 -10.79 -16.66
N VAL M 11 -45.30 -11.82 -15.83
CA VAL M 11 -44.43 -11.85 -14.65
C VAL M 11 -42.97 -11.77 -15.06
N GLY M 12 -42.51 -12.75 -15.82
CA GLY M 12 -41.19 -12.69 -16.42
C GLY M 12 -40.04 -12.64 -15.42
N GLY M 13 -39.41 -11.46 -15.31
CA GLY M 13 -38.16 -11.36 -14.59
C GLY M 13 -38.33 -11.65 -13.11
N LEU M 14 -37.36 -12.37 -12.55
CA LEU M 14 -37.21 -12.62 -11.13
C LEU M 14 -38.29 -13.53 -10.56
N ASP M 15 -39.21 -14.02 -11.40
CA ASP M 15 -40.53 -14.47 -10.95
C ASP M 15 -40.45 -15.55 -9.86
N LYS M 16 -39.41 -16.38 -9.89
CA LYS M 16 -39.28 -17.40 -8.85
C LYS M 16 -39.06 -16.80 -7.46
N GLN M 17 -38.64 -15.54 -7.39
CA GLN M 17 -38.48 -14.84 -6.13
C GLN M 17 -39.68 -13.95 -5.79
N ILE M 18 -40.78 -14.10 -6.54
CA ILE M 18 -41.85 -13.11 -6.55
C ILE M 18 -43.19 -13.74 -6.17
N GLU M 19 -43.50 -14.90 -6.75
CA GLU M 19 -44.70 -15.64 -6.38
C GLU M 19 -44.80 -15.84 -4.88
N GLU M 20 -43.66 -15.99 -4.21
CA GLU M 20 -43.58 -16.12 -2.77
C GLU M 20 -43.79 -14.78 -2.06
N LEU M 21 -44.00 -13.68 -2.79
CA LEU M 21 -44.15 -12.37 -2.20
C LEU M 21 -45.60 -11.91 -2.15
N VAL M 22 -46.34 -12.05 -3.25
CA VAL M 22 -47.77 -11.78 -3.21
C VAL M 22 -48.42 -12.67 -2.16
N GLU M 23 -47.88 -13.88 -1.99
CA GLU M 23 -48.12 -14.69 -0.79
C GLU M 23 -48.02 -13.83 0.46
N ALA M 24 -46.92 -13.09 0.59
CA ALA M 24 -46.63 -12.35 1.80
C ALA M 24 -47.53 -11.14 1.98
N ILE M 25 -48.06 -10.57 0.90
CA ILE M 25 -48.63 -9.23 0.92
C ILE M 25 -50.16 -9.25 0.85
N VAL M 26 -50.73 -10.06 -0.05
CA VAL M 26 -52.18 -10.04 -0.22
C VAL M 26 -52.89 -10.54 1.03
N LEU M 27 -52.26 -11.41 1.80
CA LEU M 27 -52.88 -11.96 2.98
C LEU M 27 -52.99 -10.88 4.06
N PRO M 28 -51.95 -10.07 4.27
CA PRO M 28 -52.16 -8.81 4.98
C PRO M 28 -53.29 -7.97 4.40
N MET M 29 -53.52 -8.03 3.10
CA MET M 29 -54.65 -7.37 2.47
C MET M 29 -55.91 -8.23 2.47
N LYS M 30 -55.77 -9.55 2.59
CA LYS M 30 -56.88 -10.49 2.49
C LYS M 30 -57.01 -11.24 3.81
N ARG M 31 -58.10 -10.98 4.53
CA ARG M 31 -58.43 -11.72 5.74
C ARG M 31 -57.34 -11.61 6.80
N ALA M 32 -56.60 -10.51 6.77
CA ALA M 32 -55.76 -10.17 7.91
C ALA M 32 -56.62 -9.92 9.14
N ASP M 33 -57.88 -9.53 8.93
CA ASP M 33 -58.88 -9.61 9.99
C ASP M 33 -58.91 -11.01 10.59
N LYS M 34 -58.97 -12.03 9.73
CA LYS M 34 -58.83 -13.40 10.21
C LYS M 34 -57.50 -13.60 10.90
N PHE M 35 -56.45 -12.91 10.44
CA PHE M 35 -55.20 -12.87 11.19
C PHE M 35 -55.42 -12.13 12.51
N LYS M 36 -56.13 -11.00 12.47
CA LYS M 36 -56.46 -10.29 13.69
C LYS M 36 -57.41 -11.11 14.55
N ASP M 37 -58.16 -12.02 13.95
CA ASP M 37 -58.92 -13.00 14.72
C ASP M 37 -57.98 -14.05 15.29
N MET M 38 -57.02 -14.50 14.48
CA MET M 38 -55.93 -15.30 15.00
C MET M 38 -55.04 -14.49 15.93
N GLY M 39 -55.09 -13.17 15.87
CA GLY M 39 -54.45 -12.33 16.87
C GLY M 39 -52.95 -12.23 16.71
N ILE M 40 -52.50 -11.57 15.65
CA ILE M 40 -51.10 -11.45 15.33
C ILE M 40 -50.79 -10.01 14.98
N ARG M 41 -49.58 -9.57 15.33
CA ARG M 41 -49.08 -8.25 14.95
C ARG M 41 -48.45 -8.33 13.55
N ALA M 42 -49.27 -8.76 12.60
CA ALA M 42 -48.81 -8.95 11.23
C ALA M 42 -48.35 -7.60 10.65
N PRO M 43 -47.40 -7.62 9.73
CA PRO M 43 -46.68 -6.38 9.41
C PRO M 43 -47.54 -5.45 8.57
N LYS M 44 -46.98 -4.26 8.36
CA LYS M 44 -47.54 -3.26 7.45
C LYS M 44 -46.70 -3.07 6.20
N GLY M 45 -45.72 -3.93 5.98
CA GLY M 45 -44.90 -3.82 4.79
C GLY M 45 -43.60 -4.59 4.92
N ALA M 46 -42.85 -4.59 3.82
CA ALA M 46 -41.54 -5.19 3.74
C ALA M 46 -40.73 -4.37 2.73
N LEU M 47 -39.60 -4.92 2.28
CA LEU M 47 -38.70 -4.18 1.41
C LEU M 47 -38.19 -5.07 0.29
N MET M 48 -38.16 -4.50 -0.92
CA MET M 48 -37.66 -5.18 -2.12
C MET M 48 -36.58 -4.29 -2.75
N TYR M 49 -35.32 -4.66 -2.53
CA TYR M 49 -34.18 -3.94 -3.07
C TYR M 49 -33.61 -4.66 -4.28
N GLY M 50 -32.46 -4.20 -4.75
CA GLY M 50 -31.79 -4.73 -5.91
C GLY M 50 -31.51 -3.62 -6.90
N PRO M 51 -30.61 -3.86 -7.86
CA PRO M 51 -30.27 -2.81 -8.81
C PRO M 51 -31.42 -2.56 -9.77
N PRO M 52 -31.67 -1.31 -10.20
CA PRO M 52 -32.76 -1.09 -11.14
C PRO M 52 -32.49 -1.69 -12.51
N GLY M 53 -33.42 -1.46 -13.44
CA GLY M 53 -33.48 -2.24 -14.65
C GLY M 53 -34.32 -3.48 -14.46
N THR M 54 -35.32 -3.41 -13.59
CA THR M 54 -35.97 -4.57 -13.01
C THR M 54 -37.44 -4.68 -13.36
N GLY M 55 -38.21 -3.62 -13.16
CA GLY M 55 -39.65 -3.66 -13.28
C GLY M 55 -40.26 -3.66 -11.89
N LYS M 56 -39.63 -2.89 -11.01
CA LYS M 56 -40.05 -2.87 -9.61
C LYS M 56 -41.47 -2.38 -9.48
N THR M 57 -41.78 -1.28 -10.15
CA THR M 57 -43.10 -0.70 -10.05
C THR M 57 -44.16 -1.60 -10.67
N LEU M 58 -43.77 -2.46 -11.61
CA LEU M 58 -44.72 -3.42 -12.15
C LEU M 58 -45.23 -4.32 -11.05
N LEU M 59 -44.33 -4.75 -10.17
CA LEU M 59 -44.76 -5.50 -9.01
C LEU M 59 -45.57 -4.62 -8.08
N ALA M 60 -45.27 -3.32 -8.04
CA ALA M 60 -46.15 -2.39 -7.37
C ALA M 60 -47.49 -2.32 -8.09
N ARG M 61 -47.46 -2.34 -9.43
CA ARG M 61 -48.70 -2.44 -10.19
C ARG M 61 -49.33 -3.80 -10.00
N ALA M 62 -48.53 -4.82 -9.71
CA ALA M 62 -49.08 -6.13 -9.37
C ALA M 62 -49.67 -6.16 -7.98
N CYS M 63 -49.41 -5.14 -7.16
CA CYS M 63 -49.84 -5.18 -5.77
C CYS M 63 -51.35 -5.21 -5.65
N ALA M 64 -52.03 -4.29 -6.35
CA ALA M 64 -53.48 -4.16 -6.24
C ALA M 64 -54.25 -5.17 -7.06
N ALA M 65 -53.58 -6.17 -7.65
CA ALA M 65 -54.28 -7.10 -8.52
C ALA M 65 -55.24 -7.98 -7.74
N GLN M 66 -54.73 -8.73 -6.77
CA GLN M 66 -55.57 -9.64 -6.01
C GLN M 66 -56.54 -8.88 -5.11
N THR M 67 -56.31 -7.59 -4.89
CA THR M 67 -57.25 -6.76 -4.14
C THR M 67 -57.07 -5.34 -4.65
N ASN M 68 -58.12 -4.78 -5.24
CA ASN M 68 -58.02 -3.47 -5.88
C ASN M 68 -57.61 -2.42 -4.86
N ALA M 69 -56.80 -1.46 -5.30
CA ALA M 69 -56.18 -0.51 -4.41
C ALA M 69 -55.39 0.48 -5.27
N THR M 70 -55.00 1.59 -4.65
CA THR M 70 -54.52 2.76 -5.38
C THR M 70 -53.03 2.97 -5.14
N PHE M 71 -52.37 3.57 -6.13
CA PHE M 71 -50.92 3.74 -6.17
C PHE M 71 -50.45 4.91 -5.33
N LEU M 72 -49.19 5.33 -5.52
CA LEU M 72 -48.60 6.44 -4.78
C LEU M 72 -47.96 7.42 -5.76
N LYS M 73 -47.75 8.65 -5.29
CA LYS M 73 -47.13 9.71 -6.10
C LYS M 73 -46.20 10.53 -5.21
N LEU M 74 -44.92 10.14 -5.17
CA LEU M 74 -43.89 10.92 -4.49
C LEU M 74 -42.51 10.42 -4.91
N ALA M 75 -41.60 11.36 -5.17
CA ALA M 75 -40.26 11.01 -5.64
C ALA M 75 -39.27 12.09 -5.20
N ALA M 76 -38.34 11.70 -4.32
CA ALA M 76 -37.45 12.61 -3.60
C ALA M 76 -38.19 13.87 -3.15
N PRO M 77 -39.37 13.73 -2.54
CA PRO M 77 -40.26 14.88 -2.43
C PRO M 77 -39.90 15.82 -1.31
N GLN M 78 -39.30 15.29 -0.25
CA GLN M 78 -39.07 16.06 0.95
C GLN M 78 -37.90 17.03 0.82
N LEU M 79 -37.22 17.05 -0.33
CA LEU M 79 -36.13 17.98 -0.56
C LEU M 79 -36.74 19.32 -0.97
N VAL M 80 -37.04 20.13 0.04
CA VAL M 80 -37.92 21.28 -0.11
C VAL M 80 -37.10 22.56 -0.10
N GLN M 81 -37.77 23.68 -0.38
CA GLN M 81 -37.17 25.01 -0.32
C GLN M 81 -37.24 25.65 1.06
N MET M 82 -38.04 25.11 1.97
CA MET M 82 -38.38 25.76 3.22
C MET M 82 -37.82 25.01 4.42
N TYR M 83 -37.93 25.64 5.58
CA TYR M 83 -37.51 24.99 6.83
C TYR M 83 -38.27 23.71 7.07
N ILE M 84 -39.56 23.71 6.73
CA ILE M 84 -40.46 22.62 7.05
C ILE M 84 -40.00 21.34 6.36
N GLY M 85 -40.43 20.21 6.92
CA GLY M 85 -40.50 18.98 6.17
C GLY M 85 -41.85 18.96 5.47
N GLU M 86 -42.00 19.85 4.47
CA GLU M 86 -43.29 20.08 3.85
C GLU M 86 -43.89 18.79 3.33
N GLY M 87 -43.08 17.98 2.65
CA GLY M 87 -43.49 16.62 2.35
C GLY M 87 -43.89 15.88 3.62
N ALA M 88 -43.03 15.89 4.63
CA ALA M 88 -43.33 15.23 5.89
C ALA M 88 -44.62 15.76 6.49
N LYS M 89 -44.88 17.05 6.31
CA LYS M 89 -46.21 17.57 6.57
C LYS M 89 -47.23 16.89 5.67
N LEU M 90 -46.93 16.81 4.37
CA LEU M 90 -47.84 16.11 3.46
C LEU M 90 -47.93 14.64 3.77
N VAL M 91 -46.85 14.05 4.30
CA VAL M 91 -46.84 12.63 4.59
C VAL M 91 -47.95 12.28 5.58
N ARG M 92 -48.19 13.17 6.54
CA ARG M 92 -49.31 12.97 7.44
C ARG M 92 -50.62 12.97 6.67
N ASP M 93 -50.91 14.05 5.96
CA ASP M 93 -52.13 14.14 5.18
C ASP M 93 -52.16 13.10 4.06
N ALA M 94 -50.99 12.68 3.59
CA ALA M 94 -50.94 11.68 2.53
C ALA M 94 -51.13 10.29 3.10
N PHE M 95 -50.36 9.95 4.14
CA PHE M 95 -50.59 8.69 4.82
C PHE M 95 -51.96 8.67 5.46
N ALA M 96 -52.51 9.84 5.79
CA ALA M 96 -53.92 9.90 6.18
C ALA M 96 -54.80 9.43 5.03
N LEU M 97 -54.42 9.76 3.80
CA LEU M 97 -55.15 9.24 2.64
C LEU M 97 -54.77 7.81 2.33
N ALA M 98 -53.61 7.36 2.80
CA ALA M 98 -53.39 5.92 2.87
C ALA M 98 -54.24 5.32 3.98
N LYS M 99 -54.51 6.09 5.03
CA LYS M 99 -55.52 5.68 6.00
C LYS M 99 -56.90 5.70 5.38
N GLU M 100 -57.13 6.62 4.44
CA GLU M 100 -58.34 6.58 3.63
C GLU M 100 -58.26 5.42 2.64
N LYS M 101 -59.40 4.80 2.38
CA LYS M 101 -59.50 3.76 1.36
C LYS M 101 -58.54 2.61 1.66
N ALA M 102 -58.86 1.88 2.76
CA ALA M 102 -58.05 0.79 3.31
C ALA M 102 -57.47 -0.14 2.24
N PRO M 103 -58.18 -0.40 1.13
CA PRO M 103 -57.47 -0.96 -0.02
C PRO M 103 -56.60 0.11 -0.66
N THR M 104 -55.29 0.02 -0.46
CA THR M 104 -54.37 1.07 -0.86
C THR M 104 -52.99 0.50 -1.08
N ILE M 105 -52.32 1.00 -2.12
CA ILE M 105 -50.98 0.58 -2.50
C ILE M 105 -50.03 1.73 -2.23
N ILE M 106 -49.05 1.51 -1.37
CA ILE M 106 -48.12 2.54 -0.94
C ILE M 106 -46.72 2.10 -1.29
N PHE M 107 -46.09 2.83 -2.20
CA PHE M 107 -44.69 2.59 -2.54
C PHE M 107 -44.01 3.94 -2.74
N ILE M 108 -43.15 4.28 -1.79
CA ILE M 108 -42.22 5.38 -1.96
C ILE M 108 -41.03 4.84 -2.72
N ASP M 109 -40.14 5.73 -3.14
CA ASP M 109 -38.98 5.39 -3.95
C ASP M 109 -37.71 5.93 -3.32
N GLU M 110 -36.64 5.15 -3.45
CA GLU M 110 -35.30 5.59 -3.02
C GLU M 110 -35.28 5.92 -1.53
N LEU M 111 -35.92 5.06 -0.73
CA LEU M 111 -35.82 5.17 0.72
C LEU M 111 -34.36 5.27 1.15
N ASP M 112 -33.52 4.42 0.60
CA ASP M 112 -32.09 4.67 0.58
C ASP M 112 -31.81 5.72 -0.50
N ALA M 113 -30.97 6.69 -0.16
CA ALA M 113 -30.61 7.86 -0.94
C ALA M 113 -31.67 8.96 -0.83
N ILE M 114 -32.80 8.72 -0.16
CA ILE M 114 -33.57 9.78 0.49
C ILE M 114 -33.19 9.70 1.96
N GLY M 115 -33.01 8.48 2.44
CA GLY M 115 -32.42 8.25 3.75
C GLY M 115 -31.02 7.69 3.62
N THR M 116 -30.04 8.45 4.08
CA THR M 116 -28.65 8.01 3.94
C THR M 116 -28.39 6.76 4.77
N LYS M 117 -27.17 6.25 4.66
CA LYS M 117 -26.78 5.06 5.42
C LYS M 117 -26.90 5.31 6.92
N ARG M 118 -26.19 6.32 7.42
CA ARG M 118 -26.15 6.63 8.84
C ARG M 118 -26.24 8.12 9.12
N PHE M 119 -26.49 8.94 8.09
CA PHE M 119 -26.57 10.41 8.16
C PHE M 119 -25.52 11.02 9.08
N ASP M 120 -24.29 10.54 8.93
CA ASP M 120 -23.13 11.26 9.44
C ASP M 120 -22.71 12.39 8.52
N SER M 121 -23.03 12.29 7.22
CA SER M 121 -22.58 13.28 6.25
C SER M 121 -23.12 14.67 6.57
N GLU M 122 -24.39 14.76 6.96
CA GLU M 122 -25.03 16.04 7.17
C GLU M 122 -24.82 16.52 8.60
N LYS M 123 -25.06 17.81 8.80
CA LYS M 123 -24.89 18.49 10.09
C LYS M 123 -25.89 17.94 11.10
N SER M 124 -25.84 18.45 12.32
CA SER M 124 -26.80 18.09 13.37
C SER M 124 -28.23 18.31 12.90
N GLY M 125 -28.59 19.55 12.61
CA GLY M 125 -29.91 19.85 12.08
C GLY M 125 -30.02 19.50 10.62
N ASP M 126 -30.74 18.43 10.31
CA ASP M 126 -30.84 17.92 8.95
C ASP M 126 -32.03 18.49 8.20
N ARG M 127 -32.74 19.46 8.78
CA ARG M 127 -34.13 19.81 8.42
C ARG M 127 -35.09 18.68 8.78
N GLU M 128 -35.03 18.27 10.04
CA GLU M 128 -36.05 17.39 10.63
C GLU M 128 -36.11 16.06 9.90
N VAL M 129 -34.96 15.57 9.46
CA VAL M 129 -34.94 14.38 8.63
C VAL M 129 -35.18 13.14 9.46
N GLN M 130 -34.44 13.00 10.57
CA GLN M 130 -34.85 12.05 11.59
C GLN M 130 -36.26 12.34 12.06
N ARG M 131 -36.65 13.61 12.08
CA ARG M 131 -38.05 13.96 12.33
C ARG M 131 -38.94 13.44 11.21
N THR M 132 -38.50 13.57 9.96
CA THR M 132 -39.26 12.98 8.86
C THR M 132 -39.30 11.47 9.02
N MET M 133 -38.14 10.86 9.23
CA MET M 133 -38.13 9.44 9.56
C MET M 133 -38.87 9.18 10.85
N LEU M 134 -38.93 10.17 11.74
CA LEU M 134 -39.82 10.06 12.89
C LEU M 134 -41.27 10.11 12.46
N GLU M 135 -41.60 10.95 11.47
CA GLU M 135 -42.93 10.89 10.89
C GLU M 135 -43.19 9.52 10.31
N LEU M 136 -42.24 9.01 9.51
CA LEU M 136 -42.36 7.69 8.92
C LEU M 136 -42.65 6.64 9.99
N LEU M 137 -41.96 6.74 11.13
CA LEU M 137 -42.22 5.84 12.24
C LEU M 137 -43.55 6.16 12.89
N ASN M 138 -43.79 7.44 13.16
CA ASN M 138 -45.04 7.84 13.78
C ASN M 138 -46.22 7.69 12.82
N GLN M 139 -45.93 7.59 11.52
CA GLN M 139 -46.96 7.28 10.54
C GLN M 139 -47.06 5.78 10.34
N LEU M 140 -45.91 5.10 10.34
CA LEU M 140 -45.91 3.65 10.50
C LEU M 140 -46.55 3.26 11.81
N ASP M 141 -46.44 4.09 12.84
CA ASP M 141 -47.14 3.85 14.08
C ASP M 141 -48.64 3.79 13.85
N GLY M 142 -49.19 4.86 13.26
CA GLY M 142 -50.58 4.81 12.84
C GLY M 142 -50.85 3.73 11.82
N PHE M 143 -49.87 3.41 10.98
CA PHE M 143 -50.03 2.33 10.03
C PHE M 143 -49.95 0.98 10.73
N SER M 144 -49.16 0.87 11.80
CA SER M 144 -49.11 -0.36 12.58
C SER M 144 -50.43 -0.64 13.28
N SER M 145 -51.27 0.37 13.45
CA SER M 145 -52.56 0.16 14.11
C SER M 145 -53.46 -0.75 13.29
N ASP M 146 -53.47 -0.57 11.98
CA ASP M 146 -54.49 -1.12 11.10
C ASP M 146 -53.85 -2.04 10.08
N ASP M 147 -54.69 -2.55 9.17
CA ASP M 147 -54.25 -3.26 7.98
C ASP M 147 -54.56 -2.47 6.70
N ARG M 148 -54.92 -1.20 6.82
CA ARG M 148 -55.22 -0.40 5.65
C ARG M 148 -53.99 -0.23 4.76
N VAL M 149 -52.94 0.36 5.31
CA VAL M 149 -51.73 0.63 4.55
C VAL M 149 -50.99 -0.68 4.25
N LYS M 150 -50.08 -0.61 3.30
CA LYS M 150 -49.16 -1.70 2.99
C LYS M 150 -48.00 -1.08 2.24
N VAL M 151 -46.82 -1.13 2.82
CA VAL M 151 -45.75 -0.21 2.47
C VAL M 151 -44.54 -0.97 1.96
N LEU M 152 -43.77 -0.32 1.08
CA LEU M 152 -42.56 -0.90 0.55
C LEU M 152 -41.75 0.20 -0.12
N ALA M 153 -40.44 -0.04 -0.26
CA ALA M 153 -39.53 0.93 -0.83
C ALA M 153 -38.52 0.22 -1.71
N ALA M 154 -37.57 0.97 -2.25
CA ALA M 154 -36.58 0.39 -3.14
C ALA M 154 -35.47 1.40 -3.36
N THR M 155 -34.24 0.91 -3.36
CA THR M 155 -33.07 1.75 -3.56
C THR M 155 -31.88 0.82 -3.76
N ASN M 156 -30.67 1.38 -3.66
CA ASN M 156 -29.44 0.60 -3.60
C ASN M 156 -29.59 -0.49 -2.55
N ARG M 157 -28.87 -1.60 -2.72
CA ARG M 157 -29.26 -2.90 -2.19
C ARG M 157 -29.50 -2.91 -0.68
N VAL M 158 -28.46 -2.74 0.13
CA VAL M 158 -28.60 -2.83 1.58
C VAL M 158 -27.38 -2.18 2.20
N ASP M 159 -27.51 -1.76 3.45
CA ASP M 159 -26.46 -1.04 4.17
C ASP M 159 -26.18 0.32 3.54
N VAL M 160 -27.10 0.82 2.72
CA VAL M 160 -26.99 2.15 2.14
C VAL M 160 -27.98 3.13 2.76
N LEU M 161 -29.05 2.65 3.39
CA LEU M 161 -30.02 3.48 4.07
C LEU M 161 -29.90 3.28 5.57
N ASP M 162 -30.82 3.90 6.31
CA ASP M 162 -30.82 3.81 7.76
C ASP M 162 -30.98 2.35 8.21
N PRO M 163 -30.41 1.99 9.34
CA PRO M 163 -30.55 0.60 9.84
C PRO M 163 -31.77 0.38 10.72
N ALA M 164 -32.71 1.35 10.75
CA ALA M 164 -33.86 1.25 11.63
C ALA M 164 -34.68 -0.01 11.41
N LEU M 165 -34.68 -0.55 10.19
CA LEU M 165 -35.65 -1.56 9.77
C LEU M 165 -35.59 -2.87 10.54
N LEU M 166 -34.62 -3.05 11.45
CA LEU M 166 -34.43 -4.35 12.08
C LEU M 166 -35.62 -4.81 12.92
N ARG M 167 -36.43 -3.89 13.45
CA ARG M 167 -37.55 -4.28 14.28
C ARG M 167 -38.66 -4.87 13.42
N SER M 168 -39.17 -6.04 13.84
CA SER M 168 -40.17 -6.72 13.03
C SER M 168 -41.48 -5.96 13.00
N GLY M 169 -41.78 -5.21 14.06
CA GLY M 169 -42.93 -4.33 14.01
C GLY M 169 -42.75 -3.20 13.04
N ARG M 170 -41.50 -2.82 12.75
CA ARG M 170 -41.26 -1.73 11.82
C ARG M 170 -41.36 -2.22 10.37
N LEU M 171 -40.42 -3.07 9.94
CA LEU M 171 -40.36 -3.51 8.55
C LEU M 171 -40.40 -5.02 8.39
N ASP M 172 -39.53 -5.74 9.09
CA ASP M 172 -39.59 -7.17 9.37
C ASP M 172 -39.17 -8.09 8.22
N ARG M 173 -38.90 -7.60 7.02
CA ARG M 173 -38.69 -8.55 5.92
C ARG M 173 -38.10 -7.85 4.71
N LYS M 174 -37.22 -8.56 4.02
CA LYS M 174 -36.48 -8.01 2.89
C LYS M 174 -36.39 -9.03 1.78
N ILE M 175 -36.54 -8.56 0.54
CA ILE M 175 -36.30 -9.33 -0.66
C ILE M 175 -35.43 -8.47 -1.56
N GLU M 176 -34.81 -9.11 -2.54
CA GLU M 176 -33.92 -8.44 -3.49
C GLU M 176 -34.47 -8.59 -4.91
N PHE M 177 -33.99 -7.71 -5.79
CA PHE M 177 -34.35 -7.70 -7.21
C PHE M 177 -33.16 -8.19 -8.04
N PRO M 178 -32.92 -9.49 -8.09
CA PRO M 178 -31.67 -10.00 -8.69
C PRO M 178 -31.62 -9.81 -10.20
N LEU M 179 -30.47 -10.18 -10.75
CA LEU M 179 -30.26 -10.13 -12.18
C LEU M 179 -31.03 -11.28 -12.84
N PRO M 180 -31.92 -11.01 -13.80
CA PRO M 180 -32.78 -12.09 -14.34
C PRO M 180 -32.17 -12.79 -15.53
N SER M 181 -32.90 -13.78 -16.06
CA SER M 181 -32.62 -14.23 -17.41
C SER M 181 -32.97 -13.14 -18.40
N GLU M 182 -32.71 -13.40 -19.67
CA GLU M 182 -32.66 -12.35 -20.67
C GLU M 182 -33.66 -12.53 -21.80
N ASP M 183 -34.33 -13.68 -21.89
CA ASP M 183 -35.37 -13.85 -22.90
C ASP M 183 -36.46 -12.80 -22.74
N SER M 184 -36.74 -12.40 -21.51
CA SER M 184 -37.62 -11.27 -21.28
C SER M 184 -36.89 -9.96 -21.51
N ARG M 185 -35.60 -9.92 -21.18
CA ARG M 185 -34.77 -8.79 -21.59
C ARG M 185 -34.67 -8.71 -23.10
N ALA M 186 -34.91 -9.82 -23.79
CA ALA M 186 -35.08 -9.77 -25.24
C ALA M 186 -36.40 -9.11 -25.62
N GLN M 187 -37.48 -9.51 -24.94
CA GLN M 187 -38.80 -9.01 -25.31
C GLN M 187 -38.90 -7.52 -25.03
N ILE M 188 -38.38 -7.07 -23.89
CA ILE M 188 -38.49 -5.66 -23.52
C ILE M 188 -37.78 -4.77 -24.51
N LEU M 189 -36.74 -5.29 -25.15
CA LEU M 189 -36.05 -4.50 -26.15
C LEU M 189 -36.94 -4.27 -27.36
N GLN M 190 -37.81 -5.23 -27.67
CA GLN M 190 -38.88 -4.95 -28.61
C GLN M 190 -39.82 -3.90 -28.02
N ILE M 191 -40.06 -3.95 -26.72
CA ILE M 191 -40.94 -2.96 -26.09
C ILE M 191 -40.29 -1.59 -26.13
N HIS M 192 -38.99 -1.53 -25.85
CA HIS M 192 -38.26 -0.29 -26.10
C HIS M 192 -38.34 0.08 -27.57
N SER M 193 -38.13 -0.91 -28.44
CA SER M 193 -38.21 -0.69 -29.87
C SER M 193 -39.65 -0.63 -30.38
N ARG M 194 -40.63 -0.97 -29.54
CA ARG M 194 -42.02 -0.97 -29.98
C ARG M 194 -42.46 0.41 -30.47
N LYS M 195 -41.90 1.47 -29.89
CA LYS M 195 -42.19 2.82 -30.34
C LYS M 195 -41.30 3.26 -31.51
N MET M 196 -40.56 2.35 -32.13
CA MET M 196 -39.62 2.66 -33.19
C MET M 196 -39.73 1.63 -34.31
N THR M 197 -39.58 2.10 -35.55
CA THR M 197 -39.66 1.21 -36.70
C THR M 197 -38.40 0.36 -36.79
N THR M 198 -38.59 -0.94 -37.00
CA THR M 198 -37.47 -1.87 -37.11
C THR M 198 -38.00 -3.25 -37.48
N ASP M 199 -37.10 -4.21 -37.63
CA ASP M 199 -37.44 -5.62 -37.85
C ASP M 199 -36.71 -6.46 -36.82
N ASP M 200 -37.00 -7.76 -36.82
CA ASP M 200 -36.29 -8.71 -35.97
C ASP M 200 -36.04 -9.95 -36.84
N ASP M 201 -34.89 -9.95 -37.52
CA ASP M 201 -34.46 -11.07 -38.33
C ASP M 201 -33.10 -11.57 -37.82
N ILE M 202 -32.98 -11.69 -36.51
CA ILE M 202 -31.70 -11.88 -35.84
C ILE M 202 -31.79 -13.09 -34.91
N ASN M 203 -30.64 -13.70 -34.65
CA ASN M 203 -30.49 -14.69 -33.58
C ASN M 203 -29.85 -14.03 -32.37
N TRP M 204 -30.66 -13.25 -31.66
CA TRP M 204 -30.19 -12.48 -30.52
C TRP M 204 -30.26 -13.25 -29.21
N GLN M 205 -30.32 -14.58 -29.28
CA GLN M 205 -30.43 -15.39 -28.08
C GLN M 205 -29.05 -15.80 -27.59
N GLU M 206 -28.20 -16.24 -28.52
CA GLU M 206 -26.78 -16.36 -28.24
C GLU M 206 -26.21 -15.02 -27.81
N LEU M 207 -26.69 -13.94 -28.43
CA LEU M 207 -26.32 -12.60 -27.99
C LEU M 207 -26.66 -12.38 -26.54
N ALA M 208 -27.92 -12.64 -26.17
CA ALA M 208 -28.38 -12.40 -24.82
C ALA M 208 -27.55 -13.17 -23.80
N ARG M 209 -27.01 -14.32 -24.18
CA ARG M 209 -26.08 -15.03 -23.32
C ARG M 209 -24.75 -14.30 -23.26
N SER M 210 -24.32 -13.73 -24.38
CA SER M 210 -22.97 -13.20 -24.46
C SER M 210 -22.77 -12.04 -23.49
N THR M 211 -23.77 -11.17 -23.39
CA THR M 211 -23.68 -10.04 -22.49
C THR M 211 -24.10 -10.45 -21.08
N ASP M 212 -23.68 -9.63 -20.12
CA ASP M 212 -24.01 -9.76 -18.71
C ASP M 212 -23.40 -8.56 -18.01
N GLU M 213 -23.92 -8.24 -16.83
CA GLU M 213 -23.49 -7.06 -16.09
C GLU M 213 -23.77 -5.78 -16.86
N PHE M 214 -24.79 -5.81 -17.73
CA PHE M 214 -25.31 -4.61 -18.38
C PHE M 214 -26.80 -4.59 -18.05
N ASN M 215 -27.16 -3.84 -17.01
CA ASN M 215 -28.47 -3.98 -16.40
C ASN M 215 -29.56 -3.46 -17.32
N GLY M 216 -30.80 -3.73 -16.92
CA GLY M 216 -31.93 -3.09 -17.57
C GLY M 216 -31.81 -1.59 -17.61
N ALA M 217 -31.18 -1.01 -16.57
CA ALA M 217 -30.74 0.37 -16.61
C ALA M 217 -29.91 0.62 -17.86
N GLN M 218 -28.88 -0.19 -18.06
CA GLN M 218 -28.08 -0.08 -19.28
C GLN M 218 -28.94 -0.39 -20.50
N LEU M 219 -29.66 -1.50 -20.45
CA LEU M 219 -30.37 -2.00 -21.61
C LEU M 219 -31.61 -1.20 -21.91
N LYS M 220 -32.08 -0.38 -20.97
CA LYS M 220 -33.06 0.64 -21.30
C LYS M 220 -32.44 1.82 -22.03
N ALA M 221 -31.11 1.85 -22.16
CA ALA M 221 -30.38 2.93 -22.82
C ALA M 221 -29.84 2.55 -24.19
N VAL M 222 -29.57 1.25 -24.38
CA VAL M 222 -28.83 0.79 -25.55
C VAL M 222 -29.57 1.10 -26.84
N THR M 223 -30.90 1.01 -26.81
CA THR M 223 -31.66 0.75 -28.01
C THR M 223 -31.56 1.87 -29.05
N VAL M 224 -31.15 3.07 -28.63
CA VAL M 224 -31.27 4.24 -29.49
C VAL M 224 -29.94 4.57 -30.17
N GLU M 225 -28.81 4.46 -29.49
CA GLU M 225 -27.55 4.93 -30.05
C GLU M 225 -27.02 4.04 -31.17
N ALA M 226 -27.69 2.93 -31.49
CA ALA M 226 -27.43 2.22 -32.73
C ALA M 226 -28.59 2.32 -33.70
N GLY M 227 -29.72 2.88 -33.27
CA GLY M 227 -30.72 3.30 -34.24
C GLY M 227 -30.23 4.50 -35.02
N MET M 228 -29.48 5.38 -34.36
CA MET M 228 -28.96 6.55 -35.03
C MET M 228 -27.91 6.19 -36.06
N ILE M 229 -27.05 5.22 -35.76
CA ILE M 229 -25.91 4.96 -36.64
C ILE M 229 -26.38 4.37 -37.96
N ALA M 230 -27.34 3.44 -37.93
CA ALA M 230 -27.85 2.91 -39.18
C ALA M 230 -28.68 3.95 -39.93
N LEU M 231 -29.23 4.93 -39.22
CA LEU M 231 -29.81 6.10 -39.88
C LEU M 231 -28.72 7.02 -40.40
N ARG M 232 -27.75 7.32 -39.55
CA ARG M 232 -26.52 8.00 -39.96
C ARG M 232 -25.90 7.33 -41.17
N ASN M 233 -25.93 5.99 -41.22
CA ASN M 233 -25.71 5.28 -42.47
C ASN M 233 -26.84 5.56 -43.45
N GLY M 234 -28.07 5.39 -43.00
CA GLY M 234 -29.26 5.53 -43.81
C GLY M 234 -30.21 4.35 -43.75
N GLN M 235 -29.79 3.24 -43.17
CA GLN M 235 -30.63 2.05 -43.11
C GLN M 235 -31.83 2.29 -42.20
N SER M 236 -32.81 1.40 -42.31
CA SER M 236 -34.02 1.42 -41.50
C SER M 236 -34.29 0.11 -40.80
N SER M 237 -33.96 -1.00 -41.44
CA SER M 237 -34.20 -2.32 -40.85
C SER M 237 -33.29 -2.55 -39.66
N VAL M 238 -33.86 -3.08 -38.58
CA VAL M 238 -33.03 -3.46 -37.46
C VAL M 238 -32.11 -4.60 -37.87
N LYS M 239 -31.06 -4.82 -37.09
CA LYS M 239 -29.99 -5.71 -37.52
C LYS M 239 -29.12 -6.05 -36.31
N HIS M 240 -28.42 -7.18 -36.43
CA HIS M 240 -27.71 -7.73 -35.28
C HIS M 240 -26.42 -6.97 -34.95
N GLU M 241 -25.47 -6.99 -35.87
CA GLU M 241 -24.11 -6.56 -35.53
C GLU M 241 -24.06 -5.07 -35.29
N ASP M 242 -24.83 -4.31 -36.06
CA ASP M 242 -24.83 -2.86 -35.88
C ASP M 242 -25.43 -2.46 -34.55
N PHE M 243 -26.20 -3.35 -33.91
CA PHE M 243 -26.84 -3.05 -32.63
C PHE M 243 -26.22 -3.84 -31.49
N VAL M 244 -25.77 -5.06 -31.75
CA VAL M 244 -25.38 -5.95 -30.68
C VAL M 244 -23.94 -5.65 -30.33
N GLU M 245 -23.05 -5.93 -31.27
CA GLU M 245 -21.66 -5.51 -31.13
C GLU M 245 -21.51 -4.02 -31.34
N GLY M 246 -22.46 -3.39 -32.03
CA GLY M 246 -22.43 -1.95 -32.18
C GLY M 246 -22.71 -1.21 -30.89
N ILE M 247 -23.43 -1.84 -29.96
CA ILE M 247 -23.73 -1.24 -28.66
C ILE M 247 -22.94 -1.92 -27.56
N SER M 248 -22.93 -3.25 -27.55
CA SER M 248 -22.34 -3.96 -26.43
C SER M 248 -20.82 -3.80 -26.40
N GLU M 249 -20.20 -3.52 -27.54
CA GLU M 249 -18.75 -3.37 -27.58
C GLU M 249 -18.36 -1.94 -27.27
N VAL M 250 -19.07 -0.97 -27.85
CA VAL M 250 -18.78 0.45 -27.67
C VAL M 250 -18.93 0.94 -26.24
N GLN M 251 -19.44 0.11 -25.33
CA GLN M 251 -19.64 0.49 -23.94
C GLN M 251 -18.36 1.07 -23.34
N ALA M 252 -17.29 0.29 -23.34
CA ALA M 252 -16.00 0.68 -22.78
C ALA M 252 -14.85 0.46 -23.74
N ARG M 253 -14.95 -0.54 -24.61
CA ARG M 253 -13.89 -0.86 -25.55
C ARG M 253 -14.25 -0.33 -26.93
N LYS M 254 -13.22 0.11 -27.66
CA LYS M 254 -13.41 0.60 -29.01
C LYS M 254 -12.02 0.81 -29.61
N SER M 255 -11.99 1.36 -30.83
CA SER M 255 -10.74 1.69 -31.51
C SER M 255 -9.91 0.43 -31.76
N LYS M 256 -10.54 -0.53 -32.44
CA LYS M 256 -9.84 -1.77 -32.79
C LYS M 256 -8.67 -1.44 -33.71
N SER M 257 -7.45 -1.57 -33.19
CA SER M 257 -6.23 -1.19 -33.90
C SER M 257 -5.19 -2.29 -33.84
N VAL M 258 -5.63 -3.54 -33.76
CA VAL M 258 -4.74 -4.64 -33.43
C VAL M 258 -4.14 -5.21 -34.71
N SER M 259 -2.83 -5.45 -34.69
CA SER M 259 -2.08 -5.93 -35.83
C SER M 259 -1.80 -7.43 -35.74
N PHE M 260 -1.16 -7.86 -34.66
CA PHE M 260 -0.72 -9.24 -34.50
C PHE M 260 -1.85 -10.26 -34.50
N TYR M 261 -3.11 -9.82 -34.47
CA TYR M 261 -4.18 -10.74 -34.82
C TYR M 261 -4.09 -11.12 -36.28
N ALA M 262 -4.92 -12.05 -36.68
CA ALA M 262 -5.03 -12.43 -38.07
C ALA M 262 -6.30 -13.22 -38.30
N ASN N 1 -32.28 44.70 9.00
CA ASN N 1 -32.99 43.77 8.14
C ASN N 1 -32.02 42.87 7.38
N GLU N 2 -31.76 41.68 7.93
CA GLU N 2 -30.79 40.77 7.32
C GLU N 2 -30.84 39.38 7.94
N ASN N 3 -30.80 38.35 7.11
CA ASN N 3 -30.37 37.04 7.59
C ASN N 3 -29.59 36.28 6.51
N VAL N 4 -29.04 36.96 5.51
CA VAL N 4 -28.61 36.31 4.27
C VAL N 4 -27.12 35.99 4.28
N SER N 5 -26.52 35.92 5.46
CA SER N 5 -25.08 35.68 5.55
C SER N 5 -24.78 34.18 5.48
N ALA N 6 -23.58 33.87 5.00
CA ALA N 6 -23.06 32.51 5.04
C ALA N 6 -21.56 32.57 4.81
N ARG N 7 -20.79 32.18 5.82
CA ARG N 7 -19.34 32.20 5.78
C ARG N 7 -18.80 30.78 5.70
N LEU N 8 -17.83 30.57 4.80
CA LEU N 8 -17.17 29.29 4.71
C LEU N 8 -16.40 28.99 6.00
N GLY N 9 -15.90 27.74 6.09
CA GLY N 9 -15.18 27.31 7.26
C GLY N 9 -14.02 26.41 6.89
N GLY N 10 -13.20 26.12 7.89
CA GLY N 10 -12.00 25.31 7.72
C GLY N 10 -12.03 24.09 8.61
N ALA N 11 -11.68 22.95 8.01
CA ALA N 11 -11.57 21.68 8.73
C ALA N 11 -10.30 20.97 8.29
N SER N 12 -9.98 19.90 9.01
CA SER N 12 -8.82 19.08 8.68
C SER N 12 -9.07 17.71 9.28
N ILE N 13 -9.36 16.73 8.43
CA ILE N 13 -9.87 15.43 8.86
C ILE N 13 -8.91 14.34 8.43
N ALA N 14 -8.93 13.24 9.16
CA ALA N 14 -8.08 12.09 8.87
C ALA N 14 -8.43 11.50 7.51
N VAL N 15 -7.40 11.23 6.71
CA VAL N 15 -7.55 10.52 5.44
C VAL N 15 -7.15 9.07 5.66
PG ATP O . -11.83 25.37 -21.59
O1G ATP O . -12.49 24.03 -21.63
O2G ATP O . -11.12 25.67 -20.29
O3G ATP O . -12.69 26.50 -22.09
PB ATP O . -10.88 25.35 -24.22
O1B ATP O . -11.26 24.00 -24.76
O2B ATP O . -11.69 26.58 -24.50
O3B ATP O . -10.61 25.24 -22.64
PA ATP O . -9.58 26.40 -26.30
O1A ATP O . -10.62 25.70 -27.11
O2A ATP O . -9.79 27.87 -25.99
O3A ATP O . -9.45 25.66 -24.89
O5' ATP O . -8.13 26.16 -26.98
C5' ATP O . -7.12 27.17 -27.07
C4' ATP O . -6.75 27.41 -28.53
O4' ATP O . -6.27 26.21 -29.13
C3' ATP O . -7.97 27.86 -29.32
O3' ATP O . -7.69 29.10 -29.99
C2' ATP O . -8.22 26.76 -30.32
O2' ATP O . -8.60 27.22 -31.61
C1' ATP O . -6.90 26.02 -30.40
N9 ATP O . -7.17 24.60 -30.64
C8 ATP O . -6.69 23.56 -29.93
N7 ATP O . -7.14 22.39 -30.45
C5 ATP O . -7.91 22.70 -31.51
C6 ATP O . -8.69 21.97 -32.50
N6 ATP O . -8.76 20.63 -32.49
N1 ATP O . -9.34 22.68 -33.43
C2 ATP O . -9.32 24.02 -33.49
N3 ATP O . -8.62 24.75 -32.62
C4 ATP O . -7.92 24.16 -31.63
PG ATP P . 8.76 37.58 -3.40
O1G ATP P . 8.41 37.67 -4.87
O2G ATP P . 8.35 36.27 -2.78
O3G ATP P . 8.43 38.80 -2.59
PB ATP P . 11.34 38.49 -4.16
O1B ATP P . 10.59 38.99 -5.36
O2B ATP P . 11.94 39.43 -3.16
O3B ATP P . 10.37 37.50 -3.34
PA ATP P . 13.37 37.64 -5.94
O1A ATP P . 13.72 36.28 -6.47
O2A ATP P . 12.71 38.62 -6.86
O3A ATP P . 12.45 37.42 -4.64
O5' ATP P . 14.74 38.22 -5.34
C5' ATP P . 14.76 38.88 -4.09
C4' ATP P . 16.20 39.26 -3.73
O4' ATP P . 17.11 38.55 -4.59
C3' ATP P . 16.52 40.74 -3.88
O3' ATP P . 16.89 41.30 -2.61
C2' ATP P . 17.70 40.81 -4.82
O2' ATP P . 18.73 41.66 -4.34
C1' ATP P . 18.20 39.39 -4.96
N9 ATP P . 18.64 39.12 -6.34
C8 ATP P . 18.33 38.04 -7.08
N7 ATP P . 18.90 38.12 -8.31
C5 ATP P . 19.59 39.27 -8.36
C6 ATP P . 20.41 39.96 -9.35
N6 ATP P . 20.61 39.41 -10.56
N1 ATP P . 20.95 41.14 -9.02
C2 ATP P . 20.76 41.70 -7.81
N3 ATP P . 20.01 41.12 -6.86
C4 ATP P . 19.43 39.92 -7.07
PG ATP Q . 10.25 29.81 23.36
O1G ATP Q . 9.93 28.55 22.62
O2G ATP Q . 9.06 30.70 23.57
O3G ATP Q . 11.50 30.52 22.87
PB ATP Q . 11.53 30.14 25.89
O1B ATP Q . 12.69 30.82 25.22
O2B ATP Q . 10.58 30.95 26.74
O3B ATP Q . 10.66 29.29 24.83
PA ATP Q . 13.60 28.78 27.20
O1A ATP Q . 14.42 28.99 25.94
O2A ATP Q . 13.69 27.48 27.96
O3A ATP Q . 12.05 28.94 26.81
O5' ATP Q . 13.92 29.97 28.23
C5' ATP Q . 12.94 30.57 29.05
C4' ATP Q . 13.49 30.61 30.49
O4' ATP Q . 14.92 30.48 30.49
C3' ATP Q . 13.18 31.87 31.28
O3' ATP Q . 12.41 31.54 32.43
C2' ATP Q . 14.52 32.43 31.68
O2' ATP Q . 14.54 32.91 33.02
C1' ATP Q . 15.48 31.26 31.55
N9 ATP Q . 16.89 31.63 31.26
C8 ATP Q . 17.80 30.77 30.76
N7 ATP Q . 19.01 31.38 30.59
C5 ATP Q . 18.88 32.64 31.00
C6 ATP Q . 19.76 33.81 31.10
N6 ATP Q . 21.05 33.75 30.71
N1 ATP Q . 19.24 34.96 31.59
C2 ATP Q . 17.96 35.05 31.97
N3 ATP Q . 17.10 34.01 31.91
C4 ATP Q . 17.49 32.81 31.45
PG ATP R . -7.39 9.33 35.42
O1G ATP R . -7.57 8.69 34.07
O2G ATP R . -6.28 10.33 35.50
O3G ATP R . -8.68 9.77 36.08
PB ATP R . -6.22 8.43 37.78
O1B ATP R . -4.73 8.30 37.65
O2B ATP R . -6.84 9.70 38.31
O3B ATP R . -6.89 8.11 36.35
PA ATP R . -7.96 7.52 39.63
O1A ATP R . -9.04 7.99 38.70
O2A ATP R . -7.51 8.43 40.76
O3A ATP R . -6.70 7.22 38.70
O5' ATP R . -8.34 6.08 40.26
C5' ATP R . -9.50 5.35 39.87
C4' ATP R . -10.42 5.20 41.07
O4' ATP R . -9.71 4.62 42.17
C3' ATP R . -10.98 6.53 41.54
O3' ATP R . -12.36 6.65 41.24
C2' ATP R . -10.78 6.55 43.03
O2' ATP R . -12.01 6.76 43.72
C1' ATP R . -10.20 5.19 43.39
N9 ATP R . -9.10 5.36 44.35
C8 ATP R . -7.81 5.03 44.19
N7 ATP R . -7.09 5.33 45.30
C5 ATP R . -7.94 5.86 46.19
C6 ATP R . -7.86 6.39 47.56
N6 ATP R . -6.68 6.40 48.21
N1 ATP R . -8.99 6.86 48.13
C2 ATP R . -10.18 6.84 47.48
N3 ATP R . -10.32 6.36 46.23
C4 ATP R . -9.26 5.87 45.56
PB ADP S . -31.47 -7.50 20.55
O1B ADP S . -30.16 -7.44 19.79
O2B ADP S . -31.69 -6.36 21.50
O3B ADP S . -31.76 -8.86 21.15
PA ADP S . -34.13 -7.03 19.76
O1A ADP S . -34.56 -5.88 18.87
O2A ADP S . -34.29 -6.90 21.25
O3A ADP S . -32.58 -7.33 19.40
O5' ADP S . -34.97 -8.32 19.25
C5' ADP S . -34.95 -9.57 19.94
C4' ADP S . -36.24 -10.33 19.63
O4' ADP S . -36.10 -11.69 20.03
C3' ADP S . -37.42 -9.75 20.38
O3' ADP S . -38.51 -9.53 19.47
C2' ADP S . -37.80 -10.77 21.42
O2' ADP S . -39.20 -11.05 21.43
C1' ADP S . -37.03 -12.02 21.07
N9 ADP S . -36.28 -12.47 22.25
C8 ADP S . -34.97 -12.24 22.43
N7 ADP S . -34.54 -12.78 23.59
C5 ADP S . -35.58 -13.37 24.18
C6 ADP S . -35.81 -14.13 25.43
N6 ADP S . -34.81 -14.35 26.30
N1 ADP S . -37.06 -14.57 25.67
C2 ADP S . -38.07 -14.37 24.81
N3 ADP S . -37.93 -13.68 23.66
C4 ADP S . -36.74 -13.18 23.30
PB ADP T . -36.11 2.69 -10.50
O1B ADP T . -35.17 2.10 -9.46
O2B ADP T . -35.58 3.90 -11.21
O3B ADP T . -37.55 2.80 -10.05
PA ADP T . -36.72 0.11 -11.24
O1A ADP T . -35.78 -0.49 -10.23
O2A ADP T . -38.19 0.28 -10.96
O3A ADP T . -36.14 1.56 -11.63
O5' ADP T . -36.57 -0.66 -12.65
C5' ADP T . -37.55 -0.37 -13.64
C4' ADP T . -37.09 -0.97 -14.97
O4' ADP T . -37.73 -2.24 -15.21
C3' ADP T . -37.40 -0.11 -16.18
O3' ADP T . -36.19 0.36 -16.76
C2' ADP T . -38.16 -1.01 -17.13
O2' ADP T . -37.71 -0.86 -18.48
C1' ADP T . -37.89 -2.42 -16.62
N9 ADP T . -38.89 -3.47 -16.94
C8 ADP T . -38.67 -4.78 -16.69
N7 ADP T . -39.71 -5.55 -17.09
C5 ADP T . -40.63 -4.75 -17.63
C6 ADP T . -41.96 -4.94 -18.25
N6 ADP T . -42.50 -6.18 -18.34
N1 ADP T . -42.61 -3.84 -18.69
C2 ADP T . -42.07 -2.62 -18.58
N3 ADP T . -40.87 -2.38 -18.04
C4 ADP T . -40.10 -3.38 -17.55
#